data_4RDQ
#
_entry.id   4RDQ
#
_cell.length_a   98.540
_cell.length_b   242.904
_cell.length_c   172.757
_cell.angle_alpha   90.00
_cell.angle_beta   93.68
_cell.angle_gamma   90.00
#
_symmetry.space_group_name_H-M   'P 1 21 1'
#
loop_
_entity.id
_entity.type
_entity.pdbx_description
1 polymer Bestrophin-1
2 polymer 'Fab antibody fragment, light chain'
3 polymer 'Fab antibody fragment, heavy chain'
4 non-polymer GLYCEROL
5 non-polymer 'CHLORIDE ION'
6 non-polymer 'CALCIUM ION'
7 non-polymer 'POTASSIUM ION'
8 non-polymer '6-cyclohexyl-2-(4-cyclohexylbutyl)-2-({[4-O-(alpha-D-glucopyranosyl)-beta-D-glucopyranosyl]oxy}methyl)hexyl 4-O-alpha-D-glucopyranosyl-beta-D-glucopyranoside'
9 water water
#
loop_
_entity_poly.entity_id
_entity_poly.type
_entity_poly.pdbx_seq_one_letter_code
_entity_poly.pdbx_strand_id
1 'polypeptide(L)'
;TVTYTNRVADARLGTFSQLLLQWKGSIYKLLYSEFLIFISLYFAISLVYRLILSESQRLMFEKLALYCNSYAELIPVSFV
LGFYVSLVVSRWWAQYESIPWPDRIMNLVSCNVDGEDEYGRLLRRTLMRYSNLCSVLILRSVSTAVYKRFPSMEHVVRAG
LMTPEEHKKFESLNSPHNKFWIPCVWFSNLAVKARNEGRIRDSVLLQGILNELNTLRSQCGRLYGYDWISIPLVYTQVVT
VAVYSFFLACLIGRQFLDPEKAYPGHELDLFVPVFTFLQFFFYAGWLKVAEQLINPFGEDDDDFETNWLIDRNLQVSLMA
VDEMHQDLPILEKDLYWNEPDPQPPYTAATAEYKRPSFLGSTFDISMQKEEMEFQPLEQIKENEEANHSTPLLGHLGRLL
GVQSEGEEF
;
A,B,C,D,E
2 'polypeptide(L)'
;DIQMTQSPASLSASVGETVTITCRASENIYSYLTWYQQKQGKSPQLLVYNAKTLTEGVPSRFSGSGSGTQFSLKINSLQP
EDFGGYFCQHHYGTPPTFGGGTKLEVKRADAAPTVSIFPPSSEQLTSGGASVVCFLNNFYPKDINVKWKIDGSERQNGVL
NSWTDQDSKDSTYSMSSTLTLTKDEYERHNSYTCEATHKTSTSPIVKSFNRN
;
F,H,J,L,N
3 'polypeptide(L)'
;QVQLQQSGPELVRPGASVKMSCKASGYTFTNYWMHWVKQRPGQALEWIGMIDPSKSETTLNQKFRGKATLNVDKSSNTAY
MQLSSLTSEDSAVYYCAREVYYFDYWGQGTTLTVSSAKTTPPSVYPLAPGSAAQTNSMVTLGCLVKGYFPEPVTVTWNSG
SLSSGVHTFPAVLQSDLYTLSSSVTVPSSSWPSETVTCNVAHPASSTKVDKKIVPRD
;
G,I,K,M,O
#
loop_
_chem_comp.id
_chem_comp.type
_chem_comp.name
_chem_comp.formula
C6N non-polymer '6-cyclohexyl-2-(4-cyclohexylbutyl)-2-({[4-O-(alpha-D-glucopyranosyl)-beta-D-glucopyranosyl]oxy}methyl)hexyl 4-O-alpha-D-glucopyranosyl-beta-D-glucopyranoside' 'C47 H84 O22'
CA non-polymer 'CALCIUM ION' 'Ca 2'
CL non-polymer 'CHLORIDE ION' 'Cl -1'
GOL non-polymer GLYCEROL 'C3 H8 O3'
K non-polymer 'POTASSIUM ION' 'K 1'
#
# COMPACT_ATOMS: atom_id res chain seq x y z
N THR A 1 20.58 0.15 12.83
CA THR A 1 21.19 -0.43 14.02
C THR A 1 22.55 -1.02 13.69
N VAL A 2 22.59 -1.79 12.59
CA VAL A 2 23.86 -2.19 11.99
C VAL A 2 23.82 -1.56 10.60
N THR A 3 24.19 -0.27 10.55
CA THR A 3 24.10 0.50 9.33
C THR A 3 25.37 0.38 8.50
N TYR A 4 25.23 -0.14 7.28
CA TYR A 4 26.35 -0.24 6.34
C TYR A 4 25.97 0.52 5.07
N THR A 5 24.95 1.35 5.20
CA THR A 5 24.41 2.17 4.10
C THR A 5 25.47 2.89 3.28
N ASN A 6 26.48 3.44 3.97
CA ASN A 6 27.51 4.22 3.28
C ASN A 6 28.51 3.34 2.51
N ARG A 7 28.73 2.12 2.99
CA ARG A 7 29.62 1.19 2.33
C ARG A 7 29.07 0.77 0.98
N VAL A 8 27.75 0.64 0.92
CA VAL A 8 27.08 0.18 -0.29
C VAL A 8 26.47 1.33 -1.08
N ALA A 9 27.01 2.53 -0.91
CA ALA A 9 26.52 3.70 -1.62
C ALA A 9 26.70 3.56 -3.12
N ASP A 10 27.85 3.01 -3.53
CA ASP A 10 28.13 2.82 -4.95
C ASP A 10 28.28 1.34 -5.28
N ALA A 11 28.00 0.99 -6.53
CA ALA A 11 28.13 -0.39 -6.97
C ALA A 11 29.50 -0.60 -7.60
N ARG A 12 30.50 -0.81 -6.76
CA ARG A 12 31.87 -1.02 -7.21
C ARG A 12 32.23 -2.49 -7.16
N LEU A 13 33.52 -2.80 -7.34
CA LEU A 13 34.00 -4.18 -7.38
C LEU A 13 33.63 -5.03 -6.17
N GLY A 14 33.94 -4.56 -4.97
CA GLY A 14 33.69 -5.34 -3.78
C GLY A 14 32.59 -4.82 -2.87
N THR A 15 31.62 -4.13 -3.45
CA THR A 15 30.49 -3.57 -2.69
C THR A 15 29.85 -4.55 -1.72
N PHE A 16 29.56 -5.76 -2.20
CA PHE A 16 28.91 -6.78 -1.39
C PHE A 16 29.91 -7.77 -0.79
N SER A 17 30.99 -8.03 -1.52
CA SER A 17 32.05 -8.93 -1.06
C SER A 17 32.64 -8.47 0.27
N GLN A 18 32.90 -7.16 0.37
CA GLN A 18 33.44 -6.56 1.59
C GLN A 18 32.63 -6.90 2.83
N LEU A 19 31.32 -7.02 2.67
CA LEU A 19 30.42 -7.27 3.79
C LEU A 19 30.57 -8.67 4.35
N LEU A 20 31.22 -9.55 3.60
CA LEU A 20 31.47 -10.92 4.06
C LEU A 20 32.55 -10.95 5.12
N LEU A 21 33.26 -9.84 5.27
CA LEU A 21 34.33 -9.73 6.25
C LEU A 21 33.87 -9.06 7.55
N GLN A 22 32.58 -8.78 7.66
CA GLN A 22 32.04 -8.11 8.84
C GLN A 22 31.43 -9.12 9.82
N TRP A 23 31.69 -8.92 11.11
CA TRP A 23 31.21 -9.83 12.15
C TRP A 23 29.91 -9.39 12.82
N LYS A 24 29.81 -8.11 13.17
CA LYS A 24 28.62 -7.60 13.85
C LYS A 24 27.36 -7.81 13.03
N GLY A 25 26.36 -8.45 13.64
CA GLY A 25 25.10 -8.75 12.98
C GLY A 25 25.25 -9.57 11.71
N SER A 26 26.30 -10.39 11.67
CA SER A 26 26.61 -11.17 10.48
C SER A 26 26.00 -12.57 10.48
N ILE A 27 26.14 -13.23 9.34
CA ILE A 27 25.65 -14.59 9.17
C ILE A 27 26.49 -15.56 10.01
N TYR A 28 27.78 -15.25 10.17
CA TYR A 28 28.68 -16.08 10.96
C TYR A 28 28.29 -16.08 12.43
N LYS A 29 28.05 -14.89 12.96
CA LYS A 29 27.69 -14.73 14.36
C LYS A 29 26.38 -15.42 14.72
N LEU A 30 25.42 -15.38 13.79
CA LEU A 30 24.11 -15.97 14.03
C LEU A 30 24.08 -17.48 13.82
N LEU A 31 24.97 -17.99 12.97
CA LEU A 31 25.01 -19.42 12.63
C LEU A 31 26.03 -20.21 13.43
N TYR A 32 26.97 -19.51 14.05
CA TYR A 32 28.08 -20.11 14.80
C TYR A 32 27.80 -21.44 15.49
N SER A 33 26.96 -21.42 16.52
CA SER A 33 26.64 -22.61 17.29
C SER A 33 26.02 -23.72 16.43
N GLU A 34 25.00 -23.37 15.66
CA GLU A 34 24.34 -24.32 14.78
C GLU A 34 25.31 -25.00 13.82
N PHE A 35 26.16 -24.21 13.18
CA PHE A 35 27.15 -24.73 12.23
C PHE A 35 28.07 -25.74 12.90
N LEU A 36 28.56 -25.40 14.09
CA LEU A 36 29.45 -26.28 14.84
C LEU A 36 28.80 -27.63 15.15
N ILE A 37 27.53 -27.59 15.55
CA ILE A 37 26.78 -28.81 15.82
C ILE A 37 26.62 -29.64 14.55
N PHE A 38 26.37 -28.96 13.44
CA PHE A 38 26.27 -29.62 12.14
C PHE A 38 27.60 -30.26 11.76
N ILE A 39 28.65 -29.45 11.78
CA ILE A 39 30.03 -29.91 11.53
C ILE A 39 30.35 -31.17 12.32
N SER A 40 30.10 -31.11 13.63
CA SER A 40 30.37 -32.22 14.53
C SER A 40 29.61 -33.48 14.13
N LEU A 41 28.28 -33.38 14.08
CA LEU A 41 27.43 -34.50 13.69
C LEU A 41 27.85 -35.12 12.37
N TYR A 42 28.23 -34.30 11.40
CA TYR A 42 28.66 -34.79 10.10
C TYR A 42 29.90 -35.66 10.21
N PHE A 43 31.00 -35.05 10.66
CA PHE A 43 32.27 -35.75 10.77
C PHE A 43 32.22 -36.91 11.76
N ALA A 44 31.33 -36.83 12.75
CA ALA A 44 31.13 -37.93 13.68
C ALA A 44 30.63 -39.14 12.90
N ILE A 45 29.53 -38.93 12.17
CA ILE A 45 28.98 -39.95 11.29
C ILE A 45 30.04 -40.45 10.30
N SER A 46 30.78 -39.51 9.73
CA SER A 46 31.83 -39.82 8.75
C SER A 46 32.87 -40.81 9.29
N LEU A 47 33.32 -40.59 10.53
CA LEU A 47 34.32 -41.46 11.14
C LEU A 47 33.74 -42.84 11.46
N VAL A 48 32.49 -42.86 11.94
CA VAL A 48 31.81 -44.12 12.22
C VAL A 48 31.77 -45.00 10.97
N TYR A 49 31.53 -44.37 9.83
CA TYR A 49 31.47 -45.06 8.55
C TYR A 49 32.85 -45.52 8.09
N ARG A 50 33.84 -44.64 8.22
CA ARG A 50 35.19 -44.94 7.77
C ARG A 50 35.95 -45.89 8.70
N LEU A 51 35.77 -45.76 10.01
CA LEU A 51 36.57 -46.53 10.96
C LEU A 51 35.84 -47.59 11.78
N ILE A 52 34.52 -47.49 11.91
CA ILE A 52 33.81 -48.42 12.81
C ILE A 52 33.00 -49.48 12.06
N LEU A 53 32.09 -49.06 11.19
CA LEU A 53 31.21 -49.98 10.48
C LEU A 53 31.96 -51.09 9.75
N SER A 54 31.35 -52.28 9.74
CA SER A 54 31.91 -53.42 9.04
C SER A 54 31.58 -53.31 7.56
N GLU A 55 32.24 -54.13 6.74
CA GLU A 55 32.02 -54.12 5.29
C GLU A 55 30.54 -54.26 4.94
N SER A 56 29.82 -55.06 5.71
CA SER A 56 28.41 -55.29 5.47
C SER A 56 27.58 -54.09 5.94
N GLN A 57 27.97 -53.53 7.08
CA GLN A 57 27.28 -52.35 7.61
C GLN A 57 27.52 -51.15 6.70
N ARG A 58 28.73 -51.05 6.18
CA ARG A 58 29.10 -49.96 5.26
C ARG A 58 28.19 -49.99 4.04
N LEU A 59 27.83 -51.19 3.59
CA LEU A 59 26.96 -51.31 2.43
C LEU A 59 25.55 -50.83 2.75
N MET A 60 25.12 -51.03 3.99
CA MET A 60 23.81 -50.56 4.41
C MET A 60 23.82 -49.03 4.53
N PHE A 61 24.87 -48.50 5.15
CA PHE A 61 25.04 -47.06 5.29
C PHE A 61 25.03 -46.37 3.94
N GLU A 62 25.70 -46.98 2.96
CA GLU A 62 25.79 -46.42 1.62
C GLU A 62 24.41 -46.39 0.97
N LYS A 63 23.62 -47.42 1.23
CA LYS A 63 22.26 -47.49 0.71
C LYS A 63 21.36 -46.50 1.44
N LEU A 64 21.65 -46.29 2.72
CA LEU A 64 20.90 -45.33 3.52
C LEU A 64 21.21 -43.91 3.07
N ALA A 65 22.47 -43.65 2.75
CA ALA A 65 22.90 -42.33 2.30
C ALA A 65 22.30 -41.97 0.95
N LEU A 66 22.17 -42.95 0.06
CA LEU A 66 21.58 -42.72 -1.24
C LEU A 66 20.10 -42.37 -1.07
N TYR A 67 19.49 -42.98 -0.07
CA TYR A 67 18.08 -42.75 0.25
C TYR A 67 17.87 -41.34 0.79
N CYS A 68 18.67 -40.97 1.78
CA CYS A 68 18.58 -39.65 2.39
C CYS A 68 18.89 -38.54 1.39
N ASN A 69 19.92 -38.73 0.59
CA ASN A 69 20.35 -37.71 -0.37
C ASN A 69 19.27 -37.38 -1.38
N SER A 70 18.44 -38.36 -1.71
CA SER A 70 17.37 -38.16 -2.68
C SER A 70 16.23 -37.32 -2.12
N TYR A 71 16.28 -37.07 -0.81
CA TYR A 71 15.24 -36.27 -0.16
C TYR A 71 15.74 -34.89 0.25
N ALA A 72 16.98 -34.60 -0.08
CA ALA A 72 17.51 -33.25 0.12
C ALA A 72 17.10 -32.41 -1.07
N GLU A 73 15.93 -31.80 -0.97
CA GLU A 73 15.37 -31.02 -2.08
C GLU A 73 15.28 -29.55 -1.72
N LEU A 74 16.03 -28.73 -2.43
CA LEU A 74 16.13 -27.30 -2.16
C LEU A 74 14.91 -26.49 -2.62
N ILE A 75 14.36 -26.85 -3.77
CA ILE A 75 13.22 -26.13 -4.35
C ILE A 75 12.03 -25.94 -3.40
N PRO A 76 11.55 -27.02 -2.75
CA PRO A 76 10.44 -26.81 -1.83
C PRO A 76 10.80 -25.94 -0.62
N VAL A 77 12.00 -26.13 -0.09
CA VAL A 77 12.46 -25.35 1.05
C VAL A 77 12.64 -23.88 0.69
N SER A 78 13.21 -23.62 -0.49
CA SER A 78 13.42 -22.27 -0.97
C SER A 78 12.10 -21.51 -1.12
N PHE A 79 11.06 -22.25 -1.51
CA PHE A 79 9.73 -21.66 -1.66
C PHE A 79 9.21 -21.10 -0.35
N VAL A 80 9.06 -21.99 0.64
CA VAL A 80 8.50 -21.63 1.92
C VAL A 80 9.34 -20.56 2.64
N LEU A 81 10.66 -20.63 2.50
CA LEU A 81 11.54 -19.62 3.08
C LEU A 81 11.27 -18.24 2.49
N GLY A 82 11.35 -18.14 1.17
CA GLY A 82 11.08 -16.91 0.46
C GLY A 82 9.80 -16.21 0.87
N PHE A 83 8.71 -16.95 0.89
CA PHE A 83 7.40 -16.41 1.27
C PHE A 83 7.35 -16.03 2.75
N TYR A 84 7.92 -16.87 3.61
CA TYR A 84 7.90 -16.65 5.05
C TYR A 84 8.78 -15.48 5.45
N VAL A 85 10.00 -15.47 4.94
CA VAL A 85 10.95 -14.39 5.24
C VAL A 85 10.39 -13.06 4.72
N SER A 86 9.66 -13.11 3.61
CA SER A 86 9.04 -11.91 3.05
C SER A 86 8.01 -11.36 4.02
N LEU A 87 7.22 -12.24 4.61
CA LEU A 87 6.23 -11.86 5.62
C LEU A 87 6.92 -11.20 6.81
N VAL A 88 8.00 -11.83 7.28
CA VAL A 88 8.76 -11.33 8.41
C VAL A 88 9.35 -9.94 8.11
N VAL A 89 9.99 -9.84 6.95
CA VAL A 89 10.61 -8.58 6.53
C VAL A 89 9.57 -7.48 6.40
N SER A 90 8.39 -7.85 5.90
CA SER A 90 7.27 -6.91 5.75
C SER A 90 6.87 -6.33 7.11
N ARG A 91 6.59 -7.20 8.07
CA ARG A 91 6.22 -6.78 9.42
C ARG A 91 7.35 -5.99 10.08
N TRP A 92 8.59 -6.41 9.82
CA TRP A 92 9.78 -5.75 10.34
C TRP A 92 9.81 -4.25 10.03
N TRP A 93 9.59 -3.91 8.77
CA TRP A 93 9.60 -2.50 8.37
C TRP A 93 8.35 -1.77 8.85
N ALA A 94 7.23 -2.49 8.90
CA ALA A 94 5.98 -1.91 9.37
C ALA A 94 6.12 -1.52 10.84
N GLN A 95 6.80 -2.35 11.61
CA GLN A 95 7.02 -2.07 13.03
C GLN A 95 7.92 -0.86 13.23
N TYR A 96 8.92 -0.69 12.37
CA TYR A 96 9.77 0.49 12.47
C TYR A 96 8.98 1.77 12.27
N GLU A 97 8.20 1.82 11.19
CA GLU A 97 7.40 2.99 10.88
C GLU A 97 6.30 3.22 11.89
N SER A 98 6.11 2.26 12.79
CA SER A 98 5.11 2.37 13.84
C SER A 98 5.73 2.93 15.12
N ILE A 99 7.05 3.12 15.11
CA ILE A 99 7.71 3.76 16.24
C ILE A 99 7.39 5.24 16.18
N PRO A 100 6.68 5.75 17.19
CA PRO A 100 6.22 7.14 17.20
C PRO A 100 7.34 8.18 17.35
N TRP A 101 7.24 9.24 16.56
CA TRP A 101 8.18 10.36 16.63
C TRP A 101 7.41 11.60 17.06
N PRO A 102 8.00 12.40 17.97
CA PRO A 102 7.34 13.58 18.52
C PRO A 102 7.25 14.76 17.54
N ASP A 103 8.19 14.81 16.61
CA ASP A 103 8.36 15.94 15.69
C ASP A 103 7.09 16.62 15.13
N ARG A 104 6.06 15.85 14.77
CA ARG A 104 4.86 16.47 14.22
C ARG A 104 4.02 17.20 15.27
N ILE A 105 3.85 16.58 16.43
CA ILE A 105 3.16 17.22 17.56
C ILE A 105 4.05 18.36 18.03
N MET A 106 5.33 18.05 18.12
CA MET A 106 6.38 18.98 18.52
C MET A 106 6.31 20.32 17.80
N ASN A 107 6.14 20.29 16.47
CA ASN A 107 6.05 21.52 15.69
C ASN A 107 4.82 22.35 16.03
N LEU A 108 3.69 21.69 16.22
CA LEU A 108 2.44 22.38 16.53
C LEU A 108 2.42 22.96 17.94
N VAL A 109 2.76 22.13 18.93
CA VAL A 109 2.77 22.56 20.32
C VAL A 109 3.72 23.74 20.54
N SER A 110 4.86 23.69 19.87
CA SER A 110 5.87 24.75 19.98
C SER A 110 5.37 26.10 19.47
N CYS A 111 4.57 26.09 18.42
CA CYS A 111 4.12 27.35 17.83
C CYS A 111 2.69 27.77 18.20
N ASN A 112 1.85 26.83 18.60
CA ASN A 112 0.45 27.14 18.89
C ASN A 112 0.03 27.14 20.36
N VAL A 113 0.96 26.92 21.27
CA VAL A 113 0.63 27.03 22.69
C VAL A 113 1.32 28.29 23.21
N ASP A 114 0.55 29.36 23.32
CA ASP A 114 1.06 30.70 23.63
C ASP A 114 1.60 30.89 25.03
N GLY A 115 2.51 31.84 25.18
CA GLY A 115 3.06 32.21 26.47
C GLY A 115 4.58 32.13 26.55
N GLU A 116 5.19 33.26 26.88
CA GLU A 116 6.63 33.33 27.09
C GLU A 116 6.90 33.39 28.58
N ASP A 117 5.88 33.06 29.37
CA ASP A 117 5.97 33.04 30.83
C ASP A 117 6.11 31.62 31.33
N GLU A 118 6.64 31.47 32.54
CA GLU A 118 6.87 30.16 33.17
C GLU A 118 5.73 29.16 32.99
N TYR A 119 4.49 29.64 33.04
CA TYR A 119 3.35 28.75 32.88
C TYR A 119 3.26 28.25 31.44
N GLY A 120 3.38 29.17 30.50
CA GLY A 120 3.40 28.82 29.08
C GLY A 120 4.49 27.82 28.79
N ARG A 121 5.62 27.98 29.47
CA ARG A 121 6.75 27.07 29.33
C ARG A 121 6.42 25.71 29.93
N LEU A 122 5.89 25.72 31.16
CA LEU A 122 5.50 24.49 31.84
C LEU A 122 4.42 23.74 31.07
N LEU A 123 3.55 24.51 30.42
CA LEU A 123 2.45 23.95 29.66
C LEU A 123 2.96 23.15 28.47
N ARG A 124 3.77 23.80 27.65
CA ARG A 124 4.35 23.16 26.47
C ARG A 124 5.21 21.94 26.82
N ARG A 125 6.03 22.08 27.84
CA ARG A 125 6.91 20.97 28.26
C ARG A 125 6.10 19.78 28.77
N THR A 126 5.02 20.05 29.48
CA THR A 126 4.20 18.99 30.05
C THR A 126 3.44 18.25 28.95
N LEU A 127 3.00 18.99 27.93
CA LEU A 127 2.29 18.39 26.80
C LEU A 127 3.18 17.39 26.07
N MET A 128 4.38 17.83 25.70
CA MET A 128 5.34 16.96 25.03
C MET A 128 5.65 15.71 25.84
N ARG A 129 5.85 15.88 27.15
CA ARG A 129 6.17 14.75 28.02
C ARG A 129 5.04 13.73 28.05
N TYR A 130 3.81 14.19 27.88
CA TYR A 130 2.67 13.29 27.86
C TYR A 130 2.72 12.44 26.61
N SER A 131 3.22 13.03 25.52
CA SER A 131 3.41 12.31 24.27
C SER A 131 4.51 11.28 24.44
N ASN A 132 5.69 11.73 24.88
CA ASN A 132 6.83 10.86 25.09
C ASN A 132 6.55 9.75 26.10
N LEU A 133 5.69 10.05 27.07
CA LEU A 133 5.33 9.05 28.08
C LEU A 133 4.46 7.98 27.44
N CYS A 134 3.54 8.42 26.58
CA CYS A 134 2.66 7.52 25.84
C CYS A 134 3.49 6.53 25.04
N SER A 135 4.61 7.01 24.50
CA SER A 135 5.53 6.19 23.71
C SER A 135 6.36 5.24 24.58
N VAL A 136 7.11 5.81 25.52
CA VAL A 136 7.94 5.02 26.44
C VAL A 136 7.16 3.88 27.10
N LEU A 137 5.91 4.14 27.46
CA LEU A 137 5.08 3.12 28.09
C LEU A 137 4.83 1.92 27.17
N ILE A 138 4.53 2.19 25.90
CA ILE A 138 4.28 1.10 24.95
C ILE A 138 5.60 0.42 24.56
N LEU A 139 6.67 1.20 24.39
CA LEU A 139 7.98 0.64 24.04
C LEU A 139 8.50 -0.36 25.07
N ARG A 140 8.32 -0.05 26.36
CA ARG A 140 8.80 -0.95 27.42
C ARG A 140 7.90 -2.17 27.53
N SER A 141 6.79 -2.16 26.78
CA SER A 141 5.87 -3.27 26.75
C SER A 141 6.22 -4.23 25.61
N VAL A 142 6.86 -3.71 24.58
CA VAL A 142 7.15 -4.51 23.39
C VAL A 142 8.65 -4.74 23.18
N SER A 143 9.50 -3.89 23.76
CA SER A 143 10.93 -4.00 23.58
C SER A 143 11.65 -4.49 24.83
N THR A 144 12.37 -5.60 24.71
CA THR A 144 13.10 -6.16 25.84
C THR A 144 14.29 -5.26 26.19
N ALA A 145 14.80 -4.57 25.16
CA ALA A 145 15.91 -3.65 25.36
C ALA A 145 15.48 -2.47 26.22
N VAL A 146 14.25 -2.01 26.01
CA VAL A 146 13.71 -0.89 26.77
C VAL A 146 13.25 -1.35 28.15
N TYR A 147 12.52 -2.45 28.21
CA TYR A 147 12.02 -2.98 29.48
C TYR A 147 13.14 -3.20 30.50
N LYS A 148 14.28 -3.74 30.06
CA LYS A 148 15.39 -3.97 30.97
C LYS A 148 15.97 -2.66 31.49
N ARG A 149 15.58 -1.55 30.87
CA ARG A 149 16.00 -0.23 31.31
C ARG A 149 14.93 0.41 32.19
N PHE A 150 13.69 -0.03 32.01
CA PHE A 150 12.56 0.46 32.80
C PHE A 150 11.71 -0.72 33.32
N PRO A 151 12.33 -1.63 34.10
CA PRO A 151 11.67 -2.85 34.57
C PRO A 151 10.43 -2.58 35.43
N SER A 152 10.41 -1.43 36.10
CA SER A 152 9.31 -1.07 36.97
C SER A 152 8.89 0.36 36.71
N MET A 153 7.65 0.68 37.05
CA MET A 153 7.13 2.03 36.85
C MET A 153 7.91 3.06 37.66
N GLU A 154 8.62 2.61 38.68
CA GLU A 154 9.47 3.49 39.47
C GLU A 154 10.65 3.98 38.64
N HIS A 155 11.19 3.08 37.82
CA HIS A 155 12.30 3.42 36.93
C HIS A 155 11.89 4.55 35.99
N VAL A 156 10.66 4.47 35.49
CA VAL A 156 10.12 5.48 34.59
C VAL A 156 10.12 6.84 35.27
N VAL A 157 9.66 6.88 36.52
CA VAL A 157 9.61 8.11 37.29
C VAL A 157 11.00 8.67 37.56
N ARG A 158 11.85 7.85 38.16
CA ARG A 158 13.22 8.27 38.52
C ARG A 158 14.05 8.70 37.33
N ALA A 159 13.69 8.23 36.14
CA ALA A 159 14.43 8.58 34.93
C ALA A 159 13.99 9.94 34.41
N GLY A 160 12.91 10.47 35.00
CA GLY A 160 12.44 11.80 34.64
C GLY A 160 11.45 11.80 33.49
N LEU A 161 10.85 10.65 33.22
CA LEU A 161 9.88 10.55 32.14
C LEU A 161 8.46 10.71 32.69
N MET A 162 8.35 10.64 34.01
CA MET A 162 7.05 10.77 34.68
C MET A 162 7.25 11.35 36.08
N THR A 163 6.39 12.30 36.46
CA THR A 163 6.47 12.90 37.79
C THR A 163 5.78 11.99 38.80
N PRO A 164 6.18 12.10 40.08
CA PRO A 164 5.56 11.29 41.14
C PRO A 164 4.07 11.59 41.31
N GLU A 165 3.65 12.80 40.98
CA GLU A 165 2.24 13.15 41.01
C GLU A 165 1.51 12.41 39.91
N GLU A 166 2.10 12.42 38.72
CA GLU A 166 1.56 11.71 37.57
C GLU A 166 1.46 10.22 37.87
N HIS A 167 2.48 9.68 38.53
CA HIS A 167 2.48 8.28 38.93
C HIS A 167 1.35 8.02 39.93
N LYS A 168 1.08 8.99 40.78
CA LYS A 168 0.01 8.88 41.77
C LYS A 168 -1.34 8.84 41.05
N LYS A 169 -1.52 9.76 40.12
CA LYS A 169 -2.72 9.82 39.30
C LYS A 169 -2.87 8.54 38.49
N PHE A 170 -1.73 8.05 38.01
CA PHE A 170 -1.64 6.82 37.23
C PHE A 170 -2.23 5.65 38.00
N GLU A 171 -1.74 5.46 39.23
CA GLU A 171 -2.19 4.39 40.10
C GLU A 171 -3.66 4.54 40.49
N SER A 172 -4.08 5.79 40.69
CA SER A 172 -5.44 6.08 41.12
C SER A 172 -6.48 5.55 40.13
N LEU A 173 -6.11 5.56 38.85
CA LEU A 173 -7.00 5.06 37.80
C LEU A 173 -6.95 3.54 37.75
N ASN A 174 -8.03 2.90 38.22
CA ASN A 174 -8.06 1.45 38.33
C ASN A 174 -8.44 0.78 37.01
N SER A 175 -7.49 0.03 36.45
CA SER A 175 -7.70 -0.70 35.22
C SER A 175 -6.77 -1.90 35.15
N PRO A 176 -7.29 -3.07 34.75
CA PRO A 176 -6.51 -4.30 34.64
C PRO A 176 -5.68 -4.37 33.37
N HIS A 177 -5.90 -3.44 32.46
CA HIS A 177 -5.23 -3.46 31.16
C HIS A 177 -4.04 -2.52 31.13
N ASN A 178 -3.23 -2.63 30.08
CA ASN A 178 -2.07 -1.78 29.89
C ASN A 178 -2.48 -0.31 29.82
N LYS A 179 -1.90 0.51 30.69
CA LYS A 179 -2.26 1.92 30.80
C LYS A 179 -1.48 2.86 29.89
N PHE A 180 -0.82 2.34 28.87
CA PHE A 180 -0.01 3.19 27.97
C PHE A 180 -0.84 4.30 27.33
N TRP A 181 -2.17 4.11 27.30
CA TRP A 181 -3.09 5.06 26.68
C TRP A 181 -3.41 6.25 27.58
N ILE A 182 -3.13 6.12 28.88
CA ILE A 182 -3.42 7.17 29.86
C ILE A 182 -2.82 8.54 29.48
N PRO A 183 -1.48 8.65 29.33
CA PRO A 183 -0.90 9.95 28.98
C PRO A 183 -1.52 10.59 27.74
N CYS A 184 -2.02 9.76 26.84
CA CYS A 184 -2.60 10.22 25.59
C CYS A 184 -3.94 10.90 25.86
N VAL A 185 -4.61 10.47 26.94
CA VAL A 185 -5.86 11.08 27.35
C VAL A 185 -5.56 12.39 28.08
N TRP A 186 -4.61 12.34 29.01
CA TRP A 186 -4.13 13.53 29.71
C TRP A 186 -3.79 14.65 28.74
N PHE A 187 -3.06 14.31 27.69
CA PHE A 187 -2.65 15.27 26.66
C PHE A 187 -3.84 16.02 26.07
N SER A 188 -4.83 15.27 25.60
CA SER A 188 -6.02 15.85 24.98
C SER A 188 -6.78 16.75 25.95
N ASN A 189 -6.89 16.29 27.20
CA ASN A 189 -7.53 17.10 28.23
C ASN A 189 -6.73 18.36 28.55
N LEU A 190 -5.41 18.21 28.70
CA LEU A 190 -4.55 19.35 28.98
C LEU A 190 -4.51 20.33 27.81
N ALA A 191 -4.65 19.81 26.60
CA ALA A 191 -4.66 20.66 25.41
C ALA A 191 -5.93 21.49 25.40
N VAL A 192 -7.03 20.90 25.86
CA VAL A 192 -8.31 21.57 25.91
C VAL A 192 -8.30 22.62 27.00
N LYS A 193 -7.82 22.23 28.19
CA LYS A 193 -7.68 23.16 29.31
C LYS A 193 -6.82 24.35 28.90
N ALA A 194 -5.76 24.08 28.15
CA ALA A 194 -4.87 25.13 27.66
C ALA A 194 -5.60 26.09 26.74
N ARG A 195 -6.54 25.56 25.95
CA ARG A 195 -7.29 26.39 25.03
C ARG A 195 -8.29 27.27 25.78
N ASN A 196 -8.86 26.71 26.84
CA ASN A 196 -9.83 27.44 27.66
C ASN A 196 -9.17 28.56 28.44
N GLU A 197 -7.91 28.35 28.82
CA GLU A 197 -7.14 29.39 29.48
C GLU A 197 -6.66 30.45 28.49
N GLY A 198 -7.03 30.28 27.22
CA GLY A 198 -6.65 31.22 26.18
C GLY A 198 -5.25 31.02 25.61
N ARG A 199 -4.61 29.92 25.98
CA ARG A 199 -3.25 29.65 25.50
C ARG A 199 -3.25 29.05 24.10
N ILE A 200 -4.40 28.58 23.64
CA ILE A 200 -4.55 28.09 22.28
C ILE A 200 -5.68 28.86 21.61
N ARG A 201 -5.31 29.72 20.67
CA ARG A 201 -6.24 30.65 20.01
C ARG A 201 -7.56 30.02 19.54
N ASP A 202 -7.55 29.36 18.39
CA ASP A 202 -8.77 28.79 17.82
C ASP A 202 -8.96 27.32 18.17
N SER A 203 -10.09 26.76 17.73
CA SER A 203 -10.37 25.35 17.89
C SER A 203 -9.75 24.61 16.72
N VAL A 204 -9.58 25.34 15.62
CA VAL A 204 -8.92 24.83 14.44
C VAL A 204 -7.49 24.40 14.78
N LEU A 205 -6.80 25.25 15.55
CA LEU A 205 -5.44 24.94 15.98
C LEU A 205 -5.44 23.84 17.03
N LEU A 206 -6.50 23.77 17.83
CA LEU A 206 -6.60 22.77 18.88
C LEU A 206 -6.87 21.38 18.30
N GLN A 207 -7.80 21.31 17.35
CA GLN A 207 -8.14 20.04 16.72
C GLN A 207 -6.93 19.52 15.95
N GLY A 208 -6.18 20.44 15.35
CA GLY A 208 -4.95 20.10 14.65
C GLY A 208 -3.94 19.44 15.57
N ILE A 209 -3.89 19.89 16.81
CA ILE A 209 -2.98 19.32 17.80
C ILE A 209 -3.55 17.99 18.30
N LEU A 210 -4.86 17.93 18.44
CA LEU A 210 -5.52 16.70 18.88
C LEU A 210 -5.38 15.60 17.84
N ASN A 211 -5.36 15.99 16.57
CA ASN A 211 -5.21 15.03 15.47
C ASN A 211 -3.84 14.35 15.49
N GLU A 212 -2.79 15.16 15.60
CA GLU A 212 -1.42 14.65 15.66
C GLU A 212 -1.22 13.74 16.87
N LEU A 213 -1.97 13.99 17.94
CA LEU A 213 -1.95 13.11 19.10
C LEU A 213 -2.54 11.76 18.76
N ASN A 214 -3.74 11.78 18.17
CA ASN A 214 -4.42 10.56 17.76
C ASN A 214 -3.55 9.70 16.84
N THR A 215 -2.84 10.36 15.94
CA THR A 215 -1.89 9.68 15.06
C THR A 215 -0.85 8.94 15.88
N LEU A 216 -0.30 9.61 16.88
CA LEU A 216 0.68 9.00 17.77
C LEU A 216 0.08 7.82 18.53
N ARG A 217 -1.19 7.95 18.90
CA ARG A 217 -1.91 6.87 19.57
C ARG A 217 -2.02 5.67 18.64
N SER A 218 -2.33 5.94 17.37
CA SER A 218 -2.43 4.89 16.36
C SER A 218 -1.09 4.18 16.16
N GLN A 219 -0.01 4.94 16.29
CA GLN A 219 1.34 4.41 16.20
C GLN A 219 1.57 3.40 17.31
N CYS A 220 1.25 3.80 18.54
CA CYS A 220 1.41 2.96 19.71
C CYS A 220 0.56 1.70 19.60
N GLY A 221 -0.62 1.85 18.99
CA GLY A 221 -1.52 0.72 18.79
C GLY A 221 -0.93 -0.32 17.86
N ARG A 222 -0.30 0.15 16.79
CA ARG A 222 0.34 -0.74 15.83
C ARG A 222 1.43 -1.57 16.49
N LEU A 223 2.24 -0.90 17.31
CA LEU A 223 3.30 -1.58 18.05
C LEU A 223 2.72 -2.64 18.96
N TYR A 224 1.63 -2.31 19.64
CA TYR A 224 0.93 -3.26 20.50
C TYR A 224 0.42 -4.45 19.69
N GLY A 225 -0.14 -4.16 18.52
CA GLY A 225 -0.68 -5.19 17.65
C GLY A 225 0.34 -6.20 17.16
N TYR A 226 1.47 -5.71 16.68
CA TYR A 226 2.53 -6.58 16.18
C TYR A 226 3.15 -7.41 17.29
N ASP A 227 3.15 -6.86 18.49
CA ASP A 227 3.67 -7.56 19.66
C ASP A 227 2.71 -8.63 20.12
N TRP A 228 1.43 -8.29 20.10
CA TRP A 228 0.37 -9.21 20.53
C TRP A 228 0.14 -10.30 19.50
N ILE A 229 -0.12 -9.89 18.27
CA ILE A 229 -0.40 -10.82 17.20
C ILE A 229 0.89 -11.30 16.53
N SER A 230 1.45 -12.39 17.04
CA SER A 230 2.65 -12.97 16.45
C SER A 230 2.29 -13.61 15.12
N ILE A 231 3.31 -13.88 14.30
CA ILE A 231 3.09 -14.67 13.10
C ILE A 231 2.65 -16.03 13.60
N PRO A 232 1.54 -16.56 13.07
CA PRO A 232 0.98 -17.84 13.51
C PRO A 232 2.03 -18.91 13.74
N LEU A 233 2.00 -19.50 14.93
CA LEU A 233 2.99 -20.48 15.36
C LEU A 233 3.15 -21.61 14.36
N VAL A 234 2.03 -22.12 13.85
CA VAL A 234 2.05 -23.22 12.88
C VAL A 234 2.90 -22.86 11.65
N TYR A 235 2.79 -21.63 11.18
CA TYR A 235 3.56 -21.18 10.03
C TYR A 235 5.05 -21.21 10.33
N THR A 236 5.41 -20.66 11.48
CA THR A 236 6.80 -20.65 11.92
C THR A 236 7.35 -22.08 12.04
N GLN A 237 6.57 -22.99 12.60
CA GLN A 237 7.00 -24.37 12.77
C GLN A 237 7.20 -25.08 11.43
N VAL A 238 6.29 -24.83 10.50
CA VAL A 238 6.38 -25.41 9.15
C VAL A 238 7.72 -25.14 8.49
N VAL A 239 8.17 -23.88 8.51
CA VAL A 239 9.42 -23.53 7.85
C VAL A 239 10.65 -24.10 8.56
N THR A 240 10.58 -24.31 9.88
CA THR A 240 11.72 -24.89 10.57
C THR A 240 11.76 -26.39 10.34
N VAL A 241 10.59 -27.00 10.23
CA VAL A 241 10.50 -28.43 9.94
C VAL A 241 11.07 -28.69 8.55
N ALA A 242 10.67 -27.86 7.59
CA ALA A 242 11.17 -27.98 6.22
C ALA A 242 12.68 -27.81 6.17
N VAL A 243 13.19 -26.77 6.82
CA VAL A 243 14.62 -26.51 6.85
C VAL A 243 15.39 -27.65 7.51
N TYR A 244 14.94 -28.07 8.70
CA TYR A 244 15.61 -29.14 9.43
C TYR A 244 15.54 -30.47 8.69
N SER A 245 14.41 -30.71 8.02
CA SER A 245 14.24 -31.91 7.19
C SER A 245 15.37 -32.00 6.17
N PHE A 246 15.67 -30.86 5.55
CA PHE A 246 16.74 -30.77 4.56
C PHE A 246 18.09 -31.13 5.16
N PHE A 247 18.44 -30.50 6.27
CA PHE A 247 19.73 -30.74 6.91
C PHE A 247 19.84 -32.14 7.50
N LEU A 248 18.71 -32.74 7.86
CA LEU A 248 18.69 -34.12 8.33
C LEU A 248 19.13 -35.04 7.20
N ALA A 249 18.55 -34.82 6.02
CA ALA A 249 18.92 -35.57 4.82
C ALA A 249 20.40 -35.41 4.50
N CYS A 250 20.89 -34.17 4.53
CA CYS A 250 22.28 -33.88 4.23
C CYS A 250 23.26 -34.56 5.17
N LEU A 251 22.92 -34.63 6.46
CA LEU A 251 23.78 -35.25 7.46
C LEU A 251 24.25 -36.65 7.05
N ILE A 252 23.34 -37.41 6.45
CA ILE A 252 23.66 -38.77 6.01
C ILE A 252 23.87 -38.82 4.50
N GLY A 253 22.92 -38.27 3.75
CA GLY A 253 23.00 -38.25 2.29
C GLY A 253 24.25 -37.63 1.70
N ARG A 254 24.76 -36.56 2.30
CA ARG A 254 25.94 -35.87 1.78
C ARG A 254 27.25 -36.48 2.27
N GLN A 255 27.18 -37.62 2.94
CA GLN A 255 28.39 -38.32 3.37
C GLN A 255 29.17 -38.79 2.14
N PHE A 256 30.50 -38.73 2.23
CA PHE A 256 31.33 -39.18 1.12
C PHE A 256 31.40 -40.70 1.14
N LEU A 257 30.74 -41.33 0.17
CA LEU A 257 30.70 -42.79 0.11
C LEU A 257 31.98 -43.35 -0.50
N ASP A 258 32.12 -44.67 -0.44
CA ASP A 258 33.27 -45.36 -0.99
C ASP A 258 33.45 -45.07 -2.48
N PRO A 259 34.59 -44.48 -2.85
CA PRO A 259 34.87 -44.18 -4.25
C PRO A 259 35.01 -45.45 -5.07
N GLU A 260 35.56 -46.49 -4.45
CA GLU A 260 35.77 -47.78 -5.10
C GLU A 260 34.47 -48.40 -5.59
N LYS A 261 33.44 -48.36 -4.75
CA LYS A 261 32.14 -48.92 -5.09
C LYS A 261 31.51 -48.25 -6.32
N ALA A 262 32.08 -47.11 -6.70
CA ALA A 262 31.69 -46.40 -7.92
C ALA A 262 30.20 -46.09 -8.02
N TYR A 263 29.65 -45.46 -6.97
CA TYR A 263 28.26 -45.04 -6.99
C TYR A 263 28.12 -43.82 -7.89
N PRO A 264 27.13 -43.83 -8.79
CA PRO A 264 26.88 -42.68 -9.66
C PRO A 264 26.63 -41.42 -8.85
N GLY A 265 27.50 -40.42 -9.02
CA GLY A 265 27.38 -39.18 -8.26
C GLY A 265 28.39 -39.07 -7.12
N HIS A 266 28.98 -40.20 -6.75
CA HIS A 266 29.95 -40.23 -5.65
C HIS A 266 31.28 -40.81 -6.08
N GLU A 267 31.91 -40.19 -7.08
CA GLU A 267 33.18 -40.67 -7.60
C GLU A 267 34.40 -40.12 -6.86
N LEU A 268 34.21 -39.02 -6.14
CA LEU A 268 35.33 -38.36 -5.47
C LEU A 268 35.12 -38.17 -3.97
N ASP A 269 36.14 -38.48 -3.18
CA ASP A 269 36.09 -38.32 -1.73
C ASP A 269 36.96 -37.13 -1.32
N LEU A 270 36.33 -36.05 -0.86
CA LEU A 270 37.05 -34.87 -0.41
C LEU A 270 37.07 -34.74 1.12
N PHE A 271 36.43 -35.69 1.79
CA PHE A 271 36.31 -35.70 3.27
C PHE A 271 35.48 -34.54 3.81
N VAL A 272 35.72 -33.33 3.31
CA VAL A 272 34.96 -32.16 3.73
C VAL A 272 34.00 -31.72 2.62
N PRO A 273 32.69 -31.78 2.90
CA PRO A 273 31.62 -31.43 1.97
C PRO A 273 31.47 -29.92 1.80
N VAL A 274 32.39 -29.33 1.04
CA VAL A 274 32.43 -27.89 0.82
C VAL A 274 31.08 -27.29 0.43
N PHE A 275 30.48 -27.79 -0.64
CA PHE A 275 29.23 -27.23 -1.13
C PHE A 275 28.03 -27.51 -0.23
N THR A 276 28.10 -28.57 0.57
CA THR A 276 27.00 -28.89 1.48
C THR A 276 27.04 -27.89 2.64
N PHE A 277 28.26 -27.55 3.06
CA PHE A 277 28.44 -26.55 4.11
C PHE A 277 28.03 -25.17 3.60
N LEU A 278 28.31 -24.90 2.33
CA LEU A 278 27.90 -23.64 1.72
C LEU A 278 26.38 -23.55 1.61
N GLN A 279 25.73 -24.71 1.45
CA GLN A 279 24.27 -24.74 1.40
C GLN A 279 23.71 -24.51 2.79
N PHE A 280 24.44 -24.96 3.80
CA PHE A 280 24.02 -24.76 5.17
C PHE A 280 24.01 -23.27 5.51
N PHE A 281 25.09 -22.59 5.18
CA PHE A 281 25.18 -21.14 5.40
C PHE A 281 24.04 -20.43 4.69
N PHE A 282 23.79 -20.84 3.45
CA PHE A 282 22.72 -20.28 2.64
C PHE A 282 21.37 -20.42 3.34
N TYR A 283 20.91 -21.65 3.53
CA TYR A 283 19.58 -21.91 4.09
C TYR A 283 19.41 -21.64 5.58
N ALA A 284 20.37 -22.05 6.40
CA ALA A 284 20.29 -21.78 7.83
C ALA A 284 20.39 -20.28 8.06
N GLY A 285 21.26 -19.62 7.27
CA GLY A 285 21.40 -18.17 7.33
C GLY A 285 20.16 -17.46 6.83
N TRP A 286 19.49 -18.04 5.84
CA TRP A 286 18.27 -17.47 5.30
C TRP A 286 17.17 -17.55 6.36
N LEU A 287 17.15 -18.65 7.11
CA LEU A 287 16.21 -18.82 8.20
C LEU A 287 16.52 -17.85 9.33
N LYS A 288 17.82 -17.59 9.53
CA LYS A 288 18.25 -16.67 10.58
C LYS A 288 17.79 -15.24 10.31
N VAL A 289 17.56 -14.91 9.04
CA VAL A 289 17.03 -13.60 8.69
C VAL A 289 15.70 -13.42 9.38
N ALA A 290 14.81 -14.40 9.21
CA ALA A 290 13.51 -14.39 9.86
C ALA A 290 13.67 -14.49 11.37
N GLU A 291 14.56 -15.37 11.80
CA GLU A 291 14.82 -15.59 13.23
C GLU A 291 15.17 -14.29 13.95
N GLN A 292 15.94 -13.43 13.29
CA GLN A 292 16.36 -12.16 13.89
C GLN A 292 15.29 -11.07 13.78
N LEU A 293 14.63 -10.96 12.62
CA LEU A 293 13.65 -9.90 12.41
C LEU A 293 12.23 -10.23 12.86
N ILE A 294 11.99 -11.45 13.33
CA ILE A 294 10.64 -11.82 13.75
C ILE A 294 10.23 -10.99 14.97
N ASN A 295 11.23 -10.45 15.66
CA ASN A 295 11.01 -9.56 16.79
C ASN A 295 12.13 -8.53 16.76
N PRO A 296 11.91 -7.42 16.05
CA PRO A 296 12.93 -6.39 15.84
C PRO A 296 13.17 -5.49 17.05
N PHE A 297 12.45 -5.76 18.14
CA PHE A 297 12.57 -4.97 19.35
C PHE A 297 13.35 -5.73 20.43
N GLY A 298 13.98 -6.82 20.03
CA GLY A 298 14.79 -7.61 20.95
C GLY A 298 16.18 -7.02 21.10
N GLU A 299 17.14 -7.85 21.50
CA GLU A 299 18.50 -7.39 21.72
C GLU A 299 19.50 -7.89 20.68
N ASP A 300 19.02 -8.23 19.49
CA ASP A 300 19.92 -8.67 18.42
C ASP A 300 20.69 -7.46 17.89
N ASP A 301 21.82 -7.72 17.25
CA ASP A 301 22.62 -6.65 16.66
C ASP A 301 21.80 -5.81 15.68
N ASP A 302 20.97 -6.48 14.88
CA ASP A 302 20.16 -5.77 13.90
C ASP A 302 18.76 -5.41 14.40
N ASP A 303 18.50 -5.62 15.69
CA ASP A 303 17.22 -5.18 16.26
C ASP A 303 17.29 -3.67 16.50
N PHE A 304 16.13 -3.02 16.43
CA PHE A 304 16.07 -1.55 16.54
C PHE A 304 16.70 -0.96 17.80
N GLU A 305 17.27 0.23 17.65
CA GLU A 305 17.88 0.97 18.74
C GLU A 305 16.83 1.85 19.41
N THR A 306 15.91 1.22 20.13
CA THR A 306 14.79 1.95 20.72
C THR A 306 15.17 2.88 21.87
N ASN A 307 16.18 2.53 22.64
CA ASN A 307 16.58 3.36 23.77
C ASN A 307 17.20 4.68 23.33
N TRP A 308 17.97 4.64 22.24
CA TRP A 308 18.54 5.86 21.71
C TRP A 308 17.44 6.78 21.22
N LEU A 309 16.44 6.19 20.57
CA LEU A 309 15.29 6.92 20.06
C LEU A 309 14.60 7.67 21.20
N ILE A 310 14.38 6.96 22.30
CA ILE A 310 13.76 7.55 23.49
C ILE A 310 14.56 8.76 23.98
N ASP A 311 15.88 8.59 24.08
CA ASP A 311 16.76 9.67 24.51
C ASP A 311 16.71 10.85 23.54
N ARG A 312 16.89 10.56 22.25
CA ARG A 312 16.87 11.60 21.23
C ARG A 312 15.56 12.37 21.25
N ASN A 313 14.46 11.64 21.36
CA ASN A 313 13.14 12.26 21.34
C ASN A 313 12.93 13.18 22.53
N LEU A 314 13.33 12.72 23.72
CA LEU A 314 13.22 13.52 24.93
C LEU A 314 13.93 14.87 24.77
N GLN A 315 15.21 14.82 24.41
CA GLN A 315 16.03 16.00 24.21
C GLN A 315 15.42 16.95 23.19
N VAL A 316 15.20 16.47 21.96
CA VAL A 316 14.66 17.29 20.88
C VAL A 316 13.27 17.86 21.16
N SER A 317 12.36 17.03 21.66
CA SER A 317 10.99 17.46 21.96
C SER A 317 10.94 18.72 22.80
N LEU A 318 11.40 18.60 24.04
CA LEU A 318 11.42 19.71 24.99
C LEU A 318 12.14 20.93 24.44
N MET A 319 13.30 20.72 23.82
CA MET A 319 14.07 21.81 23.25
C MET A 319 13.28 22.63 22.22
N ALA A 320 12.45 21.95 21.43
CA ALA A 320 11.72 22.62 20.36
C ALA A 320 10.52 23.41 20.89
N VAL A 321 9.91 22.93 21.97
CA VAL A 321 8.73 23.61 22.50
C VAL A 321 9.09 24.59 23.62
N ASP A 322 10.32 24.52 24.11
CA ASP A 322 10.76 25.43 25.17
C ASP A 322 11.70 26.48 24.60
N GLU A 323 12.99 26.16 24.53
CA GLU A 323 14.00 27.09 24.01
C GLU A 323 13.66 27.66 22.62
N MET A 324 12.80 26.97 21.88
CA MET A 324 12.52 27.39 20.51
C MET A 324 11.12 27.99 20.31
N HIS A 325 10.36 28.12 21.39
CA HIS A 325 9.03 28.72 21.29
C HIS A 325 9.12 30.18 20.84
N GLN A 326 8.47 30.49 19.72
CA GLN A 326 8.48 31.83 19.12
C GLN A 326 9.87 32.47 19.09
N ASP A 327 10.90 31.63 19.03
CA ASP A 327 12.28 32.10 19.01
C ASP A 327 12.90 31.83 17.64
N LEU A 328 13.05 32.89 16.85
CA LEU A 328 13.53 32.78 15.48
C LEU A 328 14.85 33.50 15.28
N PRO A 329 15.54 33.19 14.17
CA PRO A 329 16.75 33.96 13.88
C PRO A 329 16.40 35.29 13.24
N ILE A 330 17.39 36.15 13.04
CA ILE A 330 17.14 37.46 12.45
C ILE A 330 16.83 37.33 10.97
N LEU A 331 15.65 37.82 10.57
CA LEU A 331 15.27 37.78 9.16
C LEU A 331 16.21 38.64 8.33
N GLU A 332 16.79 38.04 7.30
CA GLU A 332 17.65 38.76 6.37
C GLU A 332 17.14 38.55 4.97
N LYS A 333 17.59 39.40 4.05
CA LYS A 333 17.33 39.15 2.64
C LYS A 333 18.24 38.00 2.25
N ASP A 334 17.72 37.06 1.49
CA ASP A 334 18.50 35.89 1.13
C ASP A 334 19.52 36.26 0.06
N LEU A 335 20.55 35.44 -0.07
CA LEU A 335 21.64 35.70 -1.02
C LEU A 335 21.16 35.78 -2.47
N TYR A 336 19.95 35.29 -2.72
CA TYR A 336 19.40 35.25 -4.07
C TYR A 336 18.21 36.20 -4.21
N TRP A 337 18.15 37.18 -3.32
CA TRP A 337 17.07 38.17 -3.27
C TRP A 337 16.74 38.79 -4.63
N ASN A 338 17.77 39.24 -5.34
CA ASN A 338 17.57 39.86 -6.65
C ASN A 338 17.89 38.91 -7.80
N GLU A 339 18.04 37.63 -7.49
CA GLU A 339 18.33 36.61 -8.49
C GLU A 339 17.16 35.66 -8.67
N PRO A 340 16.43 35.79 -9.79
CA PRO A 340 15.27 34.94 -10.11
C PRO A 340 15.67 33.49 -10.45
N ASP A 341 16.80 33.31 -11.12
CA ASP A 341 17.31 31.99 -11.47
C ASP A 341 18.65 31.71 -10.82
N PRO A 342 18.66 31.43 -9.51
CA PRO A 342 19.90 31.18 -8.77
C PRO A 342 20.70 29.99 -9.30
N GLN A 343 22.02 30.09 -9.22
CA GLN A 343 22.90 29.02 -9.66
C GLN A 343 23.86 28.65 -8.53
N PRO A 344 23.36 27.97 -7.49
CA PRO A 344 24.17 27.55 -6.35
C PRO A 344 25.45 26.84 -6.79
N PRO A 345 26.57 27.15 -6.13
CA PRO A 345 27.87 26.61 -6.53
C PRO A 345 28.00 25.10 -6.34
N TYR A 346 29.06 24.54 -6.89
CA TYR A 346 29.37 23.12 -6.74
C TYR A 346 30.82 23.00 -6.34
N THR A 347 31.13 22.01 -5.51
CA THR A 347 32.51 21.75 -5.15
C THR A 347 33.20 21.16 -6.39
N ALA A 348 34.51 21.01 -6.32
CA ALA A 348 35.27 20.48 -7.44
C ALA A 348 34.81 19.06 -7.76
N ALA A 349 34.60 18.27 -6.72
CA ALA A 349 34.21 16.87 -6.88
C ALA A 349 32.78 16.64 -7.36
N THR A 350 31.92 17.65 -7.23
CA THR A 350 30.50 17.46 -7.56
C THR A 350 29.98 18.22 -8.78
N ALA A 351 30.87 18.84 -9.53
CA ALA A 351 30.46 19.63 -10.68
C ALA A 351 29.83 18.78 -11.79
N GLU A 352 30.25 17.52 -11.85
CA GLU A 352 29.71 16.59 -12.84
C GLU A 352 28.23 16.35 -12.60
N TYR A 353 27.77 16.67 -11.39
CA TYR A 353 26.38 16.44 -11.02
C TYR A 353 25.48 17.64 -11.28
N LYS A 354 26.02 18.69 -11.88
CA LYS A 354 25.19 19.81 -12.29
C LYS A 354 24.62 19.48 -13.66
N ARG A 355 23.35 19.09 -13.68
CA ARG A 355 22.73 18.59 -14.90
C ARG A 355 21.73 19.58 -15.48
N PRO A 356 21.44 19.45 -16.78
CA PRO A 356 20.38 20.28 -17.36
C PRO A 356 19.03 19.76 -16.87
N SER A 357 18.03 20.63 -16.83
CA SER A 357 16.72 20.23 -16.31
C SER A 357 16.08 19.13 -17.15
N PHE A 358 15.58 18.09 -16.49
CA PHE A 358 14.81 17.06 -17.19
C PHE A 358 13.41 17.58 -17.42
N LEU A 359 13.07 17.81 -18.68
CA LEU A 359 11.79 18.42 -19.03
C LEU A 359 10.72 17.37 -19.23
N GLY A 360 11.14 16.19 -19.69
CA GLY A 360 10.22 15.10 -19.98
C GLY A 360 10.79 14.23 -21.07
N SER A 361 10.33 12.99 -21.13
CA SER A 361 10.84 12.04 -22.12
C SER A 361 10.45 12.45 -23.54
N THR A 362 9.28 13.05 -23.69
CA THR A 362 8.74 13.39 -25.00
C THR A 362 9.52 14.48 -25.73
N PHE A 363 10.20 15.33 -24.98
CA PHE A 363 10.89 16.48 -25.57
C PHE A 363 12.22 16.13 -26.20
N ASP A 364 12.52 16.77 -27.32
CA ASP A 364 13.79 16.59 -28.00
C ASP A 364 14.88 17.29 -27.20
N ILE A 365 15.94 16.56 -26.88
CA ILE A 365 17.05 17.13 -26.13
C ILE A 365 17.97 17.87 -27.09
N SER A 366 17.73 19.18 -27.23
CA SER A 366 18.50 20.01 -28.15
C SER A 366 18.85 21.35 -27.51
N THR B 1 17.38 9.26 -13.81
CA THR B 1 18.80 9.54 -13.77
C THR B 1 19.49 8.98 -15.02
N VAL B 2 19.17 7.73 -15.35
CA VAL B 2 19.51 7.16 -16.64
C VAL B 2 18.16 6.84 -17.27
N THR B 3 17.56 7.88 -17.86
CA THR B 3 16.21 7.79 -18.40
C THR B 3 16.22 7.31 -19.86
N TYR B 4 15.59 6.17 -20.11
CA TYR B 4 15.45 5.64 -21.46
C TYR B 4 13.97 5.48 -21.76
N THR B 5 13.15 6.13 -20.94
CA THR B 5 11.69 6.09 -21.05
C THR B 5 11.16 6.29 -22.47
N ASN B 6 11.77 7.21 -23.21
CA ASN B 6 11.28 7.52 -24.54
C ASN B 6 11.64 6.45 -25.56
N ARG B 7 12.77 5.77 -25.34
CA ARG B 7 13.19 4.70 -26.24
C ARG B 7 12.23 3.53 -26.19
N VAL B 8 11.71 3.27 -24.99
CA VAL B 8 10.82 2.13 -24.77
C VAL B 8 9.35 2.55 -24.76
N ALA B 9 9.04 3.65 -25.41
CA ALA B 9 7.67 4.15 -25.47
C ALA B 9 6.76 3.17 -26.19
N ASP B 10 7.25 2.60 -27.28
CA ASP B 10 6.47 1.64 -28.04
C ASP B 10 7.14 0.26 -28.03
N ALA B 11 6.33 -0.77 -28.20
CA ALA B 11 6.85 -2.13 -28.22
C ALA B 11 7.08 -2.56 -29.66
N ARG B 12 8.23 -2.15 -30.21
CA ARG B 12 8.60 -2.46 -31.58
C ARG B 12 9.62 -3.59 -31.61
N LEU B 13 10.21 -3.84 -32.79
CA LEU B 13 11.15 -4.94 -32.96
C LEU B 13 12.33 -4.94 -31.99
N GLY B 14 13.06 -3.83 -31.91
CA GLY B 14 14.23 -3.77 -31.07
C GLY B 14 14.13 -2.92 -29.83
N THR B 15 12.92 -2.78 -29.30
CA THR B 15 12.66 -1.98 -28.10
C THR B 15 13.64 -2.26 -26.95
N PHE B 16 13.84 -3.54 -26.65
CA PHE B 16 14.72 -3.94 -25.56
C PHE B 16 16.12 -4.30 -26.04
N SER B 17 16.21 -4.85 -27.25
CA SER B 17 17.49 -5.23 -27.85
C SER B 17 18.43 -4.03 -27.96
N GLN B 18 17.87 -2.89 -28.39
CA GLN B 18 18.63 -1.64 -28.52
C GLN B 18 19.36 -1.25 -27.24
N LEU B 19 18.76 -1.58 -26.09
CA LEU B 19 19.31 -1.19 -24.80
C LEU B 19 20.56 -1.98 -24.45
N LEU B 20 20.80 -3.07 -25.18
CA LEU B 20 21.99 -3.89 -24.97
C LEU B 20 23.23 -3.20 -25.53
N LEU B 21 23.02 -2.15 -26.31
CA LEU B 21 24.10 -1.40 -26.91
C LEU B 21 24.45 -0.14 -26.12
N GLN B 22 23.82 0.03 -24.96
CA GLN B 22 24.06 1.21 -24.14
C GLN B 22 25.06 0.92 -23.02
N TRP B 23 25.97 1.86 -22.79
CA TRP B 23 27.02 1.69 -21.77
C TRP B 23 26.70 2.33 -20.42
N LYS B 24 26.18 3.55 -20.44
CA LYS B 24 25.86 4.27 -19.21
C LYS B 24 24.87 3.51 -18.34
N GLY B 25 25.24 3.27 -17.09
CA GLY B 25 24.40 2.55 -16.15
C GLY B 25 24.03 1.16 -16.62
N SER B 26 24.91 0.55 -17.43
CA SER B 26 24.63 -0.74 -18.02
C SER B 26 25.16 -1.92 -17.22
N ILE B 27 24.78 -3.11 -17.65
CA ILE B 27 25.21 -4.34 -17.02
C ILE B 27 26.70 -4.57 -17.28
N TYR B 28 27.19 -4.12 -18.43
CA TYR B 28 28.59 -4.26 -18.78
C TYR B 28 29.47 -3.43 -17.85
N LYS B 29 29.08 -2.18 -17.65
CA LYS B 29 29.84 -1.25 -16.82
C LYS B 29 29.91 -1.70 -15.37
N LEU B 30 28.84 -2.30 -14.87
CA LEU B 30 28.78 -2.74 -13.48
C LEU B 30 29.46 -4.09 -13.24
N LEU B 31 29.53 -4.92 -14.29
CA LEU B 31 30.09 -6.27 -14.17
C LEU B 31 31.55 -6.36 -14.63
N TYR B 32 31.99 -5.36 -15.39
CA TYR B 32 33.33 -5.30 -15.99
C TYR B 32 34.44 -6.01 -15.21
N SER B 33 34.81 -5.46 -14.07
CA SER B 33 35.90 -6.01 -13.24
C SER B 33 35.65 -7.45 -12.80
N GLU B 34 34.47 -7.70 -12.25
CA GLU B 34 34.10 -9.05 -11.81
C GLU B 34 34.21 -10.07 -12.94
N PHE B 35 33.67 -9.73 -14.10
CA PHE B 35 33.71 -10.61 -15.27
C PHE B 35 35.13 -10.96 -15.65
N LEU B 36 36.01 -9.96 -15.68
CA LEU B 36 37.41 -10.16 -16.04
C LEU B 36 38.10 -11.13 -15.08
N ILE B 37 37.83 -10.96 -13.78
CA ILE B 37 38.39 -11.85 -12.77
C ILE B 37 37.88 -13.28 -12.98
N PHE B 38 36.59 -13.40 -13.31
CA PHE B 38 35.99 -14.70 -13.59
C PHE B 38 36.64 -15.31 -14.83
N ILE B 39 36.65 -14.56 -15.92
CA ILE B 39 37.32 -14.96 -17.17
C ILE B 39 38.73 -15.49 -16.91
N SER B 40 39.52 -14.70 -16.18
CA SER B 40 40.90 -15.03 -15.88
C SER B 40 41.00 -16.35 -15.12
N LEU B 41 40.35 -16.41 -13.95
CA LEU B 41 40.35 -17.62 -13.13
C LEU B 41 39.93 -18.87 -13.91
N TYR B 42 38.93 -18.71 -14.77
CA TYR B 42 38.46 -19.83 -15.59
C TYR B 42 39.56 -20.36 -16.50
N PHE B 43 40.00 -19.52 -17.43
CA PHE B 43 41.01 -19.90 -18.41
C PHE B 43 42.34 -20.26 -17.75
N ALA B 44 42.61 -19.70 -16.57
CA ALA B 44 43.81 -20.06 -15.83
C ALA B 44 43.72 -21.53 -15.45
N ILE B 45 42.62 -21.90 -14.79
CA ILE B 45 42.33 -23.28 -14.45
C ILE B 45 42.36 -24.17 -15.69
N SER B 46 41.75 -23.68 -16.76
CA SER B 46 41.67 -24.41 -18.03
C SER B 46 43.05 -24.80 -18.56
N LEU B 47 44.00 -23.87 -18.53
CA LEU B 47 45.34 -24.14 -19.04
C LEU B 47 46.10 -25.11 -18.13
N VAL B 48 45.92 -24.96 -16.82
CA VAL B 48 46.53 -25.86 -15.84
C VAL B 48 46.11 -27.30 -16.14
N TYR B 49 44.85 -27.48 -16.49
CA TYR B 49 44.30 -28.79 -16.81
C TYR B 49 44.82 -29.32 -18.15
N ARG B 50 44.84 -28.44 -19.15
CA ARG B 50 45.27 -28.83 -20.49
C ARG B 50 46.78 -28.99 -20.64
N LEU B 51 47.55 -28.13 -19.98
CA LEU B 51 48.99 -28.12 -20.18
C LEU B 51 49.86 -28.57 -19.00
N ILE B 52 49.34 -28.54 -17.79
CA ILE B 52 50.18 -28.81 -16.62
C ILE B 52 49.92 -30.19 -15.98
N LEU B 53 48.67 -30.43 -15.59
CA LEU B 53 48.31 -31.67 -14.90
C LEU B 53 48.73 -32.92 -15.66
N SER B 54 49.12 -33.94 -14.90
CA SER B 54 49.51 -35.22 -15.45
C SER B 54 48.25 -36.03 -15.76
N GLU B 55 48.40 -37.11 -16.52
CA GLU B 55 47.27 -37.97 -16.88
C GLU B 55 46.48 -38.42 -15.67
N SER B 56 47.18 -38.69 -14.56
CA SER B 56 46.53 -39.12 -13.34
C SER B 56 45.86 -37.95 -12.63
N GLN B 57 46.51 -36.80 -12.63
CA GLN B 57 45.95 -35.60 -12.04
C GLN B 57 44.73 -35.13 -12.82
N ARG B 58 44.82 -35.26 -14.14
CA ARG B 58 43.71 -34.89 -15.02
C ARG B 58 42.47 -35.70 -14.68
N LEU B 59 42.66 -36.96 -14.30
CA LEU B 59 41.53 -37.81 -13.94
C LEU B 59 40.90 -37.34 -12.64
N MET B 60 41.71 -36.82 -11.73
CA MET B 60 41.18 -36.30 -10.46
C MET B 60 40.42 -35.01 -10.72
N PHE B 61 41.00 -34.13 -11.51
CA PHE B 61 40.37 -32.87 -11.88
C PHE B 61 39.01 -33.10 -12.53
N GLU B 62 38.95 -34.10 -13.41
CA GLU B 62 37.71 -34.43 -14.11
C GLU B 62 36.65 -34.91 -13.13
N LYS B 63 37.08 -35.65 -12.12
CA LYS B 63 36.17 -36.13 -11.09
C LYS B 63 35.76 -34.99 -10.18
N LEU B 64 36.67 -34.04 -9.98
CA LEU B 64 36.39 -32.86 -9.17
C LEU B 64 35.40 -31.95 -9.89
N ALA B 65 35.57 -31.82 -11.20
CA ALA B 65 34.69 -30.97 -12.01
C ALA B 65 33.27 -31.53 -12.06
N LEU B 66 33.14 -32.84 -12.12
CA LEU B 66 31.82 -33.48 -12.13
C LEU B 66 31.12 -33.23 -10.80
N TYR B 67 31.93 -33.19 -9.74
CA TYR B 67 31.42 -32.93 -8.39
C TYR B 67 30.94 -31.50 -8.26
N CYS B 68 31.78 -30.56 -8.67
CA CYS B 68 31.45 -29.14 -8.61
C CYS B 68 30.23 -28.79 -9.46
N ASN B 69 30.21 -29.31 -10.68
CA ASN B 69 29.13 -29.01 -11.62
C ASN B 69 27.75 -29.44 -11.11
N SER B 70 27.73 -30.50 -10.31
CA SER B 70 26.47 -31.00 -9.76
C SER B 70 25.91 -30.08 -8.67
N TYR B 71 26.72 -29.11 -8.26
CA TYR B 71 26.30 -28.17 -7.21
C TYR B 71 26.03 -26.79 -7.75
N ALA B 72 26.16 -26.63 -9.07
CA ALA B 72 25.78 -25.39 -9.72
C ALA B 72 24.28 -25.46 -9.97
N GLU B 73 23.50 -25.01 -8.99
CA GLU B 73 22.06 -25.08 -9.06
C GLU B 73 21.45 -23.68 -9.11
N LEU B 74 20.79 -23.38 -10.23
CA LEU B 74 20.23 -22.06 -10.47
C LEU B 74 18.93 -21.78 -9.70
N ILE B 75 18.09 -22.80 -9.60
CA ILE B 75 16.79 -22.64 -8.93
C ILE B 75 16.85 -22.04 -7.52
N PRO B 76 17.72 -22.57 -6.63
CA PRO B 76 17.78 -21.95 -5.30
C PRO B 76 18.31 -20.51 -5.32
N VAL B 77 19.30 -20.25 -6.16
CA VAL B 77 19.88 -18.91 -6.29
C VAL B 77 18.87 -17.93 -6.86
N SER B 78 18.13 -18.37 -7.88
CA SER B 78 17.11 -17.54 -8.51
C SER B 78 16.02 -17.15 -7.53
N PHE B 79 15.72 -18.05 -6.60
CA PHE B 79 14.73 -17.79 -5.57
C PHE B 79 15.12 -16.61 -4.70
N VAL B 80 16.25 -16.76 -4.00
CA VAL B 80 16.73 -15.75 -3.07
C VAL B 80 16.98 -14.40 -3.75
N LEU B 81 17.48 -14.44 -4.99
CA LEU B 81 17.70 -13.21 -5.75
C LEU B 81 16.40 -12.46 -5.98
N GLY B 82 15.43 -13.16 -6.59
CA GLY B 82 14.12 -12.59 -6.85
C GLY B 82 13.48 -11.90 -5.67
N PHE B 83 13.45 -12.58 -4.53
CA PHE B 83 12.86 -12.03 -3.31
C PHE B 83 13.67 -10.86 -2.75
N TYR B 84 14.99 -10.99 -2.78
CA TYR B 84 15.88 -9.96 -2.24
C TYR B 84 15.88 -8.70 -3.10
N VAL B 85 16.03 -8.88 -4.40
CA VAL B 85 16.04 -7.75 -5.33
C VAL B 85 14.70 -7.03 -5.29
N SER B 86 13.63 -7.78 -5.05
CA SER B 86 12.29 -7.20 -4.93
C SER B 86 12.21 -6.27 -3.73
N LEU B 87 12.80 -6.71 -2.62
CA LEU B 87 12.88 -5.90 -1.41
C LEU B 87 13.65 -4.62 -1.69
N VAL B 88 14.79 -4.76 -2.36
CA VAL B 88 15.64 -3.61 -2.70
C VAL B 88 14.89 -2.64 -3.61
N VAL B 89 14.28 -3.17 -4.66
CA VAL B 89 13.55 -2.35 -5.62
C VAL B 89 12.39 -1.62 -4.94
N SER B 90 11.74 -2.30 -4.00
CA SER B 90 10.66 -1.74 -3.22
C SER B 90 11.11 -0.50 -2.44
N ARG B 91 12.16 -0.66 -1.64
CA ARG B 91 12.73 0.43 -0.88
C ARG B 91 13.25 1.55 -1.78
N TRP B 92 13.81 1.14 -2.92
CA TRP B 92 14.34 2.08 -3.92
C TRP B 92 13.29 3.12 -4.34
N TRP B 93 12.10 2.65 -4.70
CA TRP B 93 11.04 3.56 -5.12
C TRP B 93 10.44 4.33 -3.94
N ALA B 94 10.41 3.69 -2.78
CA ALA B 94 9.89 4.32 -1.59
C ALA B 94 10.76 5.51 -1.21
N GLN B 95 12.07 5.34 -1.36
CA GLN B 95 13.02 6.41 -1.06
C GLN B 95 12.86 7.58 -2.02
N TYR B 96 12.59 7.30 -3.29
CA TYR B 96 12.37 8.37 -4.25
C TYR B 96 11.18 9.22 -3.85
N GLU B 97 10.05 8.57 -3.58
CA GLU B 97 8.83 9.27 -3.21
C GLU B 97 8.96 9.97 -1.86
N SER B 98 10.05 9.68 -1.16
CA SER B 98 10.30 10.30 0.13
C SER B 98 11.16 11.55 -0.03
N ILE B 99 11.62 11.81 -1.25
CA ILE B 99 12.34 13.04 -1.52
C ILE B 99 11.32 14.17 -1.54
N PRO B 100 11.44 15.12 -0.59
CA PRO B 100 10.47 16.21 -0.44
C PRO B 100 10.48 17.22 -1.58
N TRP B 101 9.28 17.60 -2.01
CA TRP B 101 9.10 18.63 -3.04
C TRP B 101 8.40 19.82 -2.41
N PRO B 102 8.84 21.04 -2.74
CA PRO B 102 8.29 22.26 -2.15
C PRO B 102 6.90 22.63 -2.67
N ASP B 103 6.59 22.21 -3.90
CA ASP B 103 5.38 22.60 -4.61
C ASP B 103 4.08 22.71 -3.81
N ARG B 104 3.81 21.80 -2.88
CA ARG B 104 2.55 21.87 -2.13
C ARG B 104 2.56 23.00 -1.10
N ILE B 105 3.66 23.17 -0.38
CA ILE B 105 3.81 24.28 0.55
C ILE B 105 3.88 25.55 -0.27
N MET B 106 4.66 25.46 -1.34
CA MET B 106 4.88 26.52 -2.30
C MET B 106 3.58 27.18 -2.77
N ASN B 107 2.58 26.37 -3.12
CA ASN B 107 1.29 26.89 -3.56
C ASN B 107 0.55 27.67 -2.48
N LEU B 108 0.57 27.16 -1.27
CA LEU B 108 -0.13 27.80 -0.15
C LEU B 108 0.54 29.09 0.30
N VAL B 109 1.84 29.03 0.54
CA VAL B 109 2.61 30.19 0.99
C VAL B 109 2.51 31.34 -0.01
N SER B 110 2.56 31.01 -1.29
CA SER B 110 2.48 32.00 -2.36
C SER B 110 1.16 32.76 -2.37
N CYS B 111 0.07 32.08 -2.04
CA CYS B 111 -1.26 32.72 -2.11
C CYS B 111 -1.82 33.16 -0.75
N ASN B 112 -1.37 32.55 0.34
CA ASN B 112 -1.95 32.84 1.65
C ASN B 112 -1.09 33.67 2.61
N VAL B 113 0.09 34.11 2.17
CA VAL B 113 0.89 35.00 3.00
C VAL B 113 0.85 36.37 2.34
N ASP B 114 0.00 37.24 2.88
CA ASP B 114 -0.32 38.54 2.29
C ASP B 114 0.81 39.56 2.32
N GLY B 115 0.76 40.49 1.36
CA GLY B 115 1.71 41.57 1.30
C GLY B 115 2.46 41.69 -0.02
N GLU B 116 2.31 42.84 -0.66
CA GLU B 116 3.05 43.13 -1.89
C GLU B 116 4.19 44.09 -1.57
N ASP B 117 4.50 44.19 -0.28
CA ASP B 117 5.58 45.04 0.21
C ASP B 117 6.79 44.19 0.55
N GLU B 118 7.96 44.81 0.57
CA GLU B 118 9.24 44.15 0.86
C GLU B 118 9.19 43.13 2.01
N TYR B 119 8.44 43.45 3.06
CA TYR B 119 8.34 42.53 4.19
C TYR B 119 7.55 41.29 3.81
N GLY B 120 6.41 41.48 3.16
CA GLY B 120 5.61 40.38 2.67
C GLY B 120 6.42 39.49 1.74
N ARG B 121 7.29 40.12 0.96
CA ARG B 121 8.17 39.39 0.06
C ARG B 121 9.24 38.64 0.85
N LEU B 122 9.87 39.32 1.79
CA LEU B 122 10.88 38.70 2.64
C LEU B 122 10.30 37.57 3.47
N LEU B 123 9.03 37.74 3.86
CA LEU B 123 8.34 36.74 4.67
C LEU B 123 8.15 35.45 3.88
N ARG B 124 7.54 35.56 2.71
CA ARG B 124 7.30 34.42 1.84
C ARG B 124 8.60 33.70 1.43
N ARG B 125 9.61 34.47 1.06
CA ARG B 125 10.89 33.90 0.65
C ARG B 125 11.58 33.17 1.80
N THR B 126 11.46 33.71 3.00
CA THR B 126 12.13 33.12 4.16
C THR B 126 11.43 31.81 4.56
N LEU B 127 10.11 31.78 4.41
CA LEU B 127 9.34 30.58 4.71
C LEU B 127 9.75 29.41 3.83
N MET B 128 9.76 29.65 2.51
CA MET B 128 10.18 28.63 1.56
C MET B 128 11.59 28.13 1.85
N ARG B 129 12.51 29.05 2.13
CA ARG B 129 13.89 28.67 2.39
C ARG B 129 14.02 27.78 3.62
N TYR B 130 13.11 27.95 4.58
CA TYR B 130 13.12 27.11 5.77
C TYR B 130 12.72 25.68 5.40
N SER B 131 11.84 25.57 4.42
CA SER B 131 11.45 24.27 3.88
C SER B 131 12.61 23.63 3.15
N ASN B 132 13.16 24.35 2.18
CA ASN B 132 14.29 23.88 1.39
C ASN B 132 15.51 23.55 2.25
N LEU B 133 15.67 24.27 3.34
CA LEU B 133 16.79 24.02 4.25
C LEU B 133 16.56 22.71 4.99
N CYS B 134 15.32 22.48 5.40
CA CYS B 134 14.93 21.25 6.08
C CYS B 134 15.25 20.05 5.19
N SER B 135 15.08 20.24 3.88
CA SER B 135 15.37 19.20 2.89
C SER B 135 16.86 19.01 2.65
N VAL B 136 17.54 20.09 2.25
CA VAL B 136 18.99 20.04 2.01
C VAL B 136 19.77 19.45 3.18
N LEU B 137 19.35 19.78 4.40
CA LEU B 137 20.02 19.25 5.59
C LEU B 137 19.91 17.72 5.69
N ILE B 138 18.74 17.17 5.41
CA ILE B 138 18.56 15.72 5.46
C ILE B 138 19.23 15.05 4.25
N LEU B 139 19.14 15.66 3.08
CA LEU B 139 19.75 15.12 1.87
C LEU B 139 21.27 14.95 2.00
N ARG B 140 21.94 15.93 2.59
CA ARG B 140 23.39 15.86 2.75
C ARG B 140 23.77 14.87 3.84
N SER B 141 22.76 14.36 4.53
CA SER B 141 22.96 13.36 5.58
C SER B 141 22.84 11.95 5.01
N VAL B 142 22.08 11.83 3.93
CA VAL B 142 21.81 10.52 3.34
C VAL B 142 22.42 10.32 1.95
N SER B 143 22.74 11.41 1.27
CA SER B 143 23.29 11.33 -0.09
C SER B 143 24.76 11.73 -0.15
N THR B 144 25.59 10.82 -0.64
CA THR B 144 27.02 11.10 -0.77
C THR B 144 27.26 12.11 -1.89
N ALA B 145 26.37 12.12 -2.88
CA ALA B 145 26.44 13.06 -3.97
C ALA B 145 26.21 14.48 -3.47
N VAL B 146 25.28 14.62 -2.53
CA VAL B 146 24.97 15.92 -1.95
C VAL B 146 26.01 16.32 -0.91
N TYR B 147 26.36 15.39 -0.02
CA TYR B 147 27.35 15.67 1.02
C TYR B 147 28.67 16.18 0.46
N LYS B 148 29.13 15.60 -0.64
CA LYS B 148 30.38 16.04 -1.25
C LYS B 148 30.26 17.46 -1.82
N ARG B 149 29.02 17.94 -1.91
CA ARG B 149 28.78 19.31 -2.37
C ARG B 149 28.58 20.23 -1.17
N PHE B 150 28.17 19.66 -0.04
CA PHE B 150 28.00 20.42 1.20
C PHE B 150 28.65 19.70 2.38
N PRO B 151 29.96 19.46 2.29
CA PRO B 151 30.69 18.68 3.32
C PRO B 151 30.65 19.31 4.70
N SER B 152 30.50 20.63 4.76
CA SER B 152 30.46 21.35 6.02
C SER B 152 29.30 22.32 6.03
N MET B 153 28.85 22.69 7.23
CA MET B 153 27.72 23.62 7.36
C MET B 153 28.05 24.99 6.77
N GLU B 154 29.35 25.28 6.61
CA GLU B 154 29.78 26.52 5.99
C GLU B 154 29.43 26.51 4.50
N HIS B 155 29.56 25.35 3.87
CA HIS B 155 29.20 25.19 2.46
C HIS B 155 27.73 25.53 2.25
N VAL B 156 26.89 25.09 3.18
CA VAL B 156 25.46 25.34 3.12
C VAL B 156 25.19 26.84 3.12
N VAL B 157 25.87 27.55 4.01
CA VAL B 157 25.72 29.00 4.13
C VAL B 157 26.22 29.72 2.87
N ARG B 158 27.47 29.45 2.49
CA ARG B 158 28.08 30.10 1.34
C ARG B 158 27.34 29.83 0.03
N ALA B 159 26.59 28.75 -0.01
CA ALA B 159 25.83 28.40 -1.21
C ALA B 159 24.52 29.17 -1.27
N GLY B 160 24.17 29.84 -0.17
CA GLY B 160 22.98 30.65 -0.13
C GLY B 160 21.73 29.90 0.30
N LEU B 161 21.92 28.76 0.96
CA LEU B 161 20.79 27.97 1.44
C LEU B 161 20.50 28.29 2.90
N MET B 162 21.43 29.00 3.53
CA MET B 162 21.28 29.38 4.93
C MET B 162 22.02 30.69 5.18
N THR B 163 21.40 31.60 5.93
CA THR B 163 22.04 32.87 6.25
C THR B 163 22.97 32.68 7.45
N PRO B 164 23.99 33.55 7.56
CA PRO B 164 24.92 33.47 8.69
C PRO B 164 24.24 33.68 10.04
N GLU B 165 23.15 34.44 10.06
CA GLU B 165 22.39 34.62 11.29
C GLU B 165 21.70 33.32 11.65
N GLU B 166 21.09 32.68 10.65
CA GLU B 166 20.44 31.39 10.83
C GLU B 166 21.44 30.35 11.34
N HIS B 167 22.65 30.39 10.77
CA HIS B 167 23.72 29.48 11.19
C HIS B 167 24.09 29.76 12.64
N LYS B 168 24.04 31.04 13.04
CA LYS B 168 24.36 31.43 14.40
C LYS B 168 23.30 30.88 15.35
N LYS B 169 22.04 31.04 14.97
CA LYS B 169 20.92 30.52 15.73
C LYS B 169 20.99 29.00 15.78
N PHE B 170 21.42 28.42 14.66
CA PHE B 170 21.59 26.98 14.51
C PHE B 170 22.55 26.44 15.56
N GLU B 171 23.74 27.05 15.64
CA GLU B 171 24.76 26.65 16.60
C GLU B 171 24.34 26.89 18.04
N SER B 172 23.60 27.98 18.27
CA SER B 172 23.16 28.35 19.60
C SER B 172 22.31 27.25 20.25
N LEU B 173 21.56 26.54 19.41
CA LEU B 173 20.72 25.45 19.90
C LEU B 173 21.55 24.20 20.12
N ASN B 174 21.79 23.87 21.39
CA ASN B 174 22.66 22.76 21.74
C ASN B 174 21.94 21.42 21.69
N SER B 175 22.37 20.57 20.76
CA SER B 175 21.80 19.23 20.62
C SER B 175 22.82 18.30 19.98
N PRO B 176 22.96 17.08 20.53
CA PRO B 176 23.91 16.09 20.02
C PRO B 176 23.40 15.36 18.78
N HIS B 177 22.13 15.57 18.45
CA HIS B 177 21.49 14.85 17.36
C HIS B 177 21.45 15.69 16.07
N ASN B 178 21.11 15.04 14.97
CA ASN B 178 20.98 15.72 13.68
C ASN B 178 19.94 16.84 13.74
N LYS B 179 20.35 18.05 13.41
CA LYS B 179 19.48 19.23 13.51
C LYS B 179 18.64 19.53 12.26
N PHE B 180 18.49 18.57 11.36
CA PHE B 180 17.72 18.80 10.14
C PHE B 180 16.28 19.26 10.42
N TRP B 181 15.80 18.96 11.63
CA TRP B 181 14.45 19.29 12.05
C TRP B 181 14.28 20.74 12.48
N ILE B 182 15.40 21.42 12.75
CA ILE B 182 15.38 22.81 13.19
C ILE B 182 14.60 23.74 12.24
N PRO B 183 15.01 23.86 10.96
CA PRO B 183 14.27 24.76 10.05
C PRO B 183 12.77 24.49 10.02
N CYS B 184 12.39 23.24 10.27
CA CYS B 184 10.99 22.83 10.22
C CYS B 184 10.22 23.44 11.40
N VAL B 185 10.94 23.66 12.51
CA VAL B 185 10.37 24.30 13.68
C VAL B 185 10.27 25.81 13.45
N TRP B 186 11.37 26.39 12.96
CA TRP B 186 11.41 27.80 12.57
C TRP B 186 10.23 28.17 11.68
N PHE B 187 9.98 27.34 10.67
CA PHE B 187 8.89 27.56 9.73
C PHE B 187 7.55 27.71 10.43
N SER B 188 7.21 26.74 11.27
CA SER B 188 5.94 26.75 11.98
C SER B 188 5.82 27.98 12.89
N ASN B 189 6.90 28.33 13.57
CA ASN B 189 6.93 29.53 14.40
C ASN B 189 6.78 30.79 13.55
N LEU B 190 7.53 30.87 12.46
CA LEU B 190 7.46 32.02 11.56
C LEU B 190 6.09 32.13 10.91
N ALA B 191 5.46 31.00 10.65
CA ALA B 191 4.14 30.99 10.04
C ALA B 191 3.11 31.53 11.02
N VAL B 192 3.31 31.22 12.30
CA VAL B 192 2.42 31.69 13.35
C VAL B 192 2.62 33.18 13.57
N LYS B 193 3.88 33.60 13.67
CA LYS B 193 4.22 35.01 13.80
C LYS B 193 3.62 35.81 12.64
N ALA B 194 3.70 35.24 11.45
CA ALA B 194 3.15 35.89 10.25
C ALA B 194 1.64 36.06 10.38
N ARG B 195 0.97 35.10 11.00
CA ARG B 195 -0.47 35.17 11.17
C ARG B 195 -0.84 36.23 12.19
N ASN B 196 -0.03 36.35 13.24
CA ASN B 196 -0.27 37.33 14.29
C ASN B 196 -0.06 38.76 13.79
N GLU B 197 0.85 38.91 12.84
CA GLU B 197 1.09 40.21 12.21
C GLU B 197 -0.02 40.52 11.19
N GLY B 198 -0.98 39.62 11.06
CA GLY B 198 -2.09 39.80 10.13
C GLY B 198 -1.78 39.43 8.69
N ARG B 199 -0.62 38.80 8.46
CA ARG B 199 -0.22 38.42 7.10
C ARG B 199 -0.89 37.12 6.67
N ILE B 200 -1.44 36.38 7.63
CA ILE B 200 -2.19 35.18 7.33
C ILE B 200 -3.58 35.31 7.96
N ARG B 201 -4.58 35.48 7.09
CA ARG B 201 -5.97 35.77 7.49
C ARG B 201 -6.51 34.87 8.62
N ASP B 202 -6.95 33.66 8.27
CA ASP B 202 -7.56 32.77 9.27
C ASP B 202 -6.57 31.77 9.85
N SER B 203 -7.06 30.97 10.79
CA SER B 203 -6.27 29.89 11.37
C SER B 203 -6.42 28.66 10.50
N VAL B 204 -7.54 28.63 9.77
CA VAL B 204 -7.80 27.58 8.80
C VAL B 204 -6.72 27.57 7.74
N LEU B 205 -6.35 28.75 7.25
CA LEU B 205 -5.29 28.88 6.26
C LEU B 205 -3.92 28.61 6.88
N LEU B 206 -3.78 28.93 8.17
CA LEU B 206 -2.52 28.73 8.86
C LEU B 206 -2.26 27.25 9.13
N GLN B 207 -3.29 26.55 9.61
CA GLN B 207 -3.18 25.13 9.91
C GLN B 207 -2.91 24.36 8.61
N GLY B 208 -3.54 24.82 7.53
CA GLY B 208 -3.34 24.25 6.21
C GLY B 208 -1.88 24.33 5.78
N ILE B 209 -1.22 25.43 6.14
CA ILE B 209 0.18 25.61 5.81
C ILE B 209 1.05 24.77 6.75
N LEU B 210 0.63 24.69 8.01
CA LEU B 210 1.36 23.91 8.99
C LEU B 210 1.30 22.42 8.67
N ASN B 211 0.18 21.99 8.08
CA ASN B 211 0.00 20.60 7.69
C ASN B 211 0.97 20.17 6.60
N GLU B 212 1.04 20.98 5.54
CA GLU B 212 1.95 20.71 4.43
C GLU B 212 3.40 20.70 4.90
N LEU B 213 3.70 21.47 5.94
CA LEU B 213 5.02 21.45 6.55
C LEU B 213 5.30 20.11 7.20
N ASN B 214 4.36 19.69 8.05
CA ASN B 214 4.47 18.40 8.74
C ASN B 214 4.65 17.25 7.74
N THR B 215 3.95 17.33 6.62
CA THR B 215 4.08 16.35 5.56
C THR B 215 5.54 16.29 5.07
N LEU B 216 6.11 17.47 4.83
CA LEU B 216 7.51 17.56 4.41
C LEU B 216 8.44 17.00 5.49
N ARG B 217 8.09 17.22 6.75
CA ARG B 217 8.87 16.69 7.86
C ARG B 217 8.83 15.16 7.83
N SER B 218 7.65 14.61 7.57
CA SER B 218 7.48 13.17 7.46
C SER B 218 8.30 12.60 6.31
N GLN B 219 8.41 13.38 5.23
CA GLN B 219 9.23 13.00 4.09
C GLN B 219 10.68 12.86 4.50
N CYS B 220 11.18 13.88 5.20
CA CYS B 220 12.56 13.89 5.68
C CYS B 220 12.82 12.73 6.65
N GLY B 221 11.82 12.39 7.44
CA GLY B 221 11.92 11.31 8.39
C GLY B 221 12.08 9.97 7.70
N ARG B 222 11.32 9.78 6.62
CA ARG B 222 11.41 8.54 5.84
C ARG B 222 12.81 8.35 5.27
N LEU B 223 13.37 9.43 4.72
CA LEU B 223 14.72 9.41 4.17
C LEU B 223 15.72 9.02 5.25
N TYR B 224 15.55 9.61 6.43
CA TYR B 224 16.40 9.29 7.57
C TYR B 224 16.27 7.82 7.94
N GLY B 225 15.03 7.32 7.95
CA GLY B 225 14.76 5.93 8.29
C GLY B 225 15.42 4.92 7.38
N TYR B 226 15.28 5.12 6.07
CA TYR B 226 15.87 4.22 5.08
C TYR B 226 17.39 4.26 5.12
N ASP B 227 17.94 5.40 5.48
CA ASP B 227 19.39 5.57 5.58
C ASP B 227 19.91 4.88 6.84
N TRP B 228 19.16 5.04 7.93
CA TRP B 228 19.53 4.48 9.22
C TRP B 228 19.31 2.97 9.22
N ILE B 229 18.09 2.56 8.89
CA ILE B 229 17.73 1.16 8.90
C ILE B 229 18.06 0.49 7.57
N SER B 230 19.27 -0.05 7.47
CA SER B 230 19.70 -0.76 6.27
C SER B 230 18.95 -2.08 6.18
N ILE B 231 18.95 -2.68 5.01
CA ILE B 231 18.46 -4.04 4.88
C ILE B 231 19.39 -4.89 5.73
N PRO B 232 18.83 -5.72 6.61
CA PRO B 232 19.63 -6.55 7.53
C PRO B 232 20.84 -7.19 6.86
N LEU B 233 22.01 -6.98 7.47
CA LEU B 233 23.28 -7.43 6.92
C LEU B 233 23.27 -8.92 6.60
N VAL B 234 22.72 -9.72 7.51
CA VAL B 234 22.66 -11.16 7.32
C VAL B 234 21.95 -11.54 6.02
N TYR B 235 20.86 -10.83 5.69
CA TYR B 235 20.11 -11.08 4.47
C TYR B 235 20.99 -10.80 3.25
N THR B 236 21.65 -9.65 3.26
CA THR B 236 22.55 -9.26 2.18
C THR B 236 23.66 -10.29 1.99
N GLN B 237 24.23 -10.76 3.09
CA GLN B 237 25.32 -11.74 3.03
C GLN B 237 24.85 -13.07 2.44
N VAL B 238 23.67 -13.51 2.86
CA VAL B 238 23.08 -14.74 2.37
C VAL B 238 23.01 -14.79 0.84
N VAL B 239 22.51 -13.73 0.22
CA VAL B 239 22.37 -13.72 -1.24
C VAL B 239 23.71 -13.67 -1.98
N THR B 240 24.74 -13.07 -1.36
CA THR B 240 26.06 -13.05 -2.00
C THR B 240 26.74 -14.40 -1.85
N VAL B 241 26.51 -15.04 -0.71
CA VAL B 241 27.06 -16.36 -0.46
C VAL B 241 26.47 -17.34 -1.47
N ALA B 242 25.15 -17.27 -1.66
CA ALA B 242 24.46 -18.13 -2.62
C ALA B 242 24.97 -17.90 -4.03
N VAL B 243 25.07 -16.64 -4.43
CA VAL B 243 25.56 -16.29 -5.76
C VAL B 243 26.99 -16.75 -5.98
N TYR B 244 27.88 -16.44 -5.04
CA TYR B 244 29.28 -16.82 -5.15
C TYR B 244 29.48 -18.34 -5.11
N SER B 245 28.66 -19.02 -4.31
CA SER B 245 28.68 -20.48 -4.27
C SER B 245 28.47 -21.06 -5.67
N PHE B 246 27.51 -20.47 -6.38
CA PHE B 246 27.20 -20.88 -7.76
C PHE B 246 28.41 -20.70 -8.69
N PHE B 247 29.00 -19.50 -8.67
CA PHE B 247 30.14 -19.21 -9.53
C PHE B 247 31.39 -19.99 -9.14
N LEU B 248 31.50 -20.36 -7.86
CA LEU B 248 32.60 -21.19 -7.41
C LEU B 248 32.49 -22.55 -8.08
N ALA B 249 31.28 -23.12 -8.05
CA ALA B 249 30.99 -24.39 -8.70
C ALA B 249 31.30 -24.32 -10.19
N CYS B 250 30.84 -23.26 -10.85
CA CYS B 250 31.06 -23.08 -12.28
C CYS B 250 32.53 -22.99 -12.67
N LEU B 251 33.34 -22.33 -11.85
CA LEU B 251 34.76 -22.17 -12.11
C LEU B 251 35.45 -23.49 -12.44
N ILE B 252 35.08 -24.54 -11.71
CA ILE B 252 35.65 -25.87 -11.92
C ILE B 252 34.70 -26.77 -12.70
N GLY B 253 33.45 -26.84 -12.24
CA GLY B 253 32.43 -27.66 -12.88
C GLY B 253 32.20 -27.41 -14.36
N ARG B 254 32.25 -26.16 -14.78
CA ARG B 254 32.00 -25.81 -16.17
C ARG B 254 33.24 -25.90 -17.07
N GLN B 255 34.33 -26.45 -16.52
CA GLN B 255 35.53 -26.65 -17.32
C GLN B 255 35.25 -27.67 -18.42
N PHE B 256 35.84 -27.46 -19.59
CA PHE B 256 35.66 -28.41 -20.69
C PHE B 256 36.55 -29.62 -20.48
N LEU B 257 35.94 -30.74 -20.14
CA LEU B 257 36.68 -31.97 -19.85
C LEU B 257 37.11 -32.67 -21.13
N ASP B 258 37.94 -33.69 -20.98
CA ASP B 258 38.43 -34.48 -22.11
C ASP B 258 37.29 -35.09 -22.90
N PRO B 259 37.19 -34.74 -24.19
CA PRO B 259 36.15 -35.29 -25.06
C PRO B 259 36.34 -36.79 -25.26
N GLU B 260 37.59 -37.21 -25.33
CA GLU B 260 37.94 -38.62 -25.53
C GLU B 260 37.39 -39.51 -24.40
N LYS B 261 37.52 -39.05 -23.16
CA LYS B 261 37.03 -39.82 -22.00
C LYS B 261 35.52 -40.04 -22.05
N ALA B 262 34.85 -39.31 -22.93
CA ALA B 262 33.42 -39.49 -23.18
C ALA B 262 32.55 -39.40 -21.93
N TYR B 263 32.71 -38.34 -21.16
CA TYR B 263 31.87 -38.14 -19.99
C TYR B 263 30.49 -37.70 -20.44
N PRO B 264 29.44 -38.32 -19.88
CA PRO B 264 28.06 -37.92 -20.21
C PRO B 264 27.83 -36.44 -19.92
N GLY B 265 27.52 -35.66 -20.94
CA GLY B 265 27.31 -34.23 -20.77
C GLY B 265 28.48 -33.39 -21.27
N HIS B 266 29.65 -34.03 -21.44
CA HIS B 266 30.84 -33.33 -21.89
C HIS B 266 31.43 -33.94 -23.16
N GLU B 267 30.64 -33.96 -24.23
CA GLU B 267 31.07 -34.55 -25.49
C GLU B 267 31.81 -33.56 -26.40
N LEU B 268 31.64 -32.27 -26.15
CA LEU B 268 32.23 -31.25 -27.02
C LEU B 268 33.10 -30.24 -26.28
N ASP B 269 34.27 -29.94 -26.85
CA ASP B 269 35.19 -28.97 -26.27
C ASP B 269 35.18 -27.69 -27.11
N LEU B 270 34.63 -26.61 -26.55
CA LEU B 270 34.60 -25.32 -27.23
C LEU B 270 35.61 -24.33 -26.68
N PHE B 271 36.35 -24.75 -25.66
CA PHE B 271 37.36 -23.92 -24.98
C PHE B 271 36.74 -22.74 -24.24
N VAL B 272 35.82 -22.03 -24.89
CA VAL B 272 35.14 -20.90 -24.25
C VAL B 272 33.69 -21.27 -23.90
N PRO B 273 33.37 -21.27 -22.60
CA PRO B 273 32.05 -21.62 -22.06
C PRO B 273 31.03 -20.52 -22.29
N VAL B 274 30.55 -20.40 -23.52
CA VAL B 274 29.59 -19.37 -23.91
C VAL B 274 28.42 -19.22 -22.95
N PHE B 275 27.67 -20.30 -22.73
CA PHE B 275 26.48 -20.25 -21.90
C PHE B 275 26.76 -20.04 -20.41
N THR B 276 27.94 -20.44 -19.96
CA THR B 276 28.30 -20.25 -18.56
C THR B 276 28.58 -18.76 -18.32
N PHE B 277 29.22 -18.13 -19.31
CA PHE B 277 29.49 -16.71 -19.25
C PHE B 277 28.18 -15.92 -19.35
N LEU B 278 27.25 -16.42 -20.15
CA LEU B 278 25.94 -15.81 -20.26
C LEU B 278 25.15 -15.95 -18.95
N GLN B 279 25.41 -17.02 -18.21
CA GLN B 279 24.76 -17.21 -16.92
C GLN B 279 25.38 -16.25 -15.90
N PHE B 280 26.67 -15.95 -16.09
CA PHE B 280 27.35 -15.04 -15.21
C PHE B 280 26.76 -13.64 -15.34
N PHE B 281 26.59 -13.18 -16.57
CA PHE B 281 25.99 -11.88 -16.83
C PHE B 281 24.59 -11.81 -16.23
N PHE B 282 23.84 -12.89 -16.40
CA PHE B 282 22.50 -13.00 -15.86
C PHE B 282 22.50 -12.82 -14.34
N TYR B 283 23.13 -13.75 -13.63
CA TYR B 283 23.12 -13.74 -12.16
C TYR B 283 23.96 -12.67 -11.48
N ALA B 284 25.17 -12.45 -11.96
CA ALA B 284 26.00 -11.40 -11.38
C ALA B 284 25.37 -10.04 -11.67
N GLY B 285 24.81 -9.90 -12.86
CA GLY B 285 24.09 -8.69 -13.24
C GLY B 285 22.82 -8.51 -12.43
N TRP B 286 22.15 -9.61 -12.13
CA TRP B 286 20.92 -9.57 -11.33
C TRP B 286 21.26 -9.11 -9.92
N LEU B 287 22.40 -9.56 -9.42
CA LEU B 287 22.87 -9.15 -8.10
C LEU B 287 23.28 -7.68 -8.13
N LYS B 288 23.82 -7.24 -9.26
CA LYS B 288 24.22 -5.85 -9.42
C LYS B 288 23.04 -4.88 -9.38
N VAL B 289 21.86 -5.39 -9.73
CA VAL B 289 20.65 -4.59 -9.64
C VAL B 289 20.47 -4.16 -8.19
N ALA B 290 20.52 -5.14 -7.28
CA ALA B 290 20.42 -4.86 -5.85
C ALA B 290 21.61 -4.03 -5.38
N GLU B 291 22.80 -4.40 -5.85
CA GLU B 291 24.04 -3.72 -5.49
C GLU B 291 23.98 -2.22 -5.76
N GLN B 292 23.35 -1.84 -6.87
CA GLN B 292 23.25 -0.44 -7.26
C GLN B 292 22.09 0.29 -6.54
N LEU B 293 20.94 -0.36 -6.43
CA LEU B 293 19.77 0.29 -5.84
C LEU B 293 19.66 0.18 -4.31
N ILE B 294 20.57 -0.56 -3.68
CA ILE B 294 20.51 -0.72 -2.23
C ILE B 294 20.73 0.62 -1.54
N ASN B 295 21.35 1.55 -2.27
CA ASN B 295 21.56 2.91 -1.80
C ASN B 295 21.44 3.82 -3.01
N PRO B 296 20.23 4.29 -3.30
CA PRO B 296 19.93 5.08 -4.49
C PRO B 296 20.40 6.54 -4.38
N PHE B 297 21.02 6.89 -3.26
CA PHE B 297 21.48 8.26 -3.06
C PHE B 297 23.00 8.34 -3.20
N GLY B 298 23.61 7.29 -3.72
CA GLY B 298 25.04 7.26 -3.94
C GLY B 298 25.41 7.94 -5.25
N GLU B 299 26.56 7.59 -5.80
CA GLU B 299 27.04 8.21 -7.04
C GLU B 299 27.01 7.28 -8.24
N ASP B 300 26.15 6.27 -8.22
CA ASP B 300 26.02 5.37 -9.37
C ASP B 300 25.29 6.09 -10.49
N ASP B 301 25.47 5.60 -11.71
CA ASP B 301 24.80 6.18 -12.87
C ASP B 301 23.28 6.22 -12.66
N ASP B 302 22.73 5.14 -12.11
CA ASP B 302 21.29 5.06 -11.88
C ASP B 302 20.85 5.52 -10.50
N ASP B 303 21.78 6.08 -9.71
CA ASP B 303 21.39 6.66 -8.43
C ASP B 303 20.74 8.02 -8.67
N PHE B 304 19.83 8.42 -7.78
CA PHE B 304 19.07 9.65 -7.95
C PHE B 304 19.90 10.92 -8.15
N GLU B 305 19.36 11.84 -8.94
CA GLU B 305 19.98 13.14 -9.20
C GLU B 305 19.52 14.15 -8.15
N THR B 306 20.00 13.98 -6.91
CA THR B 306 19.53 14.80 -5.81
C THR B 306 19.99 16.26 -5.87
N ASN B 307 21.16 16.51 -6.43
CA ASN B 307 21.68 17.88 -6.50
C ASN B 307 20.89 18.74 -7.48
N TRP B 308 20.47 18.15 -8.59
CA TRP B 308 19.65 18.86 -9.56
C TRP B 308 18.32 19.21 -8.93
N LEU B 309 17.78 18.26 -8.17
CA LEU B 309 16.51 18.45 -7.46
C LEU B 309 16.61 19.65 -6.53
N ILE B 310 17.69 19.73 -5.78
CA ILE B 310 17.94 20.85 -4.88
C ILE B 310 17.95 22.17 -5.64
N ASP B 311 18.68 22.22 -6.74
CA ASP B 311 18.76 23.41 -7.57
C ASP B 311 17.39 23.79 -8.13
N ARG B 312 16.71 22.83 -8.74
CA ARG B 312 15.39 23.06 -9.32
C ARG B 312 14.42 23.58 -8.28
N ASN B 313 14.42 22.96 -7.09
CA ASN B 313 13.50 23.35 -6.04
C ASN B 313 13.76 24.76 -5.56
N LEU B 314 15.02 25.11 -5.38
CA LEU B 314 15.40 26.46 -4.96
C LEU B 314 14.83 27.51 -5.92
N GLN B 315 15.15 27.36 -7.20
CA GLN B 315 14.68 28.27 -8.24
C GLN B 315 13.16 28.41 -8.27
N VAL B 316 12.47 27.28 -8.45
CA VAL B 316 11.01 27.27 -8.54
C VAL B 316 10.30 27.78 -7.28
N SER B 317 10.73 27.31 -6.11
CA SER B 317 10.13 27.71 -4.83
C SER B 317 9.99 29.22 -4.70
N LEU B 318 11.14 29.88 -4.60
CA LEU B 318 11.20 31.34 -4.46
C LEU B 318 10.42 32.06 -5.55
N MET B 319 10.60 31.63 -6.80
CA MET B 319 9.90 32.24 -7.92
C MET B 319 8.38 32.22 -7.78
N ALA B 320 7.85 31.15 -7.21
CA ALA B 320 6.40 31.00 -7.08
C ALA B 320 5.83 31.84 -5.94
N VAL B 321 6.60 32.04 -4.88
CA VAL B 321 6.12 32.80 -3.74
C VAL B 321 6.51 34.27 -3.81
N ASP B 322 7.41 34.61 -4.72
CA ASP B 322 7.84 36.00 -4.88
C ASP B 322 7.25 36.60 -6.14
N GLU B 323 7.93 36.41 -7.27
CA GLU B 323 7.47 36.94 -8.55
C GLU B 323 6.02 36.56 -8.89
N MET B 324 5.50 35.51 -8.27
CA MET B 324 4.18 35.02 -8.62
C MET B 324 3.12 35.26 -7.55
N HIS B 325 3.47 35.93 -6.46
CA HIS B 325 2.50 36.24 -5.42
C HIS B 325 1.41 37.16 -5.96
N GLN B 326 0.16 36.71 -5.86
CA GLN B 326 -1.00 37.46 -6.36
C GLN B 326 -0.78 38.07 -7.75
N ASP B 327 0.07 37.44 -8.55
CA ASP B 327 0.39 37.91 -9.88
C ASP B 327 -0.20 36.96 -10.92
N LEU B 328 -1.28 37.37 -11.55
CA LEU B 328 -1.99 36.51 -12.50
C LEU B 328 -1.98 37.08 -13.90
N PRO B 329 -2.30 36.26 -14.91
CA PRO B 329 -2.43 36.81 -16.25
C PRO B 329 -3.79 37.49 -16.43
N ILE B 330 -3.99 38.15 -17.56
CA ILE B 330 -5.24 38.85 -17.83
C ILE B 330 -6.35 37.85 -18.09
N LEU B 331 -7.41 37.90 -17.28
CA LEU B 331 -8.54 37.01 -17.47
C LEU B 331 -9.22 37.28 -18.81
N GLU B 332 -9.37 36.24 -19.62
CA GLU B 332 -10.07 36.35 -20.89
C GLU B 332 -11.17 35.31 -20.94
N LYS B 333 -12.10 35.50 -21.87
CA LYS B 333 -13.07 34.46 -22.14
C LYS B 333 -12.31 33.39 -22.90
N ASP B 334 -12.55 32.13 -22.55
CA ASP B 334 -11.83 31.04 -23.18
C ASP B 334 -12.37 30.81 -24.59
N LEU B 335 -11.57 30.14 -25.41
CA LEU B 335 -11.92 29.89 -26.81
C LEU B 335 -13.21 29.07 -26.95
N TYR B 336 -13.62 28.42 -25.87
CA TYR B 336 -14.80 27.56 -25.89
C TYR B 336 -15.94 28.14 -25.05
N TRP B 337 -15.88 29.46 -24.83
CA TRP B 337 -16.85 30.19 -24.02
C TRP B 337 -18.30 29.86 -24.39
N ASN B 338 -18.62 29.91 -25.68
CA ASN B 338 -19.98 29.62 -26.14
C ASN B 338 -20.13 28.21 -26.69
N GLU B 339 -19.13 27.38 -26.45
CA GLU B 339 -19.15 26.00 -26.93
C GLU B 339 -19.24 25.01 -25.76
N PRO B 340 -20.43 24.41 -25.56
CA PRO B 340 -20.66 23.44 -24.49
C PRO B 340 -19.93 22.12 -24.71
N ASP B 341 -19.82 21.67 -25.96
CA ASP B 341 -19.12 20.44 -26.30
C ASP B 341 -17.93 20.72 -27.21
N PRO B 342 -16.84 21.26 -26.64
CA PRO B 342 -15.65 21.60 -27.42
C PRO B 342 -15.02 20.39 -28.13
N GLN B 343 -14.46 20.63 -29.30
CA GLN B 343 -13.80 19.59 -30.07
C GLN B 343 -12.38 20.02 -30.43
N PRO B 344 -11.47 20.04 -29.44
CA PRO B 344 -10.08 20.44 -29.66
C PRO B 344 -9.47 19.71 -30.86
N PRO B 345 -8.71 20.44 -31.67
CA PRO B 345 -8.14 19.89 -32.91
C PRO B 345 -7.10 18.81 -32.65
N TYR B 346 -6.72 18.12 -33.72
CA TYR B 346 -5.69 17.10 -33.68
C TYR B 346 -4.71 17.35 -34.79
N THR B 347 -3.43 17.07 -34.56
CA THR B 347 -2.44 17.17 -35.62
C THR B 347 -2.70 16.04 -36.60
N ALA B 348 -2.01 16.06 -37.74
CA ALA B 348 -2.20 15.04 -38.76
C ALA B 348 -1.83 13.66 -38.20
N ALA B 349 -0.72 13.61 -37.47
CA ALA B 349 -0.21 12.36 -36.91
C ALA B 349 -1.04 11.78 -35.76
N THR B 350 -1.88 12.59 -35.12
CA THR B 350 -2.60 12.13 -33.93
C THR B 350 -4.11 12.00 -34.09
N ALA B 351 -4.62 12.11 -35.31
CA ALA B 351 -6.06 12.05 -35.54
C ALA B 351 -6.61 10.67 -35.23
N GLU B 352 -5.78 9.64 -35.38
CA GLU B 352 -6.18 8.28 -35.10
C GLU B 352 -6.52 8.10 -33.62
N TYR B 353 -6.03 9.04 -32.80
CA TYR B 353 -6.22 8.96 -31.37
C TYR B 353 -7.47 9.70 -30.88
N LYS B 354 -8.26 10.23 -31.81
CA LYS B 354 -9.53 10.82 -31.45
C LYS B 354 -10.56 9.70 -31.40
N ARG B 355 -10.90 9.28 -30.19
CA ARG B 355 -11.74 8.10 -30.00
C ARG B 355 -13.13 8.47 -29.51
N PRO B 356 -14.11 7.59 -29.74
CA PRO B 356 -15.43 7.83 -29.17
C PRO B 356 -15.38 7.58 -27.67
N SER B 357 -16.25 8.21 -26.91
CA SER B 357 -16.23 8.08 -25.45
C SER B 357 -16.48 6.65 -24.99
N PHE B 358 -15.64 6.16 -24.08
CA PHE B 358 -15.87 4.86 -23.48
C PHE B 358 -16.93 5.02 -22.40
N LEU B 359 -18.10 4.44 -22.62
CA LEU B 359 -19.22 4.61 -21.72
C LEU B 359 -19.23 3.56 -20.62
N GLY B 360 -18.72 2.38 -20.95
CA GLY B 360 -18.70 1.26 -20.04
C GLY B 360 -18.76 -0.04 -20.81
N SER B 361 -18.30 -1.11 -20.19
CA SER B 361 -18.26 -2.42 -20.85
C SER B 361 -19.66 -2.95 -21.14
N THR B 362 -20.61 -2.65 -20.25
CA THR B 362 -21.95 -3.18 -20.34
C THR B 362 -22.76 -2.67 -21.53
N PHE B 363 -22.41 -1.49 -22.02
CA PHE B 363 -23.18 -0.85 -23.09
C PHE B 363 -22.86 -1.39 -24.47
N ASP B 364 -23.89 -1.50 -25.29
CA ASP B 364 -23.74 -1.95 -26.67
C ASP B 364 -23.10 -0.81 -27.48
N ILE B 365 -22.01 -1.12 -28.17
CA ILE B 365 -21.34 -0.13 -29.00
C ILE B 365 -22.05 -0.01 -30.34
N SER B 366 -22.98 0.94 -30.42
CA SER B 366 -23.76 1.14 -31.64
C SER B 366 -23.92 2.63 -31.95
N THR C 1 -7.99 0.74 -22.94
CA THR C 1 -7.51 1.10 -24.27
C THR C 1 -7.79 -0.03 -25.26
N VAL C 2 -7.47 -1.26 -24.85
CA VAL C 2 -7.93 -2.44 -25.55
C VAL C 2 -8.79 -3.18 -24.51
N THR C 3 -10.03 -2.75 -24.39
CA THR C 3 -10.93 -3.24 -23.37
C THR C 3 -11.70 -4.48 -23.84
N TYR C 4 -11.49 -5.59 -23.17
CA TYR C 4 -12.21 -6.83 -23.47
C TYR C 4 -12.96 -7.26 -22.22
N THR C 5 -13.09 -6.32 -21.28
CA THR C 5 -13.75 -6.53 -19.99
C THR C 5 -15.11 -7.23 -20.09
N ASN C 6 -15.91 -6.88 -21.10
CA ASN C 6 -17.24 -7.44 -21.24
C ASN C 6 -17.21 -8.89 -21.76
N ARG C 7 -16.19 -9.21 -22.55
CA ARG C 7 -16.06 -10.56 -23.09
C ARG C 7 -15.77 -11.55 -21.97
N VAL C 8 -15.00 -11.12 -21.00
CA VAL C 8 -14.57 -11.97 -19.90
C VAL C 8 -15.41 -11.76 -18.64
N ALA C 9 -16.63 -11.28 -18.81
CA ALA C 9 -17.51 -11.02 -17.68
C ALA C 9 -17.86 -12.32 -16.96
N ASP C 10 -18.10 -13.38 -17.72
CA ASP C 10 -18.44 -14.67 -17.15
C ASP C 10 -17.38 -15.71 -17.48
N ALA C 11 -17.25 -16.72 -16.62
CA ALA C 11 -16.29 -17.79 -16.85
C ALA C 11 -16.97 -18.95 -17.55
N ARG C 12 -17.10 -18.84 -18.86
CA ARG C 12 -17.75 -19.86 -19.67
C ARG C 12 -16.71 -20.70 -20.40
N LEU C 13 -17.16 -21.53 -21.34
CA LEU C 13 -16.28 -22.45 -22.07
C LEU C 13 -15.09 -21.78 -22.76
N GLY C 14 -15.35 -20.78 -23.59
CA GLY C 14 -14.29 -20.15 -24.34
C GLY C 14 -13.93 -18.74 -23.92
N THR C 15 -14.14 -18.42 -22.64
CA THR C 15 -13.85 -17.10 -22.09
C THR C 15 -12.46 -16.58 -22.48
N PHE C 16 -11.44 -17.41 -22.31
CA PHE C 16 -10.07 -17.01 -22.60
C PHE C 16 -9.62 -17.46 -23.99
N SER C 17 -10.12 -18.61 -24.43
CA SER C 17 -9.81 -19.16 -25.74
C SER C 17 -10.17 -18.18 -26.86
N GLN C 18 -11.34 -17.57 -26.75
CA GLN C 18 -11.81 -16.59 -27.71
C GLN C 18 -10.80 -15.46 -27.95
N LEU C 19 -10.07 -15.09 -26.91
CA LEU C 19 -9.13 -13.98 -26.96
C LEU C 19 -7.90 -14.31 -27.82
N LEU C 20 -7.71 -15.58 -28.10
CA LEU C 20 -6.60 -16.01 -28.94
C LEU C 20 -6.87 -15.68 -30.41
N LEU C 21 -8.11 -15.32 -30.70
CA LEU C 21 -8.50 -14.97 -32.07
C LEU C 21 -8.51 -13.46 -32.30
N GLN C 22 -8.04 -12.70 -31.32
CA GLN C 22 -8.02 -11.24 -31.43
C GLN C 22 -6.64 -10.74 -31.85
N TRP C 23 -6.61 -9.77 -32.76
CA TRP C 23 -5.36 -9.22 -33.28
C TRP C 23 -4.90 -7.95 -32.59
N LYS C 24 -5.81 -7.01 -32.37
CA LYS C 24 -5.47 -5.73 -31.75
C LYS C 24 -4.84 -5.92 -30.36
N GLY C 25 -3.66 -5.34 -30.17
CA GLY C 25 -2.94 -5.45 -28.92
C GLY C 25 -2.64 -6.87 -28.49
N SER C 26 -2.52 -7.76 -29.49
CA SER C 26 -2.33 -9.18 -29.23
C SER C 26 -0.87 -9.61 -29.18
N ILE C 27 -0.68 -10.85 -28.77
CA ILE C 27 0.65 -11.45 -28.70
C ILE C 27 1.23 -11.65 -30.11
N TYR C 28 0.36 -11.93 -31.08
CA TYR C 28 0.77 -12.13 -32.45
C TYR C 28 1.33 -10.84 -33.05
N LYS C 29 0.62 -9.74 -32.85
CA LYS C 29 1.00 -8.45 -33.39
C LYS C 29 2.32 -7.95 -32.82
N LEU C 30 2.55 -8.23 -31.53
CA LEU C 30 3.76 -7.78 -30.86
C LEU C 30 4.98 -8.68 -31.13
N LEU C 31 4.72 -9.95 -31.43
CA LEU C 31 5.80 -10.91 -31.65
C LEU C 31 6.14 -11.15 -33.12
N TYR C 32 5.22 -10.75 -34.01
CA TYR C 32 5.34 -10.94 -35.46
C TYR C 32 6.76 -10.96 -36.04
N SER C 33 7.41 -9.80 -36.02
CA SER C 33 8.75 -9.67 -36.58
C SER C 33 9.77 -10.61 -35.91
N GLU C 34 9.82 -10.58 -34.58
CA GLU C 34 10.72 -11.43 -33.83
C GLU C 34 10.54 -12.91 -34.17
N PHE C 35 9.29 -13.36 -34.20
CA PHE C 35 8.97 -14.74 -34.51
C PHE C 35 9.50 -15.14 -35.89
N LEU C 36 9.28 -14.28 -36.88
CA LEU C 36 9.74 -14.53 -38.24
C LEU C 36 11.26 -14.68 -38.31
N ILE C 37 11.97 -13.82 -37.61
CA ILE C 37 13.42 -13.90 -37.56
C ILE C 37 13.86 -15.20 -36.90
N PHE C 38 13.16 -15.61 -35.85
CA PHE C 38 13.43 -16.87 -35.17
C PHE C 38 13.18 -18.04 -36.13
N ILE C 39 11.98 -18.07 -36.70
CA ILE C 39 11.60 -19.07 -37.71
C ILE C 39 12.68 -19.22 -38.77
N SER C 40 13.08 -18.10 -39.35
CA SER C 40 14.08 -18.07 -40.42
C SER C 40 15.40 -18.68 -39.97
N LEU C 41 15.99 -18.10 -38.93
CA LEU C 41 17.26 -18.59 -38.38
C LEU C 41 17.22 -20.08 -38.08
N TYR C 42 16.10 -20.56 -37.53
CA TYR C 42 15.97 -21.98 -37.22
C TYR C 42 16.07 -22.84 -38.47
N PHE C 43 15.11 -22.66 -39.38
CA PHE C 43 15.06 -23.45 -40.60
C PHE C 43 16.29 -23.25 -41.49
N ALA C 44 16.94 -22.09 -41.38
CA ALA C 44 18.17 -21.84 -42.11
C ALA C 44 19.23 -22.82 -41.60
N ILE C 45 19.45 -22.81 -40.28
CA ILE C 45 20.34 -23.75 -39.63
C ILE C 45 19.97 -25.20 -39.97
N SER C 46 18.67 -25.48 -39.93
CA SER C 46 18.15 -26.82 -40.20
C SER C 46 18.57 -27.34 -41.59
N LEU C 47 18.47 -26.48 -42.60
CA LEU C 47 18.83 -26.87 -43.96
C LEU C 47 20.33 -27.06 -44.12
N VAL C 48 21.10 -26.18 -43.47
CA VAL C 48 22.56 -26.29 -43.48
C VAL C 48 22.99 -27.66 -42.95
N TYR C 49 22.31 -28.11 -41.91
CA TYR C 49 22.59 -29.40 -41.29
C TYR C 49 22.14 -30.57 -42.19
N ARG C 50 20.94 -30.44 -42.75
CA ARG C 50 20.39 -31.50 -43.59
C ARG C 50 21.01 -31.59 -44.98
N LEU C 51 21.33 -30.44 -45.58
CA LEU C 51 21.79 -30.44 -46.96
C LEU C 51 23.25 -30.04 -47.22
N ILE C 52 23.87 -29.34 -46.28
CA ILE C 52 25.22 -28.82 -46.54
C ILE C 52 26.33 -29.57 -45.79
N LEU C 53 26.22 -29.64 -44.47
CA LEU C 53 27.25 -30.27 -43.64
C LEU C 53 27.61 -31.69 -44.08
N SER C 54 28.89 -32.03 -43.95
CA SER C 54 29.36 -33.36 -44.27
C SER C 54 29.08 -34.29 -43.11
N GLU C 55 29.21 -35.59 -43.34
CA GLU C 55 28.95 -36.60 -42.31
C GLU C 55 29.74 -36.31 -41.02
N SER C 56 30.96 -35.81 -41.18
CA SER C 56 31.81 -35.50 -40.04
C SER C 56 31.37 -34.21 -39.37
N GLN C 57 30.99 -33.22 -40.19
CA GLN C 57 30.50 -31.95 -39.66
C GLN C 57 29.17 -32.14 -38.95
N ARG C 58 28.33 -33.00 -39.52
CA ARG C 58 27.03 -33.32 -38.93
C ARG C 58 27.21 -33.87 -37.53
N LEU C 59 28.26 -34.65 -37.32
CA LEU C 59 28.52 -35.23 -36.01
C LEU C 59 28.92 -34.15 -35.02
N MET C 60 29.63 -33.12 -35.50
CA MET C 60 30.02 -32.01 -34.64
C MET C 60 28.79 -31.18 -34.28
N PHE C 61 27.97 -30.88 -35.29
CA PHE C 61 26.74 -30.14 -35.09
C PHE C 61 25.82 -30.82 -34.07
N GLU C 62 25.73 -32.14 -34.17
CA GLU C 62 24.90 -32.92 -33.26
C GLU C 62 25.41 -32.82 -31.83
N LYS C 63 26.73 -32.79 -31.68
CA LYS C 63 27.35 -32.66 -30.37
C LYS C 63 27.16 -31.24 -29.86
N LEU C 64 27.17 -30.28 -30.78
CA LEU C 64 26.95 -28.88 -30.43
C LEU C 64 25.52 -28.65 -29.98
N ALA C 65 24.57 -29.28 -30.66
CA ALA C 65 23.16 -29.14 -30.32
C ALA C 65 22.83 -29.75 -28.97
N LEU C 66 23.49 -30.85 -28.62
CA LEU C 66 23.28 -31.48 -27.34
C LEU C 66 23.81 -30.57 -26.23
N TYR C 67 24.88 -29.85 -26.54
CA TYR C 67 25.49 -28.91 -25.63
C TYR C 67 24.57 -27.71 -25.39
N CYS C 68 24.11 -27.12 -26.49
CA CYS C 68 23.22 -25.96 -26.44
C CYS C 68 21.90 -26.29 -25.74
N ASN C 69 21.33 -27.44 -26.09
CA ASN C 69 20.03 -27.84 -25.54
C ASN C 69 20.06 -27.99 -24.02
N SER C 70 21.20 -28.38 -23.49
CA SER C 70 21.33 -28.57 -22.05
C SER C 70 21.35 -27.24 -21.30
N TYR C 71 21.44 -26.13 -22.05
CA TYR C 71 21.48 -24.80 -21.44
C TYR C 71 20.19 -24.03 -21.67
N ALA C 72 19.23 -24.66 -22.32
CA ALA C 72 17.92 -24.05 -22.46
C ALA C 72 17.13 -24.38 -21.19
N GLU C 73 17.26 -23.52 -20.20
CA GLU C 73 16.64 -23.75 -18.91
C GLU C 73 15.56 -22.69 -18.63
N LEU C 74 14.33 -23.16 -18.54
CA LEU C 74 13.17 -22.28 -18.36
C LEU C 74 13.01 -21.72 -16.96
N ILE C 75 13.30 -22.54 -15.95
CA ILE C 75 13.14 -22.15 -14.55
C ILE C 75 13.83 -20.83 -14.18
N PRO C 76 15.13 -20.67 -14.52
CA PRO C 76 15.75 -19.39 -14.17
C PRO C 76 15.15 -18.20 -14.92
N VAL C 77 14.82 -18.41 -16.20
CA VAL C 77 14.22 -17.35 -17.01
C VAL C 77 12.82 -16.98 -16.51
N SER C 78 12.04 -17.99 -16.15
CA SER C 78 10.69 -17.78 -15.64
C SER C 78 10.72 -16.97 -14.34
N PHE C 79 11.76 -17.17 -13.54
CA PHE C 79 11.92 -16.45 -12.29
C PHE C 79 12.05 -14.95 -12.53
N VAL C 80 13.11 -14.57 -13.25
CA VAL C 80 13.40 -13.17 -13.51
C VAL C 80 12.27 -12.46 -14.25
N LEU C 81 11.62 -13.16 -15.19
CA LEU C 81 10.48 -12.60 -15.91
C LEU C 81 9.33 -12.25 -14.95
N GLY C 82 8.89 -13.25 -14.20
CA GLY C 82 7.83 -13.07 -13.23
C GLY C 82 8.01 -11.86 -12.32
N PHE C 83 9.20 -11.76 -11.72
CA PHE C 83 9.51 -10.66 -10.82
C PHE C 83 9.59 -9.32 -11.55
N TYR C 84 10.20 -9.32 -12.73
CA TYR C 84 10.39 -8.10 -13.52
C TYR C 84 9.06 -7.59 -14.08
N VAL C 85 8.30 -8.48 -14.70
CA VAL C 85 7.01 -8.11 -15.28
C VAL C 85 6.07 -7.62 -14.17
N SER C 86 6.21 -8.19 -12.98
CA SER C 86 5.42 -7.77 -11.83
C SER C 86 5.72 -6.32 -11.47
N LEU C 87 7.01 -5.97 -11.49
CA LEU C 87 7.43 -4.60 -11.25
C LEU C 87 6.84 -3.67 -12.29
N VAL C 88 6.93 -4.07 -13.56
CA VAL C 88 6.40 -3.27 -14.66
C VAL C 88 4.89 -3.07 -14.52
N VAL C 89 4.17 -4.16 -14.28
CA VAL C 89 2.72 -4.13 -14.14
C VAL C 89 2.31 -3.24 -12.96
N SER C 90 3.09 -3.30 -11.89
CA SER C 90 2.86 -2.47 -10.71
C SER C 90 2.93 -0.98 -11.05
N ARG C 91 4.02 -0.57 -11.66
CA ARG C 91 4.21 0.82 -12.08
C ARG C 91 3.14 1.22 -13.10
N TRP C 92 2.81 0.29 -13.98
CA TRP C 92 1.79 0.49 -15.01
C TRP C 92 0.47 0.98 -14.42
N TRP C 93 -0.03 0.30 -13.39
CA TRP C 93 -1.29 0.69 -12.78
C TRP C 93 -1.14 1.95 -11.93
N ALA C 94 0.03 2.12 -11.32
CA ALA C 94 0.30 3.30 -10.51
C ALA C 94 0.27 4.55 -11.38
N GLN C 95 0.81 4.41 -12.59
CA GLN C 95 0.83 5.53 -13.52
C GLN C 95 -0.57 5.91 -13.98
N TYR C 96 -1.44 4.92 -14.17
CA TYR C 96 -2.81 5.21 -14.54
C TYR C 96 -3.51 6.03 -13.47
N GLU C 97 -3.43 5.57 -12.22
CA GLU C 97 -4.07 6.24 -11.11
C GLU C 97 -3.45 7.61 -10.83
N SER C 98 -2.32 7.88 -11.49
CA SER C 98 -1.65 9.16 -11.35
C SER C 98 -2.11 10.14 -12.42
N ILE C 99 -2.93 9.68 -13.35
CA ILE C 99 -3.51 10.57 -14.34
C ILE C 99 -4.59 11.38 -13.64
N PRO C 100 -4.39 12.70 -13.57
CA PRO C 100 -5.31 13.59 -12.84
C PRO C 100 -6.69 13.73 -13.47
N TRP C 101 -7.72 13.70 -12.63
CA TRP C 101 -9.10 13.90 -13.05
C TRP C 101 -9.61 15.18 -12.40
N PRO C 102 -10.34 16.00 -13.16
CA PRO C 102 -10.84 17.28 -12.66
C PRO C 102 -12.00 17.15 -11.67
N ASP C 103 -12.76 16.07 -11.79
CA ASP C 103 -14.00 15.85 -11.05
C ASP C 103 -14.06 16.30 -9.57
N ARG C 104 -12.99 16.09 -8.81
CA ARG C 104 -13.04 16.49 -7.39
C ARG C 104 -12.94 18.01 -7.21
N ILE C 105 -12.05 18.65 -7.95
CA ILE C 105 -11.94 20.11 -7.93
C ILE C 105 -13.21 20.66 -8.55
N MET C 106 -13.60 20.02 -9.66
CA MET C 106 -14.80 20.33 -10.42
C MET C 106 -16.05 20.49 -9.55
N ASN C 107 -16.26 19.55 -8.64
CA ASN C 107 -17.42 19.60 -7.75
C ASN C 107 -17.40 20.79 -6.80
N LEU C 108 -16.22 21.09 -6.25
CA LEU C 108 -16.07 22.19 -5.31
C LEU C 108 -16.19 23.56 -5.98
N VAL C 109 -15.44 23.76 -7.06
CA VAL C 109 -15.44 25.02 -7.79
C VAL C 109 -16.85 25.35 -8.29
N SER C 110 -17.56 24.32 -8.76
CA SER C 110 -18.91 24.50 -9.29
C SER C 110 -19.91 24.99 -8.24
N CYS C 111 -19.76 24.55 -6.99
CA CYS C 111 -20.72 24.91 -5.96
C CYS C 111 -20.25 26.02 -5.00
N ASN C 112 -18.93 26.21 -4.87
CA ASN C 112 -18.41 27.16 -3.90
C ASN C 112 -17.82 28.46 -4.47
N VAL C 113 -17.90 28.66 -5.77
CA VAL C 113 -17.46 29.93 -6.34
C VAL C 113 -18.73 30.65 -6.82
N ASP C 114 -19.18 31.59 -6.00
CA ASP C 114 -20.47 32.26 -6.19
C ASP C 114 -20.54 33.21 -7.39
N GLY C 115 -21.76 33.39 -7.88
CA GLY C 115 -22.01 34.32 -8.97
C GLY C 115 -22.70 33.70 -10.18
N GLU C 116 -23.86 34.25 -10.51
CA GLU C 116 -24.60 33.82 -11.70
C GLU C 116 -24.43 34.88 -12.78
N ASP C 117 -23.43 35.74 -12.59
CA ASP C 117 -23.10 36.80 -13.53
C ASP C 117 -21.87 36.42 -14.34
N GLU C 118 -21.72 37.04 -15.50
CA GLU C 118 -20.61 36.77 -16.42
C GLU C 118 -19.25 36.63 -15.74
N TYR C 119 -18.99 37.43 -14.71
CA TYR C 119 -17.70 37.35 -14.02
C TYR C 119 -17.61 36.04 -13.24
N GLY C 120 -18.66 35.73 -12.49
CA GLY C 120 -18.72 34.47 -11.75
C GLY C 120 -18.54 33.29 -12.68
N ARG C 121 -19.07 33.40 -13.89
CA ARG C 121 -18.94 32.36 -14.91
C ARG C 121 -17.50 32.31 -15.40
N LEU C 122 -16.94 33.46 -15.74
CA LEU C 122 -15.57 33.55 -16.21
C LEU C 122 -14.59 33.07 -15.14
N LEU C 123 -14.94 33.33 -13.89
CA LEU C 123 -14.10 32.94 -12.76
C LEU C 123 -14.01 31.42 -12.65
N ARG C 124 -15.17 30.77 -12.58
CA ARG C 124 -15.25 29.32 -12.49
C ARG C 124 -14.60 28.61 -13.69
N ARG C 125 -14.87 29.11 -14.89
CA ARG C 125 -14.30 28.51 -16.09
C ARG C 125 -12.78 28.64 -16.13
N THR C 126 -12.27 29.78 -15.66
CA THR C 126 -10.83 30.03 -15.70
C THR C 126 -10.11 29.16 -14.67
N LEU C 127 -10.75 28.93 -13.52
CA LEU C 127 -10.19 28.08 -12.49
C LEU C 127 -9.99 26.65 -12.99
N MET C 128 -11.05 26.08 -13.55
CA MET C 128 -11.00 24.74 -14.12
C MET C 128 -9.92 24.61 -15.18
N ARG C 129 -9.84 25.61 -16.08
CA ARG C 129 -8.86 25.58 -17.14
C ARG C 129 -7.43 25.58 -16.62
N TYR C 130 -7.22 26.21 -15.45
CA TYR C 130 -5.90 26.23 -14.85
C TYR C 130 -5.53 24.83 -14.37
N SER C 131 -6.54 24.09 -13.92
CA SER C 131 -6.37 22.70 -13.53
C SER C 131 -6.04 21.86 -14.75
N ASN C 132 -6.91 21.92 -15.75
CA ASN C 132 -6.72 21.17 -16.99
C ASN C 132 -5.41 21.51 -17.69
N LEU C 133 -4.97 22.75 -17.55
CA LEU C 133 -3.72 23.17 -18.17
C LEU C 133 -2.55 22.53 -17.43
N CYS C 134 -2.65 22.48 -16.11
CA CYS C 134 -1.64 21.87 -15.26
C CYS C 134 -1.45 20.41 -15.67
N SER C 135 -2.55 19.76 -16.05
CA SER C 135 -2.55 18.38 -16.51
C SER C 135 -1.98 18.22 -17.93
N VAL C 136 -2.60 18.90 -18.88
CA VAL C 136 -2.14 18.85 -20.28
C VAL C 136 -0.63 19.12 -20.41
N LEU C 137 -0.12 20.06 -19.62
CA LEU C 137 1.31 20.38 -19.67
C LEU C 137 2.18 19.20 -19.26
N ILE C 138 1.80 18.49 -18.20
CA ILE C 138 2.58 17.34 -17.75
C ILE C 138 2.38 16.14 -18.68
N LEU C 139 1.15 15.94 -19.17
CA LEU C 139 0.86 14.83 -20.09
C LEU C 139 1.67 14.92 -21.38
N ARG C 140 1.83 16.12 -21.93
CA ARG C 140 2.58 16.27 -23.18
C ARG C 140 4.07 16.14 -22.91
N SER C 141 4.44 16.06 -21.63
CA SER C 141 5.82 15.87 -21.23
C SER C 141 6.16 14.39 -21.07
N VAL C 142 5.14 13.59 -20.80
CA VAL C 142 5.35 12.17 -20.54
C VAL C 142 4.73 11.25 -21.59
N SER C 143 3.74 11.76 -22.33
CA SER C 143 3.06 10.95 -23.33
C SER C 143 3.40 11.36 -24.76
N THR C 144 3.93 10.41 -25.54
CA THR C 144 4.29 10.68 -26.91
C THR C 144 3.03 10.89 -27.75
N ALA C 145 1.94 10.24 -27.34
CA ALA C 145 0.67 10.37 -28.03
C ALA C 145 0.14 11.78 -27.89
N VAL C 146 0.33 12.37 -26.72
CA VAL C 146 -0.13 13.73 -26.45
C VAL C 146 0.83 14.75 -27.07
N TYR C 147 2.13 14.54 -26.87
CA TYR C 147 3.13 15.46 -27.41
C TYR C 147 3.00 15.64 -28.92
N LYS C 148 2.75 14.56 -29.65
CA LYS C 148 2.61 14.66 -31.10
C LYS C 148 1.36 15.46 -31.48
N ARG C 149 0.49 15.70 -30.50
CA ARG C 149 -0.71 16.51 -30.71
C ARG C 149 -0.45 17.95 -30.26
N PHE C 150 0.49 18.11 -29.35
CA PHE C 150 0.86 19.44 -28.85
C PHE C 150 2.38 19.61 -28.83
N PRO C 151 3.02 19.48 -30.01
CA PRO C 151 4.49 19.51 -30.11
C PRO C 151 5.11 20.82 -29.64
N SER C 152 4.34 21.90 -29.72
CA SER C 152 4.82 23.22 -29.34
C SER C 152 3.79 23.90 -28.47
N MET C 153 4.24 24.86 -27.66
CA MET C 153 3.34 25.60 -26.77
C MET C 153 2.29 26.38 -27.56
N GLU C 154 2.57 26.62 -28.84
CA GLU C 154 1.60 27.29 -29.71
C GLU C 154 0.39 26.39 -29.95
N HIS C 155 0.65 25.09 -30.10
CA HIS C 155 -0.42 24.11 -30.31
C HIS C 155 -1.38 24.13 -29.13
N VAL C 156 -0.83 24.24 -27.93
CA VAL C 156 -1.62 24.28 -26.70
C VAL C 156 -2.57 25.47 -26.74
N VAL C 157 -2.05 26.62 -27.14
CA VAL C 157 -2.82 27.85 -27.24
C VAL C 157 -3.92 27.75 -28.30
N ARG C 158 -3.51 27.41 -29.52
CA ARG C 158 -4.44 27.31 -30.64
C ARG C 158 -5.55 26.26 -30.42
N ALA C 159 -5.28 25.30 -29.54
CA ALA C 159 -6.26 24.25 -29.26
C ALA C 159 -7.28 24.73 -28.23
N GLY C 160 -7.02 25.89 -27.64
CA GLY C 160 -7.95 26.48 -26.69
C GLY C 160 -7.76 26.01 -25.26
N LEU C 161 -6.57 25.49 -24.96
CA LEU C 161 -6.26 25.03 -23.62
C LEU C 161 -5.53 26.12 -22.84
N MET C 162 -5.08 27.14 -23.56
CA MET C 162 -4.35 28.25 -22.97
C MET C 162 -4.59 29.53 -23.78
N THR C 163 -4.83 30.64 -23.09
CA THR C 163 -5.04 31.91 -23.79
C THR C 163 -3.69 32.55 -24.13
N PRO C 164 -3.66 33.39 -25.16
CA PRO C 164 -2.42 34.07 -25.55
C PRO C 164 -1.86 34.98 -24.45
N GLU C 165 -2.74 35.51 -23.60
CA GLU C 165 -2.29 36.30 -22.46
C GLU C 165 -1.58 35.40 -21.46
N GLU C 166 -2.19 34.25 -21.20
CA GLU C 166 -1.61 33.25 -20.30
C GLU C 166 -0.25 32.79 -20.82
N HIS C 167 -0.17 32.60 -22.14
CA HIS C 167 1.08 32.21 -22.78
C HIS C 167 2.13 33.32 -22.61
N LYS C 168 1.67 34.56 -22.63
CA LYS C 168 2.56 35.70 -22.46
C LYS C 168 3.10 35.72 -21.03
N LYS C 169 2.20 35.54 -20.08
CA LYS C 169 2.56 35.47 -18.66
C LYS C 169 3.47 34.28 -18.42
N PHE C 170 3.18 33.20 -19.14
CA PHE C 170 3.95 31.96 -19.08
C PHE C 170 5.42 32.23 -19.44
N GLU C 171 5.62 32.87 -20.59
CA GLU C 171 6.97 33.20 -21.07
C GLU C 171 7.67 34.20 -20.17
N SER C 172 6.92 35.15 -19.62
CA SER C 172 7.47 36.20 -18.77
C SER C 172 8.18 35.62 -17.56
N LEU C 173 7.69 34.49 -17.07
CA LEU C 173 8.29 33.81 -15.92
C LEU C 173 9.50 33.01 -16.35
N ASN C 174 10.68 33.51 -16.01
CA ASN C 174 11.92 32.89 -16.46
C ASN C 174 12.34 31.72 -15.58
N SER C 175 12.34 30.53 -16.16
CA SER C 175 12.75 29.31 -15.46
C SER C 175 13.25 28.27 -16.45
N PRO C 176 14.38 27.63 -16.14
CA PRO C 176 14.97 26.61 -17.01
C PRO C 176 14.29 25.25 -16.90
N HIS C 177 13.41 25.11 -15.91
CA HIS C 177 12.76 23.84 -15.63
C HIS C 177 11.37 23.77 -16.26
N ASN C 178 10.80 22.56 -16.26
CA ASN C 178 9.45 22.35 -16.77
C ASN C 178 8.43 23.21 -16.01
N LYS C 179 7.68 24.03 -16.74
CA LYS C 179 6.72 24.96 -16.14
C LYS C 179 5.31 24.40 -15.91
N PHE C 180 5.16 23.07 -15.94
CA PHE C 180 3.82 22.47 -15.77
C PHE C 180 3.17 22.89 -14.45
N TRP C 181 3.99 23.31 -13.50
CA TRP C 181 3.52 23.70 -12.17
C TRP C 181 2.94 25.11 -12.13
N ILE C 182 3.22 25.91 -13.16
CA ILE C 182 2.75 27.29 -13.23
C ILE C 182 1.23 27.41 -13.05
N PRO C 183 0.41 26.80 -13.95
CA PRO C 183 -1.04 26.93 -13.80
C PRO C 183 -1.56 26.57 -12.40
N CYS C 184 -0.84 25.67 -11.73
CA CYS C 184 -1.24 25.20 -10.41
C CYS C 184 -1.05 26.32 -9.38
N VAL C 185 -0.08 27.20 -9.65
CA VAL C 185 0.16 28.36 -8.79
C VAL C 185 -0.89 29.43 -9.08
N TRP C 186 -1.11 29.70 -10.36
CA TRP C 186 -2.15 30.62 -10.81
C TRP C 186 -3.50 30.30 -10.16
N PHE C 187 -3.86 29.02 -10.18
CA PHE C 187 -5.11 28.54 -9.59
C PHE C 187 -5.26 28.97 -8.13
N SER C 188 -4.24 28.64 -7.33
CA SER C 188 -4.27 28.96 -5.90
C SER C 188 -4.38 30.47 -5.67
N ASN C 189 -3.64 31.24 -6.46
CA ASN C 189 -3.72 32.70 -6.38
C ASN C 189 -5.09 33.22 -6.81
N LEU C 190 -5.61 32.70 -7.92
CA LEU C 190 -6.91 33.11 -8.43
C LEU C 190 -8.02 32.71 -7.46
N ALA C 191 -7.85 31.59 -6.78
CA ALA C 191 -8.84 31.12 -5.82
C ALA C 191 -8.87 32.04 -4.62
N VAL C 192 -7.71 32.55 -4.24
CA VAL C 192 -7.59 33.47 -3.11
C VAL C 192 -8.19 34.82 -3.49
N LYS C 193 -7.81 35.33 -4.67
CA LYS C 193 -8.37 36.57 -5.19
C LYS C 193 -9.89 36.48 -5.24
N ALA C 194 -10.39 35.32 -5.67
CA ALA C 194 -11.83 35.10 -5.75
C ALA C 194 -12.47 35.19 -4.37
N ARG C 195 -11.76 34.73 -3.35
CA ARG C 195 -12.29 34.75 -1.99
C ARG C 195 -12.32 36.18 -1.45
N ASN C 196 -11.30 36.96 -1.81
CA ASN C 196 -11.21 38.34 -1.37
C ASN C 196 -12.29 39.20 -2.02
N GLU C 197 -12.67 38.85 -3.24
CA GLU C 197 -13.75 39.53 -3.93
C GLU C 197 -15.11 39.09 -3.40
N GLY C 198 -15.10 38.21 -2.41
CA GLY C 198 -16.33 37.71 -1.81
C GLY C 198 -17.02 36.60 -2.57
N ARG C 199 -16.35 36.06 -3.59
CA ARG C 199 -16.93 34.99 -4.40
C ARG C 199 -16.79 33.62 -3.72
N ILE C 200 -15.93 33.56 -2.71
CA ILE C 200 -15.79 32.35 -1.91
C ILE C 200 -16.01 32.70 -0.45
N ARG C 201 -17.14 32.25 0.09
CA ARG C 201 -17.59 32.59 1.43
C ARG C 201 -16.51 32.48 2.52
N ASP C 202 -16.26 31.27 3.02
CA ASP C 202 -15.30 31.09 4.11
C ASP C 202 -13.91 30.70 3.63
N SER C 203 -12.99 30.58 4.56
CA SER C 203 -11.63 30.12 4.28
C SER C 203 -11.63 28.60 4.33
N VAL C 204 -12.59 28.06 5.06
CA VAL C 204 -12.81 26.62 5.14
C VAL C 204 -13.09 26.08 3.74
N LEU C 205 -13.96 26.79 3.01
CA LEU C 205 -14.29 26.40 1.64
C LEU C 205 -13.12 26.66 0.69
N LEU C 206 -12.33 27.68 1.00
CA LEU C 206 -11.18 28.02 0.16
C LEU C 206 -10.06 27.01 0.31
N GLN C 207 -9.75 26.65 1.55
CA GLN C 207 -8.70 25.68 1.83
C GLN C 207 -9.08 24.32 1.23
N GLY C 208 -10.37 24.00 1.29
CA GLY C 208 -10.90 22.79 0.70
C GLY C 208 -10.64 22.72 -0.79
N ILE C 209 -10.72 23.87 -1.45
CA ILE C 209 -10.48 23.95 -2.89
C ILE C 209 -8.97 23.90 -3.14
N LEU C 210 -8.21 24.53 -2.26
CA LEU C 210 -6.76 24.55 -2.38
C LEU C 210 -6.18 23.15 -2.17
N ASN C 211 -6.82 22.37 -1.31
CA ASN C 211 -6.39 21.00 -1.04
C ASN C 211 -6.53 20.11 -2.26
N GLU C 212 -7.71 20.14 -2.88
CA GLU C 212 -7.96 19.35 -4.09
C GLU C 212 -7.01 19.74 -5.22
N LEU C 213 -6.58 20.99 -5.23
CA LEU C 213 -5.58 21.44 -6.19
C LEU C 213 -4.25 20.77 -5.92
N ASN C 214 -3.80 20.85 -4.68
CA ASN C 214 -2.56 20.22 -4.26
C ASN C 214 -2.52 18.73 -4.58
N THR C 215 -3.66 18.07 -4.41
CA THR C 215 -3.81 16.67 -4.77
C THR C 215 -3.51 16.47 -6.25
N LEU C 216 -4.10 17.31 -7.09
CA LEU C 216 -3.86 17.27 -8.53
C LEU C 216 -2.40 17.52 -8.85
N ARG C 217 -1.77 18.41 -8.09
CA ARG C 217 -0.36 18.70 -8.27
C ARG C 217 0.47 17.45 -7.96
N SER C 218 0.10 16.75 -6.90
CA SER C 218 0.77 15.51 -6.51
C SER C 218 0.62 14.45 -7.59
N GLN C 219 -0.54 14.46 -8.25
CA GLN C 219 -0.79 13.54 -9.34
C GLN C 219 0.18 13.80 -10.48
N CYS C 220 0.31 15.06 -10.86
CA CYS C 220 1.23 15.49 -11.91
C CYS C 220 2.67 15.15 -11.56
N GLY C 221 3.00 15.23 -10.27
CA GLY C 221 4.32 14.92 -9.79
C GLY C 221 4.65 13.45 -9.97
N ARG C 222 3.68 12.60 -9.67
CA ARG C 222 3.85 11.16 -9.83
C ARG C 222 4.13 10.80 -11.28
N LEU C 223 3.38 11.40 -12.19
CA LEU C 223 3.57 11.19 -13.62
C LEU C 223 4.98 11.59 -14.04
N TYR C 224 5.42 12.73 -13.54
CA TYR C 224 6.77 13.22 -13.80
C TYR C 224 7.81 12.23 -13.27
N GLY C 225 7.58 11.73 -12.07
CA GLY C 225 8.48 10.78 -11.43
C GLY C 225 8.67 9.48 -12.18
N TYR C 226 7.57 8.87 -12.60
CA TYR C 226 7.62 7.62 -13.34
C TYR C 226 8.26 7.79 -14.71
N ASP C 227 8.10 8.99 -15.29
CA ASP C 227 8.71 9.30 -16.57
C ASP C 227 10.20 9.53 -16.42
N TRP C 228 10.56 10.23 -15.35
CA TRP C 228 11.95 10.56 -15.07
C TRP C 228 12.71 9.33 -14.60
N ILE C 229 12.20 8.71 -13.55
CA ILE C 229 12.85 7.54 -12.95
C ILE C 229 12.42 6.26 -13.65
N SER C 230 13.15 5.86 -14.68
CA SER C 230 12.88 4.62 -15.39
C SER C 230 13.26 3.45 -14.50
N ILE C 231 12.75 2.27 -14.85
CA ILE C 231 13.22 1.05 -14.21
C ILE C 231 14.69 0.95 -14.56
N PRO C 232 15.56 0.74 -13.56
CA PRO C 232 17.00 0.67 -13.76
C PRO C 232 17.40 -0.12 -15.00
N LEU C 233 18.20 0.50 -15.86
CA LEU C 233 18.61 -0.08 -17.14
C LEU C 233 19.20 -1.46 -16.98
N VAL C 234 20.07 -1.63 -15.98
CA VAL C 234 20.72 -2.90 -15.72
C VAL C 234 19.70 -4.03 -15.53
N TYR C 235 18.62 -3.74 -14.80
CA TYR C 235 17.57 -4.72 -14.55
C TYR C 235 16.91 -5.14 -15.86
N THR C 236 16.57 -4.14 -16.68
CA THR C 236 15.97 -4.38 -17.97
C THR C 236 16.88 -5.23 -18.86
N GLN C 237 18.18 -4.91 -18.86
CA GLN C 237 19.14 -5.65 -19.68
C GLN C 237 19.27 -7.10 -19.24
N VAL C 238 19.31 -7.31 -17.92
CA VAL C 238 19.41 -8.65 -17.35
C VAL C 238 18.32 -9.58 -17.88
N VAL C 239 17.07 -9.13 -17.86
CA VAL C 239 15.97 -9.99 -18.31
C VAL C 239 15.98 -10.26 -19.81
N THR C 240 16.52 -9.34 -20.61
CA THR C 240 16.59 -9.57 -22.05
C THR C 240 17.76 -10.51 -22.36
N VAL C 241 18.83 -10.39 -21.59
CA VAL C 241 19.98 -11.27 -21.73
C VAL C 241 19.55 -12.70 -21.40
N ALA C 242 18.82 -12.85 -20.30
CA ALA C 242 18.32 -14.15 -19.87
C ALA C 242 17.41 -14.76 -20.92
N VAL C 243 16.46 -13.96 -21.41
CA VAL C 243 15.52 -14.42 -22.43
C VAL C 243 16.24 -14.81 -23.72
N TYR C 244 17.10 -13.93 -24.21
CA TYR C 244 17.83 -14.19 -25.45
C TYR C 244 18.79 -15.37 -25.33
N SER C 245 19.39 -15.53 -24.16
CA SER C 245 20.25 -16.68 -23.88
C SER C 245 19.49 -17.98 -24.13
N PHE C 246 18.24 -18.01 -23.65
CA PHE C 246 17.37 -19.16 -23.85
C PHE C 246 17.12 -19.45 -25.32
N PHE C 247 16.71 -18.43 -26.07
CA PHE C 247 16.41 -18.61 -27.49
C PHE C 247 17.66 -18.89 -28.32
N LEU C 248 18.81 -18.44 -27.85
CA LEU C 248 20.07 -18.76 -28.52
C LEU C 248 20.32 -20.27 -28.43
N ALA C 249 20.14 -20.80 -27.23
CA ALA C 249 20.26 -22.24 -26.99
C ALA C 249 19.28 -23.03 -27.86
N CYS C 250 18.03 -22.60 -27.88
CA CYS C 250 16.99 -23.26 -28.67
C CYS C 250 17.28 -23.29 -30.17
N LEU C 251 17.85 -22.21 -30.70
CA LEU C 251 18.17 -22.12 -32.11
C LEU C 251 18.99 -23.33 -32.61
N ILE C 252 19.92 -23.77 -31.79
CA ILE C 252 20.76 -24.91 -32.14
C ILE C 252 20.32 -26.17 -31.41
N GLY C 253 20.16 -26.07 -30.09
CA GLY C 253 19.75 -27.19 -29.27
C GLY C 253 18.45 -27.88 -29.68
N ARG C 254 17.47 -27.11 -30.12
CA ARG C 254 16.17 -27.67 -30.51
C ARG C 254 16.12 -28.15 -31.96
N GLN C 255 17.27 -28.18 -32.62
CA GLN C 255 17.33 -28.71 -33.98
C GLN C 255 17.01 -30.21 -33.96
N PHE C 256 16.30 -30.69 -34.98
CA PHE C 256 15.98 -32.10 -35.06
C PHE C 256 17.19 -32.88 -35.56
N LEU C 257 17.81 -33.64 -34.67
CA LEU C 257 19.01 -34.39 -35.01
C LEU C 257 18.66 -35.67 -35.76
N ASP C 258 19.69 -36.33 -36.28
CA ASP C 258 19.54 -37.58 -37.01
C ASP C 258 18.84 -38.64 -36.16
N PRO C 259 17.68 -39.12 -36.63
CA PRO C 259 16.95 -40.16 -35.92
C PRO C 259 17.73 -41.47 -35.88
N GLU C 260 18.44 -41.75 -36.97
CA GLU C 260 19.24 -42.97 -37.08
C GLU C 260 20.30 -43.07 -35.99
N LYS C 261 20.99 -41.96 -35.71
CA LYS C 261 22.03 -41.95 -34.67
C LYS C 261 21.48 -42.27 -33.29
N ALA C 262 20.16 -42.25 -33.16
CA ALA C 262 19.47 -42.67 -31.94
C ALA C 262 19.95 -41.94 -30.69
N TYR C 263 19.97 -40.62 -30.72
CA TYR C 263 20.33 -39.84 -29.55
C TYR C 263 19.19 -39.88 -28.55
N PRO C 264 19.48 -40.14 -27.28
CA PRO C 264 18.45 -40.13 -26.24
C PRO C 264 17.74 -38.78 -26.19
N GLY C 265 16.43 -38.78 -26.45
CA GLY C 265 15.67 -37.54 -26.47
C GLY C 265 15.35 -37.06 -27.88
N HIS C 266 16.06 -37.58 -28.87
CA HIS C 266 15.86 -37.17 -30.25
C HIS C 266 15.54 -38.36 -31.16
N GLU C 267 14.45 -39.07 -30.85
CA GLU C 267 14.07 -40.24 -31.62
C GLU C 267 13.18 -39.92 -32.83
N LEU C 268 12.55 -38.74 -32.82
CA LEU C 268 11.61 -38.38 -33.87
C LEU C 268 11.94 -37.06 -34.56
N ASP C 269 11.87 -37.05 -35.88
CA ASP C 269 12.12 -35.86 -36.68
C ASP C 269 10.80 -35.31 -37.24
N LEU C 270 10.36 -34.17 -36.72
CA LEU C 270 9.13 -33.54 -37.20
C LEU C 270 9.38 -32.33 -38.08
N PHE C 271 10.66 -32.01 -38.29
CA PHE C 271 11.10 -30.86 -39.09
C PHE C 271 10.70 -29.51 -38.46
N VAL C 272 9.46 -29.40 -38.01
CA VAL C 272 8.99 -28.19 -37.36
C VAL C 272 8.84 -28.40 -35.84
N PRO C 273 9.64 -27.67 -35.05
CA PRO C 273 9.65 -27.74 -33.59
C PRO C 273 8.45 -27.06 -32.96
N VAL C 274 7.30 -27.73 -33.03
CA VAL C 274 6.03 -27.20 -32.52
C VAL C 274 6.13 -26.62 -31.10
N PHE C 275 6.60 -27.43 -30.16
CA PHE C 275 6.65 -27.01 -28.77
C PHE C 275 7.72 -25.94 -28.49
N THR C 276 8.76 -25.89 -29.31
CA THR C 276 9.80 -24.88 -29.13
C THR C 276 9.25 -23.53 -29.57
N PHE C 277 8.46 -23.54 -30.64
CA PHE C 277 7.80 -22.34 -31.14
C PHE C 277 6.75 -21.88 -30.13
N LEU C 278 6.07 -22.83 -29.51
CA LEU C 278 5.08 -22.52 -28.48
C LEU C 278 5.76 -21.92 -27.24
N GLN C 279 7.00 -22.33 -26.99
CA GLN C 279 7.76 -21.78 -25.88
C GLN C 279 8.21 -20.36 -26.22
N PHE C 280 8.44 -20.12 -27.51
CA PHE C 280 8.86 -18.80 -27.96
C PHE C 280 7.72 -17.81 -27.72
N PHE C 281 6.51 -18.18 -28.14
CA PHE C 281 5.34 -17.33 -27.94
C PHE C 281 5.15 -17.05 -26.46
N PHE C 282 5.32 -18.08 -25.65
CA PHE C 282 5.20 -17.97 -24.20
C PHE C 282 6.18 -16.93 -23.65
N TYR C 283 7.47 -17.20 -23.77
CA TYR C 283 8.50 -16.35 -23.18
C TYR C 283 8.74 -15.02 -23.88
N ALA C 284 8.79 -15.01 -25.21
CA ALA C 284 8.96 -13.76 -25.93
C ALA C 284 7.73 -12.89 -25.72
N GLY C 285 6.57 -13.52 -25.70
CA GLY C 285 5.32 -12.82 -25.43
C GLY C 285 5.24 -12.31 -24.00
N TRP C 286 5.82 -13.08 -23.07
CA TRP C 286 5.84 -12.69 -21.67
C TRP C 286 6.71 -11.45 -21.51
N LEU C 287 7.81 -11.43 -22.26
CA LEU C 287 8.71 -10.27 -22.24
C LEU C 287 8.03 -9.07 -22.89
N LYS C 288 7.20 -9.34 -23.91
CA LYS C 288 6.48 -8.28 -24.59
C LYS C 288 5.47 -7.59 -23.69
N VAL C 289 5.01 -8.30 -22.67
CA VAL C 289 4.11 -7.70 -21.68
C VAL C 289 4.83 -6.52 -21.05
N ALA C 290 6.04 -6.77 -20.55
CA ALA C 290 6.86 -5.72 -19.96
C ALA C 290 7.24 -4.68 -21.01
N GLU C 291 7.62 -5.15 -22.19
CA GLU C 291 8.02 -4.28 -23.30
C GLU C 291 6.96 -3.24 -23.63
N GLN C 292 5.69 -3.64 -23.57
CA GLN C 292 4.58 -2.74 -23.88
C GLN C 292 4.21 -1.84 -22.71
N LEU C 293 4.17 -2.39 -21.49
CA LEU C 293 3.73 -1.63 -20.33
C LEU C 293 4.83 -0.84 -19.62
N ILE C 294 6.07 -0.97 -20.07
CA ILE C 294 7.17 -0.26 -19.42
C ILE C 294 7.00 1.26 -19.62
N ASN C 295 6.22 1.62 -20.63
CA ASN C 295 5.88 3.02 -20.89
C ASN C 295 4.46 3.03 -21.42
N PRO C 296 3.48 3.14 -20.50
CA PRO C 296 2.05 3.06 -20.85
C PRO C 296 1.51 4.32 -21.50
N PHE C 297 2.36 5.32 -21.69
CA PHE C 297 1.94 6.58 -22.29
C PHE C 297 2.43 6.70 -23.74
N GLY C 298 2.91 5.59 -24.29
CA GLY C 298 3.37 5.56 -25.67
C GLY C 298 2.21 5.38 -26.63
N GLU C 299 2.50 4.86 -27.82
CA GLU C 299 1.47 4.68 -28.84
C GLU C 299 1.13 3.22 -29.11
N ASP C 300 1.34 2.34 -28.13
CA ASP C 300 0.98 0.94 -28.28
C ASP C 300 -0.53 0.80 -28.19
N ASP C 301 -1.05 -0.29 -28.73
CA ASP C 301 -2.48 -0.57 -28.67
C ASP C 301 -2.98 -0.55 -27.24
N ASP C 302 -2.21 -1.14 -26.33
CA ASP C 302 -2.61 -1.19 -24.92
C ASP C 302 -2.06 -0.04 -24.08
N ASP C 303 -1.44 0.95 -24.72
CA ASP C 303 -1.03 2.14 -23.98
C ASP C 303 -2.24 3.03 -23.74
N PHE C 304 -2.21 3.80 -22.66
CA PHE C 304 -3.35 4.64 -22.26
C PHE C 304 -3.84 5.60 -23.34
N GLU C 305 -5.15 5.83 -23.33
CA GLU C 305 -5.80 6.77 -24.23
C GLU C 305 -5.81 8.17 -23.60
N THR C 306 -4.65 8.79 -23.53
CA THR C 306 -4.52 10.07 -22.83
C THR C 306 -5.19 11.25 -23.53
N ASN C 307 -5.24 11.22 -24.86
CA ASN C 307 -5.84 12.33 -25.60
C ASN C 307 -7.36 12.37 -25.44
N TRP C 308 -7.98 11.20 -25.37
CA TRP C 308 -9.42 11.15 -25.13
C TRP C 308 -9.74 11.70 -23.75
N LEU C 309 -8.89 11.32 -22.80
CA LEU C 309 -9.03 11.79 -21.42
C LEU C 309 -9.00 13.31 -21.36
N ILE C 310 -8.04 13.90 -22.07
CA ILE C 310 -7.92 15.35 -22.17
C ILE C 310 -9.21 15.98 -22.71
N ASP C 311 -9.72 15.43 -23.81
CA ASP C 311 -10.96 15.91 -24.42
C ASP C 311 -12.14 15.77 -23.46
N ARG C 312 -12.32 14.58 -22.90
CA ARG C 312 -13.43 14.33 -21.98
C ARG C 312 -13.38 15.29 -20.80
N ASN C 313 -12.19 15.47 -20.22
CA ASN C 313 -12.05 16.32 -19.06
C ASN C 313 -12.39 17.76 -19.37
N LEU C 314 -11.92 18.26 -20.51
CA LEU C 314 -12.22 19.62 -20.93
C LEU C 314 -13.73 19.86 -20.99
N GLN C 315 -14.42 19.02 -21.75
CA GLN C 315 -15.88 19.10 -21.90
C GLN C 315 -16.60 19.05 -20.56
N VAL C 316 -16.39 17.98 -19.80
CA VAL C 316 -17.05 17.79 -18.51
C VAL C 316 -16.76 18.87 -17.48
N SER C 317 -15.48 19.23 -17.32
CA SER C 317 -15.05 20.25 -16.36
C SER C 317 -15.86 21.53 -16.46
N LEU C 318 -15.69 22.21 -17.58
CA LEU C 318 -16.37 23.47 -17.85
C LEU C 318 -17.88 23.35 -17.71
N MET C 319 -18.45 22.29 -18.27
CA MET C 319 -19.89 22.06 -18.20
C MET C 319 -20.43 22.01 -16.77
N ALA C 320 -19.64 21.43 -15.87
CA ALA C 320 -20.07 21.25 -14.49
C ALA C 320 -19.97 22.54 -13.68
N VAL C 321 -19.00 23.38 -14.01
CA VAL C 321 -18.81 24.64 -13.27
C VAL C 321 -19.53 25.82 -13.92
N ASP C 322 -19.99 25.63 -15.15
CA ASP C 322 -20.70 26.69 -15.87
C ASP C 322 -22.19 26.40 -15.93
N GLU C 323 -22.60 25.64 -16.94
CA GLU C 323 -24.01 25.28 -17.12
C GLU C 323 -24.65 24.65 -15.87
N MET C 324 -23.82 24.11 -14.97
CA MET C 324 -24.36 23.40 -13.81
C MET C 324 -24.18 24.14 -12.49
N HIS C 325 -23.63 25.35 -12.53
CA HIS C 325 -23.48 26.12 -11.29
C HIS C 325 -24.83 26.47 -10.69
N GLN C 326 -25.04 26.05 -9.44
CA GLN C 326 -26.30 26.25 -8.72
C GLN C 326 -27.53 25.95 -9.56
N ASP C 327 -27.38 25.05 -10.53
CA ASP C 327 -28.47 24.69 -11.42
C ASP C 327 -28.91 23.25 -11.13
N LEU C 328 -30.05 23.13 -10.46
CA LEU C 328 -30.54 21.82 -10.04
C LEU C 328 -31.86 21.46 -10.70
N PRO C 329 -32.24 20.17 -10.64
CA PRO C 329 -33.57 19.82 -11.15
C PRO C 329 -34.64 20.14 -10.12
N ILE C 330 -35.91 20.00 -10.50
CA ILE C 330 -37.01 20.31 -9.60
C ILE C 330 -37.11 19.25 -8.51
N LEU C 331 -37.01 19.68 -7.25
CA LEU C 331 -37.12 18.76 -6.14
C LEU C 331 -38.52 18.14 -6.08
N GLU C 332 -38.58 16.82 -6.07
CA GLU C 332 -39.84 16.10 -5.95
C GLU C 332 -39.75 15.16 -4.78
N LYS C 333 -40.92 14.68 -4.33
CA LYS C 333 -40.94 13.60 -3.37
C LYS C 333 -40.55 12.35 -4.14
N ASP C 334 -39.69 11.52 -3.56
CA ASP C 334 -39.22 10.34 -4.25
C ASP C 334 -40.32 9.28 -4.27
N LEU C 335 -40.19 8.32 -5.19
CA LEU C 335 -41.19 7.28 -5.37
C LEU C 335 -41.38 6.42 -4.11
N TYR C 336 -40.43 6.49 -3.19
CA TYR C 336 -40.47 5.69 -1.98
C TYR C 336 -40.67 6.55 -0.73
N TRP C 337 -41.22 7.74 -0.94
CA TRP C 337 -41.46 8.72 0.12
C TRP C 337 -42.15 8.13 1.35
N ASN C 338 -43.23 7.39 1.13
CA ASN C 338 -43.96 6.77 2.24
C ASN C 338 -43.64 5.29 2.42
N GLU C 339 -42.58 4.84 1.76
CA GLU C 339 -42.15 3.46 1.86
C GLU C 339 -40.80 3.35 2.57
N PRO C 340 -40.81 2.88 3.82
CA PRO C 340 -39.60 2.71 4.63
C PRO C 340 -38.70 1.57 4.13
N ASP C 341 -39.30 0.49 3.64
CA ASP C 341 -38.56 -0.65 3.10
C ASP C 341 -38.86 -0.86 1.62
N PRO C 342 -38.31 0.00 0.75
CA PRO C 342 -38.55 -0.10 -0.69
C PRO C 342 -38.11 -1.43 -1.30
N GLN C 343 -38.83 -1.88 -2.31
CA GLN C 343 -38.51 -3.12 -3.00
C GLN C 343 -38.42 -2.86 -4.50
N PRO C 344 -37.35 -2.18 -4.94
CA PRO C 344 -37.14 -1.87 -6.36
C PRO C 344 -37.32 -3.10 -7.23
N PRO C 345 -37.99 -2.93 -8.38
CA PRO C 345 -38.30 -4.04 -9.27
C PRO C 345 -37.08 -4.69 -9.91
N TYR C 346 -37.30 -5.84 -10.53
CA TYR C 346 -36.26 -6.55 -11.26
C TYR C 346 -36.80 -6.91 -12.63
N THR C 347 -35.93 -6.91 -13.63
CA THR C 347 -36.33 -7.36 -14.95
C THR C 347 -36.50 -8.87 -14.90
N ALA C 348 -37.04 -9.45 -15.97
CA ALA C 348 -37.25 -10.90 -16.00
C ALA C 348 -35.93 -11.64 -15.87
N ALA C 349 -34.91 -11.15 -16.56
CA ALA C 349 -33.60 -11.78 -16.58
C ALA C 349 -32.79 -11.64 -15.28
N THR C 350 -33.15 -10.69 -14.42
CA THR C 350 -32.36 -10.44 -13.23
C THR C 350 -33.02 -10.76 -11.89
N ALA C 351 -34.18 -11.42 -11.92
CA ALA C 351 -34.91 -11.72 -10.69
C ALA C 351 -34.15 -12.70 -9.81
N GLU C 352 -33.34 -13.55 -10.44
CA GLU C 352 -32.55 -14.53 -9.71
C GLU C 352 -31.53 -13.85 -8.81
N TYR C 353 -31.27 -12.57 -9.10
CA TYR C 353 -30.28 -11.80 -8.36
C TYR C 353 -30.87 -11.03 -7.18
N LYS C 354 -32.16 -11.21 -6.92
CA LYS C 354 -32.77 -10.63 -5.74
C LYS C 354 -32.55 -11.59 -4.59
N ARG C 355 -31.59 -11.25 -3.73
CA ARG C 355 -31.15 -12.15 -2.68
C ARG C 355 -31.60 -11.69 -1.30
N PRO C 356 -31.67 -12.62 -0.34
CA PRO C 356 -31.95 -12.20 1.03
C PRO C 356 -30.72 -11.51 1.61
N SER C 357 -30.91 -10.62 2.57
CA SER C 357 -29.79 -9.86 3.12
C SER C 357 -28.77 -10.78 3.82
N PHE C 358 -27.50 -10.58 3.51
CA PHE C 358 -26.43 -11.29 4.21
C PHE C 358 -26.21 -10.62 5.55
N LEU C 359 -26.52 -11.32 6.63
CA LEU C 359 -26.45 -10.74 7.96
C LEU C 359 -25.08 -10.96 8.58
N GLY C 360 -24.45 -12.06 8.21
CA GLY C 360 -23.15 -12.43 8.75
C GLY C 360 -23.01 -13.94 8.74
N SER C 361 -21.76 -14.41 8.76
CA SER C 361 -21.49 -15.83 8.72
C SER C 361 -21.98 -16.55 9.97
N THR C 362 -21.92 -15.86 11.10
CA THR C 362 -22.25 -16.46 12.39
C THR C 362 -23.72 -16.81 12.57
N PHE C 363 -24.60 -16.11 11.84
CA PHE C 363 -26.03 -16.29 12.02
C PHE C 363 -26.58 -17.50 11.30
N ASP C 364 -27.53 -18.18 11.93
CA ASP C 364 -28.20 -19.32 11.35
C ASP C 364 -29.13 -18.83 10.25
N ILE C 365 -28.98 -19.39 9.05
CA ILE C 365 -29.84 -19.01 7.93
C ILE C 365 -31.17 -19.77 8.02
N SER C 366 -32.15 -19.13 8.65
CA SER C 366 -33.46 -19.74 8.86
C SER C 366 -34.57 -18.74 8.59
N THR D 1 -20.47 -13.62 -1.96
CA THR D 1 -21.41 -14.06 -2.97
C THR D 1 -21.61 -15.58 -2.89
N VAL D 2 -20.50 -16.30 -2.80
CA VAL D 2 -20.53 -17.71 -2.43
C VAL D 2 -19.74 -17.76 -1.13
N THR D 3 -20.42 -17.45 -0.04
CA THR D 3 -19.79 -17.33 1.27
C THR D 3 -19.78 -18.67 2.00
N TYR D 4 -18.58 -19.16 2.30
CA TYR D 4 -18.39 -20.39 3.06
C TYR D 4 -17.59 -20.07 4.31
N THR D 5 -17.51 -18.78 4.61
CA THR D 5 -16.76 -18.26 5.76
C THR D 5 -17.01 -19.00 7.07
N ASN D 6 -18.26 -19.36 7.32
CA ASN D 6 -18.60 -20.02 8.58
C ASN D 6 -18.16 -21.48 8.63
N ARG D 7 -18.12 -22.13 7.47
CA ARG D 7 -17.67 -23.52 7.39
C ARG D 7 -16.21 -23.65 7.74
N VAL D 8 -15.43 -22.65 7.35
CA VAL D 8 -13.99 -22.66 7.55
C VAL D 8 -13.57 -21.82 8.74
N ALA D 9 -14.49 -21.64 9.69
CA ALA D 9 -14.20 -20.85 10.89
C ALA D 9 -13.11 -21.50 11.73
N ASP D 10 -13.16 -22.82 11.84
CA ASP D 10 -12.17 -23.56 12.62
C ASP D 10 -11.38 -24.50 11.72
N ALA D 11 -10.16 -24.81 12.13
CA ALA D 11 -9.31 -25.71 11.37
C ALA D 11 -9.44 -27.12 11.94
N ARG D 12 -10.50 -27.80 11.53
CA ARG D 12 -10.77 -29.16 11.99
C ARG D 12 -10.37 -30.17 10.92
N LEU D 13 -10.77 -31.43 11.13
CA LEU D 13 -10.40 -32.52 10.22
C LEU D 13 -10.76 -32.29 8.75
N GLY D 14 -12.00 -31.98 8.47
CA GLY D 14 -12.44 -31.81 7.09
C GLY D 14 -12.77 -30.39 6.67
N THR D 15 -12.14 -29.42 7.31
CA THR D 15 -12.35 -28.00 7.00
C THR D 15 -12.33 -27.68 5.51
N PHE D 16 -11.31 -28.17 4.81
CA PHE D 16 -11.16 -27.91 3.39
C PHE D 16 -11.69 -29.05 2.53
N SER D 17 -11.58 -30.27 3.03
CA SER D 17 -12.09 -31.45 2.34
C SER D 17 -13.59 -31.34 2.03
N GLN D 18 -14.34 -30.88 3.03
CA GLN D 18 -15.79 -30.69 2.89
C GLN D 18 -16.16 -29.83 1.67
N LEU D 19 -15.31 -28.87 1.34
CA LEU D 19 -15.58 -27.93 0.27
C LEU D 19 -15.48 -28.58 -1.10
N LEU D 20 -14.89 -29.77 -1.15
CA LEU D 20 -14.77 -30.51 -2.41
C LEU D 20 -16.11 -31.12 -2.80
N LEU D 21 -17.06 -31.11 -1.87
CA LEU D 21 -18.39 -31.67 -2.12
C LEU D 21 -19.41 -30.59 -2.50
N GLN D 22 -18.94 -29.36 -2.68
CA GLN D 22 -19.82 -28.25 -3.02
C GLN D 22 -19.83 -27.97 -4.52
N TRP D 23 -21.01 -27.72 -5.08
CA TRP D 23 -21.15 -27.47 -6.51
C TRP D 23 -21.18 -25.99 -6.90
N LYS D 24 -21.93 -25.19 -6.16
CA LYS D 24 -22.05 -23.76 -6.47
C LYS D 24 -20.70 -23.06 -6.44
N GLY D 25 -20.38 -22.37 -7.55
CA GLY D 25 -19.12 -21.67 -7.68
C GLY D 25 -17.90 -22.54 -7.51
N SER D 26 -18.05 -23.82 -7.86
CA SER D 26 -16.99 -24.81 -7.67
C SER D 26 -16.09 -24.99 -8.88
N ILE D 27 -15.02 -25.75 -8.67
CA ILE D 27 -14.07 -26.08 -9.72
C ILE D 27 -14.71 -27.01 -10.75
N TYR D 28 -15.61 -27.88 -10.30
CA TYR D 28 -16.30 -28.81 -11.17
C TYR D 28 -17.22 -28.07 -12.16
N LYS D 29 -18.00 -27.13 -11.63
CA LYS D 29 -18.94 -26.38 -12.44
C LYS D 29 -18.24 -25.53 -13.50
N LEU D 30 -17.08 -24.99 -13.16
CA LEU D 30 -16.34 -24.13 -14.07
C LEU D 30 -15.52 -24.90 -15.10
N LEU D 31 -15.13 -26.12 -14.76
CA LEU D 31 -14.29 -26.95 -15.64
C LEU D 31 -15.06 -27.96 -16.46
N TYR D 32 -16.30 -28.23 -16.06
CA TYR D 32 -17.18 -29.23 -16.69
C TYR D 32 -16.98 -29.45 -18.19
N SER D 33 -17.33 -28.45 -18.99
CA SER D 33 -17.23 -28.56 -20.45
C SER D 33 -15.82 -28.84 -20.93
N GLU D 34 -14.86 -28.04 -20.46
CA GLU D 34 -13.45 -28.21 -20.82
C GLU D 34 -12.94 -29.62 -20.52
N PHE D 35 -13.25 -30.11 -19.32
CA PHE D 35 -12.83 -31.45 -18.90
C PHE D 35 -13.37 -32.52 -19.84
N LEU D 36 -14.65 -32.42 -20.18
CA LEU D 36 -15.28 -33.38 -21.08
C LEU D 36 -14.61 -33.40 -22.45
N ILE D 37 -14.27 -32.23 -22.97
CA ILE D 37 -13.59 -32.13 -24.25
C ILE D 37 -12.20 -32.78 -24.15
N PHE D 38 -11.53 -32.56 -23.03
CA PHE D 38 -10.22 -33.17 -22.78
C PHE D 38 -10.36 -34.69 -22.70
N ILE D 39 -11.26 -35.15 -21.84
CA ILE D 39 -11.57 -36.57 -21.70
C ILE D 39 -11.79 -37.23 -23.05
N SER D 40 -12.67 -36.62 -23.85
CA SER D 40 -13.02 -37.14 -25.17
C SER D 40 -11.80 -37.24 -26.07
N LEU D 41 -11.14 -36.12 -26.30
CA LEU D 41 -9.94 -36.08 -27.13
C LEU D 41 -8.88 -37.11 -26.69
N TYR D 42 -8.72 -37.27 -25.39
CA TYR D 42 -7.75 -38.25 -24.87
C TYR D 42 -8.11 -39.66 -25.29
N PHE D 43 -9.26 -40.13 -24.83
CA PHE D 43 -9.71 -41.48 -25.12
C PHE D 43 -9.93 -41.74 -26.61
N ALA D 44 -10.24 -40.69 -27.36
CA ALA D 44 -10.37 -40.81 -28.80
C ALA D 44 -9.02 -41.21 -29.38
N ILE D 45 -8.00 -40.42 -29.06
CA ILE D 45 -6.63 -40.71 -29.44
C ILE D 45 -6.22 -42.11 -28.95
N SER D 46 -6.57 -42.42 -27.72
CA SER D 46 -6.25 -43.70 -27.10
C SER D 46 -6.76 -44.89 -27.92
N LEU D 47 -8.00 -44.80 -28.39
CA LEU D 47 -8.59 -45.89 -29.17
C LEU D 47 -7.96 -46.00 -30.56
N VAL D 48 -7.66 -44.86 -31.18
CA VAL D 48 -6.99 -44.83 -32.47
C VAL D 48 -5.67 -45.60 -32.40
N TYR D 49 -4.95 -45.40 -31.29
CA TYR D 49 -3.67 -46.07 -31.06
C TYR D 49 -3.84 -47.55 -30.79
N ARG D 50 -4.82 -47.90 -29.96
CA ARG D 50 -5.05 -49.28 -29.57
C ARG D 50 -5.73 -50.11 -30.66
N LEU D 51 -6.66 -49.52 -31.39
CA LEU D 51 -7.46 -50.28 -32.35
C LEU D 51 -7.26 -49.99 -33.83
N ILE D 52 -6.72 -48.82 -34.17
CA ILE D 52 -6.63 -48.43 -35.58
C ILE D 52 -5.22 -48.50 -36.15
N LEU D 53 -4.27 -47.80 -35.53
CA LEU D 53 -2.90 -47.72 -36.02
C LEU D 53 -2.27 -49.10 -36.24
N SER D 54 -1.44 -49.18 -37.28
CA SER D 54 -0.71 -50.40 -37.58
C SER D 54 0.52 -50.50 -36.70
N GLU D 55 1.14 -51.66 -36.67
CA GLU D 55 2.33 -51.89 -35.85
C GLU D 55 3.42 -50.85 -36.11
N SER D 56 3.55 -50.43 -37.37
CA SER D 56 4.55 -49.44 -37.74
C SER D 56 4.12 -48.05 -37.32
N GLN D 57 2.82 -47.77 -37.49
CA GLN D 57 2.27 -46.47 -37.08
C GLN D 57 2.32 -46.34 -35.56
N ARG D 58 2.04 -47.44 -34.87
CA ARG D 58 2.08 -47.46 -33.41
C ARG D 58 3.47 -47.07 -32.92
N LEU D 59 4.50 -47.47 -33.65
CA LEU D 59 5.87 -47.15 -33.26
C LEU D 59 6.13 -45.66 -33.44
N MET D 60 5.51 -45.05 -34.44
CA MET D 60 5.66 -43.61 -34.66
C MET D 60 4.93 -42.84 -33.57
N PHE D 61 3.71 -43.26 -33.28
CA PHE D 61 2.91 -42.65 -32.23
C PHE D 61 3.63 -42.69 -30.89
N GLU D 62 4.27 -43.82 -30.60
CA GLU D 62 5.00 -43.99 -29.35
C GLU D 62 6.18 -43.04 -29.29
N LYS D 63 6.83 -42.82 -30.43
CA LYS D 63 7.95 -41.89 -30.50
C LYS D 63 7.43 -40.46 -30.40
N LEU D 64 6.24 -40.23 -30.94
CA LEU D 64 5.61 -38.92 -30.87
C LEU D 64 5.18 -38.59 -29.45
N ALA D 65 4.65 -39.59 -28.75
CA ALA D 65 4.21 -39.42 -27.37
C ALA D 65 5.39 -39.13 -26.42
N LEU D 66 6.52 -39.76 -26.68
CA LEU D 66 7.71 -39.54 -25.85
C LEU D 66 8.20 -38.10 -26.06
N TYR D 67 8.02 -37.61 -27.28
CA TYR D 67 8.41 -36.25 -27.65
C TYR D 67 7.52 -35.22 -26.96
N CYS D 68 6.21 -35.42 -27.08
CA CYS D 68 5.23 -34.53 -26.46
C CYS D 68 5.36 -34.50 -24.95
N ASN D 69 5.50 -35.69 -24.35
CA ASN D 69 5.57 -35.80 -22.90
C ASN D 69 6.74 -35.04 -22.30
N SER D 70 7.83 -34.94 -23.06
CA SER D 70 9.02 -34.23 -22.58
C SER D 70 8.80 -32.72 -22.56
N TYR D 71 7.71 -32.26 -23.14
CA TYR D 71 7.41 -30.84 -23.20
C TYR D 71 6.27 -30.45 -22.27
N ALA D 72 5.76 -31.41 -21.52
CA ALA D 72 4.77 -31.12 -20.50
C ALA D 72 5.51 -30.72 -19.24
N GLU D 73 5.79 -29.42 -19.13
CA GLU D 73 6.58 -28.91 -18.02
C GLU D 73 5.72 -28.00 -17.14
N LEU D 74 5.54 -28.42 -15.90
CA LEU D 74 4.68 -27.71 -14.95
C LEU D 74 5.29 -26.45 -14.36
N ILE D 75 6.60 -26.50 -14.08
CA ILE D 75 7.30 -25.38 -13.46
C ILE D 75 7.12 -24.04 -14.19
N PRO D 76 7.33 -23.99 -15.52
CA PRO D 76 7.13 -22.70 -16.18
C PRO D 76 5.67 -22.23 -16.15
N VAL D 77 4.73 -23.16 -16.33
CA VAL D 77 3.31 -22.83 -16.30
C VAL D 77 2.87 -22.36 -14.93
N SER D 78 3.35 -23.04 -13.89
CA SER D 78 3.04 -22.69 -12.52
C SER D 78 3.50 -21.28 -12.18
N PHE D 79 4.64 -20.88 -12.76
CA PHE D 79 5.18 -19.55 -12.56
C PHE D 79 4.23 -18.47 -13.06
N VAL D 80 3.95 -18.50 -14.35
CA VAL D 80 3.11 -17.49 -14.98
C VAL D 80 1.69 -17.46 -14.39
N LEU D 81 1.16 -18.62 -14.04
CA LEU D 81 -0.16 -18.69 -13.40
C LEU D 81 -0.16 -17.96 -12.07
N GLY D 82 0.75 -18.35 -11.18
CA GLY D 82 0.89 -17.73 -9.89
C GLY D 82 0.95 -16.22 -9.92
N PHE D 83 1.81 -15.67 -10.77
CA PHE D 83 1.96 -14.23 -10.91
C PHE D 83 0.72 -13.57 -11.52
N TYR D 84 0.14 -14.22 -12.52
CA TYR D 84 -1.01 -13.68 -13.22
C TYR D 84 -2.26 -13.71 -12.35
N VAL D 85 -2.53 -14.85 -11.72
CA VAL D 85 -3.69 -14.99 -10.85
C VAL D 85 -3.58 -14.02 -9.67
N SER D 86 -2.36 -13.76 -9.22
CA SER D 86 -2.12 -12.82 -8.14
C SER D 86 -2.55 -11.41 -8.55
N LEU D 87 -2.21 -11.04 -9.77
CA LEU D 87 -2.62 -9.75 -10.32
C LEU D 87 -4.14 -9.67 -10.38
N VAL D 88 -4.76 -10.73 -10.87
CA VAL D 88 -6.22 -10.80 -10.96
C VAL D 88 -6.88 -10.68 -9.60
N VAL D 89 -6.40 -11.48 -8.64
CA VAL D 89 -6.93 -11.50 -7.29
C VAL D 89 -6.76 -10.13 -6.63
N SER D 90 -5.63 -9.48 -6.91
CA SER D 90 -5.35 -8.15 -6.40
C SER D 90 -6.40 -7.14 -6.86
N ARG D 91 -6.61 -7.07 -8.17
CA ARG D 91 -7.61 -6.17 -8.75
C ARG D 91 -9.01 -6.53 -8.27
N TRP D 92 -9.25 -7.83 -8.13
CA TRP D 92 -10.53 -8.34 -7.64
C TRP D 92 -10.95 -7.72 -6.32
N TRP D 93 -10.05 -7.72 -5.35
CA TRP D 93 -10.36 -7.14 -4.04
C TRP D 93 -10.40 -5.62 -4.08
N ALA D 94 -9.57 -5.04 -4.94
CA ALA D 94 -9.53 -3.60 -5.10
C ALA D 94 -10.86 -3.10 -5.64
N GLN D 95 -11.43 -3.85 -6.56
CA GLN D 95 -12.71 -3.50 -7.15
C GLN D 95 -13.84 -3.58 -6.13
N TYR D 96 -13.78 -4.56 -5.24
CA TYR D 96 -14.79 -4.67 -4.19
C TYR D 96 -14.79 -3.44 -3.29
N GLU D 97 -13.60 -3.08 -2.80
CA GLU D 97 -13.47 -1.94 -1.91
C GLU D 97 -13.76 -0.61 -2.62
N SER D 98 -13.91 -0.69 -3.93
CA SER D 98 -14.24 0.50 -4.72
C SER D 98 -15.74 0.63 -4.92
N ILE D 99 -16.49 -0.36 -4.45
CA ILE D 99 -17.96 -0.27 -4.48
C ILE D 99 -18.37 0.70 -3.40
N PRO D 100 -18.97 1.83 -3.80
CA PRO D 100 -19.33 2.89 -2.85
C PRO D 100 -20.45 2.52 -1.88
N TRP D 101 -20.27 2.90 -0.62
CA TRP D 101 -21.27 2.69 0.41
C TRP D 101 -21.73 4.06 0.91
N PRO D 102 -23.04 4.21 1.12
CA PRO D 102 -23.63 5.50 1.52
C PRO D 102 -23.34 5.88 2.98
N ASP D 103 -23.14 4.87 3.82
CA ASP D 103 -23.00 5.02 5.26
C ASP D 103 -22.24 6.24 5.80
N ARG D 104 -21.12 6.62 5.18
CA ARG D 104 -20.36 7.76 5.69
C ARG D 104 -21.04 9.10 5.39
N ILE D 105 -21.54 9.26 4.17
CA ILE D 105 -22.31 10.47 3.81
C ILE D 105 -23.60 10.44 4.61
N MET D 106 -24.19 9.25 4.65
CA MET D 106 -25.42 8.94 5.37
C MET D 106 -25.41 9.47 6.80
N ASN D 107 -24.32 9.22 7.53
CA ASN D 107 -24.22 9.69 8.91
C ASN D 107 -24.21 11.21 9.03
N LEU D 108 -23.49 11.87 8.13
CA LEU D 108 -23.37 13.32 8.16
C LEU D 108 -24.67 14.02 7.75
N VAL D 109 -25.23 13.62 6.61
CA VAL D 109 -26.46 14.21 6.11
C VAL D 109 -27.60 14.06 7.11
N SER D 110 -27.65 12.90 7.76
CA SER D 110 -28.69 12.62 8.74
C SER D 110 -28.65 13.54 9.95
N CYS D 111 -27.46 13.92 10.39
CA CYS D 111 -27.33 14.74 11.59
C CYS D 111 -27.06 16.23 11.33
N ASN D 112 -26.52 16.57 10.16
CA ASN D 112 -26.14 17.96 9.88
C ASN D 112 -27.02 18.72 8.89
N VAL D 113 -28.08 18.11 8.41
CA VAL D 113 -29.03 18.84 7.56
C VAL D 113 -30.30 19.02 8.37
N ASP D 114 -30.44 20.23 8.93
CA ASP D 114 -31.51 20.55 9.89
C ASP D 114 -32.92 20.59 9.32
N GLY D 115 -33.89 20.34 10.19
CA GLY D 115 -35.29 20.43 9.83
C GLY D 115 -36.09 19.19 10.10
N GLU D 116 -37.13 19.33 10.92
CA GLU D 116 -38.06 18.24 11.21
C GLU D 116 -39.35 18.48 10.43
N ASP D 117 -39.26 19.37 9.44
CA ASP D 117 -40.39 19.71 8.58
C ASP D 117 -40.23 19.03 7.21
N GLU D 118 -41.34 18.86 6.52
CA GLU D 118 -41.38 18.20 5.20
C GLU D 118 -40.24 18.61 4.26
N TYR D 119 -39.84 19.87 4.28
CA TYR D 119 -38.76 20.32 3.42
C TYR D 119 -37.43 19.74 3.88
N GLY D 120 -37.17 19.83 5.18
CA GLY D 120 -35.98 19.24 5.77
C GLY D 120 -35.88 17.75 5.45
N ARG D 121 -37.03 17.10 5.44
CA ARG D 121 -37.12 15.68 5.11
C ARG D 121 -36.83 15.46 3.64
N LEU D 122 -37.49 16.25 2.78
CA LEU D 122 -37.28 16.16 1.34
C LEU D 122 -35.84 16.46 0.97
N LEU D 123 -35.24 17.38 1.72
CA LEU D 123 -33.87 17.80 1.48
C LEU D 123 -32.90 16.66 1.72
N ARG D 124 -32.97 16.07 2.91
CA ARG D 124 -32.12 14.94 3.28
C ARG D 124 -32.29 13.73 2.35
N ARG D 125 -33.54 13.40 2.04
CA ARG D 125 -33.83 12.26 1.17
C ARG D 125 -33.29 12.49 -0.24
N THR D 126 -33.38 13.71 -0.73
CA THR D 126 -32.94 14.02 -2.08
C THR D 126 -31.41 13.98 -2.17
N LEU D 127 -30.74 14.41 -1.12
CA LEU D 127 -29.28 14.37 -1.06
C LEU D 127 -28.75 12.94 -1.16
N MET D 128 -29.28 12.06 -0.31
CA MET D 128 -28.90 10.65 -0.35
C MET D 128 -29.14 10.02 -1.71
N ARG D 129 -30.30 10.31 -2.31
CA ARG D 129 -30.63 9.73 -3.61
C ARG D 129 -29.65 10.18 -4.69
N TYR D 130 -29.09 11.37 -4.54
CA TYR D 130 -28.10 11.86 -5.50
C TYR D 130 -26.83 11.05 -5.39
N SER D 131 -26.52 10.63 -4.16
CA SER D 131 -25.38 9.75 -3.92
C SER D 131 -25.63 8.38 -4.53
N ASN D 132 -26.75 7.78 -4.13
CA ASN D 132 -27.13 6.46 -4.63
C ASN D 132 -27.28 6.43 -6.15
N LEU D 133 -27.68 7.55 -6.73
CA LEU D 133 -27.84 7.64 -8.18
C LEU D 133 -26.45 7.65 -8.83
N CYS D 134 -25.53 8.39 -8.22
CA CYS D 134 -24.15 8.46 -8.68
C CYS D 134 -23.54 7.06 -8.74
N SER D 135 -23.93 6.23 -7.76
CA SER D 135 -23.46 4.84 -7.69
C SER D 135 -24.14 3.94 -8.72
N VAL D 136 -25.47 3.87 -8.67
CA VAL D 136 -26.23 3.06 -9.61
C VAL D 136 -25.85 3.32 -11.07
N LEU D 137 -25.60 4.59 -11.40
CA LEU D 137 -25.21 4.94 -12.76
C LEU D 137 -23.88 4.32 -13.18
N ILE D 138 -22.89 4.34 -12.29
CA ILE D 138 -21.59 3.73 -12.59
C ILE D 138 -21.68 2.20 -12.55
N LEU D 139 -22.43 1.65 -11.59
CA LEU D 139 -22.60 0.21 -11.49
C LEU D 139 -23.21 -0.42 -12.73
N ARG D 140 -24.22 0.23 -13.32
CA ARG D 140 -24.86 -0.31 -14.51
C ARG D 140 -23.98 -0.14 -15.74
N SER D 141 -22.87 0.57 -15.55
CA SER D 141 -21.89 0.77 -16.61
C SER D 141 -20.82 -0.30 -16.58
N VAL D 142 -20.59 -0.87 -15.39
CA VAL D 142 -19.52 -1.85 -15.21
C VAL D 142 -20.02 -3.25 -14.89
N SER D 143 -21.25 -3.36 -14.39
CA SER D 143 -21.79 -4.65 -14.00
C SER D 143 -22.89 -5.13 -14.95
N THR D 144 -22.69 -6.31 -15.53
CA THR D 144 -23.67 -6.88 -16.44
C THR D 144 -24.91 -7.33 -15.67
N ALA D 145 -24.71 -7.70 -14.41
CA ALA D 145 -25.81 -8.11 -13.55
C ALA D 145 -26.73 -6.92 -13.29
N VAL D 146 -26.14 -5.75 -13.11
CA VAL D 146 -26.90 -4.53 -12.85
C VAL D 146 -27.51 -3.98 -14.15
N TYR D 147 -26.71 -3.93 -15.21
CA TYR D 147 -27.18 -3.42 -16.50
C TYR D 147 -28.42 -4.17 -17.00
N LYS D 148 -28.44 -5.49 -16.85
CA LYS D 148 -29.59 -6.26 -17.30
C LYS D 148 -30.83 -5.95 -16.48
N ARG D 149 -30.64 -5.26 -15.36
CA ARG D 149 -31.75 -4.83 -14.51
C ARG D 149 -32.12 -3.38 -14.83
N PHE D 150 -31.15 -2.63 -15.35
CA PHE D 150 -31.38 -1.24 -15.75
C PHE D 150 -30.82 -0.97 -17.14
N PRO D 151 -31.30 -1.72 -18.15
CA PRO D 151 -30.77 -1.62 -19.52
C PRO D 151 -30.91 -0.24 -20.14
N SER D 152 -31.91 0.52 -19.69
CA SER D 152 -32.18 1.84 -20.22
C SER D 152 -32.37 2.83 -19.08
N MET D 153 -32.15 4.11 -19.35
CA MET D 153 -32.31 5.14 -18.33
C MET D 153 -33.75 5.23 -17.84
N GLU D 154 -34.69 4.70 -18.63
CA GLU D 154 -36.08 4.64 -18.23
C GLU D 154 -36.27 3.66 -17.08
N HIS D 155 -35.53 2.55 -17.12
CA HIS D 155 -35.58 1.55 -16.06
C HIS D 155 -35.16 2.18 -14.73
N VAL D 156 -34.14 3.03 -14.79
CA VAL D 156 -33.64 3.73 -13.60
C VAL D 156 -34.74 4.59 -12.99
N VAL D 157 -35.44 5.33 -13.85
CA VAL D 157 -36.53 6.19 -13.39
C VAL D 157 -37.69 5.38 -12.81
N ARG D 158 -38.20 4.44 -13.59
CA ARG D 158 -39.34 3.62 -13.16
C ARG D 158 -39.06 2.82 -11.89
N ALA D 159 -37.79 2.57 -11.61
CA ALA D 159 -37.42 1.81 -10.43
C ALA D 159 -37.38 2.69 -9.19
N GLY D 160 -37.49 4.00 -9.41
CA GLY D 160 -37.54 4.95 -8.31
C GLY D 160 -36.18 5.44 -7.85
N LEU D 161 -35.17 5.29 -8.69
CA LEU D 161 -33.83 5.74 -8.36
C LEU D 161 -33.57 7.14 -8.92
N MET D 162 -34.47 7.57 -9.80
CA MET D 162 -34.35 8.88 -10.43
C MET D 162 -35.74 9.41 -10.78
N THR D 163 -35.99 10.69 -10.50
CA THR D 163 -37.28 11.28 -10.82
C THR D 163 -37.30 11.71 -12.29
N PRO D 164 -38.50 11.78 -12.89
CA PRO D 164 -38.63 12.21 -14.28
C PRO D 164 -38.12 13.63 -14.52
N GLU D 165 -38.19 14.48 -13.49
CA GLU D 165 -37.65 15.83 -13.60
C GLU D 165 -36.12 15.76 -13.67
N GLU D 166 -35.54 14.94 -12.81
CA GLU D 166 -34.10 14.71 -12.79
C GLU D 166 -33.64 14.15 -14.14
N HIS D 167 -34.43 13.23 -14.69
CA HIS D 167 -34.13 12.65 -15.99
C HIS D 167 -34.20 13.72 -17.07
N LYS D 168 -35.11 14.67 -16.91
CA LYS D 168 -35.25 15.77 -17.86
C LYS D 168 -34.02 16.67 -17.79
N LYS D 169 -33.61 16.99 -16.57
CA LYS D 169 -32.41 17.79 -16.34
C LYS D 169 -31.20 17.05 -16.86
N PHE D 170 -31.21 15.74 -16.66
CA PHE D 170 -30.15 14.84 -17.11
C PHE D 170 -29.93 14.97 -18.62
N GLU D 171 -31.01 14.82 -19.37
CA GLU D 171 -30.98 14.92 -20.83
C GLU D 171 -30.61 16.32 -21.31
N SER D 172 -31.07 17.33 -20.58
CA SER D 172 -30.81 18.72 -20.95
C SER D 172 -29.32 19.02 -21.01
N LEU D 173 -28.56 18.36 -20.15
CA LEU D 173 -27.11 18.56 -20.11
C LEU D 173 -26.44 17.77 -21.22
N ASN D 174 -25.99 18.47 -22.25
CA ASN D 174 -25.43 17.82 -23.43
C ASN D 174 -23.96 17.41 -23.23
N SER D 175 -23.71 16.11 -23.24
CA SER D 175 -22.36 15.58 -23.11
C SER D 175 -22.28 14.21 -23.76
N PRO D 176 -21.22 13.95 -24.54
CA PRO D 176 -21.03 12.67 -25.23
C PRO D 176 -20.48 11.59 -24.31
N HIS D 177 -20.07 11.97 -23.11
CA HIS D 177 -19.43 11.05 -22.17
C HIS D 177 -20.41 10.51 -21.15
N ASN D 178 -19.99 9.49 -20.41
CA ASN D 178 -20.81 8.91 -19.34
C ASN D 178 -21.17 9.95 -18.29
N LYS D 179 -22.47 10.12 -18.06
CA LYS D 179 -22.97 11.15 -17.13
C LYS D 179 -23.10 10.71 -15.66
N PHE D 180 -22.44 9.62 -15.28
CA PHE D 180 -22.55 9.12 -13.91
C PHE D 180 -22.11 10.18 -12.88
N TRP D 181 -21.33 11.15 -13.33
CA TRP D 181 -20.80 12.20 -12.47
C TRP D 181 -21.79 13.32 -12.20
N ILE D 182 -22.86 13.39 -13.01
CA ILE D 182 -23.89 14.42 -12.87
C ILE D 182 -24.48 14.49 -11.45
N PRO D 183 -25.10 13.39 -10.95
CA PRO D 183 -25.70 13.45 -9.61
C PRO D 183 -24.72 13.94 -8.53
N CYS D 184 -23.43 13.68 -8.74
CA CYS D 184 -22.40 14.04 -7.77
C CYS D 184 -22.22 15.57 -7.75
N VAL D 185 -22.49 16.21 -8.89
CA VAL D 185 -22.43 17.66 -8.99
C VAL D 185 -23.68 18.28 -8.35
N TRP D 186 -24.84 17.72 -8.71
CA TRP D 186 -26.11 18.10 -8.11
C TRP D 186 -26.03 18.10 -6.58
N PHE D 187 -25.47 17.02 -6.03
CA PHE D 187 -25.32 16.87 -4.59
C PHE D 187 -24.58 18.04 -3.96
N SER D 188 -23.40 18.35 -4.49
CA SER D 188 -22.59 19.44 -3.97
C SER D 188 -23.31 20.78 -4.07
N ASN D 189 -23.99 21.01 -5.19
CA ASN D 189 -24.78 22.21 -5.38
C ASN D 189 -25.97 22.27 -4.41
N LEU D 190 -26.68 21.16 -4.27
CA LEU D 190 -27.82 21.08 -3.37
C LEU D 190 -27.38 21.23 -1.91
N ALA D 191 -26.18 20.73 -1.59
CA ALA D 191 -25.66 20.82 -0.24
C ALA D 191 -25.35 22.28 0.09
N VAL D 192 -24.87 23.00 -0.92
CA VAL D 192 -24.54 24.41 -0.75
C VAL D 192 -25.82 25.22 -0.61
N LYS D 193 -26.77 24.97 -1.50
CA LYS D 193 -28.07 25.62 -1.44
C LYS D 193 -28.70 25.40 -0.08
N ALA D 194 -28.58 24.18 0.44
CA ALA D 194 -29.12 23.82 1.74
C ALA D 194 -28.46 24.65 2.84
N ARG D 195 -27.18 24.93 2.69
CA ARG D 195 -26.44 25.70 3.69
C ARG D 195 -26.87 27.16 3.65
N ASN D 196 -27.14 27.67 2.46
CA ASN D 196 -27.56 29.05 2.27
C ASN D 196 -28.97 29.28 2.83
N GLU D 197 -29.79 28.24 2.77
CA GLU D 197 -31.13 28.29 3.36
C GLU D 197 -31.07 28.15 4.88
N GLY D 198 -29.85 28.02 5.41
CA GLY D 198 -29.66 27.87 6.85
C GLY D 198 -29.87 26.46 7.38
N ARG D 199 -30.01 25.50 6.48
CA ARG D 199 -30.25 24.11 6.89
C ARG D 199 -28.95 23.41 7.28
N ILE D 200 -27.83 24.01 6.91
CA ILE D 200 -26.51 23.50 7.32
C ILE D 200 -25.77 24.63 8.02
N ARG D 201 -25.61 24.49 9.33
CA ARG D 201 -25.04 25.52 10.20
C ARG D 201 -23.75 26.17 9.68
N ASP D 202 -22.61 25.51 9.88
CA ASP D 202 -21.33 26.08 9.47
C ASP D 202 -20.87 25.61 8.10
N SER D 203 -19.73 26.14 7.66
CA SER D 203 -19.10 25.71 6.41
C SER D 203 -18.22 24.50 6.72
N VAL D 204 -17.81 24.41 7.98
CA VAL D 204 -17.04 23.28 8.47
C VAL D 204 -17.85 22.00 8.28
N LEU D 205 -19.14 22.07 8.62
CA LEU D 205 -20.04 20.93 8.46
C LEU D 205 -20.36 20.68 7.00
N LEU D 206 -20.37 21.75 6.20
CA LEU D 206 -20.68 21.64 4.79
C LEU D 206 -19.53 21.00 4.02
N GLN D 207 -18.31 21.46 4.30
CA GLN D 207 -17.13 20.92 3.64
C GLN D 207 -16.95 19.46 4.01
N GLY D 208 -17.27 19.12 5.25
CA GLY D 208 -17.25 17.75 5.73
C GLY D 208 -18.15 16.84 4.91
N ILE D 209 -19.31 17.38 4.52
CA ILE D 209 -20.26 16.62 3.73
C ILE D 209 -19.78 16.57 2.28
N LEU D 210 -19.18 17.65 1.81
CA LEU D 210 -18.65 17.72 0.45
C LEU D 210 -17.48 16.76 0.27
N ASN D 211 -16.71 16.58 1.34
CA ASN D 211 -15.57 15.68 1.32
C ASN D 211 -15.99 14.23 1.13
N GLU D 212 -16.94 13.79 1.95
CA GLU D 212 -17.46 12.43 1.86
C GLU D 212 -18.08 12.17 0.48
N LEU D 213 -18.61 13.21 -0.14
CA LEU D 213 -19.11 13.11 -1.50
C LEU D 213 -17.98 12.83 -2.47
N ASN D 214 -16.95 13.65 -2.41
CA ASN D 214 -15.77 13.49 -3.26
C ASN D 214 -15.16 12.09 -3.14
N THR D 215 -15.14 11.58 -1.91
CA THR D 215 -14.67 10.22 -1.67
C THR D 215 -15.51 9.22 -2.48
N LEU D 216 -16.82 9.38 -2.42
CA LEU D 216 -17.73 8.52 -3.18
C LEU D 216 -17.48 8.66 -4.68
N ARG D 217 -17.17 9.88 -5.11
CA ARG D 217 -16.85 10.13 -6.51
C ARG D 217 -15.58 9.36 -6.90
N SER D 218 -14.59 9.40 -6.01
CA SER D 218 -13.34 8.68 -6.24
C SER D 218 -13.57 7.17 -6.31
N GLN D 219 -14.54 6.69 -5.53
CA GLN D 219 -14.92 5.30 -5.56
C GLN D 219 -15.46 4.92 -6.93
N CYS D 220 -16.38 5.73 -7.43
CA CYS D 220 -16.97 5.52 -8.75
C CYS D 220 -15.91 5.57 -9.85
N GLY D 221 -14.91 6.43 -9.65
CA GLY D 221 -13.83 6.57 -10.61
C GLY D 221 -12.99 5.31 -10.70
N ARG D 222 -12.71 4.71 -9.56
CA ARG D 222 -11.94 3.47 -9.50
C ARG D 222 -12.65 2.35 -10.25
N LEU D 223 -13.96 2.24 -10.04
CA LEU D 223 -14.77 1.25 -10.72
C LEU D 223 -14.69 1.45 -12.23
N TYR D 224 -14.78 2.71 -12.66
CA TYR D 224 -14.67 3.04 -14.07
C TYR D 224 -13.31 2.64 -14.62
N GLY D 225 -12.27 2.92 -13.85
CA GLY D 225 -10.90 2.61 -14.24
C GLY D 225 -10.63 1.13 -14.47
N TYR D 226 -11.04 0.31 -13.51
CA TYR D 226 -10.84 -1.14 -13.61
C TYR D 226 -11.64 -1.73 -14.76
N ASP D 227 -12.79 -1.12 -15.06
CA ASP D 227 -13.63 -1.57 -16.16
C ASP D 227 -13.03 -1.18 -17.50
N TRP D 228 -12.51 0.04 -17.55
CA TRP D 228 -11.90 0.58 -18.76
C TRP D 228 -10.55 -0.07 -19.03
N ILE D 229 -9.68 0.01 -18.04
CA ILE D 229 -8.33 -0.52 -18.17
C ILE D 229 -8.29 -2.01 -17.79
N SER D 230 -8.48 -2.86 -18.80
CA SER D 230 -8.40 -4.30 -18.59
C SER D 230 -6.97 -4.70 -18.35
N ILE D 231 -6.77 -5.90 -17.82
CA ILE D 231 -5.43 -6.46 -17.75
C ILE D 231 -5.00 -6.63 -19.20
N PRO D 232 -3.81 -6.14 -19.56
CA PRO D 232 -3.30 -6.18 -20.94
C PRO D 232 -3.57 -7.52 -21.63
N LEU D 233 -4.18 -7.44 -22.80
CA LEU D 233 -4.60 -8.62 -23.55
C LEU D 233 -3.45 -9.60 -23.77
N VAL D 234 -2.29 -9.08 -24.14
CA VAL D 234 -1.11 -9.90 -24.39
C VAL D 234 -0.77 -10.77 -23.17
N TYR D 235 -0.89 -10.20 -21.98
CA TYR D 235 -0.60 -10.93 -20.75
C TYR D 235 -1.58 -12.09 -20.57
N THR D 236 -2.86 -11.79 -20.76
CA THR D 236 -3.90 -12.80 -20.67
C THR D 236 -3.68 -13.92 -21.69
N GLN D 237 -3.31 -13.56 -22.91
CA GLN D 237 -3.08 -14.55 -23.96
C GLN D 237 -1.88 -15.44 -23.64
N VAL D 238 -0.82 -14.84 -23.12
CA VAL D 238 0.38 -15.56 -22.73
C VAL D 238 0.08 -16.72 -21.79
N VAL D 239 -0.70 -16.47 -20.74
CA VAL D 239 -1.01 -17.51 -19.77
C VAL D 239 -1.92 -18.61 -20.32
N THR D 240 -2.77 -18.27 -21.29
CA THR D 240 -3.63 -19.30 -21.88
C THR D 240 -2.84 -20.14 -22.87
N VAL D 241 -1.90 -19.50 -23.55
CA VAL D 241 -1.02 -20.20 -24.48
C VAL D 241 -0.17 -21.21 -23.70
N ALA D 242 0.40 -20.75 -22.59
CA ALA D 242 1.22 -21.60 -21.73
C ALA D 242 0.42 -22.79 -21.20
N VAL D 243 -0.77 -22.51 -20.67
CA VAL D 243 -1.64 -23.55 -20.14
C VAL D 243 -2.04 -24.56 -21.22
N TYR D 244 -2.52 -24.06 -22.36
CA TYR D 244 -2.96 -24.93 -23.44
C TYR D 244 -1.80 -25.73 -24.04
N SER D 245 -0.62 -25.11 -24.10
CA SER D 245 0.58 -25.80 -24.55
C SER D 245 0.82 -27.05 -23.72
N PHE D 246 0.64 -26.91 -22.40
CA PHE D 246 0.79 -28.02 -21.47
C PHE D 246 -0.20 -29.14 -21.77
N PHE D 247 -1.47 -28.80 -21.88
CA PHE D 247 -2.51 -29.80 -22.13
C PHE D 247 -2.41 -30.42 -23.53
N LEU D 248 -1.85 -29.68 -24.47
CA LEU D 248 -1.62 -30.22 -25.81
C LEU D 248 -0.60 -31.36 -25.70
N ALA D 249 0.48 -31.09 -24.97
CA ALA D 249 1.51 -32.08 -24.71
C ALA D 249 0.93 -33.32 -24.02
N CYS D 250 0.12 -33.10 -22.99
CA CYS D 250 -0.50 -34.19 -22.24
C CYS D 250 -1.42 -35.07 -23.08
N LEU D 251 -2.17 -34.45 -23.99
CA LEU D 251 -3.09 -35.19 -24.86
C LEU D 251 -2.42 -36.39 -25.55
N ILE D 252 -1.19 -36.18 -26.00
CA ILE D 252 -0.45 -37.23 -26.68
C ILE D 252 0.60 -37.87 -25.77
N GLY D 253 1.40 -37.02 -25.13
CA GLY D 253 2.44 -37.48 -24.22
C GLY D 253 2.01 -38.38 -23.09
N ARG D 254 0.83 -38.11 -22.51
CA ARG D 254 0.32 -38.90 -21.39
C ARG D 254 -0.45 -40.14 -21.81
N GLN D 255 -0.43 -40.45 -23.10
CA GLN D 255 -1.07 -41.67 -23.59
C GLN D 255 -0.36 -42.90 -23.02
N PHE D 256 -1.13 -43.94 -22.69
CA PHE D 256 -0.53 -45.16 -22.16
C PHE D 256 0.07 -45.98 -23.31
N LEU D 257 1.39 -46.01 -23.37
CA LEU D 257 2.09 -46.71 -24.44
C LEU D 257 2.13 -48.21 -24.18
N ASP D 258 2.58 -48.95 -25.19
CA ASP D 258 2.69 -50.41 -25.10
C ASP D 258 3.59 -50.82 -23.94
N PRO D 259 3.03 -51.59 -22.99
CA PRO D 259 3.80 -52.09 -21.86
C PRO D 259 4.89 -53.06 -22.30
N GLU D 260 4.58 -53.85 -23.33
CA GLU D 260 5.51 -54.83 -23.87
C GLU D 260 6.80 -54.19 -24.37
N LYS D 261 6.67 -53.08 -25.08
CA LYS D 261 7.84 -52.37 -25.63
C LYS D 261 8.78 -51.88 -24.52
N ALA D 262 8.29 -51.89 -23.29
CA ALA D 262 9.09 -51.57 -22.11
C ALA D 262 9.79 -50.21 -22.19
N TYR D 263 9.03 -49.16 -22.47
CA TYR D 263 9.58 -47.81 -22.48
C TYR D 263 9.82 -47.35 -21.06
N PRO D 264 11.01 -46.81 -20.77
CA PRO D 264 11.29 -46.29 -19.44
C PRO D 264 10.28 -45.22 -19.03
N GLY D 265 9.53 -45.49 -17.95
CA GLY D 265 8.51 -44.57 -17.49
C GLY D 265 7.10 -45.03 -17.85
N HIS D 266 6.99 -45.96 -18.79
CA HIS D 266 5.69 -46.47 -19.22
C HIS D 266 5.58 -47.98 -19.07
N GLU D 267 5.74 -48.47 -17.85
CA GLU D 267 5.68 -49.91 -17.58
C GLU D 267 4.27 -50.42 -17.30
N LEU D 268 3.35 -49.51 -16.96
CA LEU D 268 2.00 -49.92 -16.59
C LEU D 268 0.92 -49.22 -17.40
N ASP D 269 -0.07 -50.00 -17.85
CA ASP D 269 -1.19 -49.47 -18.61
C ASP D 269 -2.46 -49.48 -17.75
N LEU D 270 -2.93 -48.29 -17.36
CA LEU D 270 -4.14 -48.17 -16.55
C LEU D 270 -5.34 -47.70 -17.36
N PHE D 271 -5.12 -47.45 -18.66
CA PHE D 271 -6.15 -46.95 -19.58
C PHE D 271 -6.63 -45.53 -19.22
N VAL D 272 -6.89 -45.28 -17.95
CA VAL D 272 -7.31 -43.96 -17.50
C VAL D 272 -6.18 -43.26 -16.73
N PRO D 273 -5.70 -42.13 -17.27
CA PRO D 273 -4.60 -41.34 -16.71
C PRO D 273 -5.05 -40.51 -15.50
N VAL D 274 -5.20 -41.20 -14.37
CA VAL D 274 -5.67 -40.59 -13.13
C VAL D 274 -4.95 -39.28 -12.78
N PHE D 275 -3.62 -39.34 -12.67
CA PHE D 275 -2.85 -38.17 -12.26
C PHE D 275 -2.80 -37.07 -13.32
N THR D 276 -2.97 -37.42 -14.58
CA THR D 276 -2.97 -36.43 -15.64
C THR D 276 -4.27 -35.62 -15.58
N PHE D 277 -5.36 -36.33 -15.27
CA PHE D 277 -6.66 -35.70 -15.09
C PHE D 277 -6.65 -34.83 -13.84
N LEU D 278 -5.97 -35.29 -12.80
CA LEU D 278 -5.83 -34.51 -11.58
C LEU D 278 -5.01 -33.26 -11.82
N GLN D 279 -4.06 -33.33 -12.75
CA GLN D 279 -3.25 -32.16 -13.11
C GLN D 279 -4.10 -31.18 -13.91
N PHE D 280 -5.05 -31.72 -14.67
CA PHE D 280 -5.94 -30.88 -15.47
C PHE D 280 -6.81 -30.04 -14.54
N PHE D 281 -7.41 -30.68 -13.55
CA PHE D 281 -8.23 -29.98 -12.57
C PHE D 281 -7.43 -28.90 -11.87
N PHE D 282 -6.20 -29.24 -11.52
CA PHE D 282 -5.29 -28.32 -10.86
C PHE D 282 -5.05 -27.07 -11.72
N TYR D 283 -4.44 -27.25 -12.89
CA TYR D 283 -4.06 -26.13 -13.74
C TYR D 283 -5.21 -25.43 -14.48
N ALA D 284 -6.13 -26.20 -15.05
CA ALA D 284 -7.27 -25.59 -15.72
C ALA D 284 -8.13 -24.86 -14.69
N GLY D 285 -8.26 -25.48 -13.51
CA GLY D 285 -8.99 -24.86 -12.41
C GLY D 285 -8.29 -23.64 -11.87
N TRP D 286 -6.96 -23.66 -11.88
CA TRP D 286 -6.17 -22.52 -11.43
C TRP D 286 -6.37 -21.36 -12.39
N LEU D 287 -6.45 -21.68 -13.68
CA LEU D 287 -6.71 -20.67 -14.70
C LEU D 287 -8.13 -20.13 -14.57
N LYS D 288 -9.05 -21.00 -14.17
CA LYS D 288 -10.45 -20.62 -13.99
C LYS D 288 -10.62 -19.63 -12.85
N VAL D 289 -9.68 -19.64 -11.90
CA VAL D 289 -9.70 -18.65 -10.82
C VAL D 289 -9.61 -17.27 -11.43
N ALA D 290 -8.61 -17.08 -12.29
CA ALA D 290 -8.43 -15.82 -12.99
C ALA D 290 -9.61 -15.56 -13.94
N GLU D 291 -10.02 -16.61 -14.66
CA GLU D 291 -11.12 -16.52 -15.61
C GLU D 291 -12.39 -15.95 -14.98
N GLN D 292 -12.66 -16.35 -13.73
CA GLN D 292 -13.86 -15.90 -13.03
C GLN D 292 -13.69 -14.51 -12.39
N LEU D 293 -12.54 -14.27 -11.78
CA LEU D 293 -12.31 -13.01 -11.08
C LEU D 293 -11.78 -11.87 -11.93
N ILE D 294 -11.49 -12.12 -13.21
CA ILE D 294 -10.97 -11.08 -14.08
C ILE D 294 -12.02 -9.98 -14.27
N ASN D 295 -13.28 -10.33 -14.04
CA ASN D 295 -14.38 -9.39 -14.09
C ASN D 295 -15.37 -9.80 -13.02
N PRO D 296 -15.20 -9.29 -11.79
CA PRO D 296 -16.01 -9.68 -10.64
C PRO D 296 -17.42 -9.06 -10.63
N PHE D 297 -17.76 -8.31 -11.67
CA PHE D 297 -19.06 -7.68 -11.77
C PHE D 297 -19.94 -8.39 -12.79
N GLY D 298 -19.51 -9.57 -13.23
CA GLY D 298 -20.29 -10.37 -14.16
C GLY D 298 -21.37 -11.17 -13.48
N GLU D 299 -21.80 -12.25 -14.10
CA GLU D 299 -22.86 -13.09 -13.55
C GLU D 299 -22.39 -14.46 -13.07
N ASP D 300 -21.11 -14.57 -12.71
CA ASP D 300 -20.59 -15.82 -12.18
C ASP D 300 -21.09 -16.02 -10.76
N ASP D 301 -21.08 -17.26 -10.29
CA ASP D 301 -21.50 -17.56 -8.93
C ASP D 301 -20.70 -16.75 -7.92
N ASP D 302 -19.39 -16.62 -8.15
CA ASP D 302 -18.54 -15.88 -7.23
C ASP D 302 -18.35 -14.41 -7.60
N ASP D 303 -19.09 -13.93 -8.60
CA ASP D 303 -19.05 -12.49 -8.91
C ASP D 303 -19.89 -11.74 -7.88
N PHE D 304 -19.53 -10.48 -7.63
CA PHE D 304 -20.20 -9.68 -6.60
C PHE D 304 -21.72 -9.56 -6.76
N GLU D 305 -22.40 -9.47 -5.62
CA GLU D 305 -23.85 -9.31 -5.56
C GLU D 305 -24.18 -7.82 -5.58
N THR D 306 -23.98 -7.18 -6.72
CA THR D 306 -24.14 -5.73 -6.80
C THR D 306 -25.58 -5.25 -6.69
N ASN D 307 -26.53 -6.05 -7.17
CA ASN D 307 -27.93 -5.65 -7.11
C ASN D 307 -28.49 -5.65 -5.70
N TRP D 308 -28.06 -6.59 -4.88
CA TRP D 308 -28.46 -6.62 -3.49
C TRP D 308 -27.91 -5.40 -2.77
N LEU D 309 -26.66 -5.06 -3.09
CA LEU D 309 -26.00 -3.90 -2.52
C LEU D 309 -26.81 -2.64 -2.81
N ILE D 310 -27.23 -2.49 -4.06
CA ILE D 310 -28.06 -1.37 -4.48
C ILE D 310 -29.35 -1.30 -3.64
N ASP D 311 -30.03 -2.44 -3.52
CA ASP D 311 -31.25 -2.51 -2.73
C ASP D 311 -31.00 -2.16 -1.26
N ARG D 312 -30.01 -2.81 -0.67
CA ARG D 312 -29.68 -2.58 0.73
C ARG D 312 -29.36 -1.10 0.98
N ASN D 313 -28.56 -0.52 0.10
CA ASN D 313 -28.14 0.88 0.27
C ASN D 313 -29.32 1.83 0.19
N LEU D 314 -30.20 1.61 -0.78
CA LEU D 314 -31.40 2.43 -0.92
C LEU D 314 -32.21 2.47 0.37
N GLN D 315 -32.57 1.29 0.85
CA GLN D 315 -33.34 1.13 2.09
C GLN D 315 -32.67 1.82 3.28
N VAL D 316 -31.44 1.42 3.58
CA VAL D 316 -30.70 1.95 4.72
C VAL D 316 -30.45 3.47 4.65
N SER D 317 -30.00 3.95 3.50
CA SER D 317 -29.70 5.37 3.29
C SER D 317 -30.84 6.27 3.75
N LEU D 318 -31.95 6.18 3.02
CA LEU D 318 -33.14 6.98 3.29
C LEU D 318 -33.62 6.84 4.73
N MET D 319 -33.66 5.62 5.23
CA MET D 319 -34.09 5.36 6.60
C MET D 319 -33.26 6.12 7.64
N ALA D 320 -31.97 6.24 7.39
CA ALA D 320 -31.07 6.87 8.35
C ALA D 320 -31.18 8.39 8.34
N VAL D 321 -31.47 8.96 7.17
CA VAL D 321 -31.58 10.40 7.05
C VAL D 321 -33.00 10.92 7.21
N ASP D 322 -33.97 10.01 7.19
CA ASP D 322 -35.36 10.40 7.36
C ASP D 322 -35.87 9.99 8.74
N GLU D 323 -36.35 8.75 8.86
CA GLU D 323 -36.86 8.24 10.12
C GLU D 323 -35.90 8.40 11.31
N MET D 324 -34.61 8.57 11.03
CA MET D 324 -33.61 8.63 12.10
C MET D 324 -33.01 10.00 12.32
N HIS D 325 -33.48 11.01 11.58
CA HIS D 325 -32.97 12.36 11.78
C HIS D 325 -33.30 12.88 13.17
N GLN D 326 -32.27 13.26 13.92
CA GLN D 326 -32.41 13.74 15.29
C GLN D 326 -33.37 12.89 16.14
N ASP D 327 -33.48 11.62 15.80
CA ASP D 327 -34.37 10.70 16.50
C ASP D 327 -33.55 9.68 17.29
N LEU D 328 -33.50 9.86 18.60
CA LEU D 328 -32.66 9.03 19.46
C LEU D 328 -33.50 8.24 20.45
N PRO D 329 -32.90 7.21 21.07
CA PRO D 329 -33.62 6.50 22.12
C PRO D 329 -33.54 7.29 23.43
N ILE D 330 -34.26 6.84 24.46
CA ILE D 330 -34.26 7.52 25.74
C ILE D 330 -32.92 7.30 26.45
N LEU D 331 -32.22 8.38 26.76
CA LEU D 331 -30.96 8.28 27.47
C LEU D 331 -31.17 7.70 28.86
N GLU D 332 -30.45 6.63 29.16
CA GLU D 332 -30.51 6.00 30.48
C GLU D 332 -29.11 5.93 31.04
N LYS D 333 -29.02 5.71 32.36
CA LYS D 333 -27.73 5.40 32.95
C LYS D 333 -27.43 3.98 32.53
N ASP D 334 -26.19 3.72 32.14
CA ASP D 334 -25.82 2.40 31.67
C ASP D 334 -25.70 1.44 32.85
N LEU D 335 -25.77 0.15 32.56
CA LEU D 335 -25.74 -0.88 33.59
C LEU D 335 -24.44 -0.86 34.41
N TYR D 336 -23.42 -0.17 33.88
CA TYR D 336 -22.12 -0.12 34.54
C TYR D 336 -21.80 1.28 35.05
N TRP D 337 -22.85 2.07 35.24
CA TRP D 337 -22.75 3.46 35.70
C TRP D 337 -21.83 3.65 36.90
N ASN D 338 -22.03 2.82 37.93
CA ASN D 338 -21.21 2.91 39.14
C ASN D 338 -20.11 1.87 39.19
N GLU D 339 -19.88 1.21 38.07
CA GLU D 339 -18.83 0.18 37.99
C GLU D 339 -17.70 0.62 37.07
N PRO D 340 -16.55 0.98 37.66
CA PRO D 340 -15.36 1.42 36.91
C PRO D 340 -14.71 0.28 36.12
N ASP D 341 -14.71 -0.92 36.68
CA ASP D 341 -14.14 -2.10 36.01
C ASP D 341 -15.20 -3.16 35.74
N PRO D 342 -16.06 -2.92 34.75
CA PRO D 342 -17.14 -3.86 34.42
C PRO D 342 -16.65 -5.25 34.03
N GLN D 343 -17.44 -6.26 34.38
CA GLN D 343 -17.11 -7.64 34.05
C GLN D 343 -18.28 -8.30 33.33
N PRO D 344 -18.51 -7.92 32.06
CA PRO D 344 -19.60 -8.47 31.26
C PRO D 344 -19.62 -10.00 31.31
N PRO D 345 -20.80 -10.59 31.43
CA PRO D 345 -20.94 -12.05 31.57
C PRO D 345 -20.51 -12.82 30.33
N TYR D 346 -20.41 -14.14 30.50
CA TYR D 346 -20.08 -15.05 29.41
C TYR D 346 -21.08 -16.18 29.43
N THR D 347 -21.42 -16.70 28.26
CA THR D 347 -22.27 -17.87 28.19
C THR D 347 -21.46 -19.06 28.67
N ALA D 348 -22.12 -20.20 28.85
CA ALA D 348 -21.44 -21.39 29.31
C ALA D 348 -20.36 -21.82 28.31
N ALA D 349 -20.71 -21.76 27.04
CA ALA D 349 -19.81 -22.17 25.96
C ALA D 349 -18.62 -21.24 25.71
N THR D 350 -18.68 -20.00 26.18
CA THR D 350 -17.63 -19.03 25.87
C THR D 350 -16.78 -18.58 27.04
N ALA D 351 -16.93 -19.22 28.20
CA ALA D 351 -16.19 -18.80 29.38
C ALA D 351 -14.68 -19.02 29.24
N GLU D 352 -14.32 -20.00 28.42
CA GLU D 352 -12.91 -20.29 28.17
C GLU D 352 -12.23 -19.11 27.47
N TYR D 353 -13.05 -18.24 26.89
CA TYR D 353 -12.53 -17.09 26.14
C TYR D 353 -12.38 -15.82 26.98
N LYS D 354 -12.64 -15.94 28.29
CA LYS D 354 -12.39 -14.83 29.19
C LYS D 354 -10.92 -14.92 29.60
N ARG D 355 -10.09 -14.07 29.01
CA ARG D 355 -8.65 -14.15 29.20
C ARG D 355 -8.12 -13.00 30.05
N PRO D 356 -6.95 -13.20 30.66
CA PRO D 356 -6.33 -12.08 31.38
C PRO D 356 -5.77 -11.09 30.37
N SER D 357 -5.68 -9.82 30.74
CA SER D 357 -5.23 -8.79 29.81
C SER D 357 -3.80 -9.04 29.34
N PHE D 358 -3.58 -8.95 28.03
CA PHE D 358 -2.23 -9.02 27.49
C PHE D 358 -1.56 -7.68 27.66
N LEU D 359 -0.55 -7.63 28.51
CA LEU D 359 0.10 -6.38 28.85
C LEU D 359 1.25 -6.07 27.91
N GLY D 360 1.88 -7.12 27.39
CA GLY D 360 3.03 -6.98 26.52
C GLY D 360 3.94 -8.18 26.66
N SER D 361 4.75 -8.43 25.63
CA SER D 361 5.63 -9.58 25.62
C SER D 361 6.72 -9.47 26.70
N THR D 362 7.16 -8.25 26.96
CA THR D 362 8.28 -8.00 27.87
C THR D 362 7.97 -8.31 29.33
N PHE D 363 6.69 -8.27 29.70
CA PHE D 363 6.30 -8.44 31.09
C PHE D 363 6.24 -9.90 31.52
N ASP D 364 6.66 -10.15 32.75
CA ASP D 364 6.61 -11.48 33.33
C ASP D 364 5.16 -11.81 33.66
N ILE D 365 4.67 -12.94 33.18
CA ILE D 365 3.31 -13.36 33.45
C ILE D 365 3.23 -14.03 34.82
N SER D 366 2.91 -13.23 35.84
CA SER D 366 2.84 -13.71 37.21
C SER D 366 1.61 -13.15 37.93
N THR E 1 -2.83 -13.98 20.15
CA THR E 1 -3.70 -15.02 20.70
C THR E 1 -2.88 -16.21 21.19
N VAL E 2 -1.94 -16.65 20.36
CA VAL E 2 -0.89 -17.56 20.80
C VAL E 2 0.41 -16.78 20.61
N THR E 3 0.72 -15.94 21.59
CA THR E 3 1.85 -15.03 21.50
C THR E 3 3.13 -15.69 22.02
N TYR E 4 4.12 -15.81 21.14
CA TYR E 4 5.43 -16.35 21.51
C TYR E 4 6.48 -15.30 21.20
N THR E 5 6.01 -14.06 21.00
CA THR E 5 6.85 -12.91 20.67
C THR E 5 8.10 -12.76 21.55
N ASN E 6 7.96 -13.01 22.84
CA ASN E 6 9.08 -12.83 23.76
C ASN E 6 10.12 -13.96 23.64
N ARG E 7 9.67 -15.15 23.27
CA ARG E 7 10.56 -16.29 23.11
C ARG E 7 11.51 -16.07 21.94
N VAL E 8 11.00 -15.42 20.90
CA VAL E 8 11.76 -15.19 19.68
C VAL E 8 12.33 -13.77 19.62
N ALA E 9 12.52 -13.16 20.78
CA ALA E 9 13.05 -11.80 20.84
C ALA E 9 14.47 -11.73 20.30
N ASP E 10 15.27 -12.73 20.63
CA ASP E 10 16.65 -12.78 20.18
C ASP E 10 16.88 -14.00 19.30
N ALA E 11 17.86 -13.90 18.41
CA ALA E 11 18.20 -15.00 17.51
C ALA E 11 19.33 -15.82 18.12
N ARG E 12 18.97 -16.71 19.03
CA ARG E 12 19.93 -17.55 19.72
C ARG E 12 19.92 -18.96 19.14
N LEU E 13 20.60 -19.90 19.81
CA LEU E 13 20.72 -21.27 19.32
C LEU E 13 19.38 -21.97 19.02
N GLY E 14 18.47 -21.98 20.00
CA GLY E 14 17.22 -22.69 19.83
C GLY E 14 15.99 -21.82 19.71
N THR E 15 16.15 -20.60 19.19
CA THR E 15 15.05 -19.65 19.01
C THR E 15 13.82 -20.28 18.35
N PHE E 16 14.03 -21.00 17.25
CA PHE E 16 12.94 -21.61 16.51
C PHE E 16 12.73 -23.08 16.88
N SER E 17 13.83 -23.76 17.20
CA SER E 17 13.78 -25.17 17.61
C SER E 17 12.87 -25.38 18.83
N GLN E 18 13.00 -24.49 19.81
CA GLN E 18 12.18 -24.54 21.02
C GLN E 18 10.68 -24.58 20.72
N LEU E 19 10.28 -23.92 19.64
CA LEU E 19 8.87 -23.82 19.29
C LEU E 19 8.30 -25.14 18.79
N LEU E 20 9.18 -26.07 18.46
CA LEU E 20 8.76 -27.40 18.02
C LEU E 20 8.25 -28.23 19.18
N LEU E 21 8.50 -27.75 20.40
CA LEU E 21 8.08 -28.44 21.61
C LEU E 21 6.77 -27.89 22.18
N GLN E 22 6.15 -26.96 21.46
CA GLN E 22 4.92 -26.33 21.92
C GLN E 22 3.69 -26.99 21.28
N TRP E 23 2.65 -27.21 22.09
CA TRP E 23 1.43 -27.87 21.61
C TRP E 23 0.32 -26.91 21.19
N LYS E 24 0.07 -25.89 22.01
CA LYS E 24 -0.99 -24.93 21.72
C LYS E 24 -0.81 -24.24 20.37
N GLY E 25 -1.84 -24.30 19.53
CA GLY E 25 -1.80 -23.71 18.21
C GLY E 25 -0.67 -24.22 17.34
N SER E 26 -0.27 -25.46 17.59
CA SER E 26 0.87 -26.05 16.89
C SER E 26 0.49 -26.84 15.65
N ILE E 27 1.52 -27.24 14.91
CA ILE E 27 1.36 -28.04 13.71
C ILE E 27 0.88 -29.45 14.07
N TYR E 28 1.31 -29.93 15.22
CA TYR E 28 0.91 -31.26 15.70
C TYR E 28 -0.58 -31.32 15.98
N LYS E 29 -1.07 -30.32 16.71
CA LYS E 29 -2.48 -30.26 17.11
C LYS E 29 -3.41 -30.14 15.90
N LEU E 30 -2.97 -29.40 14.88
CA LEU E 30 -3.79 -29.19 13.69
C LEU E 30 -3.73 -30.35 12.70
N LEU E 31 -2.64 -31.11 12.72
CA LEU E 31 -2.45 -32.21 11.77
C LEU E 31 -2.81 -33.57 12.34
N TYR E 32 -2.89 -33.66 13.67
CA TYR E 32 -3.14 -34.91 14.40
C TYR E 32 -4.00 -35.95 13.68
N SER E 33 -5.28 -35.66 13.50
CA SER E 33 -6.22 -36.59 12.86
C SER E 33 -5.80 -36.97 11.44
N GLU E 34 -5.50 -35.97 10.62
CA GLU E 34 -5.08 -36.21 9.23
C GLU E 34 -3.86 -37.14 9.17
N PHE E 35 -2.86 -36.85 9.99
CA PHE E 35 -1.63 -37.64 10.02
C PHE E 35 -1.93 -39.11 10.34
N LEU E 36 -2.77 -39.34 11.35
CA LEU E 36 -3.15 -40.68 11.77
C LEU E 36 -3.80 -41.46 10.63
N ILE E 37 -4.70 -40.79 9.90
CA ILE E 37 -5.37 -41.41 8.76
C ILE E 37 -4.35 -41.74 7.67
N PHE E 38 -3.40 -40.84 7.46
CA PHE E 38 -2.33 -41.07 6.49
C PHE E 38 -1.48 -42.26 6.93
N ILE E 39 -0.98 -42.19 8.17
CA ILE E 39 -0.22 -43.28 8.78
C ILE E 39 -0.91 -44.64 8.58
N SER E 40 -2.19 -44.69 8.94
CA SER E 40 -2.99 -45.91 8.84
C SER E 40 -3.06 -46.42 7.41
N LEU E 41 -3.56 -45.59 6.51
CA LEU E 41 -3.67 -45.94 5.09
C LEU E 41 -2.35 -46.43 4.51
N TYR E 42 -1.25 -45.79 4.89
CA TYR E 42 0.07 -46.19 4.39
C TYR E 42 0.41 -47.61 4.82
N PHE E 43 0.52 -47.81 6.14
CA PHE E 43 0.90 -49.11 6.69
C PHE E 43 -0.12 -50.20 6.35
N ALA E 44 -1.37 -49.82 6.12
CA ALA E 44 -2.39 -50.78 5.70
C ALA E 44 -2.01 -51.33 4.33
N ILE E 45 -1.79 -50.42 3.39
CA ILE E 45 -1.31 -50.77 2.06
C ILE E 45 -0.01 -51.58 2.13
N SER E 46 0.89 -51.13 3.00
CA SER E 46 2.18 -51.79 3.18
C SER E 46 2.06 -53.26 3.55
N LEU E 47 1.16 -53.57 4.48
CA LEU E 47 0.95 -54.95 4.92
C LEU E 47 0.31 -55.79 3.83
N VAL E 48 -0.64 -55.21 3.12
CA VAL E 48 -1.29 -55.88 1.99
C VAL E 48 -0.26 -56.34 0.97
N TYR E 49 0.73 -55.48 0.72
CA TYR E 49 1.79 -55.77 -0.23
C TYR E 49 2.76 -56.83 0.31
N ARG E 50 3.12 -56.69 1.58
CA ARG E 50 4.08 -57.61 2.19
C ARG E 50 3.48 -58.98 2.53
N LEU E 51 2.22 -59.01 2.98
CA LEU E 51 1.63 -60.24 3.48
C LEU E 51 0.49 -60.85 2.65
N ILE E 52 -0.17 -60.06 1.82
CA ILE E 52 -1.35 -60.56 1.12
C ILE E 52 -1.11 -60.84 -0.37
N LEU E 53 -0.67 -59.83 -1.10
CA LEU E 53 -0.47 -59.94 -2.54
C LEU E 53 0.40 -61.13 -2.94
N SER E 54 0.05 -61.74 -4.07
CA SER E 54 0.83 -62.85 -4.61
C SER E 54 2.03 -62.30 -5.35
N GLU E 55 2.98 -63.18 -5.68
CA GLU E 55 4.19 -62.77 -6.39
C GLU E 55 3.88 -61.98 -7.67
N SER E 56 2.82 -62.38 -8.35
CA SER E 56 2.42 -61.72 -9.59
C SER E 56 1.74 -60.38 -9.30
N GLN E 57 0.92 -60.35 -8.25
CA GLN E 57 0.25 -59.12 -7.84
C GLN E 57 1.27 -58.11 -7.32
N ARG E 58 2.26 -58.62 -6.59
CA ARG E 58 3.33 -57.78 -6.06
C ARG E 58 4.04 -57.05 -7.20
N LEU E 59 4.21 -57.73 -8.33
CA LEU E 59 4.88 -57.13 -9.47
C LEU E 59 4.03 -56.01 -10.07
N MET E 60 2.71 -56.16 -10.02
CA MET E 60 1.82 -55.12 -10.51
C MET E 60 1.85 -53.92 -9.57
N PHE E 61 1.77 -54.19 -8.28
CA PHE E 61 1.83 -53.15 -7.26
C PHE E 61 3.12 -52.34 -7.38
N GLU E 62 4.23 -53.03 -7.63
CA GLU E 62 5.52 -52.37 -7.76
C GLU E 62 5.54 -51.47 -8.98
N LYS E 63 4.88 -51.91 -10.05
CA LYS E 63 4.78 -51.11 -11.27
C LYS E 63 3.83 -49.95 -11.05
N LEU E 64 2.82 -50.17 -10.22
CA LEU E 64 1.86 -49.13 -9.88
C LEU E 64 2.51 -48.06 -9.00
N ALA E 65 3.34 -48.50 -8.07
CA ALA E 65 4.04 -47.59 -7.16
C ALA E 65 5.04 -46.70 -7.90
N LEU E 66 5.70 -47.26 -8.91
CA LEU E 66 6.67 -46.50 -9.70
C LEU E 66 5.93 -45.42 -10.49
N TYR E 67 4.71 -45.75 -10.90
CA TYR E 67 3.84 -44.84 -11.64
C TYR E 67 3.39 -43.69 -10.77
N CYS E 68 2.86 -44.03 -9.60
CA CYS E 68 2.39 -43.03 -8.65
C CYS E 68 3.51 -42.12 -8.16
N ASN E 69 4.65 -42.70 -7.84
CA ASN E 69 5.78 -41.95 -7.32
C ASN E 69 6.28 -40.89 -8.28
N SER E 70 6.15 -41.16 -9.58
CA SER E 70 6.60 -40.21 -10.60
C SER E 70 5.68 -38.99 -10.69
N TYR E 71 4.54 -39.06 -10.00
CA TYR E 71 3.57 -37.96 -10.03
C TYR E 71 3.54 -37.20 -8.71
N ALA E 72 4.39 -37.60 -7.77
CA ALA E 72 4.54 -36.85 -6.54
C ALA E 72 5.51 -35.71 -6.79
N GLU E 73 4.98 -34.58 -7.24
CA GLU E 73 5.80 -33.44 -7.61
C GLU E 73 5.55 -32.27 -6.68
N LEU E 74 6.60 -31.89 -5.94
CA LEU E 74 6.51 -30.84 -4.93
C LEU E 74 6.48 -29.43 -5.51
N ILE E 75 7.26 -29.19 -6.56
CA ILE E 75 7.36 -27.87 -7.17
C ILE E 75 6.02 -27.22 -7.53
N PRO E 76 5.13 -27.94 -8.25
CA PRO E 76 3.85 -27.31 -8.56
C PRO E 76 2.99 -27.04 -7.32
N VAL E 77 3.00 -27.97 -6.38
CA VAL E 77 2.23 -27.81 -5.15
C VAL E 77 2.77 -26.66 -4.30
N SER E 78 4.09 -26.55 -4.21
CA SER E 78 4.73 -25.49 -3.46
C SER E 78 4.38 -24.11 -4.01
N PHE E 79 4.21 -24.04 -5.33
CA PHE E 79 3.84 -22.80 -6.00
C PHE E 79 2.49 -22.29 -5.53
N VAL E 80 1.46 -23.11 -5.78
CA VAL E 80 0.09 -22.75 -5.45
C VAL E 80 -0.10 -22.50 -3.95
N LEU E 81 0.58 -23.27 -3.11
CA LEU E 81 0.51 -23.06 -1.67
C LEU E 81 1.04 -21.69 -1.29
N GLY E 82 2.28 -21.41 -1.69
CA GLY E 82 2.92 -20.13 -1.42
C GLY E 82 2.06 -18.92 -1.77
N PHE E 83 1.51 -18.92 -2.98
CA PHE E 83 0.67 -17.81 -3.44
C PHE E 83 -0.66 -17.75 -2.68
N TYR E 84 -1.25 -18.91 -2.43
CA TYR E 84 -2.54 -18.99 -1.76
C TYR E 84 -2.43 -18.60 -0.29
N VAL E 85 -1.46 -19.19 0.41
CA VAL E 85 -1.25 -18.89 1.83
C VAL E 85 -0.91 -17.41 2.00
N SER E 86 -0.22 -16.84 1.02
CA SER E 86 0.13 -15.42 1.06
C SER E 86 -1.13 -14.56 1.02
N LEU E 87 -2.08 -14.95 0.17
CA LEU E 87 -3.36 -14.27 0.09
C LEU E 87 -4.09 -14.36 1.42
N VAL E 88 -4.11 -15.55 2.00
CA VAL E 88 -4.77 -15.78 3.29
C VAL E 88 -4.13 -14.94 4.39
N VAL E 89 -2.80 -14.99 4.47
CA VAL E 89 -2.05 -14.25 5.48
C VAL E 89 -2.26 -12.75 5.33
N SER E 90 -2.35 -12.30 4.08
CA SER E 90 -2.61 -10.89 3.79
C SER E 90 -3.96 -10.45 4.35
N ARG E 91 -5.01 -11.18 4.01
CA ARG E 91 -6.36 -10.90 4.51
C ARG E 91 -6.41 -11.02 6.03
N TRP E 92 -5.68 -12.00 6.56
CA TRP E 92 -5.59 -12.24 7.99
C TRP E 92 -5.17 -10.99 8.77
N TRP E 93 -4.11 -10.34 8.34
CA TRP E 93 -3.63 -9.15 9.02
C TRP E 93 -4.52 -7.95 8.75
N ALA E 94 -5.12 -7.90 7.55
CA ALA E 94 -6.01 -6.83 7.18
C ALA E 94 -7.25 -6.84 8.08
N GLN E 95 -7.73 -8.05 8.37
CA GLN E 95 -8.88 -8.21 9.24
C GLN E 95 -8.58 -7.77 10.67
N TYR E 96 -7.37 -8.05 11.15
CA TYR E 96 -7.00 -7.60 12.48
C TYR E 96 -7.05 -6.08 12.59
N GLU E 97 -6.41 -5.41 11.64
CA GLU E 97 -6.36 -3.96 11.65
C GLU E 97 -7.72 -3.33 11.38
N SER E 98 -8.69 -4.18 11.03
CA SER E 98 -10.06 -3.73 10.79
C SER E 98 -10.89 -3.86 12.06
N ILE E 99 -10.32 -4.43 13.11
CA ILE E 99 -11.01 -4.49 14.40
C ILE E 99 -10.96 -3.09 15.00
N PRO E 100 -12.14 -2.48 15.18
CA PRO E 100 -12.22 -1.10 15.67
C PRO E 100 -11.80 -0.92 17.13
N TRP E 101 -11.03 0.14 17.37
CA TRP E 101 -10.62 0.50 18.73
C TRP E 101 -11.22 1.85 19.08
N PRO E 102 -11.73 1.98 20.32
CA PRO E 102 -12.40 3.21 20.76
C PRO E 102 -11.46 4.38 21.00
N ASP E 103 -10.21 4.09 21.34
CA ASP E 103 -9.21 5.07 21.75
C ASP E 103 -9.19 6.43 21.04
N ARG E 104 -9.37 6.45 19.71
CA ARG E 104 -9.32 7.74 19.01
C ARG E 104 -10.57 8.57 19.25
N ILE E 105 -11.75 7.95 19.21
CA ILE E 105 -12.99 8.65 19.53
C ILE E 105 -12.95 8.98 21.00
N MET E 106 -12.51 8.00 21.77
CA MET E 106 -12.35 8.08 23.22
C MET E 106 -11.63 9.34 23.67
N ASN E 107 -10.51 9.67 23.02
CA ASN E 107 -9.74 10.86 23.37
C ASN E 107 -10.50 12.15 23.12
N LEU E 108 -11.20 12.22 22.00
CA LEU E 108 -11.95 13.42 21.64
C LEU E 108 -13.19 13.64 22.51
N VAL E 109 -14.01 12.59 22.65
CA VAL E 109 -15.22 12.67 23.46
C VAL E 109 -14.91 13.05 24.91
N SER E 110 -13.81 12.48 25.43
CA SER E 110 -13.40 12.74 26.81
C SER E 110 -13.04 14.20 27.06
N CYS E 111 -12.43 14.85 26.07
CA CYS E 111 -11.97 16.22 26.25
C CYS E 111 -12.88 17.30 25.64
N ASN E 112 -13.68 16.94 24.64
CA ASN E 112 -14.50 17.93 23.94
C ASN E 112 -16.00 17.90 24.21
N VAL E 113 -16.46 17.02 25.10
CA VAL E 113 -17.87 17.04 25.47
C VAL E 113 -17.95 17.56 26.90
N ASP E 114 -18.28 18.84 27.02
CA ASP E 114 -18.24 19.57 28.28
C ASP E 114 -19.27 19.16 29.33
N GLY E 115 -18.92 19.39 30.59
CA GLY E 115 -19.83 19.13 31.69
C GLY E 115 -19.27 18.21 32.76
N GLU E 116 -19.20 18.71 33.98
CA GLU E 116 -18.78 17.91 35.13
C GLU E 116 -20.00 17.53 35.94
N ASP E 117 -21.17 17.69 35.32
CA ASP E 117 -22.44 17.35 35.94
C ASP E 117 -22.97 16.04 35.40
N GLU E 118 -23.84 15.38 36.17
CA GLU E 118 -24.42 14.10 35.81
C GLU E 118 -24.83 13.95 34.34
N TYR E 119 -25.36 15.03 33.75
CA TYR E 119 -25.77 14.97 32.36
C TYR E 119 -24.55 14.89 31.44
N GLY E 120 -23.57 15.75 31.70
CA GLY E 120 -22.32 15.73 30.96
C GLY E 120 -21.67 14.36 31.03
N ARG E 121 -21.80 13.72 32.19
CA ARG E 121 -21.28 12.38 32.41
C ARG E 121 -22.08 11.36 31.61
N LEU E 122 -23.40 11.44 31.73
CA LEU E 122 -24.29 10.54 31.00
C LEU E 122 -24.12 10.70 29.50
N LEU E 123 -23.84 11.92 29.08
CA LEU E 123 -23.66 12.23 27.66
C LEU E 123 -22.44 11.52 27.10
N ARG E 124 -21.30 11.74 27.74
CA ARG E 124 -20.04 11.12 27.32
C ARG E 124 -20.09 9.59 27.35
N ARG E 125 -20.66 9.05 28.42
CA ARG E 125 -20.77 7.59 28.55
C ARG E 125 -21.66 6.98 27.47
N THR E 126 -22.73 7.67 27.13
CA THR E 126 -23.68 7.17 26.14
C THR E 126 -23.08 7.22 24.74
N LEU E 127 -22.29 8.24 24.47
CA LEU E 127 -21.61 8.38 23.18
C LEU E 127 -20.65 7.21 22.95
N MET E 128 -19.77 6.95 23.92
CA MET E 128 -18.84 5.84 23.83
C MET E 128 -19.56 4.51 23.63
N ARG E 129 -20.63 4.29 24.38
CA ARG E 129 -21.38 3.04 24.28
C ARG E 129 -21.98 2.85 22.90
N TYR E 130 -22.30 3.95 22.22
CA TYR E 130 -22.85 3.86 20.87
C TYR E 130 -21.77 3.38 19.92
N SER E 131 -20.53 3.78 20.19
CA SER E 131 -19.38 3.31 19.43
C SER E 131 -19.16 1.82 19.68
N ASN E 132 -19.01 1.47 20.96
CA ASN E 132 -18.79 0.09 21.35
C ASN E 132 -19.91 -0.83 20.90
N LEU E 133 -21.14 -0.30 20.83
CA LEU E 133 -22.27 -1.10 20.38
C LEU E 133 -22.15 -1.35 18.88
N CYS E 134 -21.73 -0.31 18.16
CA CYS E 134 -21.51 -0.41 16.72
C CYS E 134 -20.51 -1.52 16.41
N SER E 135 -19.52 -1.65 17.29
CA SER E 135 -18.49 -2.69 17.17
C SER E 135 -19.00 -4.08 17.54
N VAL E 136 -19.49 -4.22 18.77
CA VAL E 136 -20.04 -5.49 19.25
C VAL E 136 -21.06 -6.10 18.29
N LEU E 137 -21.89 -5.26 17.69
CA LEU E 137 -22.89 -5.74 16.74
C LEU E 137 -22.27 -6.38 15.50
N ILE E 138 -21.23 -5.77 14.95
CA ILE E 138 -20.56 -6.33 13.78
C ILE E 138 -19.71 -7.54 14.16
N LEU E 139 -19.04 -7.49 15.31
CA LEU E 139 -18.22 -8.61 15.78
C LEU E 139 -19.02 -9.90 15.97
N ARG E 140 -20.22 -9.79 16.53
CA ARG E 140 -21.05 -10.97 16.75
C ARG E 140 -21.64 -11.48 15.44
N SER E 141 -21.43 -10.71 14.37
CA SER E 141 -21.87 -11.08 13.04
C SER E 141 -20.79 -11.84 12.29
N VAL E 142 -19.54 -11.59 12.64
CA VAL E 142 -18.42 -12.19 11.94
C VAL E 142 -17.61 -13.18 12.78
N SER E 143 -17.71 -13.07 14.09
CA SER E 143 -16.94 -13.94 14.98
C SER E 143 -17.81 -14.97 15.69
N THR E 144 -17.50 -16.24 15.51
CA THR E 144 -18.25 -17.31 16.14
C THR E 144 -17.98 -17.32 17.64
N ALA E 145 -16.80 -16.87 18.03
CA ALA E 145 -16.43 -16.79 19.43
C ALA E 145 -17.28 -15.75 20.15
N VAL E 146 -17.56 -14.65 19.46
CA VAL E 146 -18.39 -13.59 20.02
C VAL E 146 -19.86 -13.96 19.96
N TYR E 147 -20.32 -14.45 18.80
CA TYR E 147 -21.72 -14.84 18.63
C TYR E 147 -22.18 -15.84 19.69
N LYS E 148 -21.34 -16.82 20.01
CA LYS E 148 -21.72 -17.80 21.02
C LYS E 148 -21.83 -17.17 22.41
N ARG E 149 -21.35 -15.94 22.54
CA ARG E 149 -21.45 -15.18 23.79
C ARG E 149 -22.64 -14.24 23.72
N PHE E 150 -23.02 -13.86 22.51
CA PHE E 150 -24.18 -12.99 22.28
C PHE E 150 -25.10 -13.55 21.20
N PRO E 151 -25.61 -14.77 21.39
CA PRO E 151 -26.42 -15.46 20.38
C PRO E 151 -27.69 -14.71 20.00
N SER E 152 -28.20 -13.92 20.94
CA SER E 152 -29.44 -13.17 20.72
C SER E 152 -29.26 -11.73 21.17
N MET E 153 -30.08 -10.84 20.61
CA MET E 153 -30.00 -9.42 20.95
C MET E 153 -30.32 -9.19 22.44
N GLU E 154 -30.98 -10.15 23.07
CA GLU E 154 -31.26 -10.08 24.50
C GLU E 154 -29.95 -10.20 25.29
N HIS E 155 -29.06 -11.06 24.82
CA HIS E 155 -27.76 -11.24 25.46
C HIS E 155 -26.99 -9.93 25.47
N VAL E 156 -27.07 -9.19 24.37
CA VAL E 156 -26.39 -7.91 24.24
C VAL E 156 -26.90 -6.95 25.31
N VAL E 157 -28.21 -6.91 25.48
CA VAL E 157 -28.85 -6.04 26.46
C VAL E 157 -28.48 -6.43 27.90
N ARG E 158 -28.71 -7.69 28.24
CA ARG E 158 -28.43 -8.20 29.59
C ARG E 158 -26.96 -8.08 29.98
N ALA E 159 -26.08 -8.01 28.98
CA ALA E 159 -24.65 -7.91 29.25
C ALA E 159 -24.25 -6.47 29.54
N GLY E 160 -25.19 -5.55 29.31
CA GLY E 160 -24.96 -4.15 29.60
C GLY E 160 -24.32 -3.37 28.47
N LEU E 161 -24.42 -3.91 27.25
CA LEU E 161 -23.88 -3.24 26.08
C LEU E 161 -24.95 -2.42 25.38
N MET E 162 -26.20 -2.65 25.77
CA MET E 162 -27.33 -1.95 25.18
C MET E 162 -28.47 -1.85 26.21
N THR E 163 -29.08 -0.68 26.29
CA THR E 163 -30.20 -0.49 27.22
C THR E 163 -31.49 -1.00 26.60
N PRO E 164 -32.46 -1.38 27.44
CA PRO E 164 -33.75 -1.87 26.93
C PRO E 164 -34.50 -0.83 26.11
N GLU E 165 -34.27 0.45 26.40
CA GLU E 165 -34.87 1.52 25.61
C GLU E 165 -34.25 1.54 24.21
N GLU E 166 -32.92 1.43 24.18
CA GLU E 166 -32.17 1.37 22.93
C GLU E 166 -32.61 0.18 22.10
N HIS E 167 -32.83 -0.95 22.77
CA HIS E 167 -33.31 -2.16 22.11
C HIS E 167 -34.70 -1.93 21.55
N LYS E 168 -35.51 -1.14 22.25
CA LYS E 168 -36.85 -0.81 21.81
C LYS E 168 -36.78 0.05 20.55
N LYS E 169 -35.93 1.07 20.59
CA LYS E 169 -35.71 1.95 19.46
C LYS E 169 -35.13 1.14 18.30
N PHE E 170 -34.27 0.19 18.63
CA PHE E 170 -33.64 -0.70 17.67
C PHE E 170 -34.68 -1.46 16.86
N GLU E 171 -35.61 -2.11 17.57
CA GLU E 171 -36.68 -2.88 16.95
C GLU E 171 -37.65 -2.00 16.16
N SER E 172 -37.91 -0.80 16.67
CA SER E 172 -38.84 0.12 16.04
C SER E 172 -38.42 0.46 14.62
N LEU E 173 -37.11 0.48 14.38
CA LEU E 173 -36.57 0.78 13.06
C LEU E 173 -36.64 -0.46 12.18
N ASN E 174 -37.57 -0.46 11.23
CA ASN E 174 -37.81 -1.62 10.39
C ASN E 174 -36.83 -1.71 9.22
N SER E 175 -36.00 -2.74 9.24
CA SER E 175 -35.03 -2.97 8.17
C SER E 175 -34.68 -4.45 8.10
N PRO E 176 -34.66 -5.02 6.89
CA PRO E 176 -34.34 -6.44 6.70
C PRO E 176 -32.84 -6.73 6.76
N HIS E 177 -32.03 -5.68 6.77
CA HIS E 177 -30.58 -5.82 6.73
C HIS E 177 -29.96 -5.73 8.11
N ASN E 178 -28.68 -6.08 8.22
CA ASN E 178 -27.94 -6.01 9.47
C ASN E 178 -27.93 -4.58 10.01
N LYS E 179 -28.40 -4.41 11.24
CA LYS E 179 -28.53 -3.09 11.86
C LYS E 179 -27.30 -2.61 12.62
N PHE E 180 -26.13 -3.21 12.39
CA PHE E 180 -24.93 -2.81 13.11
C PHE E 180 -24.61 -1.32 12.93
N TRP E 181 -25.14 -0.73 11.86
CA TRP E 181 -24.89 0.66 11.51
C TRP E 181 -25.74 1.64 12.32
N ILE E 182 -26.80 1.13 12.95
CA ILE E 182 -27.72 1.96 13.73
C ILE E 182 -27.00 2.79 14.81
N PRO E 183 -26.30 2.16 15.78
CA PRO E 183 -25.62 2.94 16.82
C PRO E 183 -24.72 4.05 16.28
N CYS E 184 -24.18 3.83 15.08
CA CYS E 184 -23.26 4.76 14.46
C CYS E 184 -24.02 6.02 14.01
N VAL E 185 -25.30 5.84 13.69
CA VAL E 185 -26.16 6.96 13.32
C VAL E 185 -26.58 7.72 14.58
N TRP E 186 -27.02 6.96 15.59
CA TRP E 186 -27.35 7.51 16.90
C TRP E 186 -26.23 8.41 17.42
N PHE E 187 -25.00 7.91 17.34
CA PHE E 187 -23.83 8.64 17.79
C PHE E 187 -23.73 10.02 17.15
N SER E 188 -23.78 10.06 15.82
CA SER E 188 -23.67 11.31 15.08
C SER E 188 -24.79 12.27 15.45
N ASN E 189 -26.00 11.74 15.57
CA ASN E 189 -27.14 12.55 15.99
C ASN E 189 -26.98 13.06 17.43
N LEU E 190 -26.58 12.18 18.34
CA LEU E 190 -26.36 12.56 19.73
C LEU E 190 -25.23 13.56 19.87
N ALA E 191 -24.23 13.44 19.00
CA ALA E 191 -23.10 14.36 19.04
C ALA E 191 -23.55 15.74 18.60
N VAL E 192 -24.47 15.80 17.64
CA VAL E 192 -25.00 17.06 17.15
C VAL E 192 -25.90 17.69 18.21
N LYS E 193 -26.79 16.88 18.77
CA LYS E 193 -27.67 17.32 19.85
C LYS E 193 -26.84 17.89 21.00
N ALA E 194 -25.74 17.22 21.30
CA ALA E 194 -24.83 17.65 22.36
C ALA E 194 -24.24 19.02 22.05
N ARG E 195 -23.96 19.26 20.77
CA ARG E 195 -23.38 20.54 20.36
C ARG E 195 -24.40 21.65 20.45
N ASN E 196 -25.66 21.33 20.13
CA ASN E 196 -26.73 22.30 20.19
C ASN E 196 -27.07 22.69 21.62
N GLU E 197 -26.88 21.75 22.54
CA GLU E 197 -27.07 22.02 23.96
C GLU E 197 -25.88 22.79 24.53
N GLY E 198 -24.91 23.12 23.68
CA GLY E 198 -23.73 23.85 24.09
C GLY E 198 -22.65 23.02 24.75
N ARG E 199 -22.80 21.70 24.70
CA ARG E 199 -21.83 20.80 25.32
C ARG E 199 -20.61 20.57 24.44
N ILE E 200 -20.71 20.93 23.16
CA ILE E 200 -19.59 20.87 22.24
C ILE E 200 -19.40 22.25 21.63
N ARG E 201 -18.32 22.92 22.03
CA ARG E 201 -18.05 24.31 21.66
C ARG E 201 -18.23 24.64 20.17
N ASP E 202 -17.24 24.31 19.34
CA ASP E 202 -17.30 24.64 17.92
C ASP E 202 -17.82 23.49 17.06
N SER E 203 -17.94 23.75 15.77
CA SER E 203 -18.31 22.74 14.80
C SER E 203 -17.06 22.02 14.35
N VAL E 204 -15.93 22.72 14.48
CA VAL E 204 -14.62 22.16 14.19
C VAL E 204 -14.38 20.94 15.10
N LEU E 205 -14.71 21.10 16.37
CA LEU E 205 -14.56 20.01 17.33
C LEU E 205 -15.60 18.92 17.09
N LEU E 206 -16.77 19.32 16.60
CA LEU E 206 -17.85 18.37 16.35
C LEU E 206 -17.56 17.51 15.12
N GLN E 207 -17.11 18.15 14.04
CA GLN E 207 -16.77 17.43 12.82
C GLN E 207 -15.62 16.47 13.08
N GLY E 208 -14.68 16.92 13.91
CA GLY E 208 -13.56 16.09 14.33
C GLY E 208 -14.01 14.82 15.03
N ILE E 209 -15.08 14.92 15.80
CA ILE E 209 -15.63 13.76 16.49
C ILE E 209 -16.42 12.90 15.51
N LEU E 210 -17.10 13.56 14.58
CA LEU E 210 -17.88 12.86 13.57
C LEU E 210 -16.97 12.08 12.62
N ASN E 211 -15.78 12.62 12.37
CA ASN E 211 -14.82 11.96 11.51
C ASN E 211 -14.31 10.65 12.09
N GLU E 212 -13.90 10.69 13.35
CA GLU E 212 -13.42 9.50 14.04
C GLU E 212 -14.50 8.43 14.13
N LEU E 213 -15.76 8.86 14.17
CA LEU E 213 -16.88 7.93 14.11
C LEU E 213 -16.94 7.23 12.75
N ASN E 214 -16.92 8.03 11.69
CA ASN E 214 -16.94 7.52 10.34
C ASN E 214 -15.81 6.52 10.10
N THR E 215 -14.64 6.82 10.64
CA THR E 215 -13.50 5.91 10.57
C THR E 215 -13.87 4.56 11.19
N LEU E 216 -14.48 4.60 12.37
CA LEU E 216 -14.92 3.39 13.05
C LEU E 216 -15.95 2.65 12.22
N ARG E 217 -16.82 3.39 11.54
CA ARG E 217 -17.81 2.79 10.66
C ARG E 217 -17.12 2.05 9.51
N SER E 218 -16.09 2.68 8.95
CA SER E 218 -15.32 2.08 7.87
C SER E 218 -14.61 0.81 8.34
N GLN E 219 -14.20 0.80 9.61
CA GLN E 219 -13.59 -0.38 10.21
C GLN E 219 -14.59 -1.54 10.21
N CYS E 220 -15.80 -1.25 10.70
CA CYS E 220 -16.87 -2.24 10.76
C CYS E 220 -17.24 -2.75 9.37
N GLY E 221 -17.16 -1.85 8.39
CA GLY E 221 -17.47 -2.21 7.01
C GLY E 221 -16.47 -3.21 6.44
N ARG E 222 -15.20 -3.00 6.76
CA ARG E 222 -14.14 -3.89 6.31
C ARG E 222 -14.34 -5.30 6.87
N LEU E 223 -14.68 -5.38 8.16
CA LEU E 223 -14.95 -6.64 8.82
C LEU E 223 -16.11 -7.36 8.12
N TYR E 224 -17.15 -6.61 7.80
CA TYR E 224 -18.30 -7.14 7.09
C TYR E 224 -17.89 -7.67 5.72
N GLY E 225 -17.05 -6.90 5.04
CA GLY E 225 -16.56 -7.25 3.71
C GLY E 225 -15.79 -8.56 3.66
N TYR E 226 -14.84 -8.71 4.57
CA TYR E 226 -14.01 -9.91 4.62
C TYR E 226 -14.84 -11.13 5.01
N ASP E 227 -15.88 -10.92 5.80
CA ASP E 227 -16.76 -12.00 6.22
C ASP E 227 -17.68 -12.41 5.07
N TRP E 228 -18.18 -11.41 4.36
CA TRP E 228 -19.09 -11.62 3.24
C TRP E 228 -18.34 -12.19 2.04
N ILE E 229 -17.30 -11.48 1.63
CA ILE E 229 -16.53 -11.87 0.46
C ILE E 229 -15.42 -12.85 0.85
N SER E 230 -15.73 -14.14 0.79
CA SER E 230 -14.76 -15.18 1.07
C SER E 230 -13.75 -15.24 -0.07
N ILE E 231 -12.62 -15.89 0.17
CA ILE E 231 -11.68 -16.19 -0.90
C ILE E 231 -12.44 -17.15 -1.82
N PRO E 232 -12.45 -16.85 -3.13
CA PRO E 232 -13.19 -17.65 -4.12
C PRO E 232 -13.05 -19.15 -3.89
N LEU E 233 -14.19 -19.83 -3.80
CA LEU E 233 -14.24 -21.25 -3.49
C LEU E 233 -13.36 -22.07 -4.43
N VAL E 234 -13.44 -21.77 -5.72
CA VAL E 234 -12.63 -22.48 -6.72
C VAL E 234 -11.15 -22.44 -6.38
N TYR E 235 -10.66 -21.28 -5.93
CA TYR E 235 -9.26 -21.13 -5.57
C TYR E 235 -8.91 -22.05 -4.40
N THR E 236 -9.76 -22.02 -3.38
CA THR E 236 -9.57 -22.87 -2.21
C THR E 236 -9.56 -24.34 -2.60
N GLN E 237 -10.48 -24.74 -3.48
CA GLN E 237 -10.58 -26.13 -3.92
C GLN E 237 -9.33 -26.57 -4.69
N VAL E 238 -8.85 -25.68 -5.57
CA VAL E 238 -7.66 -25.95 -6.36
C VAL E 238 -6.47 -26.36 -5.50
N VAL E 239 -6.19 -25.59 -4.45
CA VAL E 239 -5.04 -25.89 -3.60
C VAL E 239 -5.21 -27.18 -2.78
N THR E 240 -6.44 -27.55 -2.45
CA THR E 240 -6.65 -28.80 -1.71
C THR E 240 -6.54 -29.99 -2.66
N VAL E 241 -6.99 -29.79 -3.88
CA VAL E 241 -6.89 -30.83 -4.91
C VAL E 241 -5.42 -31.11 -5.19
N ALA E 242 -4.63 -30.05 -5.35
CA ALA E 242 -3.20 -30.17 -5.61
C ALA E 242 -2.50 -30.88 -4.45
N VAL E 243 -2.79 -30.44 -3.23
CA VAL E 243 -2.19 -31.04 -2.04
C VAL E 243 -2.57 -32.52 -1.91
N TYR E 244 -3.85 -32.82 -2.01
CA TYR E 244 -4.33 -34.20 -1.88
C TYR E 244 -3.81 -35.10 -3.00
N SER E 245 -3.69 -34.54 -4.20
CA SER E 245 -3.12 -35.26 -5.33
C SER E 245 -1.72 -35.77 -4.99
N PHE E 246 -0.94 -34.90 -4.35
CA PHE E 246 0.41 -35.25 -3.92
C PHE E 246 0.41 -36.40 -2.92
N PHE E 247 -0.41 -36.29 -1.88
CA PHE E 247 -0.48 -37.33 -0.85
C PHE E 247 -1.07 -38.63 -1.36
N LEU E 248 -1.92 -38.55 -2.39
CA LEU E 248 -2.46 -39.75 -3.01
C LEU E 248 -1.33 -40.52 -3.67
N ALA E 249 -0.50 -39.80 -4.42
CA ALA E 249 0.68 -40.38 -5.05
C ALA E 249 1.60 -41.02 -4.03
N CYS E 250 1.89 -40.30 -2.94
CA CYS E 250 2.77 -40.78 -1.89
C CYS E 250 2.27 -42.06 -1.22
N LEU E 251 0.95 -42.16 -1.02
CA LEU E 251 0.36 -43.33 -0.39
C LEU E 251 0.80 -44.65 -1.03
N ILE E 252 0.90 -44.64 -2.36
CA ILE E 252 1.32 -45.83 -3.09
C ILE E 252 2.77 -45.71 -3.56
N GLY E 253 3.09 -44.59 -4.20
CA GLY E 253 4.43 -44.34 -4.69
C GLY E 253 5.56 -44.46 -3.68
N ARG E 254 5.33 -43.99 -2.46
CA ARG E 254 6.36 -44.01 -1.42
C ARG E 254 6.42 -45.33 -0.65
N GLN E 255 5.70 -46.34 -1.11
CA GLN E 255 5.76 -47.65 -0.49
C GLN E 255 7.15 -48.24 -0.69
N PHE E 256 7.64 -48.96 0.32
CA PHE E 256 8.95 -49.59 0.22
C PHE E 256 8.84 -50.85 -0.60
N LEU E 257 9.38 -50.81 -1.82
CA LEU E 257 9.31 -51.95 -2.72
C LEU E 257 10.34 -52.99 -2.38
N ASP E 258 10.23 -54.15 -3.03
CA ASP E 258 11.16 -55.26 -2.82
C ASP E 258 12.60 -54.85 -3.10
N PRO E 259 13.47 -54.95 -2.08
CA PRO E 259 14.88 -54.62 -2.25
C PRO E 259 15.56 -55.57 -3.22
N GLU E 260 15.15 -56.83 -3.19
CA GLU E 260 15.71 -57.87 -4.06
C GLU E 260 15.54 -57.54 -5.55
N LYS E 261 14.35 -57.06 -5.92
CA LYS E 261 14.07 -56.72 -7.31
C LYS E 261 14.97 -55.59 -7.83
N ALA E 262 15.66 -54.92 -6.92
CA ALA E 262 16.66 -53.90 -7.25
C ALA E 262 16.14 -52.80 -8.16
N TYR E 263 15.03 -52.18 -7.77
CA TYR E 263 14.49 -51.06 -8.52
C TYR E 263 15.34 -49.82 -8.26
N PRO E 264 15.73 -49.11 -9.33
CA PRO E 264 16.52 -47.89 -9.17
C PRO E 264 15.78 -46.87 -8.28
N GLY E 265 16.38 -46.52 -7.15
CA GLY E 265 15.75 -45.61 -6.22
C GLY E 265 15.16 -46.30 -5.00
N HIS E 266 14.98 -47.61 -5.09
CA HIS E 266 14.40 -48.37 -4.00
C HIS E 266 15.30 -49.52 -3.55
N GLU E 267 16.52 -49.19 -3.12
CA GLU E 267 17.49 -50.19 -2.70
C GLU E 267 17.37 -50.57 -1.23
N LEU E 268 16.73 -49.71 -0.43
CA LEU E 268 16.66 -49.93 1.01
C LEU E 268 15.24 -49.93 1.55
N ASP E 269 14.93 -50.90 2.40
CA ASP E 269 13.61 -51.02 3.02
C ASP E 269 13.70 -50.62 4.49
N LEU E 270 13.11 -49.48 4.84
CA LEU E 270 13.10 -49.02 6.24
C LEU E 270 11.75 -49.21 6.91
N PHE E 271 10.78 -49.74 6.17
CA PHE E 271 9.41 -49.96 6.65
C PHE E 271 8.67 -48.66 6.95
N VAL E 272 9.32 -47.73 7.64
CA VAL E 272 8.73 -46.44 7.94
C VAL E 272 9.36 -45.34 7.09
N PRO E 273 8.55 -44.69 6.23
CA PRO E 273 8.96 -43.63 5.31
C PRO E 273 9.18 -42.30 6.02
N VAL E 274 10.30 -42.20 6.74
CA VAL E 274 10.63 -41.01 7.52
C VAL E 274 10.46 -39.69 6.76
N PHE E 275 11.13 -39.56 5.62
CA PHE E 275 11.10 -38.32 4.86
C PHE E 275 9.75 -38.04 4.20
N THR E 276 8.98 -39.09 3.94
CA THR E 276 7.66 -38.90 3.33
C THR E 276 6.72 -38.33 4.38
N PHE E 277 6.87 -38.80 5.61
CA PHE E 277 6.08 -38.30 6.73
C PHE E 277 6.49 -36.87 7.05
N LEU E 278 7.79 -36.57 6.91
CA LEU E 278 8.27 -35.22 7.11
C LEU E 278 7.75 -34.28 6.03
N GLN E 279 7.52 -34.81 4.83
CA GLN E 279 6.94 -34.02 3.75
C GLN E 279 5.47 -33.77 4.03
N PHE E 280 4.83 -34.73 4.69
CA PHE E 280 3.43 -34.58 5.04
C PHE E 280 3.25 -33.43 6.01
N PHE E 281 4.05 -33.43 7.07
CA PHE E 281 4.00 -32.36 8.07
C PHE E 281 4.24 -31.01 7.40
N PHE E 282 5.21 -30.97 6.50
CA PHE E 282 5.54 -29.75 5.76
C PHE E 282 4.32 -29.24 4.98
N TYR E 283 3.87 -30.02 4.01
CA TYR E 283 2.78 -29.59 3.12
C TYR E 283 1.38 -29.55 3.74
N ALA E 284 1.02 -30.58 4.51
CA ALA E 284 -0.28 -30.57 5.15
C ALA E 284 -0.32 -29.47 6.20
N GLY E 285 0.81 -29.28 6.89
CA GLY E 285 0.94 -28.20 7.86
C GLY E 285 0.93 -26.84 7.20
N TRP E 286 1.50 -26.76 6.00
CA TRP E 286 1.52 -25.50 5.26
C TRP E 286 0.10 -25.14 4.85
N LEU E 287 -0.68 -26.16 4.49
CA LEU E 287 -2.08 -25.97 4.13
C LEU E 287 -2.89 -25.57 5.36
N LYS E 288 -2.51 -26.12 6.51
CA LYS E 288 -3.19 -25.82 7.76
C LYS E 288 -3.02 -24.36 8.18
N VAL E 289 -1.93 -23.74 7.71
CA VAL E 289 -1.73 -22.32 7.97
C VAL E 289 -2.91 -21.55 7.38
N ALA E 290 -3.20 -21.80 6.11
CA ALA E 290 -4.33 -21.19 5.44
C ALA E 290 -5.64 -21.64 6.07
N GLU E 291 -5.74 -22.94 6.36
CA GLU E 291 -6.93 -23.52 6.97
C GLU E 291 -7.34 -22.80 8.26
N GLN E 292 -6.35 -22.41 9.06
CA GLN E 292 -6.61 -21.74 10.32
C GLN E 292 -6.86 -20.24 10.17
N LEU E 293 -6.07 -19.58 9.31
CA LEU E 293 -6.19 -18.13 9.14
C LEU E 293 -7.22 -17.67 8.12
N ILE E 294 -7.86 -18.61 7.41
CA ILE E 294 -8.84 -18.23 6.40
C ILE E 294 -10.04 -17.55 7.07
N ASN E 295 -10.21 -17.81 8.37
CA ASN E 295 -11.24 -17.17 9.16
C ASN E 295 -10.66 -16.97 10.54
N PRO E 296 -10.02 -15.81 10.77
CA PRO E 296 -9.32 -15.52 12.01
C PRO E 296 -10.23 -15.15 13.18
N PHE E 297 -11.54 -15.18 12.93
CA PHE E 297 -12.52 -14.83 13.96
C PHE E 297 -13.23 -16.08 14.49
N GLY E 298 -12.70 -17.25 14.15
CA GLY E 298 -13.25 -18.50 14.62
C GLY E 298 -12.77 -18.82 16.02
N GLU E 299 -12.79 -20.11 16.37
CA GLU E 299 -12.36 -20.52 17.71
C GLU E 299 -11.05 -21.32 17.73
N ASP E 300 -10.20 -21.10 16.72
CA ASP E 300 -8.89 -21.76 16.69
C ASP E 300 -8.00 -21.13 17.73
N ASP E 301 -6.96 -21.85 18.14
CA ASP E 301 -5.99 -21.34 19.10
C ASP E 301 -5.39 -20.03 18.62
N ASP E 302 -5.07 -19.95 17.33
CA ASP E 302 -4.47 -18.74 16.78
C ASP E 302 -5.48 -17.77 16.18
N ASP E 303 -6.77 -18.02 16.37
CA ASP E 303 -7.78 -17.05 15.94
C ASP E 303 -7.84 -15.91 16.96
N PHE E 304 -8.21 -14.72 16.50
CA PHE E 304 -8.21 -13.52 17.36
C PHE E 304 -9.03 -13.64 18.64
N GLU E 305 -8.56 -12.97 19.68
CA GLU E 305 -9.22 -12.92 20.98
C GLU E 305 -10.20 -11.75 20.99
N THR E 306 -11.29 -11.89 20.25
CA THR E 306 -12.24 -10.78 20.09
C THR E 306 -13.04 -10.46 21.35
N ASN E 307 -13.32 -11.45 22.17
CA ASN E 307 -14.11 -11.21 23.38
C ASN E 307 -13.34 -10.42 24.43
N TRP E 308 -12.04 -10.67 24.53
CA TRP E 308 -11.21 -9.91 25.45
C TRP E 308 -11.15 -8.46 25.00
N LEU E 309 -11.04 -8.27 23.70
CA LEU E 309 -11.00 -6.94 23.11
C LEU E 309 -12.26 -6.15 23.47
N ILE E 310 -13.41 -6.80 23.34
CA ILE E 310 -14.69 -6.21 23.72
C ILE E 310 -14.69 -5.78 25.18
N ASP E 311 -14.24 -6.68 26.06
CA ASP E 311 -14.16 -6.38 27.48
C ASP E 311 -13.21 -5.23 27.77
N ARG E 312 -12.00 -5.30 27.23
CA ARG E 312 -11.00 -4.26 27.44
C ARG E 312 -11.51 -2.91 26.96
N ASN E 313 -12.12 -2.89 25.78
CA ASN E 313 -12.61 -1.64 25.21
C ASN E 313 -13.70 -1.02 26.06
N LEU E 314 -14.63 -1.84 26.53
CA LEU E 314 -15.70 -1.36 27.39
C LEU E 314 -15.15 -0.65 28.62
N GLN E 315 -14.30 -1.34 29.36
CA GLN E 315 -13.66 -0.80 30.56
C GLN E 315 -12.91 0.51 30.29
N VAL E 316 -11.95 0.47 29.38
CA VAL E 316 -11.13 1.64 29.06
C VAL E 316 -11.91 2.83 28.52
N SER E 317 -12.81 2.58 27.57
CA SER E 317 -13.63 3.63 26.95
C SER E 317 -14.31 4.52 27.98
N LEU E 318 -15.24 3.93 28.72
CA LEU E 318 -16.00 4.63 29.74
C LEU E 318 -15.10 5.32 30.76
N MET E 319 -14.07 4.62 31.23
CA MET E 319 -13.14 5.18 32.21
C MET E 319 -12.47 6.45 31.72
N ALA E 320 -12.17 6.52 30.43
CA ALA E 320 -11.46 7.67 29.88
C ALA E 320 -12.37 8.88 29.68
N VAL E 321 -13.64 8.64 29.39
CA VAL E 321 -14.58 9.73 29.16
C VAL E 321 -15.36 10.12 30.42
N ASP E 322 -15.27 9.28 31.45
CA ASP E 322 -15.96 9.57 32.72
C ASP E 322 -14.97 10.00 33.78
N GLU E 323 -14.38 9.03 34.48
CA GLU E 323 -13.41 9.32 35.54
C GLU E 323 -12.25 10.21 35.09
N MET E 324 -12.00 10.30 33.79
CA MET E 324 -10.86 11.06 33.30
C MET E 324 -11.22 12.35 32.58
N HIS E 325 -12.50 12.69 32.53
CA HIS E 325 -12.90 13.95 31.89
C HIS E 325 -12.34 15.15 32.64
N GLN E 326 -11.58 15.98 31.93
CA GLN E 326 -10.93 17.16 32.50
C GLN E 326 -10.26 16.91 33.84
N ASP E 327 -9.84 15.66 34.07
CA ASP E 327 -9.21 15.27 35.32
C ASP E 327 -7.73 14.98 35.07
N LEU E 328 -6.87 15.90 35.49
CA LEU E 328 -5.44 15.79 35.23
C LEU E 328 -4.65 15.68 36.52
N PRO E 329 -3.38 15.25 36.42
CA PRO E 329 -2.54 15.24 37.61
C PRO E 329 -2.00 16.64 37.89
N ILE E 330 -1.34 16.81 39.03
CA ILE E 330 -0.80 18.12 39.40
C ILE E 330 0.39 18.46 38.52
N LEU E 331 0.31 19.58 37.81
CA LEU E 331 1.41 20.02 36.96
C LEU E 331 2.63 20.35 37.80
N GLU E 332 3.75 19.72 37.48
CA GLU E 332 5.01 19.99 38.14
C GLU E 332 6.06 20.37 37.11
N LYS E 333 7.14 20.96 37.58
CA LYS E 333 8.29 21.17 36.71
C LYS E 333 8.92 19.80 36.53
N ASP E 334 9.33 19.49 35.31
CA ASP E 334 9.88 18.17 35.05
C ASP E 334 11.31 18.11 35.58
N LEU E 335 11.81 16.90 35.78
CA LEU E 335 13.14 16.68 36.35
C LEU E 335 14.24 17.28 35.49
N TYR E 336 13.93 17.61 34.24
CA TYR E 336 14.91 18.14 33.30
C TYR E 336 14.61 19.59 32.96
N TRP E 337 13.87 20.25 33.83
CA TRP E 337 13.45 21.64 33.66
C TRP E 337 14.59 22.58 33.26
N ASN E 338 15.70 22.50 33.99
CA ASN E 338 16.86 23.36 33.70
C ASN E 338 17.95 22.63 32.92
N GLU E 339 17.62 21.46 32.40
CA GLU E 339 18.57 20.67 31.63
C GLU E 339 18.15 20.59 30.16
N PRO E 340 18.86 21.32 29.29
CA PRO E 340 18.58 21.35 27.85
C PRO E 340 18.94 20.03 27.16
N ASP E 341 20.01 19.37 27.59
CA ASP E 341 20.42 18.08 27.04
C ASP E 341 20.39 17.00 28.10
N PRO E 342 19.17 16.54 28.46
CA PRO E 342 19.01 15.52 29.49
C PRO E 342 19.72 14.20 29.14
N GLN E 343 20.21 13.52 30.16
CA GLN E 343 20.88 12.25 29.99
C GLN E 343 20.22 11.21 30.88
N PRO E 344 19.00 10.76 30.52
CA PRO E 344 18.29 9.75 31.31
C PRO E 344 19.18 8.56 31.60
N PRO E 345 19.12 8.06 32.84
CA PRO E 345 19.98 6.96 33.30
C PRO E 345 19.70 5.64 32.62
N TYR E 346 20.59 4.68 32.83
CA TYR E 346 20.45 3.34 32.29
C TYR E 346 20.68 2.35 33.42
N THR E 347 19.98 1.22 33.37
CA THR E 347 20.24 0.18 34.34
C THR E 347 21.60 -0.42 34.00
N ALA E 348 22.13 -1.26 34.87
CA ALA E 348 23.43 -1.86 34.65
C ALA E 348 23.41 -2.73 33.38
N ALA E 349 22.33 -3.49 33.20
CA ALA E 349 22.19 -4.40 32.07
C ALA E 349 21.98 -3.71 30.72
N THR E 350 21.57 -2.43 30.74
CA THR E 350 21.24 -1.75 29.49
C THR E 350 22.19 -0.61 29.10
N ALA E 351 23.32 -0.50 29.80
CA ALA E 351 24.26 0.59 29.52
C ALA E 351 24.89 0.44 28.14
N GLU E 352 25.00 -0.80 27.66
CA GLU E 352 25.57 -1.06 26.34
C GLU E 352 24.68 -0.46 25.24
N TYR E 353 23.44 -0.16 25.58
CA TYR E 353 22.48 0.36 24.62
C TYR E 353 22.44 1.88 24.56
N LYS E 354 23.32 2.53 25.31
CA LYS E 354 23.45 3.97 25.21
C LYS E 354 24.42 4.27 24.07
N ARG E 355 23.87 4.68 22.93
CA ARG E 355 24.66 4.85 21.72
C ARG E 355 24.84 6.31 21.36
N PRO E 356 25.88 6.61 20.58
CA PRO E 356 26.03 7.98 20.08
C PRO E 356 24.99 8.23 19.00
N SER E 357 24.59 9.48 18.82
CA SER E 357 23.53 9.80 17.86
C SER E 357 23.93 9.45 16.43
N PHE E 358 23.03 8.76 15.71
CA PHE E 358 23.27 8.49 14.30
C PHE E 358 22.92 9.75 13.52
N LEU E 359 23.94 10.34 12.91
CA LEU E 359 23.77 11.61 12.22
C LEU E 359 23.40 11.41 10.77
N GLY E 360 23.88 10.32 10.19
CA GLY E 360 23.67 10.01 8.80
C GLY E 360 24.82 9.18 8.26
N SER E 361 24.57 8.46 7.18
CA SER E 361 25.58 7.59 6.58
C SER E 361 26.75 8.39 6.01
N THR E 362 26.45 9.57 5.47
CA THR E 362 27.44 10.39 4.79
C THR E 362 28.52 10.97 5.70
N PHE E 363 28.21 11.13 6.97
CA PHE E 363 29.13 11.78 7.90
C PHE E 363 30.23 10.86 8.41
N ASP E 364 31.42 11.43 8.55
CA ASP E 364 32.56 10.70 9.09
C ASP E 364 32.36 10.51 10.58
N ILE E 365 32.45 9.26 11.04
CA ILE E 365 32.31 8.97 12.45
C ILE E 365 33.63 9.22 13.17
N SER E 366 33.76 10.44 13.71
CA SER E 366 34.98 10.85 14.39
C SER E 366 34.67 11.62 15.66
N ASP F 1 37.57 -1.04 32.97
CA ASP F 1 36.90 -0.50 34.15
C ASP F 1 37.01 1.02 34.23
N ILE F 2 36.04 1.63 34.91
CA ILE F 2 36.06 3.07 35.11
C ILE F 2 36.55 3.34 36.53
N GLN F 3 37.57 4.19 36.65
CA GLN F 3 38.19 4.46 37.94
C GLN F 3 37.61 5.71 38.61
N MET F 4 37.21 5.55 39.87
CA MET F 4 36.66 6.65 40.65
C MET F 4 37.69 7.18 41.63
N THR F 5 38.14 8.42 41.43
CA THR F 5 39.12 9.03 42.32
C THR F 5 38.46 10.11 43.17
N GLN F 6 38.36 9.84 44.47
CA GLN F 6 37.69 10.76 45.39
C GLN F 6 38.68 11.57 46.21
N SER F 7 38.33 12.83 46.49
CA SER F 7 39.17 13.71 47.28
C SER F 7 38.32 14.80 47.92
N PRO F 8 38.70 15.22 49.14
CA PRO F 8 39.85 14.75 49.92
C PRO F 8 39.59 13.42 50.62
N ALA F 9 40.67 12.71 50.98
CA ALA F 9 40.57 11.45 51.69
C ALA F 9 39.85 11.64 53.02
N SER F 10 40.02 12.82 53.61
CA SER F 10 39.35 13.17 54.86
C SER F 10 39.29 14.69 55.00
N LEU F 11 38.14 15.20 55.43
CA LEU F 11 37.97 16.63 55.61
C LEU F 11 37.56 16.95 57.04
N SER F 12 38.14 18.02 57.59
CA SER F 12 37.84 18.43 58.95
C SER F 12 37.21 19.82 58.96
N ALA F 13 36.03 19.92 59.54
CA ALA F 13 35.30 21.18 59.60
C ALA F 13 34.40 21.24 60.83
N SER F 14 33.94 22.44 61.15
CA SER F 14 33.08 22.66 62.30
C SER F 14 31.67 22.99 61.84
N VAL F 15 30.69 22.76 62.72
CA VAL F 15 29.29 23.06 62.42
C VAL F 15 29.13 24.47 61.85
N GLY F 16 28.26 24.61 60.85
CA GLY F 16 28.04 25.88 60.20
C GLY F 16 28.84 26.05 58.92
N GLU F 17 29.99 25.39 58.85
CA GLU F 17 30.87 25.46 57.68
C GLU F 17 30.26 24.84 56.43
N THR F 18 30.93 25.04 55.30
CA THR F 18 30.50 24.48 54.02
C THR F 18 31.66 23.76 53.35
N VAL F 19 31.52 22.45 53.16
CA VAL F 19 32.59 21.66 52.55
C VAL F 19 32.22 21.18 51.15
N THR F 20 33.22 20.70 50.42
CA THR F 20 33.00 20.21 49.06
C THR F 20 33.87 18.99 48.76
N ILE F 21 33.23 17.84 48.61
CA ILE F 21 33.92 16.61 48.23
C ILE F 21 33.93 16.50 46.71
N THR F 22 34.94 15.83 46.16
CA THR F 22 35.08 15.77 44.71
C THR F 22 35.41 14.37 44.18
N CYS F 23 34.62 13.92 43.21
CA CYS F 23 34.87 12.65 42.52
C CYS F 23 35.21 12.90 41.06
N ARG F 24 36.24 12.21 40.56
CA ARG F 24 36.66 12.39 39.18
C ARG F 24 36.68 11.06 38.43
N ALA F 25 36.05 11.05 37.25
CA ALA F 25 35.90 9.83 36.48
C ALA F 25 37.07 9.57 35.53
N SER F 26 37.44 8.30 35.42
CA SER F 26 38.48 7.87 34.49
C SER F 26 38.09 8.18 33.05
N GLU F 27 36.78 8.15 32.79
CA GLU F 27 36.25 8.44 31.46
C GLU F 27 34.83 8.98 31.60
N ASN F 28 34.34 9.63 30.55
CA ASN F 28 33.02 10.24 30.54
C ASN F 28 31.93 9.30 31.05
N ILE F 29 31.24 9.71 32.10
CA ILE F 29 30.13 8.95 32.65
C ILE F 29 28.87 9.81 32.66
N TYR F 30 28.87 10.82 31.80
CA TYR F 30 27.75 11.74 31.65
C TYR F 30 27.25 12.26 33.00
N SER F 31 25.97 12.09 33.28
CA SER F 31 25.43 12.53 34.56
C SER F 31 25.14 11.33 35.47
N TYR F 32 25.79 10.20 35.17
CA TYR F 32 25.56 8.97 35.91
C TYR F 32 26.48 8.81 37.11
N LEU F 33 26.19 9.55 38.19
CA LEU F 33 26.96 9.46 39.41
C LEU F 33 26.06 9.58 40.63
N THR F 34 26.36 8.81 41.67
CA THR F 34 25.56 8.85 42.89
C THR F 34 26.43 9.13 44.12
N TRP F 35 25.85 9.80 45.11
CA TRP F 35 26.56 10.14 46.34
C TRP F 35 25.92 9.44 47.54
N TYR F 36 26.74 8.74 48.31
CA TYR F 36 26.25 8.01 49.47
C TYR F 36 26.84 8.55 50.78
N GLN F 37 26.04 8.47 51.84
CA GLN F 37 26.49 8.82 53.18
C GLN F 37 26.48 7.57 54.05
N GLN F 38 27.61 7.27 54.67
CA GLN F 38 27.70 6.08 55.53
C GLN F 38 28.31 6.40 56.88
N LYS F 39 27.52 6.20 57.93
CA LYS F 39 27.98 6.43 59.29
C LYS F 39 28.53 5.13 59.89
N GLN F 40 29.74 5.23 60.44
CA GLN F 40 30.47 4.10 61.04
C GLN F 40 29.59 2.99 61.63
N GLY F 41 29.76 1.77 61.12
CA GLY F 41 29.01 0.63 61.59
C GLY F 41 27.70 0.39 60.88
N LYS F 42 27.10 1.45 60.35
CA LYS F 42 25.81 1.33 59.67
C LYS F 42 25.98 1.17 58.15
N SER F 43 24.90 0.76 57.49
CA SER F 43 24.92 0.59 56.04
C SER F 43 24.69 1.93 55.34
N PRO F 44 25.36 2.16 54.20
CA PRO F 44 25.28 3.42 53.45
C PRO F 44 23.86 3.86 53.09
N GLN F 45 23.71 5.15 52.83
CA GLN F 45 22.42 5.72 52.47
C GLN F 45 22.55 6.63 51.26
N LEU F 46 21.55 6.58 50.38
CA LEU F 46 21.56 7.36 49.15
C LEU F 46 21.31 8.84 49.44
N LEU F 47 22.18 9.70 48.91
CA LEU F 47 22.01 11.14 49.06
C LEU F 47 21.56 11.77 47.75
N VAL F 48 22.42 11.65 46.74
CA VAL F 48 22.17 12.24 45.44
C VAL F 48 22.34 11.20 44.34
N TYR F 49 21.48 11.25 43.34
CA TYR F 49 21.62 10.37 42.19
C TYR F 49 21.50 11.20 40.93
N ASN F 50 22.03 10.67 39.83
CA ASN F 50 22.04 11.36 38.54
C ASN F 50 22.82 12.67 38.64
N ALA F 51 23.77 12.69 39.57
CA ALA F 51 24.71 13.79 39.79
C ALA F 51 24.12 15.02 40.50
N LYS F 52 22.83 15.27 40.31
CA LYS F 52 22.21 16.46 40.89
C LYS F 52 20.99 16.19 41.75
N THR F 53 20.14 15.27 41.31
CA THR F 53 18.89 14.99 42.01
C THR F 53 19.08 14.42 43.41
N LEU F 54 18.47 15.09 44.39
CA LEU F 54 18.48 14.63 45.77
C LEU F 54 17.39 13.59 45.96
N THR F 55 17.62 12.61 46.83
CA THR F 55 16.61 11.59 47.09
C THR F 55 15.59 12.13 48.10
N GLU F 56 14.69 11.26 48.54
CA GLU F 56 13.61 11.62 49.46
C GLU F 56 14.03 12.42 50.70
N GLY F 57 14.56 11.73 51.70
CA GLY F 57 14.85 12.34 52.99
C GLY F 57 15.90 13.44 53.06
N VAL F 58 16.82 13.46 52.11
CA VAL F 58 17.93 14.43 52.11
C VAL F 58 17.49 15.89 52.17
N PRO F 59 18.03 16.64 53.15
CA PRO F 59 17.77 18.07 53.36
C PRO F 59 18.45 18.97 52.34
N SER F 60 17.81 20.11 52.05
CA SER F 60 18.27 21.07 51.04
C SER F 60 19.74 21.49 51.14
N ARG F 61 20.35 21.31 52.31
CA ARG F 61 21.73 21.71 52.52
C ARG F 61 22.71 20.87 51.71
N PHE F 62 22.22 19.75 51.17
CA PHE F 62 23.01 18.88 50.32
C PHE F 62 22.77 19.21 48.86
N SER F 63 23.83 19.26 48.07
CA SER F 63 23.68 19.53 46.64
C SER F 63 24.81 18.89 45.83
N GLY F 64 24.47 18.38 44.66
CA GLY F 64 25.45 17.77 43.79
C GLY F 64 25.58 18.52 42.48
N SER F 65 26.71 18.34 41.80
CA SER F 65 26.95 19.00 40.54
C SER F 65 28.01 18.28 39.72
N GLY F 66 28.20 18.74 38.49
CA GLY F 66 29.20 18.16 37.61
C GLY F 66 28.60 17.33 36.49
N SER F 67 29.47 16.89 35.59
CA SER F 67 29.08 16.09 34.43
C SER F 67 30.33 15.73 33.65
N GLY F 68 30.34 14.55 33.04
CA GLY F 68 31.49 14.11 32.28
C GLY F 68 32.45 13.33 33.16
N THR F 69 33.54 13.97 33.54
CA THR F 69 34.54 13.32 34.38
C THR F 69 34.78 14.06 35.69
N GLN F 70 34.09 15.18 35.90
CA GLN F 70 34.30 15.96 37.11
C GLN F 70 32.99 16.22 37.85
N PHE F 71 32.89 15.68 39.06
CA PHE F 71 31.70 15.84 39.88
C PHE F 71 32.06 16.31 41.28
N SER F 72 31.09 16.79 42.03
CA SER F 72 31.34 17.28 43.38
C SER F 72 30.09 17.33 44.25
N LEU F 73 30.26 16.96 45.52
CA LEU F 73 29.19 17.06 46.50
C LEU F 73 29.48 18.27 47.37
N LYS F 74 28.43 19.04 47.70
CA LYS F 74 28.62 20.25 48.50
C LYS F 74 27.63 20.30 49.65
N ILE F 75 28.15 20.32 50.88
CA ILE F 75 27.32 20.40 52.07
C ILE F 75 27.49 21.76 52.72
N ASN F 76 26.53 22.65 52.51
CA ASN F 76 26.60 23.97 53.10
C ASN F 76 25.86 23.99 54.44
N SER F 77 26.34 24.80 55.38
CA SER F 77 25.75 24.91 56.70
C SER F 77 25.68 23.55 57.38
N LEU F 78 26.86 22.98 57.68
CA LEU F 78 26.96 21.68 58.33
C LEU F 78 26.12 21.56 59.60
N GLN F 79 25.89 20.31 60.02
CA GLN F 79 25.10 20.01 61.20
C GLN F 79 25.84 18.93 61.99
N PRO F 80 25.34 18.57 63.19
CA PRO F 80 26.06 17.49 63.89
C PRO F 80 25.90 16.14 63.19
N GLU F 81 24.73 15.92 62.62
CA GLU F 81 24.41 14.68 61.92
C GLU F 81 25.27 14.45 60.67
N ASP F 82 25.59 15.54 59.96
CA ASP F 82 26.33 15.44 58.70
C ASP F 82 27.78 14.94 58.83
N PHE F 83 28.17 14.47 60.00
CA PHE F 83 29.54 14.00 60.20
C PHE F 83 29.63 12.49 60.06
N GLY F 84 30.53 12.03 59.19
CA GLY F 84 30.71 10.62 58.94
C GLY F 84 31.35 10.34 57.59
N GLY F 85 30.97 9.20 57.01
CA GLY F 85 31.56 8.78 55.74
C GLY F 85 30.78 9.23 54.52
N TYR F 86 31.51 9.50 53.45
CA TYR F 86 30.91 9.95 52.19
C TYR F 86 31.68 9.36 51.00
N PHE F 87 30.97 8.66 50.12
CA PHE F 87 31.61 8.10 48.93
C PHE F 87 30.72 8.21 47.70
N CYS F 88 31.32 8.07 46.53
CA CYS F 88 30.59 8.16 45.27
C CYS F 88 30.62 6.86 44.49
N GLN F 89 29.76 6.76 43.49
CA GLN F 89 29.72 5.59 42.62
C GLN F 89 29.20 6.01 41.25
N HIS F 90 29.82 5.51 40.19
CA HIS F 90 29.31 5.80 38.86
C HIS F 90 28.28 4.73 38.54
N HIS F 91 27.32 5.06 37.67
CA HIS F 91 26.30 4.10 37.32
C HIS F 91 26.24 3.89 35.82
N TYR F 92 27.36 4.12 35.16
CA TYR F 92 27.45 3.94 33.72
C TYR F 92 28.16 2.64 33.36
N GLY F 93 27.41 1.55 33.33
CA GLY F 93 27.96 0.27 32.94
C GLY F 93 28.26 -0.66 34.10
N THR F 94 28.93 -1.75 33.78
CA THR F 94 29.33 -2.74 34.77
C THR F 94 30.81 -3.06 34.59
N PRO F 95 31.56 -3.14 35.70
CA PRO F 95 31.12 -2.96 37.09
C PRO F 95 31.03 -1.50 37.54
N PRO F 96 30.00 -1.16 38.33
CA PRO F 96 29.83 0.19 38.88
C PRO F 96 30.76 0.44 40.06
N THR F 97 32.02 0.80 39.76
CA THR F 97 33.04 1.01 40.78
C THR F 97 32.72 2.15 41.73
N PHE F 98 33.20 2.04 42.97
CA PHE F 98 32.98 3.05 44.00
C PHE F 98 34.20 3.95 44.18
N GLY F 99 33.99 5.10 44.83
CA GLY F 99 35.08 6.01 45.14
C GLY F 99 35.79 5.59 46.42
N GLY F 100 36.99 6.13 46.63
CA GLY F 100 37.77 5.78 47.80
C GLY F 100 37.12 6.13 49.12
N GLY F 101 36.27 7.16 49.11
CA GLY F 101 35.59 7.59 50.31
C GLY F 101 36.16 8.86 50.90
N THR F 102 35.42 9.46 51.82
CA THR F 102 35.85 10.68 52.49
C THR F 102 35.33 10.73 53.92
N LYS F 103 36.25 10.87 54.87
CA LYS F 103 35.88 10.94 56.28
C LYS F 103 35.72 12.38 56.72
N LEU F 104 34.48 12.78 57.01
CA LEU F 104 34.21 14.14 57.44
C LEU F 104 34.19 14.19 58.96
N GLU F 105 35.28 14.69 59.54
CA GLU F 105 35.42 14.74 60.98
C GLU F 105 35.25 16.15 61.53
N VAL F 106 34.92 16.24 62.82
CA VAL F 106 34.71 17.53 63.46
C VAL F 106 36.04 18.20 63.79
N LYS F 107 36.05 19.52 63.70
CA LYS F 107 37.23 20.32 64.00
C LYS F 107 37.07 21.06 65.31
N ARG F 108 38.12 21.06 66.13
CA ARG F 108 38.07 21.72 67.42
C ARG F 108 39.38 22.46 67.69
N ALA F 109 39.81 22.50 68.94
CA ALA F 109 41.07 23.15 69.30
C ALA F 109 42.11 22.06 69.56
N ASP F 110 43.35 22.30 69.14
CA ASP F 110 44.42 21.31 69.29
C ASP F 110 44.57 20.88 70.74
N ALA F 111 45.07 19.67 70.94
CA ALA F 111 45.24 19.13 72.29
C ALA F 111 46.43 18.18 72.30
N ALA F 112 47.13 18.14 73.43
CA ALA F 112 48.31 17.30 73.57
C ALA F 112 47.92 15.92 74.06
N PRO F 113 48.63 14.89 73.60
CA PRO F 113 48.34 13.52 74.01
C PRO F 113 48.77 13.23 75.45
N THR F 114 47.85 12.69 76.25
CA THR F 114 48.16 12.34 77.64
C THR F 114 48.80 10.96 77.67
N VAL F 115 50.11 10.92 77.44
CA VAL F 115 50.86 9.68 77.37
C VAL F 115 50.99 8.97 78.73
N SER F 116 50.72 7.66 78.72
CA SER F 116 50.83 6.84 79.92
C SER F 116 51.43 5.48 79.59
N ILE F 117 52.68 5.26 80.00
CA ILE F 117 53.35 3.99 79.74
C ILE F 117 53.21 3.01 80.90
N PHE F 118 53.04 1.73 80.56
CA PHE F 118 52.88 0.68 81.56
C PHE F 118 53.86 -0.47 81.38
N PRO F 119 54.42 -0.98 82.48
CA PRO F 119 55.34 -2.11 82.46
C PRO F 119 54.56 -3.43 82.42
N PRO F 120 55.20 -4.51 81.96
CA PRO F 120 54.54 -5.83 81.92
C PRO F 120 54.03 -6.25 83.31
N SER F 121 52.81 -6.76 83.37
CA SER F 121 52.24 -7.21 84.64
C SER F 121 52.94 -8.47 85.12
N SER F 122 53.02 -8.65 86.43
CA SER F 122 53.67 -9.81 87.00
C SER F 122 52.93 -11.10 86.64
N GLU F 123 51.62 -11.00 86.47
CA GLU F 123 50.80 -12.14 86.08
C GLU F 123 51.17 -12.59 84.67
N GLN F 124 51.57 -11.62 83.85
CA GLN F 124 51.95 -11.90 82.47
C GLN F 124 53.38 -12.42 82.39
N LEU F 125 54.26 -11.85 83.22
CA LEU F 125 55.65 -12.26 83.24
C LEU F 125 55.82 -13.72 83.67
N THR F 126 54.96 -14.17 84.59
CA THR F 126 54.99 -15.56 85.02
C THR F 126 54.46 -16.49 83.94
N SER F 127 53.75 -15.92 82.97
CA SER F 127 53.20 -16.69 81.86
C SER F 127 54.25 -16.96 80.79
N GLY F 128 55.33 -16.21 80.81
CA GLY F 128 56.42 -16.41 79.86
C GLY F 128 56.51 -15.34 78.78
N GLY F 129 55.73 -14.27 78.93
CA GLY F 129 55.74 -13.19 77.97
C GLY F 129 55.73 -11.82 78.61
N ALA F 130 56.16 -10.82 77.84
CA ALA F 130 56.21 -9.45 78.34
C ALA F 130 55.65 -8.48 77.30
N SER F 131 54.72 -7.62 77.73
CA SER F 131 54.10 -6.65 76.85
C SER F 131 54.09 -5.26 77.47
N VAL F 132 54.76 -4.31 76.82
CA VAL F 132 54.80 -2.94 77.29
C VAL F 132 53.74 -2.12 76.57
N VAL F 133 52.78 -1.60 77.31
CA VAL F 133 51.68 -0.84 76.75
C VAL F 133 51.93 0.66 76.92
N CYS F 134 51.44 1.46 75.96
CA CYS F 134 51.61 2.91 76.00
C CYS F 134 50.37 3.58 75.43
N PHE F 135 49.66 4.33 76.28
CA PHE F 135 48.44 5.01 75.87
C PHE F 135 48.70 6.46 75.46
N LEU F 136 47.86 6.97 74.57
CA LEU F 136 47.94 8.35 74.11
C LEU F 136 46.52 8.87 73.94
N ASN F 137 45.91 9.31 75.03
CA ASN F 137 44.49 9.66 75.03
C ASN F 137 44.17 11.13 74.74
N ASN F 138 42.93 11.36 74.34
CA ASN F 138 42.35 12.69 74.09
C ASN F 138 43.28 13.73 73.46
N PHE F 139 43.57 13.57 72.17
CA PHE F 139 44.36 14.55 71.45
C PHE F 139 43.69 14.98 70.15
N TYR F 140 44.34 15.88 69.42
CA TYR F 140 43.82 16.43 68.17
C TYR F 140 44.89 17.28 67.49
N PRO F 141 45.04 17.17 66.16
CA PRO F 141 44.29 16.32 65.22
C PRO F 141 44.58 14.82 65.32
N LYS F 142 43.96 14.04 64.43
CA LYS F 142 44.11 12.59 64.42
C LYS F 142 45.54 12.13 64.14
N ASP F 143 46.29 12.94 63.40
CA ASP F 143 47.66 12.60 63.05
C ASP F 143 48.54 12.48 64.30
N ILE F 144 49.42 11.48 64.30
CA ILE F 144 50.31 11.24 65.43
C ILE F 144 51.33 10.16 65.08
N ASN F 145 52.48 10.20 65.76
CA ASN F 145 53.55 9.23 65.51
C ASN F 145 54.16 8.70 66.80
N VAL F 146 54.17 7.38 66.94
CA VAL F 146 54.69 6.74 68.16
C VAL F 146 55.95 5.94 67.85
N LYS F 147 56.97 6.12 68.67
CA LYS F 147 58.22 5.39 68.52
C LYS F 147 58.63 4.73 69.82
N TRP F 148 59.19 3.53 69.73
CA TRP F 148 59.66 2.80 70.89
C TRP F 148 61.18 2.70 70.91
N LYS F 149 61.76 2.84 72.08
CA LYS F 149 63.21 2.75 72.22
C LYS F 149 63.63 1.88 73.39
N ILE F 150 64.23 0.74 73.09
CA ILE F 150 64.71 -0.17 74.13
C ILE F 150 66.20 0.10 74.39
N ASP F 151 66.48 0.76 75.50
CA ASP F 151 67.82 1.16 75.90
C ASP F 151 68.38 2.19 74.91
N GLY F 152 67.55 3.17 74.57
CA GLY F 152 67.95 4.22 73.64
C GLY F 152 67.78 3.84 72.17
N SER F 153 68.11 2.61 71.83
CA SER F 153 68.00 2.13 70.46
C SER F 153 66.55 2.01 70.03
N GLU F 154 66.26 2.34 68.77
CA GLU F 154 64.89 2.32 68.27
C GLU F 154 64.37 0.89 68.10
N ARG F 155 63.09 0.70 68.43
CA ARG F 155 62.45 -0.61 68.31
C ARG F 155 61.18 -0.51 67.47
N GLN F 156 61.14 -1.26 66.38
CA GLN F 156 60.00 -1.23 65.48
C GLN F 156 59.33 -2.58 65.34
N ASN F 157 60.11 -3.64 65.52
CA ASN F 157 59.60 -5.00 65.40
C ASN F 157 58.91 -5.48 66.67
N GLY F 158 57.65 -5.86 66.55
CA GLY F 158 56.88 -6.37 67.68
C GLY F 158 55.83 -5.39 68.17
N VAL F 159 55.80 -4.20 67.57
CA VAL F 159 54.86 -3.16 67.98
C VAL F 159 53.53 -3.27 67.23
N LEU F 160 52.44 -3.13 67.97
CA LEU F 160 51.10 -3.20 67.39
C LEU F 160 50.26 -2.03 67.89
N ASN F 161 49.72 -1.24 66.96
CA ASN F 161 48.95 -0.05 67.32
C ASN F 161 47.45 -0.21 67.09
N SER F 162 46.67 0.65 67.72
CA SER F 162 45.23 0.65 67.58
C SER F 162 44.66 2.01 67.94
N TRP F 163 43.98 2.64 66.99
CA TRP F 163 43.41 3.97 67.19
C TRP F 163 41.91 3.86 67.44
N THR F 164 41.30 4.96 67.88
CA THR F 164 39.87 4.98 68.14
C THR F 164 39.16 5.98 67.25
N ASP F 165 37.83 5.91 67.25
CA ASP F 165 37.04 6.84 66.48
C ASP F 165 36.91 8.14 67.26
N GLN F 166 36.73 9.24 66.55
CA GLN F 166 36.56 10.55 67.17
C GLN F 166 35.48 10.49 68.24
N ASP F 167 35.84 10.91 69.45
CA ASP F 167 34.91 10.87 70.58
C ASP F 167 33.71 11.77 70.29
N SER F 168 32.51 11.25 70.55
CA SER F 168 31.29 11.99 70.26
C SER F 168 31.01 13.09 71.29
N LYS F 169 31.83 13.16 72.32
CA LYS F 169 31.66 14.17 73.37
C LYS F 169 32.66 15.31 73.25
N ASP F 170 33.95 14.98 73.31
CA ASP F 170 35.00 16.00 73.25
C ASP F 170 35.66 16.14 71.89
N SER F 171 35.24 15.30 70.94
CA SER F 171 35.75 15.34 69.56
C SER F 171 37.27 15.15 69.47
N THR F 172 37.84 14.35 70.37
CA THR F 172 39.27 14.08 70.35
C THR F 172 39.55 12.61 70.04
N TYR F 173 40.78 12.32 69.63
CA TYR F 173 41.17 10.97 69.26
C TYR F 173 42.01 10.29 70.34
N SER F 174 42.30 9.00 70.13
CA SER F 174 43.12 8.22 71.06
C SER F 174 43.72 7.01 70.36
N MET F 175 44.87 6.58 70.85
CA MET F 175 45.54 5.40 70.30
C MET F 175 46.33 4.68 71.38
N SER F 176 46.67 3.42 71.12
CA SER F 176 47.41 2.62 72.09
C SER F 176 48.45 1.76 71.40
N SER F 177 49.72 1.98 71.75
CA SER F 177 50.82 1.22 71.20
C SER F 177 51.25 0.13 72.17
N THR F 178 51.51 -1.07 71.64
CA THR F 178 51.90 -2.19 72.48
C THR F 178 53.14 -2.91 71.96
N LEU F 179 54.24 -2.80 72.70
CA LEU F 179 55.46 -3.49 72.35
C LEU F 179 55.50 -4.83 73.06
N THR F 180 55.53 -5.92 72.29
CA THR F 180 55.52 -7.26 72.85
C THR F 180 56.87 -7.95 72.65
N LEU F 181 57.40 -8.51 73.73
CA LEU F 181 58.67 -9.21 73.69
C LEU F 181 58.53 -10.55 74.38
N THR F 182 59.61 -11.33 74.37
CA THR F 182 59.65 -12.57 75.12
C THR F 182 60.19 -12.23 76.50
N LYS F 183 59.70 -12.93 77.53
CA LYS F 183 60.16 -12.71 78.89
C LYS F 183 61.68 -12.71 79.00
N ASP F 184 62.32 -13.46 78.11
CA ASP F 184 63.78 -13.54 78.07
C ASP F 184 64.39 -12.24 77.60
N GLU F 185 63.93 -11.73 76.46
CA GLU F 185 64.48 -10.52 75.87
C GLU F 185 64.10 -9.28 76.68
N TYR F 186 62.96 -9.34 77.35
CA TYR F 186 62.50 -8.21 78.16
C TYR F 186 63.45 -7.97 79.33
N GLU F 187 63.94 -9.05 79.91
CA GLU F 187 64.82 -8.96 81.07
C GLU F 187 66.28 -8.76 80.65
N ARG F 188 66.52 -8.67 79.34
CA ARG F 188 67.87 -8.44 78.84
C ARG F 188 68.14 -6.95 78.67
N HIS F 189 67.14 -6.13 78.96
CA HIS F 189 67.29 -4.69 78.78
C HIS F 189 66.83 -3.89 79.98
N ASN F 190 67.16 -2.61 79.97
CA ASN F 190 66.84 -1.74 81.10
C ASN F 190 65.68 -0.77 80.89
N SER F 191 65.92 0.28 80.13
CA SER F 191 64.91 1.32 79.97
C SER F 191 64.00 1.03 78.78
N TYR F 192 62.71 1.25 78.98
CA TYR F 192 61.73 1.09 77.93
C TYR F 192 60.94 2.39 77.78
N THR F 193 61.30 3.19 76.79
CA THR F 193 60.64 4.47 76.59
C THR F 193 59.67 4.48 75.41
N CYS F 194 58.66 5.35 75.52
CA CYS F 194 57.62 5.48 74.50
C CYS F 194 57.52 6.94 74.04
N GLU F 195 58.18 7.25 72.93
CA GLU F 195 58.22 8.62 72.42
C GLU F 195 57.07 8.91 71.45
N ALA F 196 56.45 10.07 71.61
CA ALA F 196 55.31 10.45 70.78
C ALA F 196 55.49 11.83 70.14
N THR F 197 55.26 11.89 68.83
CA THR F 197 55.38 13.14 68.08
C THR F 197 54.00 13.66 67.66
N HIS F 198 53.75 14.95 67.88
CA HIS F 198 52.47 15.55 67.53
C HIS F 198 52.66 16.98 67.04
N LYS F 199 51.59 17.61 66.56
CA LYS F 199 51.62 18.98 66.08
C LYS F 199 51.40 19.94 67.25
N THR F 200 51.10 19.38 68.42
CA THR F 200 50.83 20.17 69.61
C THR F 200 52.11 20.73 70.22
N SER F 201 53.24 20.20 69.80
CA SER F 201 54.55 20.67 70.28
C SER F 201 55.66 20.22 69.34
N THR F 202 56.80 20.91 69.42
CA THR F 202 57.94 20.59 68.56
C THR F 202 58.73 19.41 69.12
N SER F 203 58.84 19.36 70.44
CA SER F 203 59.59 18.29 71.11
C SER F 203 58.65 17.13 71.47
N PRO F 204 59.08 15.90 71.15
CA PRO F 204 58.32 14.68 71.42
C PRO F 204 57.98 14.49 72.89
N ILE F 205 56.71 14.19 73.18
CA ILE F 205 56.29 13.92 74.55
C ILE F 205 56.70 12.50 74.91
N VAL F 206 57.74 12.37 75.72
CA VAL F 206 58.29 11.07 76.07
C VAL F 206 57.91 10.63 77.49
N LYS F 207 57.62 9.35 77.66
CA LYS F 207 57.32 8.76 78.95
C LYS F 207 57.98 7.38 79.03
N SER F 208 58.76 7.16 80.08
CA SER F 208 59.52 5.92 80.18
C SER F 208 59.50 5.29 81.56
N PHE F 209 60.24 4.18 81.70
CA PHE F 209 60.34 3.45 82.96
C PHE F 209 61.53 2.50 82.92
N ASN F 210 62.01 2.12 84.10
CA ASN F 210 63.08 1.14 84.20
C ASN F 210 62.51 -0.17 84.73
N ARG F 211 63.17 -1.28 84.39
CA ARG F 211 62.70 -2.61 84.77
C ARG F 211 62.98 -2.94 86.24
N ASN F 212 62.66 -1.98 87.11
CA ASN F 212 62.90 -2.13 88.55
C ASN F 212 62.29 -0.97 89.36
N GLN G 1 6.92 -0.70 53.22
CA GLN G 1 8.24 -0.07 53.20
C GLN G 1 9.28 -1.05 52.71
N VAL G 2 10.18 -0.58 51.84
CA VAL G 2 11.25 -1.43 51.31
C VAL G 2 12.23 -1.83 52.41
N GLN G 3 12.52 -3.11 52.49
CA GLN G 3 13.42 -3.61 53.52
C GLN G 3 14.17 -4.86 53.06
N LEU G 4 15.49 -4.82 53.18
CA LEU G 4 16.35 -5.95 52.82
C LEU G 4 16.98 -6.58 54.05
N GLN G 5 16.53 -7.78 54.39
CA GLN G 5 16.99 -8.47 55.58
C GLN G 5 17.96 -9.61 55.24
N GLN G 6 19.25 -9.38 55.52
CA GLN G 6 20.25 -10.41 55.24
C GLN G 6 20.39 -11.39 56.40
N SER G 7 21.13 -12.46 56.17
CA SER G 7 21.38 -13.47 57.19
C SER G 7 22.34 -12.96 58.25
N GLY G 8 22.52 -13.75 59.31
CA GLY G 8 23.41 -13.38 60.39
C GLY G 8 24.88 -13.55 60.03
N PRO G 9 25.77 -13.14 60.94
CA PRO G 9 27.22 -13.24 60.72
C PRO G 9 27.70 -14.69 60.67
N GLU G 10 28.81 -14.92 59.95
CA GLU G 10 29.33 -16.27 59.80
C GLU G 10 30.81 -16.38 60.16
N LEU G 11 31.20 -17.58 60.57
CA LEU G 11 32.57 -17.88 60.92
C LEU G 11 32.94 -19.23 60.31
N VAL G 12 33.91 -19.23 59.42
CA VAL G 12 34.29 -20.45 58.71
C VAL G 12 35.80 -20.60 58.61
N ARG G 13 36.25 -21.82 58.34
CA ARG G 13 37.66 -22.12 58.19
C ARG G 13 38.07 -21.95 56.73
N PRO G 14 39.33 -21.58 56.48
CA PRO G 14 39.85 -21.41 55.12
C PRO G 14 39.61 -22.63 54.24
N GLY G 15 39.34 -22.40 52.95
CA GLY G 15 39.08 -23.48 52.02
C GLY G 15 37.62 -23.88 51.94
N ALA G 16 36.86 -23.61 52.99
CA ALA G 16 35.44 -23.96 53.04
C ALA G 16 34.59 -23.06 52.15
N SER G 17 33.28 -23.14 52.33
CA SER G 17 32.34 -22.32 51.56
C SER G 17 31.21 -21.79 52.46
N VAL G 18 30.61 -20.68 52.06
CA VAL G 18 29.54 -20.06 52.83
C VAL G 18 28.46 -19.55 51.88
N LYS G 19 27.22 -19.49 52.35
CA LYS G 19 26.11 -19.01 51.54
C LYS G 19 25.20 -18.12 52.37
N MET G 20 25.26 -16.81 52.11
CA MET G 20 24.46 -15.86 52.85
C MET G 20 23.22 -15.45 52.04
N SER G 21 22.19 -15.00 52.75
CA SER G 21 20.93 -14.66 52.11
C SER G 21 20.58 -13.19 52.23
N CYS G 22 19.46 -12.82 51.61
CA CYS G 22 18.95 -11.45 51.63
C CYS G 22 17.48 -11.48 51.24
N LYS G 23 16.60 -11.26 52.22
CA LYS G 23 15.16 -11.34 51.97
C LYS G 23 14.58 -9.96 51.74
N ALA G 24 14.02 -9.76 50.55
CA ALA G 24 13.43 -8.47 50.17
C ALA G 24 11.94 -8.44 50.49
N SER G 25 11.45 -7.25 50.82
CA SER G 25 10.04 -7.05 51.14
C SER G 25 9.65 -5.58 50.99
N GLY G 26 8.40 -5.35 50.62
CA GLY G 26 7.90 -3.99 50.46
C GLY G 26 7.96 -3.49 49.03
N TYR G 27 8.23 -4.40 48.11
CA TYR G 27 8.30 -4.07 46.68
C TYR G 27 8.32 -5.34 45.84
N THR G 28 7.99 -5.20 44.56
CA THR G 28 8.00 -6.34 43.65
C THR G 28 9.44 -6.81 43.43
N PHE G 29 9.74 -7.98 43.97
CA PHE G 29 11.08 -8.58 43.93
C PHE G 29 11.67 -8.63 42.52
N THR G 30 10.91 -9.17 41.59
CA THR G 30 11.37 -9.42 40.22
C THR G 30 11.59 -8.19 39.33
N ASN G 31 11.17 -7.01 39.77
CA ASN G 31 11.29 -5.83 38.92
C ASN G 31 12.52 -4.96 39.20
N TYR G 32 13.38 -5.42 40.11
CA TYR G 32 14.58 -4.67 40.45
C TYR G 32 15.78 -5.60 40.54
N TRP G 33 16.89 -5.21 39.94
CA TRP G 33 18.09 -6.02 39.96
C TRP G 33 18.76 -5.96 41.34
N MET G 34 19.21 -7.12 41.81
CA MET G 34 19.84 -7.22 43.13
C MET G 34 21.35 -7.26 43.00
N HIS G 35 22.03 -6.36 43.70
CA HIS G 35 23.48 -6.29 43.64
C HIS G 35 24.11 -6.72 44.96
N TRP G 36 25.41 -7.03 44.91
CA TRP G 36 26.13 -7.43 46.10
C TRP G 36 27.45 -6.67 46.21
N VAL G 37 27.69 -6.06 47.36
CA VAL G 37 28.89 -5.25 47.58
C VAL G 37 29.73 -5.77 48.73
N LYS G 38 31.05 -5.76 48.56
CA LYS G 38 31.98 -6.21 49.58
C LYS G 38 32.63 -5.02 50.29
N GLN G 39 32.64 -5.03 51.62
CA GLN G 39 33.20 -3.91 52.38
C GLN G 39 34.32 -4.33 53.33
N ARG G 40 35.55 -3.95 52.99
CA ARG G 40 36.71 -4.21 53.81
C ARG G 40 37.22 -2.91 54.42
N PRO G 41 37.67 -2.96 55.67
CA PRO G 41 38.24 -1.76 56.31
C PRO G 41 39.47 -1.25 55.56
N GLY G 42 39.52 0.05 55.31
CA GLY G 42 40.64 0.66 54.62
C GLY G 42 40.57 0.61 53.10
N GLN G 43 39.80 -0.32 52.56
CA GLN G 43 39.64 -0.43 51.11
C GLN G 43 38.33 0.18 50.64
N ALA G 44 38.20 0.37 49.34
CA ALA G 44 36.97 0.94 48.77
C ALA G 44 35.95 -0.17 48.56
N LEU G 45 34.67 0.20 48.49
CA LEU G 45 33.61 -0.77 48.28
C LEU G 45 33.78 -1.50 46.95
N GLU G 46 33.72 -2.83 47.00
CA GLU G 46 33.88 -3.66 45.80
C GLU G 46 32.54 -4.19 45.33
N TRP G 47 32.31 -4.09 44.02
CA TRP G 47 31.08 -4.61 43.44
C TRP G 47 31.32 -6.07 43.06
N ILE G 48 30.55 -6.97 43.65
CA ILE G 48 30.71 -8.39 43.39
C ILE G 48 29.97 -8.81 42.13
N GLY G 49 28.70 -8.45 42.05
CA GLY G 49 27.89 -8.79 40.90
C GLY G 49 26.43 -8.43 41.09
N MET G 50 25.62 -8.79 40.11
CA MET G 50 24.19 -8.51 40.16
C MET G 50 23.40 -9.71 39.67
N ILE G 51 22.11 -9.72 39.94
CA ILE G 51 21.24 -10.81 39.54
C ILE G 51 19.87 -10.28 39.13
N ASP G 52 19.34 -10.81 38.03
CA ASP G 52 18.00 -10.47 37.58
C ASP G 52 17.04 -11.50 38.15
N PRO G 53 16.30 -11.15 39.21
CA PRO G 53 15.36 -12.03 39.92
C PRO G 53 14.44 -12.79 38.97
N SER G 54 13.96 -12.10 37.94
CA SER G 54 13.06 -12.68 36.97
C SER G 54 13.61 -13.94 36.29
N LYS G 55 14.71 -13.80 35.58
CA LYS G 55 15.28 -14.91 34.81
C LYS G 55 16.54 -15.50 35.42
N SER G 56 16.91 -15.03 36.61
CA SER G 56 18.11 -15.49 37.31
C SER G 56 19.38 -15.29 36.48
N GLU G 57 19.40 -14.23 35.67
CA GLU G 57 20.60 -13.92 34.90
C GLU G 57 21.62 -13.22 35.79
N THR G 58 22.82 -13.77 35.82
CA THR G 58 23.87 -13.25 36.68
C THR G 58 24.90 -12.47 35.86
N THR G 59 25.48 -11.45 36.48
CA THR G 59 26.57 -10.69 35.88
C THR G 59 27.56 -10.38 36.98
N LEU G 60 28.67 -11.11 36.99
CA LEU G 60 29.67 -10.97 38.04
C LEU G 60 30.79 -10.01 37.66
N ASN G 61 31.58 -9.66 38.67
CA ASN G 61 32.77 -8.86 38.46
C ASN G 61 33.89 -9.82 38.14
N GLN G 62 34.68 -9.50 37.12
CA GLN G 62 35.79 -10.35 36.70
C GLN G 62 36.66 -10.78 37.89
N LYS G 63 36.84 -9.86 38.84
CA LYS G 63 37.61 -10.12 40.05
C LYS G 63 37.01 -11.18 40.95
N PHE G 64 35.73 -11.48 40.78
CA PHE G 64 35.05 -12.46 41.62
C PHE G 64 34.55 -13.67 40.85
N ARG G 65 34.97 -13.80 39.60
CA ARG G 65 34.53 -14.86 38.69
C ARG G 65 34.41 -16.24 39.34
N GLY G 66 35.50 -16.74 39.93
CA GLY G 66 35.50 -18.06 40.54
C GLY G 66 35.20 -18.11 42.03
N LYS G 67 35.00 -16.95 42.65
CA LYS G 67 34.77 -16.89 44.09
C LYS G 67 33.30 -16.78 44.46
N ALA G 68 32.53 -16.04 43.67
CA ALA G 68 31.14 -15.77 44.03
C ALA G 68 30.13 -16.43 43.09
N THR G 69 28.97 -16.76 43.63
CA THR G 69 27.88 -17.36 42.88
C THR G 69 26.56 -16.73 43.30
N LEU G 70 25.73 -16.36 42.33
CA LEU G 70 24.46 -15.72 42.65
C LEU G 70 23.25 -16.50 42.13
N ASN G 71 22.17 -16.44 42.89
CA ASN G 71 20.91 -17.06 42.53
C ASN G 71 19.81 -16.54 43.46
N VAL G 72 18.56 -16.74 43.06
CA VAL G 72 17.44 -16.24 43.85
C VAL G 72 16.32 -17.27 44.00
N ASP G 73 15.36 -16.94 44.85
CA ASP G 73 14.17 -17.77 45.05
C ASP G 73 12.97 -16.85 44.99
N LYS G 74 12.37 -16.73 43.81
CA LYS G 74 11.24 -15.83 43.58
C LYS G 74 10.08 -16.12 44.52
N SER G 75 9.89 -17.38 44.86
CA SER G 75 8.82 -17.79 45.76
C SER G 75 8.99 -17.18 47.16
N SER G 76 10.21 -17.22 47.68
CA SER G 76 10.48 -16.71 49.02
C SER G 76 10.97 -15.26 49.04
N ASN G 77 11.10 -14.67 47.85
CA ASN G 77 11.56 -13.29 47.71
C ASN G 77 12.93 -13.04 48.31
N THR G 78 13.80 -14.04 48.27
CA THR G 78 15.15 -13.90 48.82
C THR G 78 16.22 -14.13 47.76
N ALA G 79 17.33 -13.41 47.91
CA ALA G 79 18.48 -13.58 47.02
C ALA G 79 19.61 -14.23 47.81
N TYR G 80 20.48 -14.95 47.11
CA TYR G 80 21.58 -15.64 47.78
C TYR G 80 22.93 -15.36 47.11
N MET G 81 23.99 -15.50 47.89
CA MET G 81 25.34 -15.40 47.36
C MET G 81 26.21 -16.45 48.02
N GLN G 82 26.98 -17.17 47.22
CA GLN G 82 27.85 -18.20 47.76
C GLN G 82 29.31 -17.88 47.46
N LEU G 83 30.13 -17.94 48.50
CA LEU G 83 31.56 -17.69 48.35
C LEU G 83 32.33 -18.98 48.59
N SER G 84 33.17 -19.36 47.62
CA SER G 84 33.89 -20.62 47.67
C SER G 84 35.40 -20.42 47.83
N SER G 85 36.08 -21.49 48.26
CA SER G 85 37.52 -21.47 48.47
C SER G 85 37.95 -20.32 49.37
N LEU G 86 37.10 -20.01 50.35
CA LEU G 86 37.30 -18.92 51.30
C LEU G 86 38.72 -18.82 51.87
N THR G 87 39.23 -17.60 51.89
CA THR G 87 40.55 -17.32 52.48
C THR G 87 40.37 -16.22 53.52
N SER G 88 41.48 -15.72 54.06
CA SER G 88 41.42 -14.69 55.08
C SER G 88 40.99 -13.35 54.47
N GLU G 89 41.31 -13.16 53.20
CA GLU G 89 40.95 -11.93 52.49
C GLU G 89 39.47 -11.87 52.15
N ASP G 90 38.81 -13.02 52.16
CA ASP G 90 37.37 -13.07 51.89
C ASP G 90 36.57 -12.63 53.12
N SER G 91 37.28 -12.21 54.17
CA SER G 91 36.65 -11.72 55.38
C SER G 91 36.31 -10.24 55.20
N ALA G 92 35.03 -9.91 55.38
CA ALA G 92 34.56 -8.55 55.18
C ALA G 92 33.08 -8.44 55.52
N VAL G 93 32.51 -7.27 55.22
CA VAL G 93 31.08 -7.06 55.38
C VAL G 93 30.46 -7.14 53.99
N TYR G 94 29.39 -7.91 53.85
CA TYR G 94 28.76 -8.08 52.55
C TYR G 94 27.34 -7.53 52.55
N TYR G 95 27.05 -6.67 51.58
CA TYR G 95 25.74 -6.05 51.48
C TYR G 95 24.98 -6.55 50.26
N CYS G 96 23.66 -6.39 50.28
CA CYS G 96 22.84 -6.62 49.11
C CYS G 96 22.03 -5.35 48.91
N ALA G 97 22.02 -4.84 47.69
CA ALA G 97 21.34 -3.58 47.41
C ALA G 97 20.38 -3.68 46.24
N ARG G 98 19.38 -2.82 46.24
CA ARG G 98 18.40 -2.75 45.17
C ARG G 98 18.81 -1.65 44.20
N GLU G 99 18.66 -1.88 42.91
CA GLU G 99 19.04 -0.87 41.94
C GLU G 99 17.85 -0.24 41.22
N VAL G 100 17.90 1.08 41.08
CA VAL G 100 16.91 1.86 40.35
C VAL G 100 17.68 3.02 39.75
N TYR G 101 18.73 2.72 38.98
CA TYR G 101 19.68 3.69 38.43
C TYR G 101 20.64 4.13 39.54
N TYR G 102 20.51 3.49 40.69
CA TYR G 102 21.28 3.82 41.89
C TYR G 102 20.94 2.75 42.94
N PHE G 103 21.71 2.69 44.03
CA PHE G 103 21.40 1.75 45.10
C PHE G 103 20.65 2.47 46.21
N ASP G 104 19.32 2.38 46.18
CA ASP G 104 18.49 3.11 47.14
C ASP G 104 18.18 2.36 48.43
N TYR G 105 18.41 1.05 48.45
CA TYR G 105 18.13 0.26 49.64
C TYR G 105 19.16 -0.83 49.83
N TRP G 106 19.85 -0.78 50.97
CA TRP G 106 20.86 -1.78 51.30
C TRP G 106 20.39 -2.66 52.45
N GLY G 107 21.06 -3.79 52.66
CA GLY G 107 20.75 -4.65 53.77
C GLY G 107 21.56 -4.16 54.96
N GLN G 108 21.34 -4.76 56.14
CA GLN G 108 22.08 -4.33 57.33
C GLN G 108 23.54 -4.74 57.17
N GLY G 109 23.77 -5.86 56.49
CA GLY G 109 25.11 -6.35 56.27
C GLY G 109 25.31 -7.73 56.87
N THR G 110 26.23 -8.49 56.28
CA THR G 110 26.57 -9.81 56.80
C THR G 110 28.08 -9.88 56.99
N THR G 111 28.50 -10.07 58.24
CA THR G 111 29.93 -10.10 58.55
C THR G 111 30.47 -11.52 58.48
N LEU G 112 31.44 -11.72 57.60
CA LEU G 112 32.05 -13.03 57.40
C LEU G 112 33.48 -13.03 57.94
N THR G 113 33.82 -14.04 58.74
CA THR G 113 35.16 -14.15 59.30
C THR G 113 35.78 -15.50 58.94
N VAL G 114 37.00 -15.44 58.41
CA VAL G 114 37.70 -16.65 57.99
C VAL G 114 39.05 -16.80 58.69
N SER G 115 39.20 -17.87 59.47
CA SER G 115 40.44 -18.11 60.19
C SER G 115 40.55 -19.58 60.63
N SER G 116 41.77 -20.04 60.87
CA SER G 116 41.99 -21.42 61.30
C SER G 116 42.14 -21.51 62.81
N ALA G 117 41.91 -20.40 63.50
CA ALA G 117 42.08 -20.35 64.96
C ALA G 117 40.84 -20.89 65.68
N LYS G 118 41.09 -21.70 66.71
CA LYS G 118 40.01 -22.26 67.52
C LYS G 118 39.63 -21.30 68.63
N THR G 119 38.45 -21.49 69.21
CA THR G 119 37.99 -20.66 70.31
C THR G 119 38.99 -20.66 71.45
N THR G 120 39.39 -19.47 71.89
CA THR G 120 40.36 -19.32 72.95
C THR G 120 39.93 -18.25 73.95
N PRO G 121 40.03 -18.55 75.25
CA PRO G 121 39.67 -17.57 76.29
C PRO G 121 40.70 -16.45 76.39
N PRO G 122 40.25 -15.25 76.78
CA PRO G 122 41.11 -14.07 76.88
C PRO G 122 41.96 -14.04 78.15
N SER G 123 43.22 -13.63 78.01
CA SER G 123 44.10 -13.47 79.15
C SER G 123 44.10 -12.02 79.61
N VAL G 124 43.49 -11.77 80.75
CA VAL G 124 43.36 -10.42 81.28
C VAL G 124 44.51 -10.03 82.19
N TYR G 125 45.34 -9.11 81.73
CA TYR G 125 46.49 -8.65 82.51
C TYR G 125 46.26 -7.21 82.96
N PRO G 126 46.47 -6.94 84.25
CA PRO G 126 46.28 -5.61 84.82
C PRO G 126 47.42 -4.65 84.48
N LEU G 127 47.12 -3.36 84.39
CA LEU G 127 48.12 -2.35 84.08
C LEU G 127 48.15 -1.27 85.16
N ALA G 128 49.24 -1.24 85.93
CA ALA G 128 49.38 -0.28 87.01
C ALA G 128 50.68 0.51 86.90
N PRO G 129 50.65 1.79 87.30
CA PRO G 129 51.81 2.69 87.27
C PRO G 129 53.03 2.10 87.97
N ASN G 136 49.71 14.36 87.23
CA ASN G 136 49.64 13.45 88.37
C ASN G 136 48.33 13.63 89.13
N SER G 137 47.56 14.63 88.73
CA SER G 137 46.27 14.91 89.34
C SER G 137 45.26 13.79 89.05
N MET G 138 45.23 13.35 87.80
CA MET G 138 44.37 12.25 87.39
C MET G 138 45.22 11.09 86.89
N VAL G 139 45.14 9.95 87.58
CA VAL G 139 45.96 8.78 87.24
C VAL G 139 45.25 7.88 86.25
N THR G 140 46.01 7.39 85.27
CA THR G 140 45.46 6.52 84.23
C THR G 140 45.80 5.05 84.52
N LEU G 141 44.78 4.20 84.45
CA LEU G 141 44.94 2.77 84.66
C LEU G 141 44.47 2.02 83.43
N GLY G 142 44.53 0.70 83.44
CA GLY G 142 44.08 -0.06 82.29
C GLY G 142 44.14 -1.57 82.36
N CYS G 143 43.50 -2.20 81.38
CA CYS G 143 43.49 -3.65 81.25
C CYS G 143 44.05 -4.08 79.89
N LEU G 144 44.69 -5.24 79.86
CA LEU G 144 45.25 -5.75 78.61
C LEU G 144 44.69 -7.13 78.31
N VAL G 145 43.81 -7.21 77.31
CA VAL G 145 43.19 -8.46 76.91
C VAL G 145 43.90 -9.03 75.69
N LYS G 146 44.69 -10.09 75.91
CA LYS G 146 45.47 -10.68 74.82
C LYS G 146 45.16 -12.15 74.56
N GLY G 147 45.49 -12.60 73.36
CA GLY G 147 45.36 -13.99 72.96
C GLY G 147 43.97 -14.60 73.06
N TYR G 148 42.96 -13.91 72.57
CA TYR G 148 41.62 -14.45 72.57
C TYR G 148 41.06 -14.61 71.15
N PHE G 149 39.97 -15.35 71.04
CA PHE G 149 39.31 -15.63 69.76
C PHE G 149 38.03 -16.42 69.99
N PRO G 150 36.95 -16.09 69.27
CA PRO G 150 36.86 -14.99 68.30
C PRO G 150 36.19 -13.73 68.87
N GLU G 151 36.04 -12.72 68.02
CA GLU G 151 35.39 -11.48 68.40
C GLU G 151 33.92 -11.75 68.74
N PRO G 152 33.32 -10.91 69.60
CA PRO G 152 33.93 -9.79 70.30
C PRO G 152 34.11 -10.04 71.79
N VAL G 153 34.51 -9.00 72.53
CA VAL G 153 34.63 -9.07 73.98
C VAL G 153 34.10 -7.78 74.60
N THR G 154 33.45 -7.89 75.74
CA THR G 154 32.89 -6.73 76.42
C THR G 154 33.74 -6.34 77.62
N VAL G 155 34.20 -5.09 77.63
CA VAL G 155 35.03 -4.59 78.72
C VAL G 155 34.34 -3.45 79.46
N THR G 156 34.18 -3.61 80.77
CA THR G 156 33.55 -2.59 81.60
C THR G 156 34.34 -2.43 82.89
N TRP G 157 34.21 -1.26 83.52
CA TRP G 157 34.91 -0.98 84.76
C TRP G 157 33.94 -0.91 85.94
N ASN G 158 34.15 -1.80 86.91
CA ASN G 158 33.31 -1.90 88.10
C ASN G 158 31.89 -2.30 87.73
N SER G 159 31.78 -3.27 86.83
CA SER G 159 30.51 -3.80 86.35
C SER G 159 29.62 -2.73 85.72
N GLY G 160 30.23 -1.78 85.02
CA GLY G 160 29.48 -0.75 84.31
C GLY G 160 29.28 0.56 85.05
N SER G 161 29.36 0.53 86.38
CA SER G 161 29.17 1.74 87.18
C SER G 161 30.16 2.84 86.78
N LEU G 162 31.40 2.45 86.52
CA LEU G 162 32.41 3.41 86.07
C LEU G 162 32.45 3.41 84.55
N SER G 163 31.75 4.37 83.94
CA SER G 163 31.64 4.45 82.49
C SER G 163 32.47 5.59 81.90
N SER G 164 32.20 6.81 82.35
CA SER G 164 32.88 7.99 81.84
C SER G 164 34.40 7.92 82.01
N GLY G 165 35.12 8.50 81.06
CA GLY G 165 36.58 8.54 81.11
C GLY G 165 37.26 7.23 80.77
N VAL G 166 36.62 6.42 79.91
CA VAL G 166 37.18 5.14 79.52
C VAL G 166 37.40 5.06 78.01
N HIS G 167 38.48 4.40 77.60
CA HIS G 167 38.80 4.23 76.18
C HIS G 167 39.12 2.77 75.88
N THR G 168 38.18 2.06 75.27
CA THR G 168 38.41 0.68 74.87
C THR G 168 38.83 0.66 73.40
N PHE G 169 40.08 0.31 73.15
CA PHE G 169 40.63 0.35 71.80
C PHE G 169 40.27 -0.88 70.98
N PRO G 170 40.11 -0.70 69.67
CA PRO G 170 39.78 -1.77 68.72
C PRO G 170 40.82 -2.88 68.73
N ALA G 171 40.36 -4.12 68.81
CA ALA G 171 41.24 -5.28 68.82
C ALA G 171 42.11 -5.34 67.57
N VAL G 172 43.29 -5.95 67.71
CA VAL G 172 44.19 -6.14 66.59
C VAL G 172 44.50 -7.63 66.46
N LEU G 173 45.05 -8.03 65.33
CA LEU G 173 45.35 -9.44 65.11
C LEU G 173 46.83 -9.72 65.28
N GLN G 174 47.14 -10.65 66.18
CA GLN G 174 48.52 -11.04 66.44
C GLN G 174 48.64 -12.56 66.43
N SER G 175 49.19 -13.10 65.34
CA SER G 175 49.36 -14.53 65.15
C SER G 175 48.04 -15.29 65.34
N ASP G 176 47.07 -14.97 64.47
CA ASP G 176 45.76 -15.62 64.48
C ASP G 176 45.03 -15.53 65.82
N LEU G 177 45.33 -14.48 66.58
CA LEU G 177 44.67 -14.25 67.85
C LEU G 177 44.51 -12.76 68.12
N TYR G 178 43.36 -12.37 68.66
CA TYR G 178 43.06 -10.96 68.90
C TYR G 178 43.65 -10.43 70.21
N THR G 179 43.94 -9.14 70.22
CA THR G 179 44.47 -8.46 71.41
C THR G 179 43.98 -7.02 71.45
N LEU G 180 43.45 -6.59 72.59
CA LEU G 180 43.00 -5.21 72.73
C LEU G 180 43.34 -4.63 74.10
N SER G 181 43.32 -3.31 74.19
CA SER G 181 43.60 -2.60 75.43
C SER G 181 42.40 -1.74 75.83
N SER G 182 42.33 -1.40 77.11
CA SER G 182 41.27 -0.54 77.63
C SER G 182 41.81 0.35 78.73
N SER G 183 41.72 1.66 78.54
CA SER G 183 42.24 2.61 79.53
C SER G 183 41.12 3.32 80.26
N VAL G 184 41.42 3.79 81.47
CA VAL G 184 40.46 4.53 82.27
C VAL G 184 41.21 5.55 83.13
N THR G 185 40.67 6.76 83.22
CA THR G 185 41.31 7.82 84.00
C THR G 185 40.41 8.29 85.12
N VAL G 186 40.90 8.17 86.35
CA VAL G 186 40.18 8.60 87.54
C VAL G 186 41.07 9.51 88.37
N PRO G 187 40.46 10.39 89.19
CA PRO G 187 41.24 11.28 90.06
C PRO G 187 42.20 10.52 90.96
N SER G 188 43.44 10.99 91.05
CA SER G 188 44.47 10.36 91.87
C SER G 188 44.06 10.16 93.32
N SER G 189 43.13 10.98 93.79
CA SER G 189 42.64 10.88 95.16
C SER G 189 41.78 9.65 95.38
N SER G 190 41.04 9.25 94.35
CA SER G 190 40.12 8.11 94.43
C SER G 190 40.81 6.76 94.24
N TRP G 191 42.12 6.76 94.01
CA TRP G 191 42.87 5.52 93.82
C TRP G 191 44.23 5.59 94.49
N PRO G 192 44.66 4.49 95.14
CA PRO G 192 43.97 3.21 95.32
C PRO G 192 42.86 3.22 96.37
N SER G 193 42.49 4.41 96.85
CA SER G 193 41.42 4.56 97.84
C SER G 193 40.16 3.79 97.45
N GLU G 194 39.62 4.11 96.28
CA GLU G 194 38.44 3.41 95.77
C GLU G 194 38.88 2.28 94.85
N THR G 195 38.39 1.07 95.13
CA THR G 195 38.74 -0.11 94.34
C THR G 195 38.26 0.01 92.90
N VAL G 196 39.16 -0.28 91.96
CA VAL G 196 38.85 -0.23 90.53
C VAL G 196 39.20 -1.56 89.89
N THR G 197 38.23 -2.15 89.19
CA THR G 197 38.44 -3.44 88.53
C THR G 197 37.70 -3.53 87.21
N CYS G 198 38.42 -3.96 86.16
CA CYS G 198 37.80 -4.11 84.85
C CYS G 198 37.17 -5.50 84.73
N ASN G 199 36.09 -5.58 83.95
CA ASN G 199 35.41 -6.84 83.75
C ASN G 199 35.39 -7.22 82.27
N VAL G 200 36.00 -8.34 81.93
CA VAL G 200 36.09 -8.78 80.55
C VAL G 200 35.17 -9.97 80.31
N ALA G 201 34.25 -9.81 79.36
CA ALA G 201 33.30 -10.85 79.02
C ALA G 201 33.59 -11.41 77.63
N HIS G 202 33.77 -12.72 77.54
CA HIS G 202 34.04 -13.39 76.27
C HIS G 202 32.99 -14.47 76.03
N PRO G 203 31.83 -14.07 75.48
CA PRO G 203 30.68 -14.95 75.22
C PRO G 203 31.02 -16.19 74.38
N ALA G 204 31.97 -16.06 73.47
CA ALA G 204 32.38 -17.17 72.60
C ALA G 204 32.86 -18.37 73.41
N SER G 205 33.43 -18.11 74.58
CA SER G 205 33.91 -19.17 75.46
C SER G 205 33.18 -19.11 76.79
N SER G 206 32.19 -18.22 76.87
CA SER G 206 31.41 -18.00 78.08
C SER G 206 32.32 -17.65 79.26
N THR G 207 33.37 -16.89 78.98
CA THR G 207 34.36 -16.53 79.99
C THR G 207 34.06 -15.15 80.58
N LYS G 208 34.09 -15.06 81.91
CA LYS G 208 33.88 -13.80 82.59
C LYS G 208 34.96 -13.60 83.65
N VAL G 209 35.98 -12.81 83.30
CA VAL G 209 37.11 -12.57 84.19
C VAL G 209 37.09 -11.16 84.76
N ASP G 210 37.46 -11.03 86.03
CA ASP G 210 37.55 -9.73 86.68
C ASP G 210 38.95 -9.57 87.29
N LYS G 211 39.65 -8.53 86.88
CA LYS G 211 41.00 -8.29 87.36
C LYS G 211 41.12 -6.91 88.02
N LYS G 212 41.22 -6.91 89.34
CA LYS G 212 41.38 -5.66 90.09
C LYS G 212 42.81 -5.15 89.94
N ILE G 213 42.97 -3.90 89.53
CA ILE G 213 44.30 -3.34 89.33
C ILE G 213 44.89 -2.81 90.64
N VAL G 214 45.75 -3.64 91.24
CA VAL G 214 46.42 -3.25 92.48
C VAL G 214 47.70 -2.50 92.13
N PRO G 215 47.96 -1.41 92.85
CA PRO G 215 49.17 -0.59 92.61
C PRO G 215 50.43 -1.44 92.67
N ARG G 216 51.46 -1.02 91.93
CA ARG G 216 52.72 -1.76 91.88
C ARG G 216 53.31 -1.91 93.28
N ASP G 217 53.95 -3.03 93.54
CA ASP G 217 54.52 -3.31 94.85
C ASP G 217 55.98 -2.86 94.91
N ASP H 1 39.71 20.16 -20.57
CA ASP H 1 40.05 21.20 -19.60
C ASP H 1 39.46 22.55 -19.99
N ILE H 2 39.25 23.41 -18.99
CA ILE H 2 38.76 24.75 -19.22
C ILE H 2 39.92 25.72 -19.15
N GLN H 3 40.10 26.53 -20.19
CA GLN H 3 41.23 27.44 -20.28
C GLN H 3 40.90 28.84 -19.76
N MET H 4 41.77 29.33 -18.87
CA MET H 4 41.60 30.66 -18.30
C MET H 4 42.57 31.64 -18.95
N THR H 5 42.02 32.62 -19.68
CA THR H 5 42.85 33.62 -20.33
C THR H 5 42.72 34.97 -19.63
N GLN H 6 43.78 35.40 -18.98
CA GLN H 6 43.77 36.64 -18.22
C GLN H 6 44.47 37.77 -18.96
N SER H 7 43.95 38.98 -18.80
CA SER H 7 44.52 40.17 -19.44
C SER H 7 44.14 41.42 -18.66
N PRO H 8 45.04 42.41 -18.60
CA PRO H 8 46.37 42.43 -19.21
C PRO H 8 47.41 41.63 -18.41
N ALA H 9 48.49 41.25 -19.08
CA ALA H 9 49.58 40.51 -18.43
C ALA H 9 50.19 41.34 -17.30
N SER H 10 50.15 42.66 -17.47
CA SER H 10 50.62 43.58 -16.44
C SER H 10 50.00 44.96 -16.65
N LEU H 11 49.58 45.58 -15.56
CA LEU H 11 48.97 46.89 -15.62
C LEU H 11 49.74 47.89 -14.76
N SER H 12 49.92 49.09 -15.27
CA SER H 12 50.64 50.13 -14.55
C SER H 12 49.72 51.32 -14.27
N ALA H 13 49.60 51.67 -13.00
CA ALA H 13 48.73 52.76 -12.60
C ALA H 13 49.24 53.41 -11.32
N SER H 14 48.72 54.60 -11.02
CA SER H 14 49.12 55.35 -9.84
C SER H 14 48.00 55.36 -8.83
N VAL H 15 48.33 55.58 -7.56
CA VAL H 15 47.33 55.66 -6.50
C VAL H 15 46.16 56.58 -6.88
N GLY H 16 44.95 56.18 -6.53
CA GLY H 16 43.76 56.94 -6.88
C GLY H 16 43.08 56.46 -8.13
N GLU H 17 43.85 55.86 -9.04
CA GLU H 17 43.31 55.36 -10.30
C GLU H 17 42.36 54.18 -10.12
N THR H 18 41.70 53.79 -11.21
CA THR H 18 40.79 52.65 -11.21
C THR H 18 41.13 51.72 -12.37
N VAL H 19 41.53 50.50 -12.04
CA VAL H 19 41.91 49.53 -13.07
C VAL H 19 40.91 48.40 -13.21
N THR H 20 41.03 47.63 -14.29
CA THR H 20 40.12 46.52 -14.54
C THR H 20 40.85 45.34 -15.19
N ILE H 21 40.98 44.26 -14.44
CA ILE H 21 41.57 43.02 -14.94
C ILE H 21 40.46 42.15 -15.52
N THR H 22 40.80 41.33 -16.51
CA THR H 22 39.78 40.53 -17.20
C THR H 22 40.17 39.07 -17.40
N CYS H 23 39.27 38.17 -16.99
CA CYS H 23 39.44 36.74 -17.23
C CYS H 23 38.37 36.22 -18.16
N ARG H 24 38.77 35.40 -19.14
CA ARG H 24 37.83 34.84 -20.10
C ARG H 24 37.88 33.33 -20.14
N ALA H 25 36.72 32.70 -20.04
CA ALA H 25 36.61 31.25 -19.96
C ALA H 25 36.54 30.57 -21.32
N SER H 26 37.20 29.43 -21.44
CA SER H 26 37.15 28.61 -22.65
C SER H 26 35.72 28.14 -22.93
N GLU H 27 34.96 27.95 -21.87
CA GLU H 27 33.57 27.51 -21.97
C GLU H 27 32.79 28.01 -20.77
N ASN H 28 31.47 28.02 -20.88
CA ASN H 28 30.59 28.50 -19.83
C ASN H 28 30.93 27.92 -18.45
N ILE H 29 31.23 28.80 -17.50
CA ILE H 29 31.51 28.40 -16.14
C ILE H 29 30.55 29.10 -15.18
N TYR H 30 29.42 29.55 -15.73
CA TYR H 30 28.38 30.23 -14.97
C TYR H 30 28.96 31.36 -14.10
N SER H 31 28.67 31.32 -12.80
CA SER H 31 29.20 32.32 -11.89
C SER H 31 30.32 31.75 -11.02
N TYR H 32 30.90 30.65 -11.49
CA TYR H 32 31.92 29.94 -10.73
C TYR H 32 33.34 30.44 -11.05
N LEU H 33 33.68 31.61 -10.51
CA LEU H 33 35.00 32.19 -10.70
C LEU H 33 35.48 32.89 -9.43
N THR H 34 36.77 32.77 -9.13
CA THR H 34 37.33 33.41 -7.94
C THR H 34 38.52 34.30 -8.31
N TRP H 35 38.71 35.37 -7.53
CA TRP H 35 39.81 36.29 -7.74
C TRP H 35 40.76 36.28 -6.56
N TYR H 36 42.05 36.08 -6.82
CA TYR H 36 43.06 36.05 -5.77
C TYR H 36 44.07 37.18 -5.89
N GLN H 37 44.56 37.63 -4.74
CA GLN H 37 45.62 38.62 -4.69
C GLN H 37 46.87 37.99 -4.08
N GLN H 38 48.00 38.08 -4.77
CA GLN H 38 49.24 37.50 -4.27
C GLN H 38 50.40 38.49 -4.34
N LYS H 39 50.94 38.82 -3.18
CA LYS H 39 52.07 39.73 -3.10
C LYS H 39 53.37 38.92 -3.08
N GLN H 40 54.30 39.30 -3.95
CA GLN H 40 55.60 38.66 -4.12
C GLN H 40 56.18 37.99 -2.87
N GLY H 41 56.43 36.69 -2.96
CA GLY H 41 56.99 35.93 -1.86
C GLY H 41 55.95 35.33 -0.91
N LYS H 42 54.79 35.97 -0.82
CA LYS H 42 53.74 35.48 0.08
C LYS H 42 52.74 34.58 -0.65
N SER H 43 51.93 33.87 0.14
CA SER H 43 50.92 32.98 -0.41
C SER H 43 49.66 33.77 -0.78
N PRO H 44 48.99 33.40 -1.88
CA PRO H 44 47.80 34.11 -2.37
C PRO H 44 46.68 34.26 -1.35
N GLN H 45 45.81 35.23 -1.58
CA GLN H 45 44.69 35.51 -0.69
C GLN H 45 43.39 35.68 -1.47
N LEU H 46 42.31 35.16 -0.92
CA LEU H 46 41.01 35.21 -1.57
C LEU H 46 40.43 36.62 -1.55
N LEU H 47 40.03 37.12 -2.71
CA LEU H 47 39.40 38.43 -2.81
C LEU H 47 37.90 38.29 -3.05
N VAL H 48 37.57 37.70 -4.20
CA VAL H 48 36.19 37.55 -4.61
C VAL H 48 35.90 36.10 -4.98
N TYR H 49 34.72 35.61 -4.61
CA TYR H 49 34.31 34.28 -5.01
C TYR H 49 32.90 34.34 -5.58
N ASN H 50 32.56 33.34 -6.38
CA ASN H 50 31.26 33.28 -7.03
C ASN H 50 31.07 34.46 -7.97
N ALA H 51 32.20 34.97 -8.46
CA ALA H 51 32.27 36.05 -9.45
C ALA H 51 31.97 37.45 -8.90
N LYS H 52 31.14 37.54 -7.87
CA LYS H 52 30.75 38.85 -7.35
C LYS H 52 31.01 39.04 -5.85
N THR H 53 30.71 38.00 -5.07
CA THR H 53 30.81 38.10 -3.61
C THR H 53 32.24 38.33 -3.11
N LEU H 54 32.40 39.39 -2.32
CA LEU H 54 33.68 39.69 -1.68
C LEU H 54 33.80 38.86 -0.41
N THR H 55 35.04 38.46 -0.07
CA THR H 55 35.25 37.70 1.15
C THR H 55 35.31 38.64 2.36
N GLU H 56 35.65 38.10 3.52
CA GLU H 56 35.70 38.85 4.77
C GLU H 56 36.45 40.18 4.73
N GLY H 57 37.78 40.11 4.79
CA GLY H 57 38.60 41.30 4.92
C GLY H 57 38.62 42.31 3.77
N VAL H 58 38.31 41.86 2.56
CA VAL H 58 38.35 42.72 1.37
C VAL H 58 37.53 44.01 1.48
N PRO H 59 38.17 45.16 1.23
CA PRO H 59 37.56 46.49 1.24
C PRO H 59 36.66 46.76 0.03
N SER H 60 35.63 47.58 0.25
CA SER H 60 34.62 47.91 -0.76
C SER H 60 35.17 48.36 -2.12
N ARG H 61 36.41 48.82 -2.16
CA ARG H 61 37.00 49.31 -3.40
C ARG H 61 37.21 48.19 -4.42
N PHE H 62 37.10 46.95 -3.96
CA PHE H 62 37.21 45.78 -4.82
C PHE H 62 35.83 45.31 -5.25
N SER H 63 35.68 44.97 -6.53
CA SER H 63 34.40 44.47 -7.02
C SER H 63 34.59 43.54 -8.22
N GLY H 64 33.77 42.49 -8.26
CA GLY H 64 33.83 41.55 -9.37
C GLY H 64 32.53 41.53 -10.15
N SER H 65 32.60 41.05 -11.39
CA SER H 65 31.42 40.99 -12.24
C SER H 65 31.60 39.97 -13.36
N GLY H 66 30.53 39.74 -14.12
CA GLY H 66 30.58 38.82 -15.23
C GLY H 66 29.84 37.52 -14.98
N SER H 67 29.75 36.72 -16.02
CA SER H 67 29.06 35.42 -15.97
C SER H 67 29.18 34.74 -17.33
N GLY H 68 29.28 33.41 -17.33
CA GLY H 68 29.42 32.68 -18.57
C GLY H 68 30.88 32.48 -18.92
N THR H 69 31.37 33.28 -19.87
CA THR H 69 32.76 33.17 -20.30
C THR H 69 33.53 34.47 -20.14
N GLN H 70 32.86 35.52 -19.67
CA GLN H 70 33.51 36.83 -19.55
C GLN H 70 33.38 37.40 -18.13
N PHE H 71 34.51 37.54 -17.45
CA PHE H 71 34.53 38.06 -16.09
C PHE H 71 35.55 39.18 -15.97
N SER H 72 35.47 39.95 -14.89
CA SER H 72 36.39 41.06 -14.69
C SER H 72 36.47 41.51 -13.24
N LEU H 73 37.69 41.84 -12.81
CA LEU H 73 37.92 42.40 -11.49
C LEU H 73 38.15 43.89 -11.64
N LYS H 74 37.57 44.69 -10.75
CA LYS H 74 37.70 46.14 -10.84
C LYS H 74 38.11 46.74 -9.51
N ILE H 75 39.27 47.39 -9.49
CA ILE H 75 39.77 48.05 -8.29
C ILE H 75 39.71 49.56 -8.46
N ASN H 76 38.70 50.20 -7.88
CA ASN H 76 38.57 51.65 -7.98
C ASN H 76 39.24 52.32 -6.80
N SER H 77 39.80 53.51 -7.04
CA SER H 77 40.49 54.27 -5.99
C SER H 77 41.63 53.44 -5.39
N LEU H 78 42.64 53.14 -6.19
CA LEU H 78 43.80 52.36 -5.74
C LEU H 78 44.44 52.86 -4.46
N GLN H 79 45.24 52.01 -3.84
CA GLN H 79 45.92 52.34 -2.59
C GLN H 79 47.36 51.81 -2.72
N PRO H 80 48.22 52.09 -1.72
CA PRO H 80 49.57 51.54 -1.86
C PRO H 80 49.59 50.02 -1.72
N GLU H 81 48.74 49.50 -0.85
CA GLU H 81 48.63 48.07 -0.58
C GLU H 81 48.17 47.27 -1.80
N ASP H 82 47.27 47.85 -2.60
CA ASP H 82 46.69 47.15 -3.75
C ASP H 82 47.67 46.81 -4.89
N PHE H 83 48.96 47.01 -4.66
CA PHE H 83 49.95 46.74 -5.70
C PHE H 83 50.59 45.37 -5.53
N GLY H 84 50.54 44.57 -6.58
CA GLY H 84 51.09 43.22 -6.54
C GLY H 84 50.48 42.31 -7.60
N GLY H 85 50.39 41.02 -7.27
CA GLY H 85 49.88 40.02 -8.20
C GLY H 85 48.38 39.76 -8.08
N TYR H 86 47.76 39.48 -9.23
CA TYR H 86 46.33 39.21 -9.29
C TYR H 86 46.03 38.12 -10.30
N PHE H 87 45.36 37.06 -9.88
CA PHE H 87 44.99 35.99 -10.81
C PHE H 87 43.60 35.43 -10.52
N CYS H 88 43.03 34.74 -11.50
CA CYS H 88 41.70 34.17 -11.36
C CYS H 88 41.73 32.64 -11.43
N GLN H 89 40.63 32.02 -11.04
CA GLN H 89 40.47 30.58 -11.09
C GLN H 89 39.00 30.23 -11.26
N HIS H 90 38.69 29.28 -12.13
CA HIS H 90 37.32 28.83 -12.27
C HIS H 90 37.12 27.72 -11.26
N HIS H 91 35.88 27.53 -10.82
CA HIS H 91 35.60 26.49 -9.84
C HIS H 91 34.52 25.55 -10.35
N TYR H 92 34.42 25.44 -11.67
CA TYR H 92 33.44 24.55 -12.29
C TYR H 92 34.11 23.28 -12.79
N GLY H 93 34.26 22.32 -11.91
CA GLY H 93 34.82 21.03 -12.29
C GLY H 93 36.27 20.83 -11.90
N THR H 94 36.83 19.73 -12.40
CA THR H 94 38.22 19.37 -12.15
C THR H 94 38.90 19.05 -13.48
N PRO H 95 40.12 19.57 -13.68
CA PRO H 95 40.89 20.42 -12.77
C PRO H 95 40.51 21.90 -12.83
N PRO H 96 40.50 22.57 -11.66
CA PRO H 96 40.20 24.00 -11.58
C PRO H 96 41.40 24.86 -12.00
N THR H 97 41.56 25.04 -13.29
CA THR H 97 42.69 25.77 -13.85
C THR H 97 42.75 27.24 -13.42
N PHE H 98 43.96 27.77 -13.34
CA PHE H 98 44.17 29.17 -12.95
C PHE H 98 44.46 30.06 -14.15
N GLY H 99 44.33 31.37 -13.95
CA GLY H 99 44.65 32.34 -14.98
C GLY H 99 46.13 32.63 -15.03
N GLY H 100 46.58 33.25 -16.12
CA GLY H 100 47.99 33.57 -16.29
C GLY H 100 48.54 34.53 -15.26
N GLY H 101 47.68 35.39 -14.72
CA GLY H 101 48.09 36.35 -13.72
C GLY H 101 48.21 37.77 -14.26
N THR H 102 48.31 38.73 -13.34
CA THR H 102 48.45 40.14 -13.72
C THR H 102 49.28 40.89 -12.70
N LYS H 103 50.35 41.54 -13.16
CA LYS H 103 51.22 42.31 -12.29
C LYS H 103 50.80 43.77 -12.25
N LEU H 104 50.27 44.21 -11.11
CA LEU H 104 49.84 45.60 -10.96
C LEU H 104 50.96 46.45 -10.37
N GLU H 105 51.62 47.20 -11.23
CA GLU H 105 52.76 48.03 -10.84
C GLU H 105 52.43 49.52 -10.80
N VAL H 106 53.24 50.28 -10.07
CA VAL H 106 53.05 51.71 -9.93
C VAL H 106 53.50 52.43 -11.20
N LYS H 107 52.80 53.50 -11.55
CA LYS H 107 53.14 54.29 -12.74
C LYS H 107 53.79 55.59 -12.32
N ARG H 108 54.88 55.97 -12.99
CA ARG H 108 55.59 57.19 -12.66
C ARG H 108 56.06 57.92 -13.91
N ALA H 109 57.21 58.58 -13.82
CA ALA H 109 57.78 59.28 -14.97
C ALA H 109 58.94 58.48 -15.53
N ASP H 110 59.07 58.46 -16.86
CA ASP H 110 60.12 57.71 -17.52
C ASP H 110 61.51 58.11 -17.02
N ALA H 111 62.46 57.18 -17.12
CA ALA H 111 63.82 57.42 -16.66
C ALA H 111 64.79 56.60 -17.48
N ALA H 112 65.97 57.15 -17.73
CA ALA H 112 66.97 56.46 -18.53
C ALA H 112 67.84 55.57 -17.63
N PRO H 113 68.28 54.42 -18.17
CA PRO H 113 69.12 53.50 -17.41
C PRO H 113 70.55 53.97 -17.27
N THR H 114 71.06 53.97 -16.04
CA THR H 114 72.43 54.37 -15.77
C THR H 114 73.37 53.20 -16.02
N VAL H 115 73.77 53.02 -17.28
CA VAL H 115 74.62 51.91 -17.70
C VAL H 115 76.04 52.00 -17.17
N SER H 116 76.53 50.88 -16.62
CA SER H 116 77.89 50.79 -16.09
C SER H 116 78.52 49.46 -16.45
N ILE H 117 79.47 49.48 -17.38
CA ILE H 117 80.15 48.25 -17.78
C ILE H 117 81.43 48.05 -16.99
N PHE H 118 81.70 46.79 -16.64
CA PHE H 118 82.87 46.44 -15.84
C PHE H 118 83.68 45.32 -16.48
N PRO H 119 85.01 45.45 -16.46
CA PRO H 119 85.89 44.42 -17.02
C PRO H 119 86.13 43.28 -16.02
N PRO H 120 86.53 42.10 -16.51
CA PRO H 120 86.81 40.97 -15.63
C PRO H 120 87.86 41.30 -14.58
N SER H 121 87.62 40.91 -13.33
CA SER H 121 88.56 41.17 -12.25
C SER H 121 89.81 40.33 -12.42
N SER H 122 90.94 40.85 -11.96
CA SER H 122 92.21 40.15 -12.06
C SER H 122 92.20 38.87 -11.24
N GLU H 123 91.44 38.87 -10.14
CA GLU H 123 91.33 37.70 -9.29
C GLU H 123 90.61 36.58 -10.05
N GLN H 124 89.70 36.97 -10.92
CA GLN H 124 88.93 36.00 -11.71
C GLN H 124 89.74 35.50 -12.91
N LEU H 125 90.50 36.41 -13.52
CA LEU H 125 91.31 36.06 -14.68
C LEU H 125 92.38 35.03 -14.33
N THR H 126 92.93 35.13 -13.12
CA THR H 126 93.91 34.17 -12.65
C THR H 126 93.26 32.82 -12.35
N SER H 127 91.93 32.82 -12.21
CA SER H 127 91.19 31.59 -11.94
C SER H 127 90.95 30.79 -13.21
N GLY H 128 91.10 31.46 -14.36
CA GLY H 128 90.94 30.79 -15.64
C GLY H 128 89.67 31.15 -16.38
N GLY H 129 88.94 32.14 -15.88
CA GLY H 129 87.70 32.55 -16.50
C GLY H 129 87.55 34.06 -16.58
N ALA H 130 86.69 34.51 -17.48
CA ALA H 130 86.45 35.95 -17.66
C ALA H 130 84.97 36.25 -17.77
N SER H 131 84.52 37.22 -16.97
CA SER H 131 83.12 37.61 -16.97
C SER H 131 82.97 39.13 -17.05
N VAL H 132 82.32 39.60 -18.11
CA VAL H 132 82.07 41.02 -18.28
C VAL H 132 80.67 41.38 -17.80
N VAL H 133 80.60 42.20 -16.77
CA VAL H 133 79.32 42.58 -16.19
C VAL H 133 78.88 43.95 -16.71
N CYS H 134 77.57 44.16 -16.81
CA CYS H 134 77.02 45.43 -17.28
C CYS H 134 75.72 45.72 -16.55
N PHE H 135 75.72 46.79 -15.76
CA PHE H 135 74.55 47.17 -14.99
C PHE H 135 73.69 48.19 -15.71
N LEU H 136 72.40 48.17 -15.42
CA LEU H 136 71.44 49.12 -15.98
C LEU H 136 70.45 49.48 -14.89
N ASN H 137 70.82 50.43 -14.04
CA ASN H 137 70.03 50.76 -12.85
C ASN H 137 69.00 51.86 -13.02
N ASN H 138 68.04 51.87 -12.11
CA ASN H 138 66.97 52.87 -11.99
C ASN H 138 66.42 53.44 -13.30
N PHE H 139 65.63 52.63 -14.01
CA PHE H 139 64.96 53.10 -15.22
C PHE H 139 63.46 52.79 -15.18
N TYR H 140 62.77 53.18 -16.25
CA TYR H 140 61.32 53.00 -16.36
C TYR H 140 60.87 53.37 -17.78
N PRO H 141 59.95 52.58 -18.36
CA PRO H 141 59.29 51.37 -17.85
C PRO H 141 60.20 50.14 -17.73
N LYS H 142 59.60 49.03 -17.30
CA LYS H 142 60.34 47.78 -17.10
C LYS H 142 60.95 47.23 -18.38
N ASP H 143 60.34 47.52 -19.51
CA ASP H 143 60.82 47.04 -20.80
C ASP H 143 62.22 47.57 -21.11
N ILE H 144 63.07 46.72 -21.66
CA ILE H 144 64.44 47.09 -21.99
C ILE H 144 65.12 45.98 -22.79
N ASN H 145 66.13 46.33 -23.58
CA ASN H 145 66.84 45.37 -24.41
C ASN H 145 68.35 45.58 -24.35
N VAL H 146 69.07 44.52 -24.00
CA VAL H 146 70.52 44.59 -23.88
C VAL H 146 71.22 43.72 -24.93
N LYS H 147 72.21 44.30 -25.59
CA LYS H 147 72.97 43.57 -26.60
C LYS H 147 74.47 43.67 -26.32
N TRP H 148 75.18 42.58 -26.57
CA TRP H 148 76.62 42.56 -26.37
C TRP H 148 77.34 42.46 -27.70
N LYS H 149 78.44 43.18 -27.83
CA LYS H 149 79.21 43.16 -29.06
C LYS H 149 80.71 43.03 -28.77
N ILE H 150 81.27 41.88 -29.16
CA ILE H 150 82.69 41.65 -28.98
C ILE H 150 83.42 42.03 -30.26
N ASP H 151 84.07 43.19 -30.24
CA ASP H 151 84.77 43.75 -31.39
C ASP H 151 83.80 44.10 -32.51
N GLY H 152 82.68 44.73 -32.15
CA GLY H 152 81.67 45.11 -33.12
C GLY H 152 80.66 44.02 -33.44
N SER H 153 81.14 42.78 -33.57
CA SER H 153 80.26 41.66 -33.87
C SER H 153 79.34 41.36 -32.69
N GLU H 154 78.10 40.99 -33.00
CA GLU H 154 77.11 40.72 -31.95
C GLU H 154 77.40 39.42 -31.21
N ARG H 155 77.17 39.43 -29.90
CA ARG H 155 77.41 38.26 -29.06
C ARG H 155 76.15 37.93 -28.26
N GLN H 156 75.63 36.72 -28.45
CA GLN H 156 74.42 36.30 -27.76
C GLN H 156 74.64 35.07 -26.90
N ASN H 157 75.61 34.24 -27.28
CA ASN H 157 75.91 33.02 -26.54
C ASN H 157 76.81 33.27 -25.34
N GLY H 158 76.34 32.90 -24.16
CA GLY H 158 77.12 33.08 -22.94
C GLY H 158 76.59 34.19 -22.04
N VAL H 159 75.57 34.89 -22.51
CA VAL H 159 75.00 36.01 -21.77
C VAL H 159 73.90 35.56 -20.82
N LEU H 160 73.93 36.07 -19.59
CA LEU H 160 72.93 35.74 -18.58
C LEU H 160 72.41 37.02 -17.93
N ASN H 161 71.10 37.21 -17.97
CA ASN H 161 70.49 38.43 -17.42
C ASN H 161 69.73 38.19 -16.12
N SER H 162 69.49 39.28 -15.39
CA SER H 162 68.75 39.21 -14.14
C SER H 162 68.15 40.57 -13.81
N TRP H 163 66.82 40.61 -13.70
CA TRP H 163 66.12 41.86 -13.41
C TRP H 163 65.71 41.92 -11.95
N THR H 164 65.28 43.09 -11.50
CA THR H 164 64.85 43.26 -10.12
C THR H 164 63.39 43.67 -10.05
N ASP H 165 62.83 43.63 -8.85
CA ASP H 165 61.45 44.04 -8.64
C ASP H 165 61.40 45.56 -8.54
N GLN H 166 60.26 46.13 -8.91
CA GLN H 166 60.06 47.57 -8.83
C GLN H 166 60.46 48.09 -7.46
N ASP H 167 61.35 49.07 -7.43
CA ASP H 167 61.84 49.64 -6.17
C ASP H 167 60.67 50.25 -5.40
N SER H 168 60.59 49.96 -4.11
CA SER H 168 59.50 50.44 -3.28
C SER H 168 59.65 51.91 -2.91
N LYS H 169 60.78 52.51 -3.29
CA LYS H 169 61.04 53.92 -3.00
C LYS H 169 60.85 54.81 -4.23
N ASP H 170 61.61 54.54 -5.29
CA ASP H 170 61.56 55.36 -6.49
C ASP H 170 60.74 54.74 -7.61
N SER H 171 60.21 53.54 -7.38
CA SER H 171 59.37 52.83 -8.35
C SER H 171 60.05 52.62 -9.70
N THR H 172 61.36 52.40 -9.70
CA THR H 172 62.10 52.16 -10.93
C THR H 172 62.66 50.75 -10.95
N TYR H 173 63.02 50.27 -12.14
CA TYR H 173 63.53 48.92 -12.32
C TYR H 173 65.04 48.90 -12.51
N SER H 174 65.61 47.70 -12.53
CA SER H 174 67.04 47.52 -12.74
C SER H 174 67.33 46.11 -13.25
N MET H 175 68.41 45.97 -14.00
CA MET H 175 68.81 44.67 -14.52
C MET H 175 70.33 44.59 -14.66
N SER H 176 70.85 43.38 -14.77
CA SER H 176 72.28 43.18 -14.88
C SER H 176 72.60 42.07 -15.87
N SER H 177 73.31 42.42 -16.93
CA SER H 177 73.71 41.47 -17.95
C SER H 177 75.15 41.04 -17.72
N THR H 178 75.43 39.74 -17.87
CA THR H 178 76.76 39.23 -17.64
C THR H 178 77.23 38.32 -18.78
N LEU H 179 78.22 38.78 -19.52
CA LEU H 179 78.80 37.99 -20.59
C LEU H 179 79.98 37.20 -20.05
N THR H 180 79.88 35.88 -20.11
CA THR H 180 80.94 35.03 -19.57
C THR H 180 81.68 34.31 -20.68
N LEU H 181 83.00 34.38 -20.64
CA LEU H 181 83.86 33.75 -21.63
C LEU H 181 84.95 32.96 -20.93
N THR H 182 85.77 32.28 -21.72
CA THR H 182 86.93 31.59 -21.19
C THR H 182 88.10 32.58 -21.25
N LYS H 183 88.99 32.52 -20.28
CA LYS H 183 90.17 33.39 -20.24
C LYS H 183 90.91 33.42 -21.57
N ASP H 184 90.84 32.30 -22.31
CA ASP H 184 91.47 32.19 -23.61
C ASP H 184 90.77 33.07 -24.65
N GLU H 185 89.45 32.92 -24.76
CA GLU H 185 88.69 33.65 -25.76
C GLU H 185 88.58 35.14 -25.42
N TYR H 186 88.62 35.45 -24.13
CA TYR H 186 88.53 36.85 -23.69
C TYR H 186 89.74 37.64 -24.13
N GLU H 187 90.90 36.99 -24.11
CA GLU H 187 92.15 37.65 -24.48
C GLU H 187 92.39 37.60 -26.00
N ARG H 188 91.45 37.03 -26.74
CA ARG H 188 91.54 36.97 -28.19
C ARG H 188 90.88 38.18 -28.87
N HIS H 189 90.29 39.04 -28.06
CA HIS H 189 89.59 40.22 -28.57
C HIS H 189 89.95 41.49 -27.79
N ASN H 190 89.57 42.63 -28.35
CA ASN H 190 89.91 43.94 -27.82
C ASN H 190 88.75 44.59 -27.09
N SER H 191 87.80 45.11 -27.86
CA SER H 191 86.69 45.87 -27.29
C SER H 191 85.49 45.02 -26.92
N TYR H 192 84.93 45.32 -25.75
CA TYR H 192 83.74 44.67 -25.25
C TYR H 192 82.69 45.74 -24.92
N THR H 193 81.72 45.91 -25.80
CA THR H 193 80.70 46.93 -25.59
C THR H 193 79.35 46.36 -25.14
N CYS H 194 78.60 47.18 -24.40
CA CYS H 194 77.31 46.80 -23.85
C CYS H 194 76.24 47.81 -24.29
N GLU H 195 75.52 47.49 -25.36
CA GLU H 195 74.51 48.39 -25.91
C GLU H 195 73.14 48.15 -25.28
N ALA H 196 72.45 49.24 -24.92
CA ALA H 196 71.14 49.15 -24.30
C ALA H 196 70.09 49.98 -25.03
N THR H 197 68.94 49.36 -25.32
CA THR H 197 67.84 50.04 -26.00
C THR H 197 66.67 50.27 -25.03
N HIS H 198 66.14 51.49 -25.05
CA HIS H 198 65.03 51.84 -24.16
C HIS H 198 64.08 52.81 -24.86
N LYS H 199 62.96 53.11 -24.21
CA LYS H 199 61.96 54.04 -24.75
C LYS H 199 62.33 55.46 -24.34
N THR H 200 63.37 55.57 -23.52
CA THR H 200 63.81 56.87 -23.02
C THR H 200 64.59 57.65 -24.07
N SER H 201 65.01 56.97 -25.13
CA SER H 201 65.73 57.60 -26.22
C SER H 201 65.70 56.73 -27.48
N THR H 202 65.94 57.34 -28.63
CA THR H 202 65.94 56.62 -29.89
C THR H 202 67.25 55.89 -30.12
N SER H 203 68.35 56.53 -29.72
CA SER H 203 69.67 55.95 -29.89
C SER H 203 70.08 55.15 -28.65
N PRO H 204 70.58 53.92 -28.86
CA PRO H 204 71.01 53.01 -27.79
C PRO H 204 72.08 53.62 -26.89
N ILE H 205 71.88 53.54 -25.57
CA ILE H 205 72.87 54.03 -24.63
C ILE H 205 73.99 52.99 -24.52
N VAL H 206 75.12 53.29 -25.15
CA VAL H 206 76.23 52.34 -25.20
C VAL H 206 77.35 52.72 -24.23
N LYS H 207 77.94 51.70 -23.60
CA LYS H 207 79.08 51.87 -22.71
C LYS H 207 80.05 50.72 -22.93
N SER H 208 81.31 51.05 -23.19
CA SER H 208 82.29 50.01 -23.52
C SER H 208 83.63 50.18 -22.82
N PHE H 209 84.56 49.28 -23.16
CA PHE H 209 85.91 49.30 -22.61
C PHE H 209 86.82 48.44 -23.47
N ASN H 210 88.12 48.72 -23.39
CA ASN H 210 89.10 47.91 -24.09
C ASN H 210 89.93 47.11 -23.10
N ARG H 211 90.47 45.99 -23.57
CA ARG H 211 91.21 45.06 -22.72
C ARG H 211 92.64 45.53 -22.40
N ASN H 212 92.77 46.80 -22.01
CA ASN H 212 94.07 47.39 -21.67
C ASN H 212 93.95 48.80 -21.11
N GLN I 1 41.27 29.98 14.80
CA GLN I 1 41.55 30.55 13.49
C GLN I 1 42.10 29.48 12.56
N VAL I 2 41.63 29.47 11.31
CA VAL I 2 42.09 28.49 10.33
C VAL I 2 43.55 28.73 9.97
N GLN I 3 44.35 27.68 10.02
CA GLN I 3 45.77 27.79 9.73
C GLN I 3 46.33 26.49 9.13
N LEU I 4 47.00 26.62 7.99
CA LEU I 4 47.62 25.48 7.32
C LEU I 4 49.14 25.59 7.39
N GLN I 5 49.74 24.72 8.19
CA GLN I 5 51.19 24.75 8.40
C GLN I 5 51.90 23.63 7.63
N GLN I 6 52.58 23.99 6.55
CA GLN I 6 53.30 23.01 5.75
C GLN I 6 54.71 22.76 6.30
N SER I 7 55.36 21.73 5.77
CA SER I 7 56.72 21.40 6.17
C SER I 7 57.71 22.43 5.63
N GLY I 8 58.97 22.31 6.05
CA GLY I 8 60.01 23.21 5.60
C GLY I 8 60.45 22.91 4.19
N PRO I 9 61.35 23.75 3.64
CA PRO I 9 61.85 23.57 2.27
C PRO I 9 62.70 22.31 2.13
N GLU I 10 62.74 21.73 0.92
CA GLU I 10 63.49 20.50 0.70
C GLU I 10 64.51 20.62 -0.44
N LEU I 11 65.55 19.81 -0.34
CA LEU I 11 66.60 19.77 -1.35
C LEU I 11 66.95 18.31 -1.63
N VAL I 12 66.70 17.88 -2.87
CA VAL I 12 66.92 16.49 -3.25
C VAL I 12 67.58 16.35 -4.61
N ARG I 13 68.13 15.17 -4.86
CA ARG I 13 68.79 14.86 -6.12
C ARG I 13 67.79 14.26 -7.10
N PRO I 14 67.98 14.50 -8.41
CA PRO I 14 67.11 13.96 -9.45
C PRO I 14 66.90 12.45 -9.34
N GLY I 15 65.70 11.99 -9.68
CA GLY I 15 65.37 10.58 -9.61
C GLY I 15 64.83 10.14 -8.26
N ALA I 16 65.16 10.90 -7.22
CA ALA I 16 64.71 10.57 -5.86
C ALA I 16 63.23 10.88 -5.65
N SER I 17 62.81 10.86 -4.39
CA SER I 17 61.43 11.16 -4.03
C SER I 17 61.36 12.03 -2.78
N VAL I 18 60.26 12.77 -2.64
CA VAL I 18 60.10 13.67 -1.50
C VAL I 18 58.65 13.61 -1.02
N LYS I 19 58.42 13.87 0.27
CA LYS I 19 57.09 13.83 0.85
C LYS I 19 56.90 15.00 1.80
N MET I 20 56.12 15.99 1.38
CA MET I 20 55.87 17.17 2.18
C MET I 20 54.52 17.09 2.88
N SER I 21 54.39 17.81 3.99
CA SER I 21 53.18 17.76 4.79
C SER I 21 52.43 19.08 4.84
N CYS I 22 51.28 19.07 5.52
CA CYS I 22 50.45 20.25 5.70
C CYS I 22 49.50 20.00 6.86
N LYS I 23 49.76 20.64 8.00
CA LYS I 23 48.94 20.41 9.19
C LYS I 23 47.86 21.48 9.33
N ALA I 24 46.61 21.02 9.32
CA ALA I 24 45.47 21.94 9.42
C ALA I 24 45.01 22.08 10.87
N SER I 25 44.51 23.27 11.19
CA SER I 25 44.02 23.55 12.54
C SER I 25 43.05 24.73 12.52
N GLY I 26 42.10 24.71 13.44
CA GLY I 26 41.12 25.78 13.55
C GLY I 26 39.83 25.48 12.81
N TYR I 27 39.66 24.23 12.39
CA TYR I 27 38.46 23.80 11.70
C TYR I 27 38.41 22.28 11.60
N THR I 28 37.22 21.73 11.36
CA THR I 28 37.07 20.29 11.22
C THR I 28 37.76 19.81 9.95
N PHE I 29 38.87 19.09 10.14
CA PHE I 29 39.71 18.58 9.06
C PHE I 29 38.92 17.84 7.98
N THR I 30 38.13 16.87 8.41
CA THR I 30 37.42 15.98 7.50
C THR I 30 36.27 16.59 6.70
N ASN I 31 35.86 17.81 7.01
CA ASN I 31 34.73 18.42 6.33
C ASN I 31 35.10 19.34 5.17
N TYR I 32 36.38 19.41 4.84
CA TYR I 32 36.83 20.26 3.74
C TYR I 32 37.86 19.53 2.90
N TRP I 33 37.71 19.59 1.58
CA TRP I 33 38.64 18.93 0.68
C TRP I 33 39.96 19.70 0.61
N MET I 34 41.06 18.97 0.65
CA MET I 34 42.39 19.58 0.62
C MET I 34 42.99 19.51 -0.78
N HIS I 35 43.41 20.66 -1.29
CA HIS I 35 43.99 20.72 -2.63
C HIS I 35 45.48 21.03 -2.57
N TRP I 36 46.18 20.77 -3.67
CA TRP I 36 47.60 21.05 -3.76
C TRP I 36 47.92 21.79 -5.05
N VAL I 37 48.61 22.91 -4.94
CA VAL I 37 48.94 23.74 -6.09
C VAL I 37 50.45 23.91 -6.28
N LYS I 38 50.90 23.86 -7.53
CA LYS I 38 52.30 24.01 -7.86
C LYS I 38 52.58 25.41 -8.42
N GLN I 39 53.62 26.07 -7.90
CA GLN I 39 53.92 27.43 -8.34
C GLN I 39 55.35 27.58 -8.87
N ARG I 40 55.45 27.77 -10.18
CA ARG I 40 56.73 27.99 -10.84
C ARG I 40 56.81 29.44 -11.33
N PRO I 41 57.99 30.06 -11.21
CA PRO I 41 58.17 31.42 -11.71
C PRO I 41 57.92 31.52 -13.22
N GLY I 42 57.13 32.50 -13.63
CA GLY I 42 56.85 32.71 -15.04
C GLY I 42 55.67 31.89 -15.57
N GLN I 43 55.36 30.79 -14.91
CA GLN I 43 54.24 29.95 -15.33
C GLN I 43 53.00 30.20 -14.45
N ALA I 44 51.85 29.69 -14.90
CA ALA I 44 50.61 29.86 -14.15
C ALA I 44 50.51 28.79 -13.09
N LEU I 45 49.70 29.03 -12.05
CA LEU I 45 49.52 28.06 -10.99
C LEU I 45 48.92 26.77 -11.52
N GLU I 46 49.55 25.65 -11.17
CA GLU I 46 49.09 24.34 -11.63
C GLU I 46 48.36 23.59 -10.51
N TRP I 47 47.21 23.01 -10.84
CA TRP I 47 46.46 22.23 -9.88
C TRP I 47 46.96 20.79 -9.93
N ILE I 48 47.47 20.30 -8.81
CA ILE I 48 48.01 18.95 -8.74
C ILE I 48 46.90 17.93 -8.51
N GLY I 49 46.10 18.17 -7.48
CA GLY I 49 45.02 17.27 -7.15
C GLY I 49 44.34 17.62 -5.85
N MET I 50 43.39 16.79 -5.44
CA MET I 50 42.66 17.02 -4.20
C MET I 50 42.48 15.71 -3.44
N ILE I 51 42.11 15.81 -2.18
CA ILE I 51 41.94 14.64 -1.33
C ILE I 51 40.76 14.85 -0.37
N ASP I 52 39.94 13.83 -0.22
CA ASP I 52 38.84 13.85 0.73
C ASP I 52 39.33 13.25 2.04
N PRO I 53 39.63 14.09 3.03
CA PRO I 53 40.17 13.68 4.34
C PRO I 53 39.39 12.52 4.95
N SER I 54 38.07 12.57 4.82
CA SER I 54 37.18 11.55 5.37
C SER I 54 37.50 10.13 4.87
N LYS I 55 37.38 9.92 3.56
CA LYS I 55 37.56 8.58 2.99
C LYS I 55 38.87 8.41 2.22
N SER I 56 39.72 9.43 2.27
CA SER I 56 41.01 9.42 1.57
C SER I 56 40.87 9.20 0.07
N GLU I 57 39.77 9.69 -0.50
CA GLU I 57 39.57 9.59 -1.94
C GLU I 57 40.39 10.67 -2.63
N THR I 58 41.21 10.25 -3.59
CA THR I 58 42.09 11.18 -4.28
C THR I 58 41.58 11.45 -5.70
N THR I 59 41.83 12.66 -6.19
CA THR I 59 41.52 13.02 -7.57
C THR I 59 42.65 13.87 -8.08
N LEU I 60 43.50 13.28 -8.92
CA LEU I 60 44.68 13.97 -9.43
C LEU I 60 44.44 14.64 -10.77
N ASN I 61 45.40 15.47 -11.17
CA ASN I 61 45.39 16.09 -12.47
C ASN I 61 46.10 15.12 -13.41
N GLN I 62 45.53 14.90 -14.58
CA GLN I 62 46.11 13.98 -15.56
C GLN I 62 47.60 14.24 -15.76
N LYS I 63 47.98 15.52 -15.74
CA LYS I 63 49.37 15.93 -15.90
C LYS I 63 50.29 15.46 -14.76
N PHE I 64 49.71 15.09 -13.63
CA PHE I 64 50.50 14.65 -12.47
C PHE I 64 50.26 13.20 -12.10
N ARG I 65 49.55 12.48 -12.96
CA ARG I 65 49.15 11.09 -12.72
C ARG I 65 50.23 10.22 -12.06
N GLY I 66 51.40 10.12 -12.68
CA GLY I 66 52.48 9.31 -12.16
C GLY I 66 53.50 10.01 -11.28
N LYS I 67 53.34 11.32 -11.10
CA LYS I 67 54.31 12.10 -10.33
C LYS I 67 53.88 12.35 -8.90
N ALA I 68 52.58 12.56 -8.67
CA ALA I 68 52.10 12.93 -7.34
C ALA I 68 51.25 11.84 -6.69
N THR I 69 51.30 11.82 -5.35
CA THR I 69 50.51 10.88 -4.56
C THR I 69 49.95 11.61 -3.34
N LEU I 70 48.67 11.41 -3.05
CA LEU I 70 48.04 12.09 -1.92
C LEU I 70 47.47 11.13 -0.89
N ASN I 71 47.54 11.55 0.37
CA ASN I 71 46.99 10.79 1.49
C ASN I 71 46.94 11.69 2.72
N VAL I 72 46.18 11.30 3.73
CA VAL I 72 46.05 12.11 4.94
C VAL I 72 46.14 11.28 6.22
N ASP I 73 46.19 11.98 7.34
CA ASP I 73 46.20 11.35 8.65
C ASP I 73 45.18 12.09 9.52
N LYS I 74 43.96 11.58 9.55
CA LYS I 74 42.86 12.21 10.27
C LYS I 74 43.18 12.40 11.75
N SER I 75 43.95 11.48 12.32
CA SER I 75 44.34 11.55 13.72
C SER I 75 45.20 12.78 14.01
N SER I 76 46.17 13.04 13.14
CA SER I 76 47.08 14.17 13.32
C SER I 76 46.63 15.43 12.59
N ASN I 77 45.51 15.33 11.88
CA ASN I 77 44.97 16.47 11.11
C ASN I 77 45.93 17.03 10.08
N THR I 78 46.76 16.17 9.50
CA THR I 78 47.73 16.60 8.49
C THR I 78 47.51 15.90 7.15
N ALA I 79 47.79 16.62 6.07
CA ALA I 79 47.71 16.06 4.74
C ALA I 79 49.11 15.92 4.16
N TYR I 80 49.30 14.98 3.25
CA TYR I 80 50.61 14.74 2.68
C TYR I 80 50.58 14.68 1.16
N MET I 81 51.72 14.96 0.54
CA MET I 81 51.88 14.81 -0.89
C MET I 81 53.27 14.26 -1.18
N GLN I 82 53.32 13.24 -2.05
CA GLN I 82 54.61 12.64 -2.40
C GLN I 82 54.87 12.81 -3.88
N LEU I 83 56.07 13.29 -4.20
CA LEU I 83 56.48 13.48 -5.59
C LEU I 83 57.60 12.50 -5.92
N SER I 84 57.41 11.71 -6.97
CA SER I 84 58.37 10.68 -7.34
C SER I 84 59.08 10.97 -8.66
N SER I 85 60.20 10.29 -8.88
CA SER I 85 61.01 10.43 -10.08
C SER I 85 61.35 11.90 -10.35
N LEU I 86 61.59 12.63 -9.27
CA LEU I 86 61.91 14.05 -9.30
C LEU I 86 62.94 14.47 -10.35
N THR I 87 62.62 15.54 -11.07
CA THR I 87 63.53 16.12 -12.06
C THR I 87 63.74 17.59 -11.72
N SER I 88 64.40 18.31 -12.60
CA SER I 88 64.67 19.74 -12.37
C SER I 88 63.40 20.55 -12.48
N GLU I 89 62.48 20.08 -13.33
CA GLU I 89 61.21 20.77 -13.55
C GLU I 89 60.25 20.61 -12.37
N ASP I 90 60.50 19.62 -11.53
CA ASP I 90 59.66 19.42 -10.33
C ASP I 90 60.04 20.40 -9.23
N SER I 91 60.96 21.31 -9.53
CA SER I 91 61.37 22.33 -8.59
C SER I 91 60.40 23.51 -8.67
N ALA I 92 59.82 23.86 -7.52
CA ALA I 92 58.80 24.91 -7.45
C ALA I 92 58.35 25.14 -6.03
N VAL I 93 57.32 25.97 -5.87
CA VAL I 93 56.69 26.20 -4.58
C VAL I 93 55.39 25.41 -4.58
N TYR I 94 55.16 24.65 -3.51
CA TYR I 94 53.97 23.83 -3.43
C TYR I 94 53.09 24.26 -2.26
N TYR I 95 51.81 24.51 -2.56
CA TYR I 95 50.86 24.97 -1.56
C TYR I 95 49.83 23.89 -1.26
N CYS I 96 49.18 24.02 -0.11
CA CYS I 96 48.03 23.20 0.21
C CYS I 96 46.91 24.17 0.58
N ALA I 97 45.74 23.97 0.00
CA ALA I 97 44.64 24.89 0.22
C ALA I 97 43.36 24.18 0.64
N ARG I 98 42.51 24.92 1.35
CA ARG I 98 41.22 24.40 1.79
C ARG I 98 40.15 24.86 0.81
N GLU I 99 39.20 24.01 0.49
CA GLU I 99 38.17 24.40 -0.46
C GLU I 99 36.78 24.55 0.17
N VAL I 100 36.08 25.61 -0.21
CA VAL I 100 34.71 25.89 0.20
C VAL I 100 34.06 26.59 -0.98
N TYR I 101 34.08 25.95 -2.15
CA TYR I 101 33.65 26.55 -3.42
C TYR I 101 34.72 27.52 -3.91
N TYR I 102 35.84 27.54 -3.18
CA TYR I 102 36.95 28.44 -3.42
C TYR I 102 38.10 28.06 -2.49
N PHE I 103 39.30 28.57 -2.74
CA PHE I 103 40.42 28.30 -1.86
C PHE I 103 40.59 29.47 -0.89
N ASP I 104 40.01 29.35 0.29
CA ASP I 104 40.02 30.44 1.26
C ASP I 104 41.21 30.44 2.22
N TYR I 105 41.95 29.34 2.29
CA TYR I 105 43.11 29.26 3.17
C TYR I 105 44.23 28.44 2.57
N TRP I 106 45.38 29.08 2.38
CA TRP I 106 46.55 28.42 1.83
C TRP I 106 47.63 28.24 2.90
N GLY I 107 48.62 27.40 2.61
CA GLY I 107 49.74 27.23 3.52
C GLY I 107 50.78 28.28 3.17
N GLN I 108 51.85 28.37 3.95
CA GLN I 108 52.88 29.36 3.68
C GLN I 108 53.62 28.97 2.40
N GLY I 109 53.72 27.67 2.16
CA GLY I 109 54.38 27.15 0.98
C GLY I 109 55.56 26.28 1.33
N THR I 110 55.88 25.34 0.43
CA THR I 110 57.04 24.48 0.62
C THR I 110 57.89 24.54 -0.64
N THR I 111 59.12 25.03 -0.49
CA THR I 111 60.00 25.19 -1.63
C THR I 111 60.85 23.94 -1.86
N LEU I 112 60.69 23.34 -3.03
CA LEU I 112 61.43 22.14 -3.39
C LEU I 112 62.46 22.47 -4.45
N THR I 113 63.69 22.04 -4.21
CA THR I 113 64.78 22.28 -5.16
C THR I 113 65.40 20.95 -5.56
N VAL I 114 65.51 20.73 -6.87
CA VAL I 114 66.07 19.49 -7.38
C VAL I 114 67.25 19.72 -8.31
N SER I 115 68.43 19.28 -7.87
CA SER I 115 69.64 19.40 -8.67
C SER I 115 70.70 18.46 -8.12
N SER I 116 71.60 18.02 -9.00
CA SER I 116 72.68 17.12 -8.59
C SER I 116 73.98 17.90 -8.41
N ALA I 117 74.10 18.60 -7.28
CA ALA I 117 75.28 19.41 -7.02
C ALA I 117 75.58 19.45 -5.53
N LYS I 118 76.86 19.31 -5.19
CA LYS I 118 77.26 19.34 -3.79
C LYS I 118 77.44 20.78 -3.33
N THR I 119 77.41 21.00 -2.02
CA THR I 119 77.57 22.33 -1.46
C THR I 119 78.88 22.97 -1.91
N THR I 120 78.79 24.17 -2.46
CA THR I 120 79.97 24.86 -2.98
C THR I 120 80.01 26.32 -2.51
N PRO I 121 81.19 26.77 -2.07
CA PRO I 121 81.37 28.16 -1.61
C PRO I 121 81.38 29.15 -2.77
N PRO I 122 80.93 30.38 -2.53
CA PRO I 122 80.85 31.43 -3.54
C PRO I 122 82.18 32.12 -3.84
N SER I 123 82.44 32.37 -5.11
CA SER I 123 83.64 33.09 -5.53
C SER I 123 83.33 34.57 -5.69
N VAL I 124 83.84 35.38 -4.77
CA VAL I 124 83.55 36.82 -4.78
C VAL I 124 84.59 37.60 -5.58
N TYR I 125 84.17 38.15 -6.71
CA TYR I 125 85.04 38.94 -7.57
C TYR I 125 84.64 40.41 -7.53
N PRO I 126 85.61 41.30 -7.30
CA PRO I 126 85.34 42.73 -7.24
C PRO I 126 85.15 43.36 -8.62
N LEU I 127 84.34 44.42 -8.69
CA LEU I 127 84.09 45.10 -9.95
C LEU I 127 84.43 46.58 -9.82
N ALA I 128 85.48 47.00 -10.52
CA ALA I 128 85.96 48.38 -10.46
C ALA I 128 86.09 48.97 -11.86
N PRO I 129 85.79 50.27 -12.00
CA PRO I 129 85.90 51.00 -13.27
C PRO I 129 87.26 50.85 -13.94
N ASN I 136 79.59 61.06 -14.13
CA ASN I 136 80.86 60.86 -13.43
C ASN I 136 80.79 61.40 -12.01
N SER I 137 79.68 62.06 -11.69
CA SER I 137 79.47 62.63 -10.36
C SER I 137 79.32 61.53 -9.31
N MET I 138 78.53 60.51 -9.65
CA MET I 138 78.35 59.36 -8.78
C MET I 138 78.87 58.10 -9.45
N VAL I 139 79.89 57.49 -8.86
CA VAL I 139 80.52 56.30 -9.45
C VAL I 139 79.86 55.02 -8.97
N THR I 140 79.65 54.09 -9.89
CA THR I 140 79.02 52.81 -9.58
C THR I 140 80.07 51.71 -9.44
N LEU I 141 79.95 50.95 -8.35
CA LEU I 141 80.85 49.84 -8.08
C LEU I 141 80.03 48.57 -7.94
N GLY I 142 80.67 47.44 -7.68
CA GLY I 142 79.92 46.20 -7.52
C GLY I 142 80.69 44.94 -7.20
N CYS I 143 79.93 43.91 -6.84
CA CYS I 143 80.49 42.59 -6.53
C CYS I 143 79.89 41.52 -7.43
N LEU I 144 80.67 40.50 -7.74
CA LEU I 144 80.19 39.40 -8.58
C LEU I 144 80.36 38.07 -7.85
N VAL I 145 79.23 37.51 -7.41
CA VAL I 145 79.22 36.23 -6.71
C VAL I 145 78.87 35.10 -7.66
N LYS I 146 79.86 34.30 -8.03
CA LYS I 146 79.65 33.23 -9.00
C LYS I 146 79.98 31.84 -8.47
N GLY I 147 79.40 30.83 -9.11
CA GLY I 147 79.67 29.43 -8.81
C GLY I 147 79.41 28.96 -7.39
N TYR I 148 78.26 29.32 -6.83
CA TYR I 148 77.91 28.85 -5.49
C TYR I 148 76.64 28.00 -5.49
N PHE I 149 76.41 27.31 -4.37
CA PHE I 149 75.27 26.42 -4.20
C PHE I 149 75.25 25.88 -2.77
N PRO I 150 74.07 25.81 -2.15
CA PRO I 150 72.78 26.26 -2.69
C PRO I 150 72.36 27.63 -2.17
N GLU I 151 71.17 28.07 -2.57
CA GLU I 151 70.62 29.35 -2.13
C GLU I 151 70.35 29.31 -0.62
N PRO I 152 70.38 30.48 0.04
CA PRO I 152 70.67 31.81 -0.52
C PRO I 152 72.01 32.35 -0.07
N VAL I 153 72.28 33.61 -0.41
CA VAL I 153 73.48 34.31 0.04
C VAL I 153 73.13 35.73 0.44
N THR I 154 73.79 36.25 1.48
CA THR I 154 73.54 37.59 1.97
C THR I 154 74.66 38.54 1.54
N VAL I 155 74.28 39.61 0.84
CA VAL I 155 75.26 40.59 0.38
C VAL I 155 75.00 41.96 1.01
N THR I 156 76.02 42.50 1.67
CA THR I 156 75.94 43.81 2.29
C THR I 156 77.20 44.60 2.03
N TRP I 157 77.10 45.93 2.10
CA TRP I 157 78.25 46.79 1.86
C TRP I 157 78.70 47.47 3.14
N ASN I 158 79.95 47.21 3.52
CA ASN I 158 80.55 47.74 4.74
C ASN I 158 79.81 47.23 5.98
N SER I 159 79.53 45.92 5.98
CA SER I 159 78.84 45.25 7.07
C SER I 159 77.46 45.85 7.39
N GLY I 160 76.75 46.29 6.35
CA GLY I 160 75.41 46.81 6.53
C GLY I 160 75.28 48.32 6.66
N SER I 161 76.36 48.98 7.09
CA SER I 161 76.35 50.43 7.26
C SER I 161 75.97 51.15 5.97
N LEU I 162 76.49 50.67 4.85
CA LEU I 162 76.16 51.24 3.55
C LEU I 162 74.99 50.45 2.95
N SER I 163 73.77 50.96 3.13
CA SER I 163 72.57 50.28 2.68
C SER I 163 71.95 50.94 1.45
N SER I 164 71.60 52.22 1.57
CA SER I 164 70.98 52.97 0.49
C SER I 164 71.81 52.98 -0.80
N GLY I 165 71.11 52.99 -1.94
CA GLY I 165 71.77 53.03 -3.24
C GLY I 165 72.41 51.73 -3.67
N VAL I 166 71.85 50.61 -3.22
CA VAL I 166 72.38 49.29 -3.56
C VAL I 166 71.35 48.45 -4.30
N HIS I 167 71.81 47.66 -5.27
CA HIS I 167 70.94 46.78 -6.04
C HIS I 167 71.52 45.37 -6.11
N THR I 168 70.97 44.46 -5.31
CA THR I 168 71.39 43.07 -5.34
C THR I 168 70.44 42.28 -6.24
N PHE I 169 70.96 41.83 -7.38
CA PHE I 169 70.14 41.17 -8.39
C PHE I 169 69.91 39.70 -8.07
N PRO I 170 68.74 39.17 -8.45
CA PRO I 170 68.35 37.77 -8.26
C PRO I 170 69.31 36.80 -8.93
N ALA I 171 69.74 35.79 -8.19
CA ALA I 171 70.66 34.79 -8.71
C ALA I 171 70.11 34.08 -9.94
N VAL I 172 71.01 33.62 -10.80
CA VAL I 172 70.63 32.87 -11.99
C VAL I 172 71.35 31.53 -11.96
N LEU I 173 70.90 30.60 -12.79
CA LEU I 173 71.50 29.27 -12.81
C LEU I 173 72.42 29.10 -14.01
N GLN I 174 73.67 28.77 -13.73
CA GLN I 174 74.65 28.54 -14.78
C GLN I 174 75.41 27.23 -14.53
N SER I 175 75.06 26.21 -15.30
CA SER I 175 75.67 24.87 -15.17
C SER I 175 75.58 24.34 -13.74
N ASP I 176 74.35 24.18 -13.26
CA ASP I 176 74.08 23.63 -11.92
C ASP I 176 74.75 24.42 -10.79
N LEU I 177 74.97 25.71 -11.03
CA LEU I 177 75.55 26.59 -10.01
C LEU I 177 75.00 28.00 -10.14
N TYR I 178 74.72 28.64 -9.00
CA TYR I 178 74.12 29.96 -8.99
C TYR I 178 75.14 31.09 -9.14
N THR I 179 74.69 32.20 -9.71
CA THR I 179 75.52 33.38 -9.90
C THR I 179 74.68 34.65 -9.79
N LEU I 180 75.12 35.61 -8.99
CA LEU I 180 74.42 36.87 -8.86
C LEU I 180 75.36 38.07 -8.79
N SER I 181 74.81 39.25 -9.05
CA SER I 181 75.57 40.48 -9.00
C SER I 181 74.97 41.45 -7.99
N SER I 182 75.76 42.40 -7.54
CA SER I 182 75.30 43.41 -6.59
C SER I 182 76.00 44.74 -6.88
N SER I 183 75.21 45.76 -7.17
CA SER I 183 75.77 47.07 -7.50
C SER I 183 75.51 48.08 -6.38
N VAL I 184 76.37 49.09 -6.31
CA VAL I 184 76.23 50.15 -5.33
C VAL I 184 76.75 51.46 -5.93
N THR I 185 76.02 52.55 -5.70
CA THR I 185 76.42 53.84 -6.25
C THR I 185 76.67 54.84 -5.13
N VAL I 186 77.89 55.37 -5.10
CA VAL I 186 78.30 56.35 -4.11
C VAL I 186 78.91 57.55 -4.82
N PRO I 187 78.88 58.73 -4.18
CA PRO I 187 79.47 59.93 -4.77
C PRO I 187 80.95 59.74 -5.11
N SER I 188 81.35 60.18 -6.30
CA SER I 188 82.72 60.05 -6.78
C SER I 188 83.76 60.62 -5.82
N SER I 189 83.33 61.58 -4.99
CA SER I 189 84.22 62.20 -4.02
C SER I 189 84.58 61.26 -2.87
N SER I 190 83.63 60.40 -2.50
CA SER I 190 83.82 59.49 -1.38
C SER I 190 84.59 58.21 -1.76
N TRP I 191 84.99 58.10 -3.02
CA TRP I 191 85.73 56.92 -3.46
C TRP I 191 86.82 57.30 -4.46
N PRO I 192 88.02 56.70 -4.34
CA PRO I 192 88.44 55.70 -3.35
C PRO I 192 88.75 56.27 -1.97
N SER I 193 88.42 57.53 -1.74
CA SER I 193 88.65 58.20 -0.45
C SER I 193 88.15 57.35 0.72
N GLU I 194 86.85 57.03 0.70
CA GLU I 194 86.27 56.18 1.74
C GLU I 194 86.27 54.73 1.28
N THR I 195 86.83 53.85 2.10
CA THR I 195 86.93 52.43 1.77
C THR I 195 85.54 51.80 1.62
N VAL I 196 85.35 51.06 0.53
CA VAL I 196 84.09 50.37 0.28
C VAL I 196 84.36 48.89 0.03
N THR I 197 83.66 48.04 0.79
CA THR I 197 83.84 46.59 0.67
C THR I 197 82.53 45.84 0.86
N CYS I 198 82.23 44.93 -0.06
CA CYS I 198 81.02 44.13 0.03
C CYS I 198 81.28 42.89 0.89
N ASN I 199 80.24 42.44 1.58
CA ASN I 199 80.34 41.26 2.43
C ASN I 199 79.36 40.18 1.99
N VAL I 200 79.89 39.03 1.58
CA VAL I 200 79.07 37.93 1.10
C VAL I 200 79.01 36.80 2.11
N ALA I 201 77.79 36.47 2.55
CA ALA I 201 77.60 35.40 3.53
C ALA I 201 76.91 34.20 2.88
N HIS I 202 77.53 33.03 3.00
CA HIS I 202 76.98 31.80 2.45
C HIS I 202 76.83 30.76 3.55
N PRO I 203 75.71 30.82 4.29
CA PRO I 203 75.40 29.94 5.44
C PRO I 203 75.47 28.45 5.11
N ALA I 204 75.13 28.08 3.89
CA ALA I 204 75.15 26.68 3.46
C ALA I 204 76.54 26.05 3.62
N SER I 205 77.57 26.88 3.46
CA SER I 205 78.94 26.41 3.61
C SER I 205 79.63 27.17 4.75
N SER I 206 78.84 27.97 5.46
CA SER I 206 79.34 28.81 6.56
C SER I 206 80.49 29.69 6.10
N THR I 207 80.38 30.19 4.87
CA THR I 207 81.42 31.02 4.28
C THR I 207 81.11 32.50 4.42
N LYS I 208 82.10 33.27 4.87
CA LYS I 208 81.95 34.71 5.02
C LYS I 208 83.15 35.42 4.39
N VAL I 209 82.97 35.91 3.17
CA VAL I 209 84.04 36.56 2.43
C VAL I 209 83.83 38.07 2.32
N ASP I 210 84.92 38.82 2.43
CA ASP I 210 84.87 40.27 2.28
C ASP I 210 85.88 40.71 1.22
N LYS I 211 85.40 41.38 0.18
CA LYS I 211 86.26 41.81 -0.91
C LYS I 211 86.18 43.33 -1.11
N LYS I 212 87.25 44.02 -0.71
CA LYS I 212 87.32 45.46 -0.88
C LYS I 212 87.60 45.80 -2.34
N ILE I 213 86.77 46.65 -2.93
CA ILE I 213 86.94 47.02 -4.34
C ILE I 213 87.97 48.13 -4.50
N VAL I 214 89.19 47.73 -4.85
CA VAL I 214 90.26 48.69 -5.08
C VAL I 214 90.20 49.15 -6.53
N PRO I 215 90.37 50.46 -6.77
CA PRO I 215 90.35 51.01 -8.12
C PRO I 215 91.33 50.31 -9.04
N ARG I 216 91.03 50.29 -10.34
CA ARG I 216 91.87 49.61 -11.32
C ARG I 216 93.27 50.19 -11.30
N ASP I 217 94.27 49.32 -11.51
CA ASP I 217 95.67 49.75 -11.48
C ASP I 217 96.15 50.15 -12.87
N ASP J 1 -9.50 7.20 -47.71
CA ASP J 1 -9.27 8.64 -47.88
C ASP J 1 -10.56 9.43 -47.76
N ILE J 2 -10.42 10.70 -47.37
CA ILE J 2 -11.56 11.59 -47.27
C ILE J 2 -11.58 12.50 -48.50
N GLN J 3 -12.71 12.53 -49.19
CA GLN J 3 -12.84 13.28 -50.44
C GLN J 3 -13.39 14.69 -50.23
N MET J 4 -12.69 15.68 -50.77
CA MET J 4 -13.10 17.06 -50.66
C MET J 4 -13.72 17.52 -51.98
N THR J 5 -15.01 17.82 -51.96
CA THR J 5 -15.71 18.29 -53.17
C THR J 5 -16.03 19.77 -53.04
N GLN J 6 -15.36 20.59 -53.84
CA GLN J 6 -15.54 22.04 -53.78
C GLN J 6 -16.41 22.56 -54.91
N SER J 7 -17.21 23.58 -54.61
CA SER J 7 -18.10 24.19 -55.59
C SER J 7 -18.41 25.62 -55.19
N PRO J 8 -18.56 26.52 -56.18
CA PRO J 8 -18.44 26.26 -57.62
C PRO J 8 -17.00 26.18 -58.10
N ALA J 9 -16.79 25.54 -59.26
CA ALA J 9 -15.46 25.43 -59.85
C ALA J 9 -14.88 26.82 -60.13
N SER J 10 -15.77 27.76 -60.43
CA SER J 10 -15.37 29.15 -60.67
C SER J 10 -16.56 30.07 -60.46
N LEU J 11 -16.32 31.20 -59.79
CA LEU J 11 -17.38 32.16 -59.53
C LEU J 11 -17.01 33.53 -60.09
N SER J 12 -17.99 34.20 -60.69
CA SER J 12 -17.77 35.51 -61.27
C SER J 12 -18.63 36.56 -60.58
N ALA J 13 -17.99 37.59 -60.04
CA ALA J 13 -18.68 38.65 -59.33
C ALA J 13 -17.93 39.97 -59.43
N SER J 14 -18.62 41.05 -59.08
CA SER J 14 -18.06 42.39 -59.14
C SER J 14 -17.83 42.92 -57.73
N VAL J 15 -16.92 43.88 -57.60
CA VAL J 15 -16.63 44.52 -56.31
C VAL J 15 -17.92 44.92 -55.59
N GLY J 16 -17.95 44.73 -54.27
CA GLY J 16 -19.12 45.04 -53.47
C GLY J 16 -20.02 43.84 -53.23
N GLU J 17 -20.00 42.89 -54.15
CA GLU J 17 -20.83 41.69 -54.04
C GLU J 17 -20.41 40.77 -52.89
N THR J 18 -21.24 39.77 -52.63
CA THR J 18 -20.97 38.79 -51.58
C THR J 18 -21.11 37.38 -52.14
N VAL J 19 -20.01 36.61 -52.13
CA VAL J 19 -20.03 35.26 -52.67
C VAL J 19 -19.90 34.20 -51.58
N THR J 20 -20.18 32.95 -51.95
CA THR J 20 -20.10 31.85 -51.00
C THR J 20 -19.59 30.57 -51.67
N ILE J 21 -18.37 30.17 -51.30
CA ILE J 21 -17.78 28.93 -51.78
C ILE J 21 -18.16 27.79 -50.83
N THR J 22 -18.26 26.57 -51.34
CA THR J 22 -18.72 25.46 -50.52
C THR J 22 -17.85 24.20 -50.68
N CYS J 23 -17.42 23.66 -49.55
CA CYS J 23 -16.70 22.39 -49.51
C CYS J 23 -17.51 21.33 -48.78
N ARG J 24 -17.57 20.14 -49.34
CA ARG J 24 -18.35 19.05 -48.74
C ARG J 24 -17.48 17.82 -48.51
N ALA J 25 -17.55 17.29 -47.29
CA ALA J 25 -16.70 16.17 -46.87
C ALA J 25 -17.32 14.81 -47.18
N SER J 26 -16.47 13.88 -47.61
CA SER J 26 -16.87 12.50 -47.85
C SER J 26 -17.39 11.85 -46.58
N GLU J 27 -16.85 12.27 -45.44
CA GLU J 27 -17.25 11.76 -44.15
C GLU J 27 -17.00 12.82 -43.09
N ASN J 28 -17.65 12.66 -41.93
CA ASN J 28 -17.54 13.61 -40.83
C ASN J 28 -16.10 14.00 -40.50
N ILE J 29 -15.81 15.29 -40.59
CA ILE J 29 -14.49 15.81 -40.25
C ILE J 29 -14.62 16.86 -39.17
N TYR J 30 -15.75 16.80 -38.44
CA TYR J 30 -16.03 17.73 -37.34
C TYR J 30 -15.81 19.18 -37.75
N SER J 31 -15.00 19.90 -36.99
CA SER J 31 -14.70 21.30 -37.33
C SER J 31 -13.30 21.43 -37.91
N TYR J 32 -12.75 20.32 -38.40
CA TYR J 32 -11.39 20.30 -38.90
C TYR J 32 -11.31 20.61 -40.39
N LEU J 33 -11.45 21.88 -40.74
CA LEU J 33 -11.36 22.33 -42.13
C LEU J 33 -10.68 23.69 -42.21
N THR J 34 -9.85 23.88 -43.23
CA THR J 34 -9.14 25.14 -43.43
C THR J 34 -9.41 25.72 -44.82
N TRP J 35 -9.39 27.05 -44.90
CA TRP J 35 -9.60 27.74 -46.18
C TRP J 35 -8.35 28.52 -46.58
N TYR J 36 -7.90 28.29 -47.82
CA TYR J 36 -6.72 28.96 -48.33
C TYR J 36 -7.01 29.86 -49.52
N GLN J 37 -6.27 30.96 -49.62
CA GLN J 37 -6.35 31.85 -50.77
C GLN J 37 -5.04 31.81 -51.54
N GLN J 38 -5.12 31.55 -52.84
CA GLN J 38 -3.91 31.48 -53.65
C GLN J 38 -4.03 32.31 -54.92
N LYS J 39 -3.17 33.31 -55.04
CA LYS J 39 -3.16 34.17 -56.22
C LYS J 39 -2.14 33.64 -57.22
N GLN J 40 -2.59 33.50 -58.47
CA GLN J 40 -1.80 32.97 -59.59
C GLN J 40 -0.29 33.23 -59.50
N GLY J 41 0.49 32.14 -59.51
CA GLY J 41 1.93 32.23 -59.45
C GLY J 41 2.52 32.24 -58.05
N LYS J 42 1.74 32.72 -57.08
CA LYS J 42 2.21 32.79 -55.71
C LYS J 42 1.80 31.57 -54.89
N SER J 43 2.42 31.41 -53.72
CA SER J 43 2.11 30.30 -52.83
C SER J 43 0.88 30.63 -51.99
N PRO J 44 0.02 29.62 -51.71
CA PRO J 44 -1.23 29.81 -50.96
C PRO J 44 -1.05 30.47 -49.60
N GLN J 45 -2.14 31.05 -49.08
CA GLN J 45 -2.12 31.71 -47.78
C GLN J 45 -3.32 31.27 -46.95
N LEU J 46 -3.09 31.12 -45.64
CA LEU J 46 -4.12 30.67 -44.73
C LEU J 46 -5.15 31.76 -44.47
N LEU J 47 -6.43 31.42 -44.64
CA LEU J 47 -7.50 32.37 -44.37
C LEU J 47 -8.23 32.00 -43.08
N VAL J 48 -8.84 30.82 -43.10
CA VAL J 48 -9.62 30.33 -41.97
C VAL J 48 -9.17 28.94 -41.57
N TYR J 49 -9.13 28.68 -40.26
CA TYR J 49 -8.81 27.35 -39.78
C TYR J 49 -9.85 26.94 -38.73
N ASN J 50 -9.98 25.64 -38.52
CA ASN J 50 -10.96 25.10 -37.58
C ASN J 50 -12.38 25.47 -37.99
N ALA J 51 -12.55 25.67 -39.30
CA ALA J 51 -13.84 25.94 -39.95
C ALA J 51 -14.38 27.36 -39.74
N LYS J 52 -14.04 28.00 -38.61
CA LYS J 52 -14.59 29.32 -38.33
C LYS J 52 -13.53 30.39 -38.04
N THR J 53 -12.50 30.02 -37.28
CA THR J 53 -11.49 30.97 -36.83
C THR J 53 -10.66 31.56 -37.98
N LEU J 54 -10.64 32.89 -38.04
CA LEU J 54 -9.82 33.60 -39.02
C LEU J 54 -8.40 33.72 -38.50
N THR J 55 -7.42 33.69 -39.40
CA THR J 55 -6.03 33.83 -39.00
C THR J 55 -5.69 35.31 -38.78
N GLU J 56 -4.41 35.60 -38.54
CA GLU J 56 -3.94 36.96 -38.25
C GLU J 56 -4.41 38.04 -39.23
N GLY J 57 -3.78 38.12 -40.39
CA GLY J 57 -4.02 39.20 -41.34
C GLY J 57 -5.39 39.33 -41.97
N VAL J 58 -6.13 38.23 -42.05
CA VAL J 58 -7.44 38.21 -42.71
C VAL J 58 -8.44 39.25 -42.16
N PRO J 59 -9.00 40.06 -43.07
CA PRO J 59 -10.01 41.09 -42.77
C PRO J 59 -11.39 40.51 -42.45
N SER J 60 -12.13 41.22 -41.60
CA SER J 60 -13.45 40.81 -41.13
C SER J 60 -14.44 40.38 -42.23
N ARG J 61 -14.21 40.81 -43.46
CA ARG J 61 -15.12 40.51 -44.55
C ARG J 61 -15.12 39.02 -44.91
N PHE J 62 -14.14 38.30 -44.38
CA PHE J 62 -14.03 36.85 -44.59
C PHE J 62 -14.65 36.11 -43.40
N SER J 63 -15.42 35.07 -43.69
CA SER J 63 -16.02 34.27 -42.62
C SER J 63 -16.25 32.84 -43.07
N GLY J 64 -16.04 31.91 -42.14
CA GLY J 64 -16.24 30.50 -42.42
C GLY J 64 -17.33 29.91 -41.54
N SER J 65 -17.91 28.80 -41.97
CA SER J 65 -18.97 28.15 -41.21
C SER J 65 -19.10 26.68 -41.59
N GLY J 66 -19.96 25.97 -40.87
CA GLY J 66 -20.20 24.58 -41.15
C GLY J 66 -19.58 23.64 -40.13
N SER J 67 -19.89 22.35 -40.27
CA SER J 67 -19.40 21.30 -39.39
C SER J 67 -19.92 19.96 -39.88
N GLY J 68 -19.13 18.91 -39.69
CA GLY J 68 -19.52 17.59 -40.16
C GLY J 68 -19.05 17.34 -41.56
N THR J 69 -19.97 17.42 -42.52
CA THR J 69 -19.63 17.19 -43.92
C THR J 69 -19.95 18.39 -44.81
N GLN J 70 -20.50 19.45 -44.23
CA GLN J 70 -20.89 20.62 -45.01
C GLN J 70 -20.27 21.90 -44.48
N PHE J 71 -19.39 22.51 -45.28
CA PHE J 71 -18.72 23.74 -44.88
C PHE J 71 -18.84 24.80 -45.98
N SER J 72 -18.56 26.05 -45.64
CA SER J 72 -18.68 27.12 -46.62
C SER J 72 -17.87 28.37 -46.23
N LEU J 73 -17.24 28.97 -47.23
CA LEU J 73 -16.53 30.23 -47.06
C LEU J 73 -17.40 31.35 -47.62
N LYS J 74 -17.46 32.48 -46.91
CA LYS J 74 -18.29 33.59 -47.36
C LYS J 74 -17.53 34.90 -47.34
N ILE J 75 -17.41 35.52 -48.52
CA ILE J 75 -16.72 36.79 -48.64
C ILE J 75 -17.73 37.89 -48.96
N ASN J 76 -18.09 38.67 -47.96
CA ASN J 76 -19.05 39.75 -48.17
C ASN J 76 -18.31 41.04 -48.47
N SER J 77 -18.92 41.89 -49.30
CA SER J 77 -18.33 43.17 -49.68
C SER J 77 -16.95 42.97 -50.31
N LEU J 78 -16.93 42.32 -51.48
CA LEU J 78 -15.69 42.05 -52.20
C LEU J 78 -14.81 43.28 -52.40
N GLN J 79 -13.54 43.02 -52.72
CA GLN J 79 -12.57 44.07 -52.95
C GLN J 79 -11.76 43.69 -54.19
N PRO J 80 -10.85 44.58 -54.66
CA PRO J 80 -10.08 44.15 -55.82
C PRO J 80 -9.09 43.03 -55.49
N GLU J 81 -8.54 43.08 -54.28
CA GLU J 81 -7.58 42.08 -53.81
C GLU J 81 -8.18 40.68 -53.68
N ASP J 82 -9.44 40.59 -53.28
CA ASP J 82 -10.10 39.31 -53.04
C ASP J 82 -10.30 38.43 -54.28
N PHE J 83 -9.72 38.82 -55.41
CA PHE J 83 -9.89 38.05 -56.64
C PHE J 83 -8.72 37.12 -56.88
N GLY J 84 -9.02 35.84 -57.08
CA GLY J 84 -8.00 34.82 -57.30
C GLY J 84 -8.47 33.43 -56.97
N GLY J 85 -7.54 32.59 -56.51
CA GLY J 85 -7.84 31.21 -56.20
C GLY J 85 -8.24 30.95 -54.76
N TYR J 86 -9.13 30.00 -54.56
CA TYR J 86 -9.62 29.63 -53.24
C TYR J 86 -9.86 28.13 -53.15
N PHE J 87 -9.22 27.49 -52.17
CA PHE J 87 -9.42 26.05 -51.97
C PHE J 87 -9.48 25.67 -50.49
N CYS J 88 -10.01 24.50 -50.21
CA CYS J 88 -10.14 24.02 -48.84
C CYS J 88 -9.32 22.77 -48.59
N GLN J 89 -9.14 22.43 -47.31
CA GLN J 89 -8.42 21.24 -46.91
C GLN J 89 -8.96 20.75 -45.56
N HIS J 90 -9.17 19.44 -45.44
CA HIS J 90 -9.60 18.90 -44.16
C HIS J 90 -8.33 18.61 -43.37
N HIS J 91 -8.43 18.64 -42.04
CA HIS J 91 -7.26 18.38 -41.22
C HIS J 91 -7.53 17.24 -40.24
N TYR J 92 -8.45 16.36 -40.62
CA TYR J 92 -8.78 15.21 -39.80
C TYR J 92 -8.13 13.94 -40.35
N GLY J 93 -6.89 13.70 -39.96
CA GLY J 93 -6.19 12.50 -40.35
C GLY J 93 -5.20 12.67 -41.48
N THR J 94 -4.69 11.54 -41.96
CA THR J 94 -3.72 11.50 -43.05
C THR J 94 -4.21 10.51 -44.10
N PRO J 95 -4.14 10.89 -45.38
CA PRO J 95 -3.66 12.17 -45.91
C PRO J 95 -4.69 13.29 -45.88
N PRO J 96 -4.26 14.52 -45.55
CA PRO J 96 -5.14 15.69 -45.54
C PRO J 96 -5.41 16.22 -46.95
N THR J 97 -6.38 15.60 -47.63
CA THR J 97 -6.71 15.93 -49.01
C THR J 97 -7.22 17.36 -49.18
N PHE J 98 -6.96 17.93 -50.36
CA PHE J 98 -7.39 19.30 -50.68
C PHE J 98 -8.63 19.31 -51.56
N GLY J 99 -9.28 20.46 -51.63
CA GLY J 99 -10.44 20.65 -52.49
C GLY J 99 -10.02 20.96 -53.91
N GLY J 100 -10.97 20.82 -54.84
CA GLY J 100 -10.68 21.08 -56.25
C GLY J 100 -10.26 22.50 -56.56
N GLY J 101 -10.74 23.44 -55.74
CA GLY J 101 -10.39 24.84 -55.94
C GLY J 101 -11.53 25.65 -56.52
N THR J 102 -11.40 26.97 -56.46
CA THR J 102 -12.41 27.88 -57.00
C THR J 102 -11.76 29.16 -57.52
N LYS J 103 -12.00 29.46 -58.80
CA LYS J 103 -11.46 30.66 -59.42
C LYS J 103 -12.45 31.83 -59.34
N LEU J 104 -12.11 32.82 -58.53
CA LEU J 104 -12.97 33.99 -58.35
C LEU J 104 -12.57 35.11 -59.31
N GLU J 105 -13.35 35.27 -60.38
CA GLU J 105 -13.06 36.24 -61.42
C GLU J 105 -13.99 37.46 -61.39
N VAL J 106 -13.54 38.55 -62.00
CA VAL J 106 -14.32 39.77 -62.07
C VAL J 106 -15.38 39.66 -63.18
N LYS J 107 -16.54 40.25 -62.95
CA LYS J 107 -17.63 40.24 -63.92
C LYS J 107 -17.80 41.60 -64.58
N ARG J 108 -17.98 41.59 -65.90
CA ARG J 108 -18.13 42.84 -66.66
C ARG J 108 -19.22 42.74 -67.71
N ALA J 109 -19.03 43.41 -68.84
CA ALA J 109 -19.97 43.36 -69.94
C ALA J 109 -19.42 42.50 -71.07
N ASP J 110 -20.30 41.76 -71.74
CA ASP J 110 -19.91 40.88 -72.84
C ASP J 110 -19.16 41.61 -73.96
N ALA J 111 -18.31 40.87 -74.67
CA ALA J 111 -17.52 41.41 -75.75
C ALA J 111 -17.27 40.35 -76.80
N ALA J 112 -17.22 40.76 -78.06
CA ALA J 112 -17.00 39.85 -79.17
C ALA J 112 -15.52 39.67 -79.44
N PRO J 113 -15.13 38.45 -79.85
CA PRO J 113 -13.72 38.16 -80.15
C PRO J 113 -13.26 38.77 -81.47
N THR J 114 -12.14 39.49 -81.42
CA THR J 114 -11.59 40.10 -82.62
C THR J 114 -10.71 39.08 -83.35
N VAL J 115 -11.35 38.24 -84.17
CA VAL J 115 -10.65 37.16 -84.88
C VAL J 115 -9.72 37.67 -85.98
N SER J 116 -8.50 37.14 -86.00
CA SER J 116 -7.50 37.48 -87.01
C SER J 116 -6.73 36.24 -87.44
N ILE J 117 -7.01 35.73 -88.64
CA ILE J 117 -6.30 34.56 -89.15
C ILE J 117 -5.12 34.98 -90.02
N PHE J 118 -4.00 34.28 -89.88
CA PHE J 118 -2.79 34.60 -90.66
C PHE J 118 -2.25 33.35 -91.33
N PRO J 119 -1.75 33.51 -92.56
CA PRO J 119 -1.18 32.42 -93.35
C PRO J 119 0.27 32.13 -92.94
N PRO J 120 0.76 30.91 -93.24
CA PRO J 120 2.14 30.53 -92.93
C PRO J 120 3.15 31.48 -93.54
N SER J 121 4.16 31.87 -92.76
CA SER J 121 5.19 32.78 -93.25
C SER J 121 6.07 32.09 -94.27
N SER J 122 6.60 32.87 -95.21
CA SER J 122 7.46 32.34 -96.26
C SER J 122 8.75 31.79 -95.67
N GLU J 123 9.20 32.37 -94.57
CA GLU J 123 10.41 31.92 -93.89
C GLU J 123 10.19 30.52 -93.33
N GLN J 124 8.95 30.25 -92.93
CA GLN J 124 8.58 28.96 -92.35
C GLN J 124 8.37 27.91 -93.43
N LEU J 125 7.74 28.32 -94.54
CA LEU J 125 7.47 27.41 -95.65
C LEU J 125 8.75 26.87 -96.27
N THR J 126 9.79 27.70 -96.32
CA THR J 126 11.09 27.27 -96.84
C THR J 126 11.78 26.31 -95.87
N SER J 127 11.31 26.28 -94.63
CA SER J 127 11.87 25.39 -93.62
C SER J 127 11.31 23.98 -93.75
N GLY J 128 10.19 23.86 -94.46
CA GLY J 128 9.57 22.56 -94.67
C GLY J 128 8.30 22.33 -93.88
N GLY J 129 7.79 23.37 -93.24
CA GLY J 129 6.59 23.26 -92.44
C GLY J 129 5.63 24.42 -92.63
N ALA J 130 4.36 24.20 -92.30
CA ALA J 130 3.34 25.24 -92.43
C ALA J 130 2.46 25.30 -91.20
N SER J 131 2.29 26.50 -90.66
CA SER J 131 1.47 26.70 -89.47
C SER J 131 0.50 27.87 -89.64
N VAL J 132 -0.79 27.58 -89.57
CA VAL J 132 -1.81 28.62 -89.69
C VAL J 132 -2.27 29.07 -88.32
N VAL J 133 -2.03 30.34 -88.00
CA VAL J 133 -2.37 30.89 -86.70
C VAL J 133 -3.69 31.66 -86.78
N CYS J 134 -4.44 31.66 -85.67
CA CYS J 134 -5.71 32.36 -85.60
C CYS J 134 -5.91 32.93 -84.20
N PHE J 135 -5.95 34.26 -84.11
CA PHE J 135 -6.11 34.93 -82.83
C PHE J 135 -7.56 35.27 -82.52
N LEU J 136 -7.89 35.33 -81.24
CA LEU J 136 -9.23 35.70 -80.79
C LEU J 136 -9.08 36.55 -79.53
N ASN J 137 -8.83 37.84 -79.72
CA ASN J 137 -8.49 38.74 -78.62
C ASN J 137 -9.67 39.45 -77.97
N ASN J 138 -9.43 39.92 -76.75
CA ASN J 138 -10.37 40.72 -75.95
C ASN J 138 -11.85 40.36 -76.07
N PHE J 139 -12.25 39.23 -75.46
CA PHE J 139 -13.65 38.85 -75.42
C PHE J 139 -14.10 38.51 -74.00
N TYR J 140 -15.36 38.13 -73.87
CA TYR J 140 -15.97 37.82 -72.57
C TYR J 140 -17.37 37.25 -72.79
N PRO J 141 -17.74 36.20 -72.04
CA PRO J 141 -16.98 35.47 -71.01
C PRO J 141 -15.82 34.62 -71.53
N LYS J 142 -15.16 33.92 -70.62
CA LYS J 142 -14.00 33.08 -70.95
C LYS J 142 -14.34 31.94 -71.90
N ASP J 143 -15.59 31.47 -71.83
CA ASP J 143 -16.02 30.36 -72.68
C ASP J 143 -15.93 30.72 -74.16
N ILE J 144 -15.50 29.77 -74.97
CA ILE J 144 -15.35 29.99 -76.42
C ILE J 144 -15.01 28.67 -77.10
N ASN J 145 -15.34 28.57 -78.40
CA ASN J 145 -15.09 27.36 -79.17
C ASN J 145 -14.52 27.67 -80.55
N VAL J 146 -13.38 27.08 -80.86
CA VAL J 146 -12.71 27.32 -82.13
C VAL J 146 -12.68 26.06 -82.99
N LYS J 147 -13.05 26.20 -84.27
CA LYS J 147 -13.04 25.10 -85.20
C LYS J 147 -12.26 25.46 -86.47
N TRP J 148 -11.53 24.49 -87.00
CA TRP J 148 -10.76 24.69 -88.23
C TRP J 148 -11.35 23.89 -89.37
N LYS J 149 -11.37 24.47 -90.56
CA LYS J 149 -11.90 23.79 -91.73
C LYS J 149 -10.99 23.95 -92.95
N ILE J 150 -10.40 22.84 -93.38
CA ILE J 150 -9.55 22.83 -94.56
C ILE J 150 -10.35 22.41 -95.78
N ASP J 151 -10.70 23.39 -96.62
CA ASP J 151 -11.53 23.19 -97.80
C ASP J 151 -12.94 22.76 -97.40
N GLY J 152 -13.50 23.43 -96.41
CA GLY J 152 -14.84 23.13 -95.93
C GLY J 152 -14.89 22.00 -94.91
N SER J 153 -14.10 20.97 -95.13
CA SER J 153 -14.06 19.82 -94.23
C SER J 153 -13.44 20.20 -92.89
N GLU J 154 -13.97 19.64 -91.81
CA GLU J 154 -13.49 19.96 -90.46
C GLU J 154 -12.10 19.36 -90.19
N ARG J 155 -11.28 20.13 -89.49
CA ARG J 155 -9.92 19.71 -89.14
C ARG J 155 -9.70 19.81 -87.64
N GLN J 156 -9.39 18.69 -87.01
CA GLN J 156 -9.18 18.66 -85.56
C GLN J 156 -7.79 18.19 -85.18
N ASN J 157 -7.19 17.37 -86.04
CA ASN J 157 -5.86 16.85 -85.80
C ASN J 157 -4.76 17.83 -86.20
N GLY J 158 -3.91 18.18 -85.23
CA GLY J 158 -2.81 19.09 -85.49
C GLY J 158 -3.01 20.47 -84.89
N VAL J 159 -4.17 20.68 -84.29
CA VAL J 159 -4.50 21.98 -83.69
C VAL J 159 -4.05 22.08 -82.23
N LEU J 160 -3.44 23.21 -81.89
CA LEU J 160 -2.97 23.46 -80.53
C LEU J 160 -3.44 24.83 -80.06
N ASN J 161 -4.13 24.86 -78.93
CA ASN J 161 -4.68 26.11 -78.40
C ASN J 161 -3.94 26.62 -77.16
N SER J 162 -4.13 27.90 -76.87
CA SER J 162 -3.52 28.53 -75.71
C SER J 162 -4.30 29.78 -75.30
N TRP J 163 -4.81 29.77 -74.07
CA TRP J 163 -5.62 30.88 -73.57
C TRP J 163 -4.78 31.76 -72.65
N THR J 164 -5.29 32.94 -72.31
CA THR J 164 -4.59 33.85 -71.41
C THR J 164 -5.40 34.12 -70.16
N ASP J 165 -4.76 34.74 -69.19
CA ASP J 165 -5.43 35.10 -67.94
C ASP J 165 -6.23 36.37 -68.15
N GLN J 166 -7.29 36.54 -67.37
CA GLN J 166 -8.12 37.73 -67.45
C GLN J 166 -7.26 38.99 -67.37
N ASP J 167 -7.40 39.86 -68.36
CA ASP J 167 -6.61 41.08 -68.43
C ASP J 167 -6.90 41.94 -67.21
N SER J 168 -5.84 42.45 -66.58
CA SER J 168 -6.00 43.24 -65.36
C SER J 168 -6.49 44.65 -65.65
N LYS J 169 -6.61 44.99 -66.93
CA LYS J 169 -7.07 46.33 -67.34
C LYS J 169 -8.52 46.34 -67.81
N ASP J 170 -8.80 45.56 -68.85
CA ASP J 170 -10.14 45.51 -69.44
C ASP J 170 -10.96 44.30 -69.00
N SER J 171 -10.35 43.42 -68.21
CA SER J 171 -11.00 42.22 -67.68
C SER J 171 -11.56 41.30 -68.78
N THR J 172 -10.87 41.25 -69.91
CA THR J 172 -11.30 40.38 -71.01
C THR J 172 -10.28 39.26 -71.24
N TYR J 173 -10.72 38.22 -71.93
CA TYR J 173 -9.87 37.06 -72.19
C TYR J 173 -9.35 37.04 -73.63
N SER J 174 -8.46 36.10 -73.91
CA SER J 174 -7.89 35.93 -75.24
C SER J 174 -7.35 34.53 -75.42
N MET J 175 -7.34 34.05 -76.66
CA MET J 175 -6.82 32.73 -76.97
C MET J 175 -6.24 32.70 -78.39
N SER J 176 -5.41 31.70 -78.66
CA SER J 176 -4.77 31.58 -79.95
C SER J 176 -4.72 30.13 -80.42
N SER J 177 -5.37 29.86 -81.53
CA SER J 177 -5.40 28.52 -82.10
C SER J 177 -4.38 28.41 -83.23
N THR J 178 -3.65 27.30 -83.28
CA THR J 178 -2.63 27.11 -84.30
C THR J 178 -2.74 25.75 -84.97
N LEU J 179 -3.11 25.77 -86.26
CA LEU J 179 -3.17 24.55 -87.04
C LEU J 179 -1.86 24.32 -87.75
N THR J 180 -1.19 23.21 -87.43
CA THR J 180 0.11 22.91 -88.00
C THR J 180 0.03 21.74 -88.96
N LEU J 181 0.59 21.93 -90.16
CA LEU J 181 0.61 20.90 -91.18
C LEU J 181 2.01 20.76 -91.74
N THR J 182 2.18 19.80 -92.65
CA THR J 182 3.45 19.67 -93.36
C THR J 182 3.34 20.52 -94.61
N LYS J 183 4.47 21.11 -95.03
CA LYS J 183 4.51 21.93 -96.24
C LYS J 183 3.86 21.24 -97.43
N ASP J 184 3.92 19.91 -97.45
CA ASP J 184 3.32 19.12 -98.49
C ASP J 184 1.79 19.15 -98.43
N GLU J 185 1.24 18.87 -97.25
CA GLU J 185 -0.21 18.82 -97.08
C GLU J 185 -0.84 20.21 -97.15
N TYR J 186 -0.08 21.23 -96.77
CA TYR J 186 -0.57 22.60 -96.80
C TYR J 186 -0.83 23.08 -98.22
N GLU J 187 0.03 22.65 -99.14
CA GLU J 187 -0.07 23.06 -100.54
C GLU J 187 -1.02 22.14 -101.32
N ARG J 188 -1.63 21.20 -100.60
CA ARG J 188 -2.60 20.27 -101.17
C ARG J 188 -4.03 20.79 -101.08
N HIS J 189 -4.21 21.95 -100.47
CA HIS J 189 -5.54 22.51 -100.26
C HIS J 189 -5.64 23.99 -100.61
N ASN J 190 -6.86 24.52 -100.66
CA ASN J 190 -7.08 25.90 -101.07
C ASN J 190 -7.32 26.84 -99.90
N SER J 191 -8.56 26.83 -99.38
CA SER J 191 -8.95 27.76 -98.32
C SER J 191 -8.75 27.17 -96.93
N TYR J 192 -8.25 28.01 -96.02
CA TYR J 192 -8.08 27.61 -94.63
C TYR J 192 -8.84 28.57 -93.73
N THR J 193 -10.01 28.15 -93.24
CA THR J 193 -10.85 29.02 -92.43
C THR J 193 -10.80 28.70 -90.94
N CYS J 194 -11.05 29.73 -90.13
CA CYS J 194 -11.03 29.63 -88.68
C CYS J 194 -12.35 30.10 -88.08
N GLU J 195 -13.25 29.17 -87.79
CA GLU J 195 -14.57 29.50 -87.26
C GLU J 195 -14.59 29.55 -85.74
N ALA J 196 -15.23 30.58 -85.20
CA ALA J 196 -15.30 30.78 -83.75
C ALA J 196 -16.73 30.95 -83.25
N THR J 197 -17.08 30.19 -82.21
CA THR J 197 -18.41 30.27 -81.62
C THR J 197 -18.35 30.93 -80.24
N HIS J 198 -19.25 31.87 -79.99
CA HIS J 198 -19.28 32.59 -78.73
C HIS J 198 -20.73 32.89 -78.31
N LYS J 199 -20.90 33.43 -77.11
CA LYS J 199 -22.23 33.79 -76.61
C LYS J 199 -22.57 35.20 -77.06
N THR J 200 -21.62 35.87 -77.70
CA THR J 200 -21.80 37.24 -78.15
C THR J 200 -22.66 37.31 -79.41
N SER J 201 -22.86 36.17 -80.06
CA SER J 201 -23.68 36.09 -81.26
C SER J 201 -24.09 34.66 -81.54
N THR J 202 -25.15 34.49 -82.33
CA THR J 202 -25.66 33.16 -82.67
C THR J 202 -24.85 32.54 -83.80
N SER J 203 -24.46 33.38 -84.76
CA SER J 203 -23.69 32.91 -85.91
C SER J 203 -22.19 33.03 -85.63
N PRO J 204 -21.44 31.96 -85.92
CA PRO J 204 -19.99 31.88 -85.71
C PRO J 204 -19.21 32.97 -86.46
N ILE J 205 -18.33 33.66 -85.74
CA ILE J 205 -17.50 34.69 -86.37
C ILE J 205 -16.37 34.00 -87.13
N VAL J 206 -16.49 33.96 -88.46
CA VAL J 206 -15.52 33.26 -89.29
C VAL J 206 -14.55 34.22 -90.00
N LYS J 207 -13.29 33.80 -90.09
CA LYS J 207 -12.25 34.55 -90.79
C LYS J 207 -11.36 33.56 -91.53
N SER J 208 -11.18 33.78 -92.83
CA SER J 208 -10.43 32.84 -93.66
C SER J 208 -9.44 33.52 -94.59
N PHE J 209 -8.81 32.73 -95.45
CA PHE J 209 -7.83 33.22 -96.41
C PHE J 209 -7.62 32.18 -97.52
N ASN J 210 -7.11 32.63 -98.66
CA ASN J 210 -6.83 31.74 -99.77
C ASN J 210 -5.32 31.57 -99.91
N ARG J 211 -4.89 30.41 -100.41
CA ARG J 211 -3.46 30.12 -100.56
C ARG J 211 -2.90 30.75 -101.83
N ASN J 212 -3.26 32.01 -102.08
CA ASN J 212 -2.81 32.73 -103.26
C ASN J 212 -3.19 34.20 -103.19
N GLN K 1 10.52 36.33 -37.76
CA GLN K 1 9.40 36.00 -38.63
C GLN K 1 9.59 34.63 -39.27
N VAL K 2 8.52 33.84 -39.31
CA VAL K 2 8.58 32.51 -39.90
C VAL K 2 8.80 32.60 -41.41
N GLN K 3 9.78 31.84 -41.90
CA GLN K 3 10.10 31.86 -43.32
C GLN K 3 10.65 30.52 -43.80
N LEU K 4 10.06 30.00 -44.87
CA LEU K 4 10.49 28.74 -45.46
C LEU K 4 11.11 28.98 -46.83
N GLN K 5 12.43 28.80 -46.91
CA GLN K 5 13.16 29.06 -48.15
C GLN K 5 13.55 27.76 -48.85
N GLN K 6 12.86 27.45 -49.95
CA GLN K 6 13.16 26.24 -50.72
C GLN K 6 14.26 26.48 -51.74
N SER K 7 14.75 25.40 -52.34
CA SER K 7 15.79 25.48 -53.36
C SER K 7 15.23 26.03 -54.67
N GLY K 8 16.11 26.29 -55.63
CA GLY K 8 15.72 26.81 -56.92
C GLY K 8 15.08 25.75 -57.81
N PRO K 9 14.60 26.17 -59.01
CA PRO K 9 13.97 25.27 -59.97
C PRO K 9 14.94 24.24 -60.55
N GLU K 10 14.44 23.09 -60.98
CA GLU K 10 15.30 22.04 -61.50
C GLU K 10 14.89 21.54 -62.87
N LEU K 11 15.86 21.01 -63.60
CA LEU K 11 15.64 20.44 -64.92
C LEU K 11 16.39 19.12 -65.01
N VAL K 12 15.65 18.03 -65.19
CA VAL K 12 16.24 16.70 -65.24
C VAL K 12 15.63 15.83 -66.33
N ARG K 13 16.35 14.76 -66.66
CA ARG K 13 15.93 13.80 -67.66
C ARG K 13 15.14 12.68 -66.98
N PRO K 14 14.15 12.10 -67.67
CA PRO K 14 13.37 10.96 -67.16
C PRO K 14 14.24 9.80 -66.65
N GLY K 15 13.77 9.15 -65.61
CA GLY K 15 14.49 8.04 -65.00
C GLY K 15 15.45 8.47 -63.91
N ALA K 16 15.90 9.73 -63.97
CA ALA K 16 16.84 10.26 -62.99
C ALA K 16 16.19 10.51 -61.62
N SER K 17 16.91 11.22 -60.77
CA SER K 17 16.42 11.56 -59.44
C SER K 17 16.77 13.00 -59.07
N VAL K 18 15.99 13.59 -58.18
CA VAL K 18 16.21 14.97 -57.76
C VAL K 18 15.98 15.10 -56.25
N LYS K 19 16.65 16.07 -55.63
CA LYS K 19 16.51 16.29 -54.20
C LYS K 19 16.44 17.78 -53.89
N MET K 20 15.25 18.25 -53.54
CA MET K 20 15.04 19.67 -53.25
C MET K 20 15.02 19.90 -51.74
N SER K 21 15.33 21.13 -51.34
CA SER K 21 15.43 21.47 -49.92
C SER K 21 14.39 22.50 -49.48
N CYS K 22 14.41 22.80 -48.19
CA CYS K 22 13.51 23.78 -47.60
C CYS K 22 14.08 24.21 -46.25
N LYS K 23 14.61 25.42 -46.18
CA LYS K 23 15.25 25.90 -44.96
C LYS K 23 14.29 26.75 -44.13
N ALA K 24 14.02 26.30 -42.93
CA ALA K 24 13.10 26.99 -42.03
C ALA K 24 13.84 27.94 -41.10
N SER K 25 13.18 29.04 -40.75
CA SER K 25 13.76 30.05 -39.87
C SER K 25 12.67 30.89 -39.22
N GLY K 26 12.92 31.36 -38.01
CA GLY K 26 11.97 32.19 -37.30
C GLY K 26 11.09 31.42 -36.34
N TYR K 27 11.44 30.16 -36.10
CA TYR K 27 10.69 29.30 -35.17
C TYR K 27 11.49 28.04 -34.87
N THR K 28 11.12 27.36 -33.78
CA THR K 28 11.79 26.12 -33.42
C THR K 28 11.45 25.02 -34.42
N PHE K 29 12.46 24.65 -35.21
CA PHE K 29 12.32 23.66 -36.28
C PHE K 29 11.66 22.35 -35.83
N THR K 30 12.19 21.78 -34.76
CA THR K 30 11.76 20.46 -34.29
C THR K 30 10.37 20.38 -33.65
N ASN K 31 9.71 21.51 -33.42
CA ASN K 31 8.41 21.49 -32.75
C ASN K 31 7.22 21.55 -33.70
N TYR K 32 7.48 21.52 -35.00
CA TYR K 32 6.41 21.57 -35.98
C TYR K 32 6.66 20.58 -37.11
N TRP K 33 5.62 19.83 -37.47
CA TRP K 33 5.76 18.84 -38.53
C TRP K 33 5.82 19.51 -39.90
N MET K 34 6.72 19.03 -40.75
CA MET K 34 6.91 19.60 -42.08
C MET K 34 6.21 18.77 -43.13
N HIS K 35 5.37 19.41 -43.93
CA HIS K 35 4.63 18.71 -44.98
C HIS K 35 5.12 19.10 -46.36
N TRP K 36 4.77 18.29 -47.36
CA TRP K 36 5.15 18.56 -48.74
C TRP K 36 3.94 18.40 -49.65
N VAL K 37 3.68 19.43 -50.47
CA VAL K 37 2.52 19.42 -51.34
C VAL K 37 2.93 19.57 -52.81
N LYS K 38 2.26 18.81 -53.69
CA LYS K 38 2.53 18.85 -55.12
C LYS K 38 1.45 19.65 -55.85
N GLN K 39 1.87 20.56 -56.72
CA GLN K 39 0.91 21.41 -57.44
C GLN K 39 1.05 21.31 -58.95
N ARG K 40 0.05 20.68 -59.58
CA ARG K 40 0.01 20.57 -61.03
C ARG K 40 -1.13 21.43 -61.57
N PRO K 41 -0.91 22.08 -62.72
CA PRO K 41 -1.96 22.88 -63.35
C PRO K 41 -3.18 22.04 -63.70
N GLY K 42 -4.37 22.53 -63.34
CA GLY K 42 -5.60 21.83 -63.64
C GLY K 42 -6.01 20.78 -62.62
N GLN K 43 -5.04 20.26 -61.86
CA GLN K 43 -5.32 19.26 -60.84
C GLN K 43 -5.36 19.88 -59.45
N ALA K 44 -5.88 19.13 -58.48
CA ALA K 44 -5.95 19.61 -57.10
C ALA K 44 -4.62 19.37 -56.40
N LEU K 45 -4.38 20.11 -55.33
CA LEU K 45 -3.15 19.97 -54.56
C LEU K 45 -3.03 18.58 -53.97
N GLU K 46 -1.88 17.94 -54.18
CA GLU K 46 -1.64 16.60 -53.68
C GLU K 46 -0.74 16.63 -52.45
N TRP K 47 -1.12 15.87 -51.43
CA TRP K 47 -0.31 15.77 -50.22
C TRP K 47 0.68 14.63 -50.41
N ILE K 48 1.96 14.94 -50.37
CA ILE K 48 3.00 13.94 -50.56
C ILE K 48 3.30 13.19 -49.28
N GLY K 49 3.56 13.93 -48.22
CA GLY K 49 3.86 13.33 -46.93
C GLY K 49 4.28 14.34 -45.89
N MET K 50 4.65 13.84 -44.72
CA MET K 50 5.09 14.72 -43.64
C MET K 50 6.30 14.11 -42.94
N ILE K 51 6.98 14.93 -42.15
CA ILE K 51 8.17 14.50 -41.44
C ILE K 51 8.23 15.14 -40.06
N ASP K 52 8.58 14.34 -39.05
CA ASP K 52 8.78 14.85 -37.71
C ASP K 52 10.26 15.18 -37.53
N PRO K 53 10.61 16.47 -37.61
CA PRO K 53 11.99 16.95 -37.51
C PRO K 53 12.77 16.33 -36.34
N SER K 54 12.08 16.20 -35.22
CA SER K 54 12.68 15.64 -34.00
C SER K 54 13.26 14.25 -34.20
N LYS K 55 12.41 13.28 -34.55
CA LYS K 55 12.85 11.89 -34.66
C LYS K 55 12.95 11.39 -36.09
N SER K 56 12.76 12.30 -37.05
CA SER K 56 12.82 11.97 -38.47
C SER K 56 11.81 10.88 -38.86
N GLU K 57 10.67 10.86 -38.18
CA GLU K 57 9.62 9.91 -38.51
C GLU K 57 8.86 10.42 -39.73
N THR K 58 8.76 9.56 -40.76
CA THR K 58 8.13 9.95 -42.00
C THR K 58 6.75 9.29 -42.11
N THR K 59 5.82 9.99 -42.76
CA THR K 59 4.50 9.43 -43.06
C THR K 59 4.12 9.89 -44.46
N LEU K 60 4.22 8.98 -45.41
CA LEU K 60 3.97 9.31 -46.81
C LEU K 60 2.54 9.03 -47.23
N ASN K 61 2.20 9.53 -48.42
CA ASN K 61 0.93 9.25 -49.04
C ASN K 61 1.11 7.97 -49.83
N GLN K 62 0.15 7.04 -49.72
CA GLN K 62 0.22 5.77 -50.43
C GLN K 62 0.55 5.96 -51.91
N LYS K 63 0.01 7.02 -52.50
CA LYS K 63 0.24 7.35 -53.90
C LYS K 63 1.69 7.71 -54.22
N PHE K 64 2.47 8.06 -53.20
CA PHE K 64 3.86 8.47 -53.40
C PHE K 64 4.86 7.52 -52.74
N ARG K 65 4.37 6.37 -52.28
CA ARG K 65 5.17 5.39 -51.55
C ARG K 65 6.58 5.18 -52.11
N GLY K 66 6.68 4.79 -53.38
CA GLY K 66 7.97 4.53 -54.00
C GLY K 66 8.61 5.69 -54.73
N LYS K 67 7.93 6.83 -54.77
CA LYS K 67 8.43 7.99 -55.51
C LYS K 67 9.13 9.02 -54.63
N ALA K 68 8.62 9.22 -53.41
CA ALA K 68 9.13 10.28 -52.55
C ALA K 68 9.87 9.76 -51.31
N THR K 69 10.85 10.53 -50.86
CA THR K 69 11.61 10.21 -49.65
C THR K 69 11.82 11.48 -48.84
N LEU K 70 11.60 11.39 -47.53
CA LEU K 70 11.75 12.57 -46.67
C LEU K 70 12.80 12.36 -45.58
N ASN K 71 13.48 13.45 -45.24
CA ASN K 71 14.48 13.47 -44.17
C ASN K 71 14.83 14.91 -43.85
N VAL K 72 15.44 15.16 -42.70
CA VAL K 72 15.78 16.51 -42.30
C VAL K 72 17.19 16.61 -41.73
N ASP K 73 17.61 17.85 -41.49
CA ASP K 73 18.90 18.12 -40.88
C ASP K 73 18.68 19.16 -39.79
N LYS K 74 18.48 18.67 -38.57
CA LYS K 74 18.18 19.52 -37.42
C LYS K 74 19.24 20.60 -37.20
N SER K 75 20.49 20.26 -37.49
CA SER K 75 21.60 21.20 -37.34
C SER K 75 21.45 22.42 -38.25
N SER K 76 21.09 22.17 -39.51
CA SER K 76 20.95 23.24 -40.49
C SER K 76 19.54 23.79 -40.61
N ASN K 77 18.61 23.21 -39.84
CA ASN K 77 17.21 23.62 -39.85
C ASN K 77 16.55 23.51 -41.23
N THR K 78 16.98 22.53 -42.03
CA THR K 78 16.42 22.35 -43.36
C THR K 78 15.79 20.97 -43.54
N ALA K 79 14.73 20.92 -44.34
CA ALA K 79 14.06 19.67 -44.66
C ALA K 79 14.33 19.33 -46.12
N TYR K 80 14.30 18.04 -46.45
CA TYR K 80 14.58 17.62 -47.82
C TYR K 80 13.54 16.65 -48.34
N MET K 81 13.41 16.59 -49.67
CA MET K 81 12.54 15.63 -50.33
C MET K 81 13.22 15.11 -51.58
N GLN K 82 13.23 13.80 -51.76
CA GLN K 82 13.85 13.20 -52.93
C GLN K 82 12.82 12.46 -53.77
N LEU K 83 12.81 12.76 -55.07
CA LEU K 83 11.91 12.10 -56.00
C LEU K 83 12.70 11.22 -56.94
N SER K 84 12.33 9.94 -57.01
CA SER K 84 13.07 8.97 -57.81
C SER K 84 12.27 8.48 -59.00
N SER K 85 12.97 7.90 -59.98
CA SER K 85 12.37 7.35 -61.20
C SER K 85 11.50 8.39 -61.89
N LEU K 86 11.94 9.64 -61.84
CA LEU K 86 11.24 10.78 -62.41
C LEU K 86 10.68 10.56 -63.82
N THR K 87 9.43 10.96 -64.01
CA THR K 87 8.78 10.90 -65.31
C THR K 87 8.25 12.29 -65.67
N SER K 88 7.49 12.38 -66.74
CA SER K 88 6.96 13.67 -67.20
C SER K 88 5.87 14.15 -66.25
N GLU K 89 5.16 13.20 -65.63
CA GLU K 89 4.09 13.53 -64.71
C GLU K 89 4.61 14.04 -63.36
N ASP K 90 5.88 13.76 -63.07
CA ASP K 90 6.50 14.24 -61.83
C ASP K 90 6.87 15.72 -61.94
N SER K 91 6.52 16.33 -63.07
CA SER K 91 6.77 17.76 -63.28
C SER K 91 5.63 18.57 -62.67
N ALA K 92 6.00 19.49 -61.78
CA ALA K 92 5.03 20.30 -61.05
C ALA K 92 5.71 21.30 -60.13
N VAL K 93 4.90 21.97 -59.32
CA VAL K 93 5.43 22.88 -58.31
C VAL K 93 5.35 22.16 -56.97
N TYR K 94 6.44 22.17 -56.21
CA TYR K 94 6.48 21.48 -54.94
C TYR K 94 6.69 22.46 -53.79
N TYR K 95 5.80 22.37 -52.80
CA TYR K 95 5.85 23.26 -51.64
C TYR K 95 6.24 22.50 -50.38
N CYS K 96 6.71 23.24 -49.38
CA CYS K 96 6.91 22.69 -48.06
C CYS K 96 6.16 23.59 -47.10
N ALA K 97 5.36 23.00 -46.22
CA ALA K 97 4.53 23.79 -45.32
C ALA K 97 4.69 23.38 -43.86
N ARG K 98 4.43 24.33 -42.97
CA ARG K 98 4.49 24.09 -41.54
C ARG K 98 3.08 23.79 -41.03
N GLU K 99 2.95 22.83 -40.12
CA GLU K 99 1.63 22.49 -39.61
C GLU K 99 1.43 22.87 -38.14
N VAL K 100 0.25 23.44 -37.86
CA VAL K 100 -0.17 23.79 -36.51
C VAL K 100 -1.68 23.61 -36.50
N TYR K 101 -2.14 22.41 -36.84
CA TYR K 101 -3.57 22.08 -37.04
C TYR K 101 -4.01 22.65 -38.39
N TYR K 102 -3.05 23.18 -39.13
CA TYR K 102 -3.27 23.84 -40.40
C TYR K 102 -1.92 24.19 -41.02
N PHE K 103 -1.89 24.54 -42.30
CA PHE K 103 -0.65 24.95 -42.94
C PHE K 103 -0.57 26.47 -42.96
N ASP K 104 0.10 27.04 -41.98
CA ASP K 104 0.16 28.49 -41.83
C ASP K 104 1.34 29.16 -42.56
N TYR K 105 2.32 28.37 -42.98
CA TYR K 105 3.48 28.92 -43.68
C TYR K 105 3.98 27.98 -44.77
N TRP K 106 3.97 28.48 -46.00
CA TRP K 106 4.45 27.71 -47.14
C TRP K 106 5.76 28.29 -47.67
N GLY K 107 6.44 27.52 -48.51
CA GLY K 107 7.65 28.01 -49.16
C GLY K 107 7.24 28.72 -50.44
N GLN K 108 8.20 29.34 -51.13
CA GLN K 108 7.88 30.03 -52.37
C GLN K 108 7.51 29.02 -53.44
N GLY K 109 8.12 27.84 -53.36
CA GLY K 109 7.86 26.78 -54.32
C GLY K 109 9.10 26.37 -55.09
N THR K 110 9.13 25.12 -55.54
CA THR K 110 10.24 24.62 -56.34
C THR K 110 9.68 23.97 -57.60
N THR K 111 10.01 24.54 -58.75
CA THR K 111 9.49 24.05 -60.02
C THR K 111 10.40 22.98 -60.63
N LEU K 112 9.85 21.80 -60.82
CA LEU K 112 10.60 20.69 -61.39
C LEU K 112 10.10 20.37 -62.79
N THR K 113 11.03 20.25 -63.73
CA THR K 113 10.69 19.95 -65.11
C THR K 113 11.43 18.70 -65.56
N VAL K 114 10.71 17.74 -66.14
CA VAL K 114 11.34 16.49 -66.58
C VAL K 114 11.13 16.18 -68.06
N SER K 115 12.24 16.17 -68.80
CA SER K 115 12.25 15.81 -70.23
C SER K 115 13.68 15.55 -70.70
N SER K 116 13.83 14.75 -71.75
CA SER K 116 15.13 14.41 -72.33
C SER K 116 15.39 15.26 -73.56
N ALA K 117 14.90 16.49 -73.58
CA ALA K 117 15.09 17.35 -74.73
C ALA K 117 16.21 18.31 -74.41
N LYS K 118 17.14 18.48 -75.35
CA LYS K 118 18.28 19.37 -75.14
C LYS K 118 17.93 20.80 -75.50
N THR K 119 18.76 21.74 -75.04
CA THR K 119 18.56 23.15 -75.31
C THR K 119 18.46 23.40 -76.81
N THR K 120 17.40 24.09 -77.21
CA THR K 120 17.14 24.37 -78.62
C THR K 120 16.73 25.83 -78.80
N PRO K 121 17.31 26.50 -79.79
CA PRO K 121 16.96 27.90 -80.08
C PRO K 121 15.59 28.03 -80.72
N PRO K 122 14.89 29.15 -80.47
CA PRO K 122 13.55 29.40 -80.99
C PRO K 122 13.52 29.88 -82.44
N SER K 123 12.56 29.36 -83.21
CA SER K 123 12.37 29.79 -84.60
C SER K 123 11.30 30.86 -84.67
N VAL K 124 11.72 32.10 -84.94
CA VAL K 124 10.79 33.23 -84.97
C VAL K 124 10.24 33.47 -86.37
N TYR K 125 8.95 33.21 -86.53
CA TYR K 125 8.27 33.41 -87.81
C TYR K 125 7.31 34.60 -87.72
N PRO K 126 7.39 35.52 -88.68
CA PRO K 126 6.53 36.70 -88.71
C PRO K 126 5.11 36.39 -89.20
N LEU K 127 4.13 37.14 -88.70
CA LEU K 127 2.74 36.94 -89.10
C LEU K 127 2.15 38.24 -89.65
N ALA K 128 1.87 38.24 -90.95
CA ALA K 128 1.33 39.43 -91.62
C ALA K 128 0.05 39.11 -92.39
N PRO K 129 -0.89 40.05 -92.42
CA PRO K 129 -2.17 39.91 -93.14
C PRO K 129 -2.00 39.49 -94.60
N ASN K 136 -11.06 47.00 -89.75
CA ASN K 136 -9.90 47.35 -90.57
C ASN K 136 -9.22 48.61 -90.06
N SER K 137 -9.85 49.26 -89.08
CA SER K 137 -9.31 50.48 -88.48
C SER K 137 -8.03 50.19 -87.72
N MET K 138 -8.03 49.12 -86.94
CA MET K 138 -6.85 48.70 -86.20
C MET K 138 -6.40 47.32 -86.70
N VAL K 139 -5.20 47.26 -87.26
CA VAL K 139 -4.69 46.02 -87.83
C VAL K 139 -3.91 45.22 -86.79
N THR K 140 -4.13 43.90 -86.79
CA THR K 140 -3.48 43.00 -85.85
C THR K 140 -2.31 42.30 -86.51
N LEU K 141 -1.17 42.30 -85.83
CA LEU K 141 0.03 41.63 -86.33
C LEU K 141 0.48 40.60 -85.29
N GLY K 142 1.58 39.90 -85.56
CA GLY K 142 2.04 38.93 -84.59
C GLY K 142 3.31 38.17 -84.91
N CYS K 143 3.82 37.47 -83.89
CA CYS K 143 5.02 36.65 -84.03
C CYS K 143 4.72 35.21 -83.62
N LEU K 144 5.42 34.26 -84.24
CA LEU K 144 5.22 32.85 -83.92
C LEU K 144 6.55 32.20 -83.52
N VAL K 145 6.68 31.92 -82.23
CA VAL K 145 7.89 31.30 -81.69
C VAL K 145 7.69 29.79 -81.52
N LYS K 146 8.30 29.01 -82.39
CA LYS K 146 8.12 27.56 -82.37
C LYS K 146 9.42 26.77 -82.19
N GLY K 147 9.28 25.53 -81.73
CA GLY K 147 10.39 24.61 -81.59
C GLY K 147 11.54 25.05 -80.71
N TYR K 148 11.26 25.56 -79.52
CA TYR K 148 12.32 25.95 -78.60
C TYR K 148 12.25 25.17 -77.30
N PHE K 149 13.33 25.25 -76.52
CA PHE K 149 13.45 24.56 -75.24
C PHE K 149 14.78 24.94 -74.57
N PRO K 150 14.76 25.17 -73.25
CA PRO K 150 13.57 25.12 -72.39
C PRO K 150 13.00 26.49 -72.06
N GLU K 151 11.96 26.51 -71.25
CA GLU K 151 11.32 27.75 -70.82
C GLU K 151 12.29 28.59 -69.98
N PRO K 152 12.12 29.92 -69.97
CA PRO K 152 11.13 30.69 -70.71
C PRO K 152 11.73 31.51 -71.85
N VAL K 153 10.89 32.34 -72.46
CA VAL K 153 11.32 33.26 -73.50
C VAL K 153 10.65 34.62 -73.31
N THR K 154 11.38 35.69 -73.61
CA THR K 154 10.87 37.04 -73.46
C THR K 154 10.53 37.64 -74.81
N VAL K 155 9.27 38.06 -74.97
CA VAL K 155 8.81 38.66 -76.22
C VAL K 155 8.38 40.11 -76.02
N THR K 156 9.00 41.01 -76.77
CA THR K 156 8.67 42.43 -76.70
C THR K 156 8.58 43.01 -78.11
N TRP K 157 7.86 44.11 -78.25
CA TRP K 157 7.70 44.75 -79.55
C TRP K 157 8.43 46.09 -79.59
N ASN K 158 9.38 46.19 -80.52
CA ASN K 158 10.21 47.38 -80.69
C ASN K 158 11.06 47.64 -79.45
N SER K 159 11.66 46.57 -78.94
CA SER K 159 12.53 46.61 -77.76
C SER K 159 11.84 47.19 -76.51
N GLY K 160 10.55 46.88 -76.36
CA GLY K 160 9.80 47.29 -75.18
C GLY K 160 9.01 48.57 -75.32
N SER K 161 9.40 49.44 -76.25
CA SER K 161 8.72 50.71 -76.46
C SER K 161 7.23 50.51 -76.76
N LEU K 162 6.92 49.51 -77.57
CA LEU K 162 5.54 49.17 -77.87
C LEU K 162 5.05 48.09 -76.91
N SER K 163 4.38 48.52 -75.85
CA SER K 163 3.92 47.61 -74.80
C SER K 163 2.40 47.38 -74.85
N SER K 164 1.64 48.46 -74.75
CA SER K 164 0.18 48.38 -74.75
C SER K 164 -0.39 47.71 -76.00
N GLY K 165 -1.50 47.00 -75.83
CA GLY K 165 -2.17 46.33 -76.94
C GLY K 165 -1.46 45.07 -77.43
N VAL K 166 -0.77 44.38 -76.52
CA VAL K 166 -0.06 43.16 -76.87
C VAL K 166 -0.56 41.97 -76.05
N HIS K 167 -0.61 40.80 -76.69
CA HIS K 167 -1.05 39.58 -76.02
C HIS K 167 -0.07 38.44 -76.29
N THR K 168 0.76 38.13 -75.30
CA THR K 168 1.69 37.02 -75.41
C THR K 168 1.09 35.78 -74.76
N PHE K 169 0.75 34.80 -75.58
CA PHE K 169 0.05 33.61 -75.10
C PHE K 169 1.01 32.59 -74.50
N PRO K 170 0.53 31.85 -73.48
CA PRO K 170 1.27 30.80 -72.78
C PRO K 170 1.76 29.70 -73.73
N ALA K 171 3.03 29.34 -73.61
CA ALA K 171 3.61 28.30 -74.45
C ALA K 171 2.90 26.97 -74.28
N VAL K 172 2.93 26.17 -75.34
CA VAL K 172 2.34 24.83 -75.32
C VAL K 172 3.41 23.82 -75.70
N LEU K 173 3.16 22.55 -75.42
CA LEU K 173 4.13 21.51 -75.73
C LEU K 173 3.77 20.74 -76.99
N GLN K 174 4.69 20.72 -77.94
CA GLN K 174 4.49 20.01 -79.19
C GLN K 174 5.71 19.16 -79.52
N SER K 175 5.59 17.86 -79.30
CA SER K 175 6.67 16.90 -79.54
C SER K 175 7.95 17.30 -78.79
N ASP K 176 7.87 17.35 -77.47
CA ASP K 176 9.00 17.67 -76.60
C ASP K 176 9.64 19.02 -76.92
N LEU K 177 8.85 19.94 -77.47
CA LEU K 177 9.33 21.28 -77.78
C LEU K 177 8.22 22.31 -77.59
N TYR K 178 8.57 23.46 -77.03
CA TYR K 178 7.59 24.50 -76.74
C TYR K 178 7.29 25.40 -77.94
N THR K 179 6.07 25.93 -77.97
CA THR K 179 5.63 26.84 -79.02
C THR K 179 4.65 27.87 -78.46
N LEU K 180 4.89 29.15 -78.75
CA LEU K 180 3.96 30.19 -78.30
C LEU K 180 3.75 31.27 -79.37
N SER K 181 2.67 32.03 -79.19
CA SER K 181 2.33 33.11 -80.10
C SER K 181 2.26 34.43 -79.36
N SER K 182 2.40 35.54 -80.09
CA SER K 182 2.32 36.87 -79.51
C SER K 182 1.66 37.82 -80.50
N SER K 183 0.54 38.41 -80.12
CA SER K 183 -0.18 39.33 -81.00
C SER K 183 -0.06 40.77 -80.53
N VAL K 184 -0.22 41.69 -81.47
CA VAL K 184 -0.17 43.12 -81.18
C VAL K 184 -1.11 43.86 -82.14
N THR K 185 -1.87 44.81 -81.60
CA THR K 185 -2.80 45.57 -82.42
C THR K 185 -2.45 47.06 -82.42
N VAL K 186 -2.20 47.59 -83.61
CA VAL K 186 -1.86 49.00 -83.79
C VAL K 186 -2.78 49.60 -84.85
N PRO K 187 -2.98 50.93 -84.80
CA PRO K 187 -3.82 51.60 -85.80
C PRO K 187 -3.33 51.35 -87.22
N SER K 188 -4.25 51.04 -88.13
CA SER K 188 -3.94 50.75 -89.52
C SER K 188 -3.13 51.86 -90.20
N SER K 189 -3.26 53.07 -89.69
CA SER K 189 -2.54 54.22 -90.25
C SER K 189 -1.04 54.16 -89.93
N SER K 190 -0.70 53.61 -88.77
CA SER K 190 0.69 53.55 -88.33
C SER K 190 1.46 52.36 -88.91
N TRP K 191 0.81 51.55 -89.74
CA TRP K 191 1.45 50.40 -90.35
C TRP K 191 0.99 50.20 -91.79
N PRO K 192 1.93 49.89 -92.70
CA PRO K 192 3.37 49.68 -92.50
C PRO K 192 4.18 50.98 -92.38
N SER K 193 3.49 52.11 -92.23
CA SER K 193 4.14 53.41 -92.06
C SER K 193 5.22 53.38 -90.99
N GLU K 194 4.84 53.00 -89.77
CA GLU K 194 5.79 52.88 -88.67
C GLU K 194 6.27 51.44 -88.57
N THR K 195 7.59 51.26 -88.59
CA THR K 195 8.18 49.92 -88.51
C THR K 195 7.84 49.23 -87.20
N VAL K 196 7.41 47.98 -87.30
CA VAL K 196 7.06 47.18 -86.12
C VAL K 196 7.84 45.85 -86.16
N THR K 197 8.56 45.56 -85.09
CA THR K 197 9.36 44.34 -85.01
C THR K 197 9.35 43.74 -83.61
N CYS K 198 9.07 42.44 -83.52
CA CYS K 198 9.08 41.76 -82.23
C CYS K 198 10.49 41.27 -81.89
N ASN K 199 10.80 41.23 -80.61
CA ASN K 199 12.10 40.77 -80.15
C ASN K 199 11.97 39.57 -79.23
N VAL K 200 12.53 38.45 -79.64
CA VAL K 200 12.45 37.22 -78.85
C VAL K 200 13.78 36.88 -78.19
N ALA K 201 13.76 36.79 -76.86
CA ALA K 201 14.96 36.47 -76.10
C ALA K 201 14.87 35.08 -75.49
N HIS K 202 15.87 34.26 -75.78
CA HIS K 202 15.93 32.90 -75.26
C HIS K 202 17.24 32.69 -74.49
N PRO K 203 17.27 33.10 -73.21
CA PRO K 203 18.44 33.04 -72.33
C PRO K 203 19.07 31.65 -72.22
N ALA K 204 18.25 30.61 -72.31
CA ALA K 204 18.73 29.23 -72.21
C ALA K 204 19.78 28.91 -73.27
N SER K 205 19.66 29.56 -74.42
CA SER K 205 20.61 29.38 -75.52
C SER K 205 21.28 30.71 -75.85
N SER K 206 21.00 31.72 -75.02
CA SER K 206 21.54 33.06 -75.21
C SER K 206 21.21 33.60 -76.59
N THR K 207 20.02 33.28 -77.07
CA THR K 207 19.58 33.67 -78.41
C THR K 207 18.72 34.93 -78.36
N LYS K 208 19.04 35.89 -79.23
CA LYS K 208 18.27 37.13 -79.34
C LYS K 208 17.94 37.42 -80.79
N VAL K 209 16.72 37.09 -81.20
CA VAL K 209 16.29 37.26 -82.58
C VAL K 209 15.28 38.39 -82.72
N ASP K 210 15.39 39.14 -83.81
CA ASP K 210 14.46 40.22 -84.11
C ASP K 210 13.89 40.04 -85.51
N LYS K 211 12.57 39.94 -85.60
CA LYS K 211 11.92 39.72 -86.89
C LYS K 211 10.90 40.82 -87.19
N LYS K 212 11.25 41.69 -88.13
CA LYS K 212 10.35 42.77 -88.54
C LYS K 212 9.24 42.21 -89.42
N ILE K 213 8.00 42.49 -89.07
CA ILE K 213 6.87 41.98 -89.84
C ILE K 213 6.56 42.86 -91.05
N VAL K 214 7.05 42.43 -92.21
CA VAL K 214 6.80 43.15 -93.44
C VAL K 214 5.49 42.67 -94.04
N PRO K 215 4.66 43.61 -94.54
CA PRO K 215 3.37 43.25 -95.14
C PRO K 215 3.53 42.23 -96.26
N ARG K 216 2.50 41.42 -96.48
CA ARG K 216 2.55 40.37 -97.49
C ARG K 216 2.83 40.95 -98.87
N ASP K 217 3.58 40.22 -99.68
CA ASP K 217 3.96 40.69 -101.01
C ASP K 217 2.95 40.23 -102.06
N ASP L 1 -42.38 -23.01 -11.58
CA ASP L 1 -43.20 -21.92 -12.12
C ASP L 1 -44.11 -21.31 -11.04
N ILE L 2 -44.46 -20.04 -11.24
CA ILE L 2 -45.38 -19.36 -10.35
C ILE L 2 -46.76 -19.33 -10.99
N GLN L 3 -47.77 -19.80 -10.25
CA GLN L 3 -49.12 -19.91 -10.80
C GLN L 3 -49.98 -18.70 -10.46
N MET L 4 -50.60 -18.14 -11.50
CA MET L 4 -51.47 -16.98 -11.34
C MET L 4 -52.94 -17.42 -11.39
N THR L 5 -53.65 -17.28 -10.28
CA THR L 5 -55.05 -17.65 -10.23
C THR L 5 -55.93 -16.39 -10.17
N GLN L 6 -56.67 -16.14 -11.24
CA GLN L 6 -57.51 -14.95 -11.32
C GLN L 6 -58.98 -15.27 -11.09
N SER L 7 -59.68 -14.34 -10.45
CA SER L 7 -61.09 -14.49 -10.16
C SER L 7 -61.75 -13.13 -9.97
N PRO L 8 -63.02 -12.99 -10.40
CA PRO L 8 -63.85 -14.02 -11.05
C PRO L 8 -63.51 -14.24 -12.52
N ALA L 9 -63.89 -15.39 -13.06
CA ALA L 9 -63.69 -15.71 -14.46
C ALA L 9 -64.41 -14.70 -15.36
N SER L 10 -65.53 -14.19 -14.85
CA SER L 10 -66.29 -13.17 -15.56
C SER L 10 -67.17 -12.41 -14.58
N LEU L 11 -67.21 -11.09 -14.74
CA LEU L 11 -68.02 -10.25 -13.86
C LEU L 11 -69.01 -9.43 -14.68
N SER L 12 -70.23 -9.30 -14.17
CA SER L 12 -71.28 -8.55 -14.85
C SER L 12 -71.73 -7.38 -13.99
N ALA L 13 -71.64 -6.18 -14.55
CA ALA L 13 -72.01 -4.96 -13.83
C ALA L 13 -72.51 -3.88 -14.78
N SER L 14 -73.16 -2.87 -14.23
CA SER L 14 -73.70 -1.77 -15.00
C SER L 14 -72.89 -0.51 -14.75
N VAL L 15 -72.95 0.43 -15.69
CA VAL L 15 -72.25 1.71 -15.56
C VAL L 15 -72.51 2.35 -14.20
N GLY L 16 -71.47 2.95 -13.61
CA GLY L 16 -71.58 3.56 -12.29
C GLY L 16 -71.12 2.65 -11.17
N GLU L 17 -71.24 1.35 -11.37
CA GLU L 17 -70.84 0.35 -10.37
C GLU L 17 -69.34 0.33 -10.11
N THR L 18 -68.96 -0.41 -9.07
CA THR L 18 -67.55 -0.57 -8.71
C THR L 18 -67.24 -2.05 -8.55
N VAL L 19 -66.33 -2.57 -9.39
CA VAL L 19 -65.98 -3.99 -9.35
C VAL L 19 -64.57 -4.21 -8.82
N THR L 20 -64.26 -5.46 -8.49
CA THR L 20 -62.94 -5.80 -7.97
C THR L 20 -62.50 -7.19 -8.46
N ILE L 21 -61.47 -7.19 -9.32
CA ILE L 21 -60.88 -8.41 -9.82
C ILE L 21 -59.75 -8.83 -8.89
N THR L 22 -59.47 -10.13 -8.78
CA THR L 22 -58.47 -10.61 -7.84
C THR L 22 -57.50 -11.63 -8.43
N CYS L 23 -56.21 -11.38 -8.25
CA CYS L 23 -55.16 -12.32 -8.65
C CYS L 23 -54.42 -12.84 -7.42
N ARG L 24 -54.16 -14.14 -7.38
CA ARG L 24 -53.47 -14.74 -6.24
C ARG L 24 -52.24 -15.53 -6.70
N ALA L 25 -51.12 -15.25 -6.05
CA ALA L 25 -49.84 -15.85 -6.45
C ALA L 25 -49.57 -17.19 -5.76
N SER L 26 -48.99 -18.12 -6.51
CA SER L 26 -48.58 -19.41 -6.00
C SER L 26 -47.53 -19.25 -4.89
N GLU L 27 -46.73 -18.21 -5.01
CA GLU L 27 -45.69 -17.92 -4.03
C GLU L 27 -45.42 -16.42 -4.03
N ASN L 28 -44.77 -15.95 -2.96
CA ASN L 28 -44.47 -14.52 -2.80
C ASN L 28 -43.84 -13.89 -4.03
N ILE L 29 -44.50 -12.88 -4.57
CA ILE L 29 -43.97 -12.14 -5.73
C ILE L 29 -43.85 -10.66 -5.37
N TYR L 30 -43.78 -10.38 -4.06
CA TYR L 30 -43.64 -9.03 -3.54
C TYR L 30 -44.64 -8.07 -4.19
N SER L 31 -44.15 -6.97 -4.76
CA SER L 31 -45.03 -6.02 -5.41
C SER L 31 -44.91 -6.12 -6.93
N TYR L 32 -44.41 -7.24 -7.41
CA TYR L 32 -44.16 -7.43 -8.83
C TYR L 32 -45.36 -8.03 -9.55
N LEU L 33 -46.37 -7.19 -9.79
CA LEU L 33 -47.57 -7.63 -10.51
C LEU L 33 -48.08 -6.52 -11.42
N THR L 34 -48.56 -6.88 -12.60
CA THR L 34 -49.09 -5.91 -13.54
C THR L 34 -50.52 -6.27 -13.97
N TRP L 35 -51.31 -5.24 -14.28
CA TRP L 35 -52.69 -5.43 -14.71
C TRP L 35 -52.86 -4.94 -16.14
N TYR L 36 -53.43 -5.80 -16.99
CA TYR L 36 -53.64 -5.44 -18.39
C TYR L 36 -55.12 -5.42 -18.76
N GLN L 37 -55.46 -4.53 -19.68
CA GLN L 37 -56.81 -4.47 -20.22
C GLN L 37 -56.77 -4.83 -21.70
N GLN L 38 -57.57 -5.80 -22.10
CA GLN L 38 -57.60 -6.23 -23.50
C GLN L 38 -59.01 -6.29 -24.05
N LYS L 39 -59.27 -5.48 -25.06
CA LYS L 39 -60.59 -5.46 -25.70
C LYS L 39 -60.57 -6.38 -26.91
N GLN L 40 -61.58 -7.27 -26.97
CA GLN L 40 -61.74 -8.26 -28.04
C GLN L 40 -61.17 -7.85 -29.40
N GLY L 41 -60.25 -8.67 -29.90
CA GLY L 41 -59.64 -8.42 -31.20
C GLY L 41 -58.39 -7.55 -31.16
N LYS L 42 -58.30 -6.69 -30.16
CA LYS L 42 -57.16 -5.78 -30.04
C LYS L 42 -56.06 -6.35 -29.13
N SER L 43 -54.88 -5.75 -29.19
CA SER L 43 -53.76 -6.17 -28.35
C SER L 43 -53.88 -5.53 -26.97
N PRO L 44 -53.49 -6.28 -25.91
CA PRO L 44 -53.59 -5.80 -24.53
C PRO L 44 -52.91 -4.47 -24.25
N GLN L 45 -53.33 -3.80 -23.18
CA GLN L 45 -52.79 -2.51 -22.80
C GLN L 45 -52.47 -2.48 -21.32
N LEU L 46 -51.36 -1.84 -20.97
CA LEU L 46 -50.91 -1.77 -19.58
C LEU L 46 -51.77 -0.81 -18.77
N LEU L 47 -52.26 -1.29 -17.64
CA LEU L 47 -53.05 -0.45 -16.74
C LEU L 47 -52.24 -0.08 -15.51
N VAL L 48 -51.86 -1.09 -14.74
CA VAL L 48 -51.14 -0.90 -13.50
C VAL L 48 -49.89 -1.76 -13.48
N TYR L 49 -48.80 -1.21 -12.95
CA TYR L 49 -47.57 -1.97 -12.79
C TYR L 49 -47.06 -1.79 -11.37
N ASN L 50 -46.23 -2.74 -10.92
CA ASN L 50 -45.68 -2.71 -9.58
C ASN L 50 -46.80 -2.77 -8.53
N ALA L 51 -47.91 -3.37 -8.93
CA ALA L 51 -49.08 -3.64 -8.08
C ALA L 51 -49.95 -2.42 -7.79
N LYS L 52 -49.37 -1.23 -7.77
CA LYS L 52 -50.14 -0.04 -7.41
C LYS L 52 -50.06 1.08 -8.44
N THR L 53 -48.87 1.30 -8.99
CA THR L 53 -48.64 2.41 -9.91
C THR L 53 -49.43 2.30 -11.21
N LEU L 54 -50.21 3.34 -11.51
CA LEU L 54 -50.95 3.43 -12.76
C LEU L 54 -50.02 3.94 -13.86
N THR L 55 -50.23 3.49 -15.08
CA THR L 55 -49.41 3.95 -16.19
C THR L 55 -49.93 5.31 -16.68
N GLU L 56 -49.36 5.79 -17.78
CA GLU L 56 -49.70 7.10 -18.35
C GLU L 56 -51.20 7.39 -18.51
N GLY L 57 -51.80 6.83 -19.56
CA GLY L 57 -53.17 7.15 -19.92
C GLY L 57 -54.29 6.77 -18.95
N VAL L 58 -54.05 5.77 -18.11
CA VAL L 58 -55.08 5.27 -17.20
C VAL L 58 -55.69 6.33 -16.27
N PRO L 59 -57.03 6.42 -16.28
CA PRO L 59 -57.82 7.34 -15.45
C PRO L 59 -57.88 6.94 -13.98
N SER L 60 -57.98 7.94 -13.11
CA SER L 60 -58.01 7.75 -11.65
C SER L 60 -58.97 6.70 -11.12
N ARG L 61 -59.99 6.35 -11.90
CA ARG L 61 -61.00 5.39 -11.46
C ARG L 61 -60.42 3.98 -11.33
N PHE L 62 -59.22 3.78 -11.88
CA PHE L 62 -58.53 2.50 -11.78
C PHE L 62 -57.53 2.54 -10.61
N SER L 63 -57.49 1.46 -9.84
CA SER L 63 -56.54 1.39 -8.73
C SER L 63 -56.16 -0.05 -8.43
N GLY L 64 -54.89 -0.26 -8.09
CA GLY L 64 -54.40 -1.58 -7.75
C GLY L 64 -53.92 -1.63 -6.32
N SER L 65 -53.86 -2.84 -5.76
CA SER L 65 -53.41 -3.02 -4.39
C SER L 65 -52.93 -4.45 -4.15
N GLY L 66 -52.39 -4.69 -2.97
CA GLY L 66 -51.92 -6.00 -2.60
C GLY L 66 -50.41 -6.12 -2.57
N SER L 67 -49.94 -7.28 -2.09
CA SER L 67 -48.51 -7.58 -1.99
C SER L 67 -48.34 -9.00 -1.46
N GLY L 68 -47.30 -9.68 -1.90
CA GLY L 68 -47.06 -11.04 -1.48
C GLY L 68 -47.72 -12.03 -2.43
N THR L 69 -48.86 -12.58 -2.00
CA THR L 69 -49.57 -13.55 -2.82
C THR L 69 -51.01 -13.12 -3.13
N GLN L 70 -51.42 -11.97 -2.60
CA GLN L 70 -52.79 -11.53 -2.79
C GLN L 70 -52.86 -10.11 -3.37
N PHE L 71 -53.37 -10.01 -4.59
CA PHE L 71 -53.49 -8.72 -5.26
C PHE L 71 -54.91 -8.51 -5.79
N SER L 72 -55.24 -7.28 -6.14
CA SER L 72 -56.57 -6.97 -6.63
C SER L 72 -56.64 -5.68 -7.43
N LEU L 73 -57.43 -5.70 -8.51
CA LEU L 73 -57.69 -4.52 -9.30
C LEU L 73 -59.08 -4.01 -8.97
N LYS L 74 -59.23 -2.70 -8.83
CA LYS L 74 -60.52 -2.13 -8.47
C LYS L 74 -60.90 -0.98 -9.40
N ILE L 75 -62.02 -1.15 -10.09
CA ILE L 75 -62.53 -0.12 -11.00
C ILE L 75 -63.78 0.49 -10.41
N ASN L 76 -63.66 1.67 -9.83
CA ASN L 76 -64.82 2.35 -9.25
C ASN L 76 -65.44 3.28 -10.28
N SER L 77 -66.76 3.44 -10.21
CA SER L 77 -67.49 4.30 -11.14
C SER L 77 -67.23 3.89 -12.59
N LEU L 78 -67.69 2.69 -12.95
CA LEU L 78 -67.52 2.17 -14.31
C LEU L 78 -67.96 3.13 -15.40
N GLN L 79 -67.50 2.85 -16.62
CA GLN L 79 -67.82 3.66 -17.79
C GLN L 79 -68.15 2.70 -18.93
N PRO L 80 -68.57 3.23 -20.10
CA PRO L 80 -68.83 2.29 -21.19
C PRO L 80 -67.55 1.65 -21.72
N GLU L 81 -66.48 2.43 -21.74
CA GLU L 81 -65.17 1.97 -22.23
C GLU L 81 -64.56 0.85 -21.39
N ASP L 82 -64.78 0.90 -20.07
CA ASP L 82 -64.18 -0.06 -19.15
C ASP L 82 -64.67 -1.50 -19.30
N PHE L 83 -65.43 -1.79 -20.34
CA PHE L 83 -65.96 -3.14 -20.53
C PHE L 83 -65.11 -3.94 -21.51
N GLY L 84 -64.68 -5.12 -21.07
CA GLY L 84 -63.84 -5.99 -21.89
C GLY L 84 -63.03 -6.96 -21.07
N GLY L 85 -61.85 -7.29 -21.56
CA GLY L 85 -60.99 -8.27 -20.91
C GLY L 85 -59.99 -7.67 -19.93
N TYR L 86 -59.70 -8.42 -18.87
CA TYR L 86 -58.77 -7.98 -17.85
C TYR L 86 -57.96 -9.17 -17.32
N PHE L 87 -56.64 -9.06 -17.37
CA PHE L 87 -55.79 -10.13 -16.84
C PHE L 87 -54.56 -9.58 -16.14
N CYS L 88 -53.93 -10.42 -15.32
CA CYS L 88 -52.75 -10.02 -14.57
C CYS L 88 -51.52 -10.83 -14.98
N GLN L 89 -50.35 -10.35 -14.56
CA GLN L 89 -49.09 -11.03 -14.84
C GLN L 89 -48.10 -10.71 -13.73
N HIS L 90 -47.38 -11.72 -13.25
CA HIS L 90 -46.35 -11.46 -12.25
C HIS L 90 -45.09 -11.13 -13.02
N HIS L 91 -44.19 -10.36 -12.41
CA HIS L 91 -42.97 -9.98 -13.08
C HIS L 91 -41.75 -10.36 -12.24
N TYR L 92 -41.93 -11.38 -11.41
CA TYR L 92 -40.85 -11.87 -10.56
C TYR L 92 -40.26 -13.15 -11.12
N GLY L 93 -39.31 -13.01 -12.04
CA GLY L 93 -38.63 -14.16 -12.60
C GLY L 93 -39.10 -14.59 -13.96
N THR L 94 -38.60 -15.75 -14.40
CA THR L 94 -38.95 -16.32 -15.68
C THR L 94 -39.36 -17.77 -15.49
N PRO L 95 -40.45 -18.20 -16.14
CA PRO L 95 -41.33 -17.42 -17.01
C PRO L 95 -42.37 -16.57 -16.27
N PRO L 96 -42.62 -15.34 -16.75
CA PRO L 96 -43.63 -14.47 -16.18
C PRO L 96 -45.04 -14.87 -16.58
N THR L 97 -45.60 -15.86 -15.88
CA THR L 97 -46.92 -16.40 -16.19
C THR L 97 -48.05 -15.39 -16.08
N PHE L 98 -49.08 -15.60 -16.90
CA PHE L 98 -50.26 -14.72 -16.91
C PHE L 98 -51.43 -15.33 -16.15
N GLY L 99 -52.41 -14.49 -15.81
CA GLY L 99 -53.61 -14.95 -15.14
C GLY L 99 -54.62 -15.47 -16.15
N GLY L 100 -55.61 -16.20 -15.65
CA GLY L 100 -56.63 -16.79 -16.51
C GLY L 100 -57.45 -15.76 -17.27
N GLY L 101 -57.60 -14.58 -16.69
CA GLY L 101 -58.36 -13.51 -17.33
C GLY L 101 -59.72 -13.30 -16.69
N THR L 102 -60.36 -12.18 -17.04
CA THR L 102 -61.68 -11.85 -16.52
C THR L 102 -62.49 -11.07 -17.56
N LYS L 103 -63.66 -11.59 -17.90
CA LYS L 103 -64.53 -10.93 -18.87
C LYS L 103 -65.54 -10.02 -18.17
N LEU L 104 -65.36 -8.72 -18.34
CA LEU L 104 -66.25 -7.75 -17.72
C LEU L 104 -67.35 -7.34 -18.69
N GLU L 105 -68.55 -7.90 -18.48
CA GLU L 105 -69.68 -7.65 -19.36
C GLU L 105 -70.71 -6.72 -18.74
N VAL L 106 -71.52 -6.09 -19.59
CA VAL L 106 -72.57 -5.19 -19.13
C VAL L 106 -73.77 -6.00 -18.64
N LYS L 107 -74.43 -5.49 -17.61
CA LYS L 107 -75.62 -6.14 -17.07
C LYS L 107 -76.85 -5.34 -17.45
N ARG L 108 -77.91 -6.01 -17.89
CA ARG L 108 -79.11 -5.28 -18.28
C ARG L 108 -80.38 -6.00 -17.83
N ALA L 109 -81.45 -5.87 -18.61
CA ALA L 109 -82.73 -6.54 -18.32
C ALA L 109 -82.89 -7.72 -19.28
N ASP L 110 -83.48 -8.82 -18.79
CA ASP L 110 -83.65 -10.01 -19.63
C ASP L 110 -84.41 -9.71 -20.91
N ALA L 111 -84.18 -10.51 -21.94
CA ALA L 111 -84.83 -10.33 -23.23
C ALA L 111 -85.01 -11.66 -23.93
N ALA L 112 -86.08 -11.78 -24.71
CA ALA L 112 -86.38 -12.99 -25.44
C ALA L 112 -85.72 -13.01 -26.82
N PRO L 113 -85.28 -14.19 -27.26
CA PRO L 113 -84.64 -14.36 -28.56
C PRO L 113 -85.62 -14.30 -29.74
N THR L 114 -85.30 -13.47 -30.72
CA THR L 114 -86.14 -13.32 -31.92
C THR L 114 -85.75 -14.41 -32.93
N VAL L 115 -86.35 -15.59 -32.77
CA VAL L 115 -86.03 -16.74 -33.62
C VAL L 115 -86.52 -16.59 -35.07
N SER L 116 -85.64 -16.89 -36.02
CA SER L 116 -85.97 -16.83 -37.44
C SER L 116 -85.35 -18.02 -38.19
N ILE L 117 -86.19 -18.97 -38.60
CA ILE L 117 -85.70 -20.13 -39.33
C ILE L 117 -85.81 -19.92 -40.84
N PHE L 118 -84.80 -20.42 -41.56
CA PHE L 118 -84.73 -20.25 -43.01
C PHE L 118 -84.51 -21.59 -43.72
N PRO L 119 -85.20 -21.79 -44.85
CA PRO L 119 -85.06 -23.02 -45.64
C PRO L 119 -83.86 -22.95 -46.58
N PRO L 120 -83.33 -24.10 -47.01
CA PRO L 120 -82.20 -24.13 -47.94
C PRO L 120 -82.49 -23.35 -49.21
N SER L 121 -81.53 -22.54 -49.65
CA SER L 121 -81.71 -21.76 -50.87
C SER L 121 -81.70 -22.65 -52.10
N SER L 122 -82.41 -22.24 -53.14
CA SER L 122 -82.49 -23.01 -54.37
C SER L 122 -81.12 -23.07 -55.05
N GLU L 123 -80.32 -22.03 -54.87
CA GLU L 123 -78.98 -21.99 -55.44
C GLU L 123 -78.10 -23.06 -54.79
N GLN L 124 -78.37 -23.33 -53.52
CA GLN L 124 -77.61 -24.33 -52.77
C GLN L 124 -78.11 -25.74 -53.07
N LEU L 125 -79.42 -25.89 -53.21
CA LEU L 125 -80.01 -27.19 -53.50
C LEU L 125 -79.55 -27.75 -54.84
N THR L 126 -79.35 -26.85 -55.81
CA THR L 126 -78.84 -27.26 -57.11
C THR L 126 -77.36 -27.64 -57.04
N SER L 127 -76.71 -27.23 -55.96
CA SER L 127 -75.30 -27.53 -55.76
C SER L 127 -75.10 -28.94 -55.21
N GLY L 128 -76.16 -29.51 -54.64
CA GLY L 128 -76.11 -30.86 -54.11
C GLY L 128 -76.12 -30.94 -52.60
N GLY L 129 -76.35 -29.81 -51.93
CA GLY L 129 -76.37 -29.78 -50.49
C GLY L 129 -77.52 -28.94 -49.94
N ALA L 130 -77.89 -29.20 -48.69
CA ALA L 130 -78.98 -28.46 -48.05
C ALA L 130 -78.60 -28.04 -46.65
N SER L 131 -78.81 -26.76 -46.35
CA SER L 131 -78.49 -26.22 -45.04
C SER L 131 -79.64 -25.39 -44.48
N VAL L 132 -80.17 -25.82 -43.33
CA VAL L 132 -81.24 -25.08 -42.68
C VAL L 132 -80.67 -24.20 -41.59
N VAL L 133 -80.84 -22.90 -41.75
CA VAL L 133 -80.30 -21.92 -40.80
C VAL L 133 -81.38 -21.45 -39.84
N CYS L 134 -80.98 -21.12 -38.61
CA CYS L 134 -81.90 -20.64 -37.59
C CYS L 134 -81.22 -19.60 -36.72
N PHE L 135 -81.72 -18.37 -36.78
CA PHE L 135 -81.13 -17.27 -36.01
C PHE L 135 -81.85 -17.06 -34.68
N LEU L 136 -81.11 -16.55 -33.71
CA LEU L 136 -81.65 -16.24 -32.40
C LEU L 136 -81.01 -14.94 -31.91
N ASN L 137 -81.56 -13.82 -32.36
CA ASN L 137 -80.95 -12.51 -32.12
C ASN L 137 -81.42 -11.77 -30.88
N ASN L 138 -80.59 -10.82 -30.46
CA ASN L 138 -80.84 -9.91 -29.34
C ASN L 138 -81.58 -10.48 -28.13
N PHE L 139 -80.90 -11.32 -27.35
CA PHE L 139 -81.47 -11.85 -26.13
C PHE L 139 -80.53 -11.66 -24.94
N TYR L 140 -80.97 -12.12 -23.77
CA TYR L 140 -80.21 -11.97 -22.53
C TYR L 140 -80.90 -12.77 -21.43
N PRO L 141 -80.11 -13.48 -20.59
CA PRO L 141 -78.66 -13.61 -20.56
C PRO L 141 -78.05 -14.43 -21.71
N LYS L 142 -76.73 -14.60 -21.68
CA LYS L 142 -76.01 -15.31 -22.73
C LYS L 142 -76.40 -16.78 -22.84
N ASP L 143 -76.84 -17.37 -21.74
CA ASP L 143 -77.24 -18.78 -21.73
C ASP L 143 -78.41 -19.04 -22.66
N ILE L 144 -78.37 -20.15 -23.37
CA ILE L 144 -79.42 -20.52 -24.32
C ILE L 144 -79.21 -21.95 -24.83
N ASN L 145 -80.30 -22.59 -25.26
CA ASN L 145 -80.23 -23.96 -25.75
C ASN L 145 -81.06 -24.15 -27.02
N VAL L 146 -80.42 -24.65 -28.08
CA VAL L 146 -81.08 -24.85 -29.36
C VAL L 146 -81.19 -26.33 -29.72
N LYS L 147 -82.37 -26.76 -30.13
CA LYS L 147 -82.59 -28.13 -30.53
C LYS L 147 -83.24 -28.20 -31.91
N TRP L 148 -82.83 -29.17 -32.72
CA TRP L 148 -83.39 -29.36 -34.06
C TRP L 148 -84.21 -30.63 -34.12
N LYS L 149 -85.33 -30.58 -34.83
CA LYS L 149 -86.18 -31.74 -34.98
C LYS L 149 -86.63 -31.95 -36.43
N ILE L 150 -86.17 -33.02 -37.05
CA ILE L 150 -86.56 -33.35 -38.41
C ILE L 150 -87.73 -34.34 -38.36
N ASP L 151 -88.92 -33.83 -38.64
CA ASP L 151 -90.16 -34.61 -38.59
C ASP L 151 -90.46 -35.06 -37.16
N GLY L 152 -90.31 -34.15 -36.22
CA GLY L 152 -90.58 -34.44 -34.81
C GLY L 152 -89.40 -35.05 -34.09
N SER L 153 -88.69 -35.96 -34.74
CA SER L 153 -87.55 -36.63 -34.15
C SER L 153 -86.38 -35.67 -33.95
N GLU L 154 -85.66 -35.83 -32.85
CA GLU L 154 -84.55 -34.94 -32.52
C GLU L 154 -83.35 -35.15 -33.44
N ARG L 155 -82.70 -34.05 -33.82
CA ARG L 155 -81.53 -34.10 -34.69
C ARG L 155 -80.36 -33.38 -34.04
N GLN L 156 -79.25 -34.09 -33.83
CA GLN L 156 -78.09 -33.50 -33.19
C GLN L 156 -76.86 -33.57 -34.09
N ASN L 157 -76.83 -34.56 -34.97
CA ASN L 157 -75.71 -34.74 -35.88
C ASN L 157 -75.83 -33.85 -37.12
N GLY L 158 -74.82 -33.01 -37.34
CA GLY L 158 -74.81 -32.12 -38.50
C GLY L 158 -75.04 -30.67 -38.14
N VAL L 159 -75.31 -30.40 -36.87
CA VAL L 159 -75.59 -29.05 -36.41
C VAL L 159 -74.32 -28.30 -36.00
N LEU L 160 -74.20 -27.06 -36.42
CA LEU L 160 -73.05 -26.22 -36.10
C LEU L 160 -73.53 -24.85 -35.60
N ASN L 161 -73.10 -24.49 -34.40
CA ASN L 161 -73.53 -23.23 -33.79
C ASN L 161 -72.44 -22.16 -33.77
N SER L 162 -72.86 -20.91 -33.59
CA SER L 162 -71.94 -19.79 -33.52
C SER L 162 -72.58 -18.62 -32.78
N TRP L 163 -71.95 -18.21 -31.68
CA TRP L 163 -72.49 -17.12 -30.86
C TRP L 163 -71.71 -15.84 -31.13
N THR L 164 -72.24 -14.72 -30.65
CA THR L 164 -71.58 -13.43 -30.84
C THR L 164 -71.20 -12.81 -29.51
N ASP L 165 -70.40 -11.75 -29.57
CA ASP L 165 -70.00 -11.02 -28.38
C ASP L 165 -71.13 -10.08 -27.98
N GLN L 166 -71.21 -9.77 -26.70
CA GLN L 166 -72.21 -8.84 -26.18
C GLN L 166 -72.20 -7.55 -26.99
N ASP L 167 -73.37 -7.18 -27.52
CA ASP L 167 -73.50 -5.98 -28.34
C ASP L 167 -73.12 -4.75 -27.53
N SER L 168 -72.30 -3.87 -28.12
CA SER L 168 -71.84 -2.69 -27.42
C SER L 168 -72.90 -1.60 -27.34
N LYS L 169 -74.05 -1.84 -27.98
CA LYS L 169 -75.13 -0.87 -27.96
C LYS L 169 -76.27 -1.27 -27.02
N ASP L 170 -76.86 -2.43 -27.27
CA ASP L 170 -77.99 -2.90 -26.47
C ASP L 170 -77.61 -3.95 -25.42
N SER L 171 -76.33 -4.33 -25.40
CA SER L 171 -75.81 -5.29 -24.43
C SER L 171 -76.51 -6.65 -24.46
N THR L 172 -76.95 -7.06 -25.65
CA THR L 172 -77.61 -8.35 -25.81
C THR L 172 -76.77 -9.31 -26.65
N TYR L 173 -77.08 -10.59 -26.55
CA TYR L 173 -76.33 -11.62 -27.27
C TYR L 173 -77.09 -12.14 -28.48
N SER L 174 -76.43 -12.98 -29.28
CA SER L 174 -77.04 -13.57 -30.46
C SER L 174 -76.28 -14.84 -30.86
N MET L 175 -76.99 -15.76 -31.49
CA MET L 175 -76.38 -17.01 -31.95
C MET L 175 -77.09 -17.50 -33.20
N SER L 176 -76.42 -18.40 -33.93
CA SER L 176 -76.98 -18.93 -35.16
C SER L 176 -76.69 -20.42 -35.29
N SER L 177 -77.75 -21.21 -35.33
CA SER L 177 -77.62 -22.66 -35.48
C SER L 177 -77.84 -23.05 -36.93
N THR L 178 -77.02 -23.97 -37.43
CA THR L 178 -77.13 -24.40 -38.81
C THR L 178 -77.13 -25.91 -38.95
N LEU L 179 -78.25 -26.46 -39.37
CA LEU L 179 -78.36 -27.89 -39.61
C LEU L 179 -78.06 -28.17 -41.08
N THR L 180 -77.01 -28.95 -41.33
CA THR L 180 -76.59 -29.25 -42.69
C THR L 180 -76.84 -30.72 -43.03
N LEU L 181 -77.49 -30.95 -44.17
CA LEU L 181 -77.81 -32.28 -44.62
C LEU L 181 -77.40 -32.43 -46.08
N THR L 182 -77.58 -33.63 -46.62
CA THR L 182 -77.35 -33.86 -48.03
C THR L 182 -78.68 -33.61 -48.74
N LYS L 183 -78.62 -33.07 -49.95
CA LYS L 183 -79.81 -32.79 -50.74
C LYS L 183 -80.75 -33.99 -50.79
N ASP L 184 -80.18 -35.18 -50.72
CA ASP L 184 -80.96 -36.42 -50.72
C ASP L 184 -81.74 -36.58 -49.43
N GLU L 185 -81.06 -36.46 -48.28
CA GLU L 185 -81.72 -36.65 -46.99
C GLU L 185 -82.68 -35.50 -46.66
N TYR L 186 -82.37 -34.30 -47.16
CA TYR L 186 -83.20 -33.13 -46.90
C TYR L 186 -84.60 -33.21 -47.51
N GLU L 187 -84.68 -33.72 -48.73
CA GLU L 187 -85.94 -33.78 -49.44
C GLU L 187 -86.76 -35.04 -49.14
N ARG L 188 -86.25 -35.91 -48.27
CA ARG L 188 -87.00 -37.11 -47.90
C ARG L 188 -87.83 -36.83 -46.65
N HIS L 189 -87.82 -35.58 -46.21
CA HIS L 189 -88.56 -35.21 -45.00
C HIS L 189 -89.38 -33.96 -45.28
N ASN L 190 -90.30 -33.65 -44.38
CA ASN L 190 -91.21 -32.53 -44.58
C ASN L 190 -90.82 -31.32 -43.75
N SER L 191 -91.06 -31.41 -42.46
CA SER L 191 -90.86 -30.30 -41.54
C SER L 191 -89.47 -30.23 -40.92
N TYR L 192 -88.95 -29.01 -40.85
CA TYR L 192 -87.68 -28.76 -40.20
C TYR L 192 -87.87 -27.69 -39.13
N THR L 193 -87.98 -28.11 -37.87
CA THR L 193 -88.24 -27.15 -36.79
C THR L 193 -86.99 -26.85 -35.95
N CYS L 194 -86.97 -25.65 -35.40
CA CYS L 194 -85.86 -25.14 -34.60
C CYS L 194 -86.35 -24.68 -33.23
N GLU L 195 -86.23 -25.54 -32.23
CA GLU L 195 -86.72 -25.23 -30.89
C GLU L 195 -85.64 -24.56 -30.04
N ALA L 196 -86.03 -23.51 -29.32
CA ALA L 196 -85.10 -22.75 -28.49
C ALA L 196 -85.56 -22.61 -27.05
N THR L 197 -84.68 -22.93 -26.10
CA THR L 197 -85.01 -22.81 -24.68
C THR L 197 -84.24 -21.65 -24.05
N HIS L 198 -84.94 -20.84 -23.26
CA HIS L 198 -84.33 -19.70 -22.60
C HIS L 198 -84.94 -19.47 -21.22
N LYS L 199 -84.38 -18.53 -20.47
CA LYS L 199 -84.87 -18.21 -19.14
C LYS L 199 -85.98 -17.16 -19.24
N THR L 200 -86.19 -16.66 -20.46
CA THR L 200 -87.19 -15.63 -20.71
C THR L 200 -88.61 -16.20 -20.70
N SER L 201 -88.72 -17.53 -20.78
CA SER L 201 -90.00 -18.20 -20.75
C SER L 201 -89.84 -19.67 -20.40
N THR L 202 -90.92 -20.30 -19.95
CA THR L 202 -90.89 -21.71 -19.57
C THR L 202 -91.02 -22.60 -20.80
N SER L 203 -91.85 -22.18 -21.75
CA SER L 203 -92.08 -22.94 -22.97
C SER L 203 -91.11 -22.51 -24.07
N PRO L 204 -90.48 -23.49 -24.74
CA PRO L 204 -89.52 -23.26 -25.81
C PRO L 204 -90.09 -22.46 -26.97
N ILE L 205 -89.38 -21.41 -27.40
CA ILE L 205 -89.81 -20.62 -28.54
C ILE L 205 -89.46 -21.37 -29.81
N VAL L 206 -90.47 -21.97 -30.44
CA VAL L 206 -90.25 -22.79 -31.62
C VAL L 206 -90.63 -22.07 -32.91
N LYS L 207 -89.82 -22.28 -33.94
CA LYS L 207 -90.06 -21.72 -35.27
C LYS L 207 -89.69 -22.77 -36.30
N SER L 208 -90.62 -23.07 -37.20
CA SER L 208 -90.44 -24.14 -38.16
C SER L 208 -90.88 -23.74 -39.57
N PHE L 209 -90.84 -24.69 -40.48
CA PHE L 209 -91.29 -24.49 -41.84
C PHE L 209 -91.56 -25.86 -42.42
N ASN L 210 -92.57 -25.92 -43.28
CA ASN L 210 -92.94 -27.18 -43.90
C ASN L 210 -92.74 -27.15 -45.41
N ARG L 211 -92.46 -28.30 -46.00
CA ARG L 211 -92.36 -28.39 -47.45
C ARG L 211 -93.77 -28.59 -47.97
N ASN L 212 -94.67 -27.72 -47.51
CA ASN L 212 -96.09 -27.77 -47.81
C ASN L 212 -96.77 -26.48 -47.37
N GLN M 1 -42.72 8.12 -31.05
CA GLN M 1 -43.66 7.27 -30.31
C GLN M 1 -43.27 5.80 -30.48
N VAL M 2 -43.32 5.05 -29.38
CA VAL M 2 -42.99 3.63 -29.41
C VAL M 2 -44.02 2.86 -30.23
N GLN M 3 -43.54 2.04 -31.16
CA GLN M 3 -44.42 1.26 -32.01
C GLN M 3 -43.79 -0.05 -32.44
N LEU M 4 -44.51 -1.14 -32.22
CA LEU M 4 -44.04 -2.48 -32.61
C LEU M 4 -44.88 -3.01 -33.76
N GLN M 5 -44.28 -3.09 -34.95
CA GLN M 5 -44.99 -3.53 -36.14
C GLN M 5 -44.59 -4.96 -36.52
N GLN M 6 -45.50 -5.90 -36.28
CA GLN M 6 -45.23 -7.30 -36.63
C GLN M 6 -45.61 -7.58 -38.07
N SER M 7 -45.22 -8.76 -38.55
CA SER M 7 -45.53 -9.16 -39.91
C SER M 7 -47.02 -9.48 -40.07
N GLY M 8 -47.44 -9.71 -41.31
CA GLY M 8 -48.83 -10.06 -41.58
C GLY M 8 -49.11 -11.48 -41.18
N PRO M 9 -50.37 -11.91 -41.31
CA PRO M 9 -50.75 -13.29 -40.95
C PRO M 9 -50.13 -14.32 -41.88
N GLU M 10 -49.92 -15.52 -41.36
CA GLU M 10 -49.30 -16.58 -42.12
C GLU M 10 -50.14 -17.85 -42.12
N LEU M 11 -50.00 -18.64 -43.19
CA LEU M 11 -50.73 -19.89 -43.31
C LEU M 11 -49.83 -20.99 -43.86
N VAL M 12 -49.65 -22.06 -43.08
CA VAL M 12 -48.77 -23.15 -43.46
C VAL M 12 -49.35 -24.52 -43.17
N ARG M 13 -48.77 -25.54 -43.79
CA ARG M 13 -49.19 -26.92 -43.61
C ARG M 13 -48.45 -27.53 -42.43
N PRO M 14 -49.09 -28.50 -41.73
CA PRO M 14 -48.47 -29.17 -40.59
C PRO M 14 -47.08 -29.72 -40.90
N GLY M 15 -46.18 -29.69 -39.92
CA GLY M 15 -44.83 -30.17 -40.10
C GLY M 15 -43.86 -29.13 -40.62
N ALA M 16 -44.37 -28.11 -41.30
CA ALA M 16 -43.54 -27.05 -41.86
C ALA M 16 -42.99 -26.11 -40.79
N SER M 17 -42.46 -24.97 -41.23
CA SER M 17 -41.91 -23.97 -40.33
C SER M 17 -42.30 -22.56 -40.76
N VAL M 18 -42.32 -21.63 -39.81
CA VAL M 18 -42.71 -20.26 -40.11
C VAL M 18 -41.81 -19.30 -39.32
N LYS M 19 -41.62 -18.09 -39.85
CA LYS M 19 -40.79 -17.10 -39.19
C LYS M 19 -41.43 -15.71 -39.27
N MET M 20 -41.96 -15.23 -38.15
CA MET M 20 -42.61 -13.94 -38.11
C MET M 20 -41.67 -12.87 -37.53
N SER M 21 -41.94 -11.61 -37.88
CA SER M 21 -41.08 -10.52 -37.47
C SER M 21 -41.79 -9.52 -36.55
N CYS M 22 -41.02 -8.53 -36.10
CA CYS M 22 -41.52 -7.47 -35.24
C CYS M 22 -40.56 -6.29 -35.29
N LYS M 23 -40.96 -5.22 -35.98
CA LYS M 23 -40.08 -4.08 -36.16
C LYS M 23 -40.37 -2.99 -35.13
N ALA M 24 -39.37 -2.68 -34.31
CA ALA M 24 -39.52 -1.68 -33.27
C ALA M 24 -39.07 -0.31 -33.75
N SER M 25 -39.71 0.73 -33.22
CA SER M 25 -39.38 2.11 -33.57
C SER M 25 -39.86 3.07 -32.49
N GLY M 26 -39.15 4.17 -32.32
CA GLY M 26 -39.51 5.18 -31.34
C GLY M 26 -38.78 5.02 -30.02
N TYR M 27 -37.76 4.17 -30.00
CA TYR M 27 -36.96 3.93 -28.81
C TYR M 27 -35.69 3.15 -29.16
N THR M 28 -34.71 3.21 -28.28
CA THR M 28 -33.46 2.47 -28.49
C THR M 28 -33.72 0.97 -28.39
N PHE M 29 -33.64 0.30 -29.55
CA PHE M 29 -33.91 -1.13 -29.66
C PHE M 29 -33.16 -1.98 -28.65
N THR M 30 -31.85 -1.80 -28.58
CA THR M 30 -30.98 -2.63 -27.76
C THR M 30 -31.08 -2.46 -26.25
N ASN M 31 -31.82 -1.45 -25.80
CA ASN M 31 -31.92 -1.19 -24.36
C ASN M 31 -33.16 -1.78 -23.68
N TYR M 32 -33.95 -2.54 -24.43
CA TYR M 32 -35.13 -3.16 -23.86
C TYR M 32 -35.27 -4.59 -24.33
N TRP M 33 -35.56 -5.49 -23.41
CA TRP M 33 -35.70 -6.91 -23.77
C TRP M 33 -37.02 -7.15 -24.49
N MET M 34 -36.97 -7.95 -25.54
CA MET M 34 -38.14 -8.24 -26.36
C MET M 34 -38.73 -9.59 -25.98
N HIS M 35 -40.03 -9.61 -25.67
CA HIS M 35 -40.69 -10.85 -25.28
C HIS M 35 -41.69 -11.29 -26.35
N TRP M 36 -42.09 -12.55 -26.29
CA TRP M 36 -43.05 -13.10 -27.23
C TRP M 36 -44.14 -13.87 -26.48
N VAL M 37 -45.39 -13.52 -26.76
CA VAL M 37 -46.53 -14.14 -26.07
C VAL M 37 -47.47 -14.83 -27.05
N LYS M 38 -47.97 -16.01 -26.66
CA LYS M 38 -48.90 -16.77 -27.49
C LYS M 38 -50.32 -16.64 -26.96
N GLN M 39 -51.27 -16.36 -27.86
CA GLN M 39 -52.66 -16.16 -27.44
C GLN M 39 -53.63 -17.10 -28.15
N ARG M 40 -54.16 -18.06 -27.39
CA ARG M 40 -55.15 -18.99 -27.91
C ARG M 40 -56.50 -18.71 -27.26
N PRO M 41 -57.58 -18.83 -28.04
CA PRO M 41 -58.93 -18.63 -27.49
C PRO M 41 -59.23 -19.63 -26.38
N GLY M 42 -59.76 -19.14 -25.27
CA GLY M 42 -60.11 -19.99 -24.15
C GLY M 42 -58.98 -20.30 -23.19
N GLN M 43 -57.74 -20.18 -23.66
CA GLN M 43 -56.58 -20.42 -22.80
C GLN M 43 -55.96 -19.11 -22.33
N ALA M 44 -55.07 -19.20 -21.35
CA ALA M 44 -54.39 -18.02 -20.82
C ALA M 44 -53.19 -17.69 -21.68
N LEU M 45 -52.73 -16.45 -21.61
CA LEU M 45 -51.57 -16.02 -22.38
C LEU M 45 -50.32 -16.80 -21.98
N GLU M 46 -49.64 -17.35 -22.98
CA GLU M 46 -48.43 -18.13 -22.73
C GLU M 46 -47.17 -17.32 -23.06
N TRP M 47 -46.20 -17.37 -22.16
CA TRP M 47 -44.94 -16.68 -22.39
C TRP M 47 -44.01 -17.63 -23.14
N ILE M 48 -43.60 -17.25 -24.34
CA ILE M 48 -42.74 -18.09 -25.15
C ILE M 48 -41.28 -17.94 -24.77
N GLY M 49 -40.82 -16.69 -24.72
CA GLY M 49 -39.45 -16.42 -24.36
C GLY M 49 -39.09 -14.96 -24.51
N MET M 50 -37.82 -14.65 -24.29
CA MET M 50 -37.35 -13.28 -24.41
C MET M 50 -36.00 -13.25 -25.10
N ILE M 51 -35.59 -12.07 -25.55
CA ILE M 51 -34.33 -11.92 -26.26
C ILE M 51 -33.67 -10.60 -25.88
N ASP M 52 -32.36 -10.64 -25.65
CA ASP M 52 -31.59 -9.43 -25.39
C ASP M 52 -31.02 -8.94 -26.71
N PRO M 53 -31.63 -7.89 -27.30
CA PRO M 53 -31.24 -7.33 -28.59
C PRO M 53 -29.73 -7.09 -28.70
N SER M 54 -29.15 -6.60 -27.62
CA SER M 54 -27.71 -6.29 -27.57
C SER M 54 -26.82 -7.50 -27.92
N LYS M 55 -26.90 -8.54 -27.11
CA LYS M 55 -26.02 -9.70 -27.27
C LYS M 55 -26.73 -10.93 -27.85
N SER M 56 -27.99 -10.76 -28.22
CA SER M 56 -28.80 -11.85 -28.78
C SER M 56 -28.91 -13.04 -27.83
N GLU M 57 -28.91 -12.77 -26.53
CA GLU M 57 -29.08 -13.83 -25.54
C GLU M 57 -30.56 -14.19 -25.44
N THR M 58 -30.86 -15.47 -25.61
CA THR M 58 -32.24 -15.93 -25.59
C THR M 58 -32.54 -16.65 -24.28
N THR M 59 -33.80 -16.54 -23.83
CA THR M 59 -34.26 -17.28 -22.66
C THR M 59 -35.68 -17.75 -22.97
N LEU M 60 -35.81 -19.03 -23.28
CA LEU M 60 -37.10 -19.58 -23.67
C LEU M 60 -37.86 -20.19 -22.50
N ASN M 61 -39.13 -20.48 -22.76
CA ASN M 61 -39.97 -21.18 -21.80
C ASN M 61 -39.75 -22.66 -22.05
N GLN M 62 -39.55 -23.43 -20.99
CA GLN M 62 -39.32 -24.87 -21.10
C GLN M 62 -40.35 -25.53 -22.02
N LYS M 63 -41.59 -25.06 -21.95
CA LYS M 63 -42.67 -25.58 -22.77
C LYS M 63 -42.48 -25.33 -24.27
N PHE M 64 -41.60 -24.40 -24.62
CA PHE M 64 -41.37 -24.07 -26.04
C PHE M 64 -39.96 -24.38 -26.49
N ARG M 65 -39.20 -25.09 -25.65
CA ARG M 65 -37.80 -25.41 -25.90
C ARG M 65 -37.46 -25.80 -27.35
N GLY M 66 -38.13 -26.82 -27.86
CA GLY M 66 -37.87 -27.28 -29.22
C GLY M 66 -38.76 -26.70 -30.30
N LYS M 67 -39.71 -25.85 -29.92
CA LYS M 67 -40.65 -25.29 -30.88
C LYS M 67 -40.29 -23.88 -31.35
N ALA M 68 -39.75 -23.07 -30.45
CA ALA M 68 -39.50 -21.66 -30.77
C ALA M 68 -38.01 -21.32 -30.84
N THR M 69 -37.68 -20.33 -31.67
CA THR M 69 -36.33 -19.85 -31.83
C THR M 69 -36.36 -18.32 -31.93
N LEU M 70 -35.46 -17.65 -31.20
CA LEU M 70 -35.44 -16.19 -31.22
C LEU M 70 -34.10 -15.63 -31.69
N ASN M 71 -34.16 -14.50 -32.37
CA ASN M 71 -32.98 -13.78 -32.83
C ASN M 71 -33.41 -12.39 -33.29
N VAL M 72 -32.44 -11.48 -33.43
CA VAL M 72 -32.75 -10.11 -33.83
C VAL M 72 -31.80 -9.59 -34.89
N ASP M 73 -32.14 -8.41 -35.41
CA ASP M 73 -31.30 -7.72 -36.37
C ASP M 73 -31.18 -6.27 -35.92
N LYS M 74 -30.12 -5.98 -35.17
CA LYS M 74 -29.91 -4.66 -34.60
C LYS M 74 -29.88 -3.56 -35.66
N SER M 75 -29.36 -3.90 -36.83
CA SER M 75 -29.28 -2.94 -37.94
C SER M 75 -30.67 -2.50 -38.41
N SER M 76 -31.59 -3.45 -38.54
CA SER M 76 -32.94 -3.14 -39.01
C SER M 76 -33.94 -2.91 -37.88
N ASN M 77 -33.46 -3.02 -36.64
CA ASN M 77 -34.31 -2.82 -35.46
C ASN M 77 -35.52 -3.76 -35.40
N THR M 78 -35.37 -4.97 -35.92
CA THR M 78 -36.46 -5.94 -35.92
C THR M 78 -36.10 -7.20 -35.16
N ALA M 79 -37.10 -7.80 -34.51
CA ALA M 79 -36.92 -9.06 -33.81
C ALA M 79 -37.66 -10.15 -34.56
N TYR M 80 -37.20 -11.38 -34.44
CA TYR M 80 -37.80 -12.50 -35.15
C TYR M 80 -38.10 -13.68 -34.23
N MET M 81 -39.07 -14.50 -34.64
CA MET M 81 -39.38 -15.73 -33.94
C MET M 81 -39.69 -16.82 -34.96
N GLN M 82 -39.09 -17.99 -34.78
CA GLN M 82 -39.32 -19.09 -35.69
C GLN M 82 -39.97 -20.27 -34.98
N LEU M 83 -41.04 -20.77 -35.55
CA LEU M 83 -41.74 -21.92 -34.98
C LEU M 83 -41.60 -23.11 -35.92
N SER M 84 -41.10 -24.23 -35.38
CA SER M 84 -40.82 -25.41 -36.18
C SER M 84 -41.73 -26.58 -35.84
N SER M 85 -41.80 -27.56 -36.75
CA SER M 85 -42.62 -28.75 -36.60
C SER M 85 -44.07 -28.40 -36.28
N LEU M 86 -44.54 -27.32 -36.90
CA LEU M 86 -45.88 -26.78 -36.71
C LEU M 86 -47.00 -27.82 -36.74
N THR M 87 -47.90 -27.71 -35.77
CA THR M 87 -49.08 -28.57 -35.69
C THR M 87 -50.33 -27.69 -35.62
N SER M 88 -51.47 -28.31 -35.37
CA SER M 88 -52.73 -27.56 -35.31
C SER M 88 -52.79 -26.72 -34.04
N GLU M 89 -52.13 -27.19 -32.99
CA GLU M 89 -52.12 -26.48 -31.72
C GLU M 89 -51.22 -25.25 -31.74
N ASP M 90 -50.31 -25.20 -32.71
CA ASP M 90 -49.43 -24.03 -32.86
C ASP M 90 -50.15 -22.87 -33.51
N SER M 91 -51.45 -23.05 -33.76
CA SER M 91 -52.28 -22.00 -34.32
C SER M 91 -52.77 -21.07 -33.22
N ALA M 92 -52.48 -19.78 -33.36
CA ALA M 92 -52.82 -18.80 -32.35
C ALA M 92 -52.43 -17.39 -32.79
N VAL M 93 -52.57 -16.44 -31.88
CA VAL M 93 -52.12 -15.07 -32.11
C VAL M 93 -50.81 -14.90 -31.37
N TYR M 94 -49.81 -14.35 -32.05
CA TYR M 94 -48.51 -14.18 -31.44
C TYR M 94 -48.13 -12.71 -31.34
N TYR M 95 -47.76 -12.29 -30.14
CA TYR M 95 -47.41 -10.90 -29.89
C TYR M 95 -45.92 -10.75 -29.58
N CYS M 96 -45.42 -9.54 -29.76
CA CYS M 96 -44.08 -9.20 -29.30
C CYS M 96 -44.23 -7.98 -28.41
N ALA M 97 -43.61 -8.02 -27.24
CA ALA M 97 -43.77 -6.93 -26.28
C ALA M 97 -42.45 -6.41 -25.78
N ARG M 98 -42.44 -5.15 -25.37
CA ARG M 98 -41.26 -4.51 -24.81
C ARG M 98 -41.35 -4.58 -23.29
N GLU M 99 -40.22 -4.85 -22.63
CA GLU M 99 -40.25 -4.94 -21.17
C GLU M 99 -39.51 -3.81 -20.48
N VAL M 100 -40.13 -3.28 -19.42
CA VAL M 100 -39.54 -2.25 -18.57
C VAL M 100 -40.08 -2.52 -17.17
N TYR M 101 -39.87 -3.73 -16.67
CA TYR M 101 -40.45 -4.22 -15.41
C TYR M 101 -41.92 -4.57 -15.66
N TYR M 102 -42.32 -4.49 -16.92
CA TYR M 102 -43.69 -4.71 -17.36
C TYR M 102 -43.74 -4.66 -18.88
N PHE M 103 -44.82 -5.14 -19.48
CA PHE M 103 -44.96 -5.06 -20.94
C PHE M 103 -45.78 -3.85 -21.31
N ASP M 104 -45.11 -2.74 -21.62
CA ASP M 104 -45.79 -1.48 -21.88
C ASP M 104 -46.17 -1.26 -23.35
N TYR M 105 -45.60 -2.06 -24.25
CA TYR M 105 -45.90 -1.90 -25.67
C TYR M 105 -45.94 -3.25 -26.39
N TRP M 106 -47.10 -3.56 -26.96
CA TRP M 106 -47.28 -4.80 -27.70
C TRP M 106 -47.41 -4.52 -29.19
N GLY M 107 -47.28 -5.56 -30.01
CA GLY M 107 -47.48 -5.44 -31.44
C GLY M 107 -48.96 -5.64 -31.72
N GLN M 108 -49.38 -5.45 -32.96
CA GLN M 108 -50.78 -5.63 -33.30
C GLN M 108 -51.13 -7.11 -33.21
N GLY M 109 -50.16 -7.97 -33.50
CA GLY M 109 -50.36 -9.40 -33.44
C GLY M 109 -50.16 -10.07 -34.78
N THR M 110 -49.77 -11.33 -34.74
CA THR M 110 -49.59 -12.11 -35.97
C THR M 110 -50.38 -13.40 -35.84
N THR M 111 -51.38 -13.58 -36.70
CA THR M 111 -52.24 -14.75 -36.63
C THR M 111 -51.69 -15.89 -37.48
N LEU M 112 -51.41 -17.01 -36.84
CA LEU M 112 -50.87 -18.18 -37.53
C LEU M 112 -51.92 -19.27 -37.61
N THR M 113 -52.11 -19.81 -38.80
CA THR M 113 -53.07 -20.88 -39.04
C THR M 113 -52.37 -22.07 -39.68
N VAL M 114 -52.61 -23.26 -39.14
CA VAL M 114 -51.98 -24.46 -39.67
C VAL M 114 -53.05 -25.44 -40.12
N SER M 115 -53.07 -25.70 -41.42
CA SER M 115 -54.06 -26.59 -42.03
C SER M 115 -53.65 -27.04 -43.43
N SER M 116 -54.20 -28.15 -43.89
CA SER M 116 -53.89 -28.67 -45.22
C SER M 116 -54.96 -28.26 -46.22
N ALA M 117 -55.53 -27.07 -46.03
CA ALA M 117 -56.56 -26.56 -46.92
C ALA M 117 -56.01 -25.52 -47.87
N LYS M 118 -56.38 -25.62 -49.14
CA LYS M 118 -55.96 -24.64 -50.14
C LYS M 118 -56.95 -23.48 -50.16
N THR M 119 -56.53 -22.35 -50.70
CA THR M 119 -57.40 -21.18 -50.82
C THR M 119 -58.66 -21.57 -51.58
N THR M 120 -59.82 -21.30 -50.99
CA THR M 120 -61.09 -21.65 -51.61
C THR M 120 -62.07 -20.49 -51.54
N PRO M 121 -62.75 -20.19 -52.65
CA PRO M 121 -63.72 -19.10 -52.68
C PRO M 121 -65.01 -19.46 -51.94
N PRO M 122 -65.68 -18.44 -51.36
CA PRO M 122 -66.91 -18.63 -50.59
C PRO M 122 -68.16 -18.79 -51.44
N SER M 123 -69.03 -19.71 -51.04
CA SER M 123 -70.30 -19.91 -51.73
C SER M 123 -71.39 -19.13 -50.99
N VAL M 124 -71.85 -18.04 -51.61
CA VAL M 124 -72.84 -17.18 -50.97
C VAL M 124 -74.27 -17.59 -51.31
N TYR M 125 -74.98 -18.09 -50.30
CA TYR M 125 -76.36 -18.52 -50.46
C TYR M 125 -77.30 -17.56 -49.75
N PRO M 126 -78.35 -17.09 -50.45
CA PRO M 126 -79.32 -16.17 -49.88
C PRO M 126 -80.31 -16.85 -48.93
N LEU M 127 -80.80 -16.12 -47.94
CA LEU M 127 -81.76 -16.67 -46.98
C LEU M 127 -83.01 -15.82 -46.94
N ALA M 128 -84.12 -16.37 -47.44
CA ALA M 128 -85.38 -15.65 -47.50
C ALA M 128 -86.50 -16.45 -46.83
N PRO M 129 -87.44 -15.75 -46.19
CA PRO M 129 -88.60 -16.35 -45.52
C PRO M 129 -89.38 -17.31 -46.43
N ASN M 136 -93.92 -9.85 -37.09
CA ASN M 136 -94.05 -9.71 -38.53
C ASN M 136 -93.83 -8.25 -38.95
N SER M 137 -93.71 -7.37 -37.95
CA SER M 137 -93.48 -5.95 -38.20
C SER M 137 -92.10 -5.71 -38.83
N MET M 138 -91.10 -6.38 -38.27
CA MET M 138 -89.74 -6.29 -38.81
C MET M 138 -89.28 -7.67 -39.29
N VAL M 139 -89.01 -7.78 -40.59
CA VAL M 139 -88.63 -9.05 -41.19
C VAL M 139 -87.12 -9.25 -41.17
N THR M 140 -86.69 -10.46 -40.83
CA THR M 140 -85.28 -10.79 -40.76
C THR M 140 -84.83 -11.55 -42.01
N LEU M 141 -83.73 -11.11 -42.59
CA LEU M 141 -83.15 -11.74 -43.77
C LEU M 141 -81.72 -12.16 -43.46
N GLY M 142 -81.03 -12.75 -44.42
CA GLY M 142 -79.65 -13.15 -44.18
C GLY M 142 -78.89 -13.79 -45.31
N CYS M 143 -77.58 -13.92 -45.11
CA CYS M 143 -76.69 -14.55 -46.07
C CYS M 143 -75.97 -15.74 -45.43
N LEU M 144 -75.66 -16.75 -46.23
CA LEU M 144 -74.95 -17.92 -45.73
C LEU M 144 -73.68 -18.14 -46.53
N VAL M 145 -72.54 -17.86 -45.91
CA VAL M 145 -71.23 -18.02 -46.53
C VAL M 145 -70.59 -19.34 -46.10
N LYS M 146 -70.58 -20.31 -47.00
CA LYS M 146 -70.06 -21.64 -46.67
C LYS M 146 -68.90 -22.08 -47.56
N GLY M 147 -68.13 -23.04 -47.05
CA GLY M 147 -67.04 -23.66 -47.78
C GLY M 147 -65.96 -22.73 -48.32
N TYR M 148 -65.48 -21.81 -47.49
CA TYR M 148 -64.40 -20.93 -47.91
C TYR M 148 -63.16 -21.12 -47.05
N PHE M 149 -62.04 -20.57 -47.53
CA PHE M 149 -60.76 -20.67 -46.84
C PHE M 149 -59.71 -19.86 -47.60
N PRO M 150 -58.86 -19.13 -46.88
CA PRO M 150 -58.85 -18.99 -45.42
C PRO M 150 -59.51 -17.70 -44.92
N GLU M 151 -59.47 -17.52 -43.61
CA GLU M 151 -60.00 -16.32 -42.97
C GLU M 151 -59.21 -15.10 -43.42
N PRO M 152 -59.83 -13.91 -43.42
CA PRO M 152 -61.23 -13.67 -43.08
C PRO M 152 -62.09 -13.31 -44.29
N VAL M 153 -63.34 -12.92 -44.03
CA VAL M 153 -64.23 -12.45 -45.08
C VAL M 153 -65.01 -11.24 -44.58
N THR M 154 -65.26 -10.29 -45.47
CA THR M 154 -65.98 -9.08 -45.11
C THR M 154 -67.42 -9.14 -45.64
N VAL M 155 -68.39 -9.00 -44.73
CA VAL M 155 -69.79 -9.04 -45.12
C VAL M 155 -70.47 -7.71 -44.81
N THR M 156 -71.06 -7.11 -45.83
CA THR M 156 -71.78 -5.84 -45.69
C THR M 156 -73.09 -5.90 -46.45
N TRP M 157 -74.04 -5.05 -46.05
CA TRP M 157 -75.34 -5.02 -46.71
C TRP M 157 -75.52 -3.72 -47.47
N ASN M 158 -75.73 -3.85 -48.79
CA ASN M 158 -75.90 -2.72 -49.70
C ASN M 158 -74.64 -1.86 -49.74
N SER M 159 -73.49 -2.54 -49.84
CA SER M 159 -72.18 -1.90 -49.91
C SER M 159 -71.89 -0.99 -48.71
N GLY M 160 -72.35 -1.39 -47.53
CA GLY M 160 -72.06 -0.65 -46.31
C GLY M 160 -73.13 0.34 -45.87
N SER M 161 -73.94 0.81 -46.80
CA SER M 161 -75.00 1.77 -46.50
C SER M 161 -75.95 1.26 -45.40
N LEU M 162 -76.30 -0.02 -45.48
CA LEU M 162 -77.13 -0.65 -44.47
C LEU M 162 -76.25 -1.30 -43.42
N SER M 163 -76.02 -0.58 -42.32
CA SER M 163 -75.13 -1.07 -41.26
C SER M 163 -75.88 -1.51 -40.01
N SER M 164 -76.68 -0.62 -39.44
CA SER M 164 -77.44 -0.91 -38.23
C SER M 164 -78.37 -2.11 -38.37
N GLY M 165 -78.55 -2.85 -37.29
CA GLY M 165 -79.42 -4.00 -37.27
C GLY M 165 -78.88 -5.24 -37.98
N VAL M 166 -77.57 -5.39 -37.97
CA VAL M 166 -76.93 -6.53 -38.62
C VAL M 166 -76.11 -7.36 -37.64
N HIS M 167 -76.12 -8.68 -37.82
CA HIS M 167 -75.36 -9.59 -36.96
C HIS M 167 -74.55 -10.57 -37.79
N THR M 168 -73.25 -10.33 -37.89
CA THR M 168 -72.36 -11.25 -38.60
C THR M 168 -71.71 -12.19 -37.59
N PHE M 169 -72.09 -13.46 -37.67
CA PHE M 169 -71.63 -14.44 -36.70
C PHE M 169 -70.23 -14.99 -37.04
N PRO M 170 -69.46 -15.32 -36.00
CA PRO M 170 -68.10 -15.88 -36.11
C PRO M 170 -68.07 -17.17 -36.90
N ALA M 171 -67.14 -17.27 -37.85
CA ALA M 171 -67.00 -18.46 -38.68
C ALA M 171 -66.73 -19.70 -37.84
N VAL M 172 -67.16 -20.84 -38.36
CA VAL M 172 -66.92 -22.12 -37.70
C VAL M 172 -66.20 -23.03 -38.68
N LEU M 173 -65.61 -24.11 -38.18
CA LEU M 173 -64.87 -25.03 -39.04
C LEU M 173 -65.67 -26.28 -39.33
N GLN M 174 -65.87 -26.54 -40.62
CA GLN M 174 -66.60 -27.72 -41.08
C GLN M 174 -65.82 -28.44 -42.18
N SER M 175 -65.19 -29.55 -41.81
CA SER M 175 -64.37 -30.34 -42.73
C SER M 175 -63.29 -29.49 -43.42
N ASP M 176 -62.40 -28.92 -42.61
CA ASP M 176 -61.28 -28.12 -43.11
C ASP M 176 -61.72 -26.93 -43.97
N LEU M 177 -62.93 -26.43 -43.73
CA LEU M 177 -63.43 -25.27 -44.46
C LEU M 177 -64.33 -24.44 -43.55
N TYR M 178 -64.22 -23.11 -43.66
CA TYR M 178 -64.97 -22.21 -42.80
C TYR M 178 -66.38 -21.94 -43.32
N THR M 179 -67.29 -21.65 -42.40
CA THR M 179 -68.67 -21.33 -42.71
C THR M 179 -69.23 -20.33 -41.71
N LEU M 180 -69.84 -19.25 -42.20
CA LEU M 180 -70.44 -18.26 -41.30
C LEU M 180 -71.78 -17.74 -41.83
N SER M 181 -72.55 -17.15 -40.93
CA SER M 181 -73.86 -16.58 -41.27
C SER M 181 -73.89 -15.09 -40.94
N SER M 182 -74.81 -14.37 -41.58
CA SER M 182 -74.98 -12.95 -41.33
C SER M 182 -76.45 -12.57 -41.46
N SER M 183 -77.02 -12.05 -40.38
CA SER M 183 -78.43 -11.68 -40.38
C SER M 183 -78.62 -10.17 -40.38
N VAL M 184 -79.78 -9.74 -40.88
CA VAL M 184 -80.13 -8.33 -40.92
C VAL M 184 -81.64 -8.18 -40.76
N THR M 185 -82.05 -7.21 -39.96
CA THR M 185 -83.47 -6.98 -39.71
C THR M 185 -83.89 -5.60 -40.17
N VAL M 186 -84.85 -5.55 -41.09
CA VAL M 186 -85.37 -4.30 -41.62
C VAL M 186 -86.90 -4.32 -41.51
N PRO M 187 -87.53 -3.13 -41.46
CA PRO M 187 -88.99 -3.05 -41.41
C PRO M 187 -89.66 -3.78 -42.56
N SER M 188 -90.70 -4.56 -42.26
CA SER M 188 -91.43 -5.34 -43.27
C SER M 188 -91.94 -4.48 -44.43
N SER M 189 -92.13 -3.19 -44.17
CA SER M 189 -92.62 -2.28 -45.20
C SER M 189 -91.55 -1.98 -46.24
N SER M 190 -90.29 -1.98 -45.83
CA SER M 190 -89.18 -1.65 -46.73
C SER M 190 -88.69 -2.84 -47.55
N TRP M 191 -89.33 -4.00 -47.38
CA TRP M 191 -88.94 -5.19 -48.14
C TRP M 191 -90.17 -6.01 -48.52
N PRO M 192 -90.19 -6.53 -49.76
CA PRO M 192 -89.19 -6.42 -50.82
C PRO M 192 -89.19 -5.07 -51.56
N SER M 193 -89.93 -4.09 -51.03
CA SER M 193 -89.98 -2.75 -51.62
C SER M 193 -88.60 -2.19 -51.92
N GLU M 194 -87.77 -2.10 -50.90
CA GLU M 194 -86.39 -1.63 -51.08
C GLU M 194 -85.46 -2.82 -51.27
N THR M 195 -84.69 -2.81 -52.34
CA THR M 195 -83.77 -3.89 -52.64
C THR M 195 -82.70 -4.05 -51.57
N VAL M 196 -82.49 -5.27 -51.12
CA VAL M 196 -81.49 -5.58 -50.11
C VAL M 196 -80.55 -6.67 -50.62
N THR M 197 -79.25 -6.40 -50.58
CA THR M 197 -78.26 -7.36 -51.06
C THR M 197 -76.99 -7.33 -50.22
N CYS M 198 -76.53 -8.51 -49.80
CA CYS M 198 -75.32 -8.61 -49.02
C CYS M 198 -74.11 -8.70 -49.94
N ASN M 199 -72.98 -8.17 -49.47
CA ASN M 199 -71.75 -8.20 -50.24
C ASN M 199 -70.65 -8.93 -49.49
N VAL M 200 -70.17 -10.04 -50.06
CA VAL M 200 -69.15 -10.84 -49.42
C VAL M 200 -67.80 -10.68 -50.11
N ALA M 201 -66.81 -10.24 -49.35
CA ALA M 201 -65.47 -10.03 -49.89
C ALA M 201 -64.49 -11.06 -49.33
N HIS M 202 -63.82 -11.77 -50.23
CA HIS M 202 -62.84 -12.77 -49.83
C HIS M 202 -61.49 -12.44 -50.45
N PRO M 203 -60.73 -11.55 -49.81
CA PRO M 203 -59.43 -11.06 -50.27
C PRO M 203 -58.45 -12.19 -50.57
N ALA M 204 -58.55 -13.27 -49.82
CA ALA M 204 -57.68 -14.43 -49.98
C ALA M 204 -57.75 -15.00 -51.40
N SER M 205 -58.91 -14.87 -52.04
CA SER M 205 -59.09 -15.35 -53.40
C SER M 205 -59.48 -14.20 -54.32
N SER M 206 -59.43 -12.99 -53.77
CA SER M 206 -59.82 -11.77 -54.48
C SER M 206 -61.23 -11.91 -55.04
N THR M 207 -62.09 -12.57 -54.27
CA THR M 207 -63.46 -12.81 -54.68
C THR M 207 -64.42 -11.77 -54.09
N LYS M 208 -65.27 -11.21 -54.93
CA LYS M 208 -66.27 -10.24 -54.48
C LYS M 208 -67.65 -10.62 -55.04
N VAL M 209 -68.45 -11.27 -54.22
CA VAL M 209 -69.78 -11.73 -54.65
C VAL M 209 -70.89 -10.90 -54.01
N ASP M 210 -71.94 -10.64 -54.79
CA ASP M 210 -73.11 -9.92 -54.30
C ASP M 210 -74.36 -10.74 -54.59
N LYS M 211 -75.11 -11.07 -53.55
CA LYS M 211 -76.31 -11.88 -53.69
C LYS M 211 -77.54 -11.16 -53.15
N LYS M 212 -78.39 -10.70 -54.05
CA LYS M 212 -79.63 -10.03 -53.66
C LYS M 212 -80.64 -11.06 -53.18
N ILE M 213 -81.18 -10.85 -51.97
CA ILE M 213 -82.13 -11.79 -51.41
C ILE M 213 -83.56 -11.53 -51.92
N VAL M 214 -83.95 -12.32 -52.92
CA VAL M 214 -85.29 -12.21 -53.48
C VAL M 214 -86.24 -13.08 -52.66
N PRO M 215 -87.43 -12.57 -52.35
CA PRO M 215 -88.43 -13.31 -51.58
C PRO M 215 -88.74 -14.67 -52.22
N ARG M 216 -89.13 -15.64 -51.41
CA ARG M 216 -89.41 -16.98 -51.88
C ARG M 216 -90.51 -16.96 -52.94
N ASP M 217 -90.40 -17.85 -53.92
CA ASP M 217 -91.36 -17.90 -55.01
C ASP M 217 -92.49 -18.88 -54.71
N ASP N 1 -13.80 -28.88 37.98
CA ASP N 1 -15.10 -28.37 38.37
C ASP N 1 -15.01 -27.32 39.46
N ILE N 2 -15.99 -26.44 39.50
CA ILE N 2 -16.07 -25.41 40.52
C ILE N 2 -17.11 -25.84 41.56
N GLN N 3 -16.72 -25.85 42.83
CA GLN N 3 -17.60 -26.33 43.89
C GLN N 3 -18.38 -25.20 44.55
N MET N 4 -19.70 -25.38 44.64
CA MET N 4 -20.58 -24.40 45.26
C MET N 4 -20.98 -24.86 46.66
N THR N 5 -20.54 -24.12 47.67
CA THR N 5 -20.89 -24.47 49.05
C THR N 5 -21.88 -23.45 49.62
N GLN N 6 -23.10 -23.90 49.85
CA GLN N 6 -24.16 -23.02 50.34
C GLN N 6 -24.43 -23.20 51.83
N SER N 7 -24.76 -22.11 52.51
CA SER N 7 -25.04 -22.13 53.93
C SER N 7 -25.94 -20.95 54.31
N PRO N 8 -26.85 -21.15 55.27
CA PRO N 8 -27.08 -22.38 56.01
C PRO N 8 -27.90 -23.41 55.23
N ALA N 9 -27.81 -24.68 55.62
CA ALA N 9 -28.56 -25.75 54.98
C ALA N 9 -30.06 -25.50 55.11
N SER N 10 -30.44 -24.84 56.20
CA SER N 10 -31.83 -24.46 56.44
C SER N 10 -31.89 -23.31 57.43
N LEU N 11 -32.75 -22.33 57.14
CA LEU N 11 -32.91 -21.18 58.02
C LEU N 11 -34.35 -21.05 58.47
N SER N 12 -34.53 -20.72 59.74
CA SER N 12 -35.87 -20.55 60.30
C SER N 12 -36.07 -19.12 60.78
N ALA N 13 -37.11 -18.46 60.26
CA ALA N 13 -37.39 -17.08 60.62
C ALA N 13 -38.88 -16.79 60.50
N SER N 14 -39.31 -15.67 61.09
CA SER N 14 -40.70 -15.27 61.08
C SER N 14 -40.89 -14.06 60.17
N VAL N 15 -42.11 -13.86 59.68
CA VAL N 15 -42.43 -12.72 58.83
C VAL N 15 -41.90 -11.41 59.44
N GLY N 16 -41.37 -10.53 58.59
CA GLY N 16 -40.80 -9.29 59.03
C GLY N 16 -39.29 -9.33 59.21
N GLU N 17 -38.77 -10.52 59.52
CA GLU N 17 -37.34 -10.71 59.73
C GLU N 17 -36.51 -10.50 58.46
N THR N 18 -35.19 -10.47 58.64
CA THR N 18 -34.27 -10.33 57.52
C THR N 18 -33.20 -11.41 57.59
N VAL N 19 -33.16 -12.28 56.58
CA VAL N 19 -32.20 -13.38 56.55
C VAL N 19 -31.12 -13.17 55.49
N THR N 20 -30.06 -13.98 55.58
CA THR N 20 -28.95 -13.88 54.64
C THR N 20 -28.38 -15.27 54.34
N ILE N 21 -28.60 -15.72 53.10
CA ILE N 21 -28.04 -16.98 52.64
C ILE N 21 -26.68 -16.71 52.01
N THR N 22 -25.78 -17.69 52.05
CA THR N 22 -24.43 -17.47 51.54
C THR N 22 -23.94 -18.59 50.63
N CYS N 23 -23.48 -18.24 49.44
CA CYS N 23 -22.85 -19.19 48.54
C CYS N 23 -21.39 -18.80 48.37
N ARG N 24 -20.51 -19.79 48.48
CA ARG N 24 -19.07 -19.53 48.41
C ARG N 24 -18.38 -20.42 47.37
N ALA N 25 -17.59 -19.80 46.50
CA ALA N 25 -16.98 -20.50 45.37
C ALA N 25 -15.62 -21.15 45.63
N SER N 26 -15.43 -22.32 45.02
CA SER N 26 -14.17 -23.05 45.07
C SER N 26 -13.03 -22.24 44.45
N GLU N 27 -13.36 -21.43 43.46
CA GLU N 27 -12.38 -20.58 42.79
C GLU N 27 -13.08 -19.35 42.23
N ASN N 28 -12.31 -18.31 41.94
CA ASN N 28 -12.84 -17.04 41.44
C ASN N 28 -13.83 -17.22 40.29
N ILE N 29 -15.05 -16.73 40.50
CA ILE N 29 -16.07 -16.77 39.46
C ILE N 29 -16.57 -15.35 39.18
N TYR N 30 -15.74 -14.38 39.52
CA TYR N 30 -16.04 -12.96 39.31
C TYR N 30 -17.44 -12.59 39.81
N SER N 31 -18.26 -12.01 38.94
CA SER N 31 -19.62 -11.66 39.33
C SER N 31 -20.63 -12.61 38.69
N TYR N 32 -20.15 -13.78 38.29
CA TYR N 32 -20.98 -14.75 37.60
C TYR N 32 -21.68 -15.72 38.55
N LEU N 33 -22.72 -15.24 39.22
CA LEU N 33 -23.51 -16.07 40.13
C LEU N 33 -24.98 -15.72 40.04
N THR N 34 -25.84 -16.73 40.12
CA THR N 34 -27.28 -16.52 40.06
C THR N 34 -27.98 -17.13 41.27
N TRP N 35 -29.08 -16.51 41.68
CA TRP N 35 -29.87 -16.98 42.82
C TRP N 35 -31.26 -17.42 42.37
N TYR N 36 -31.63 -18.64 42.73
CA TYR N 36 -32.94 -19.17 42.36
C TYR N 36 -33.82 -19.45 43.58
N GLN N 37 -35.12 -19.28 43.38
CA GLN N 37 -36.11 -19.62 44.39
C GLN N 37 -36.97 -20.78 43.90
N GLN N 38 -37.06 -21.84 44.69
CA GLN N 38 -37.85 -22.99 44.28
C GLN N 38 -38.80 -23.45 45.39
N LYS N 39 -40.09 -23.39 45.10
CA LYS N 39 -41.11 -23.80 46.06
C LYS N 39 -41.48 -25.25 45.81
N GLN N 40 -41.45 -26.06 46.87
CA GLN N 40 -41.75 -27.49 46.84
C GLN N 40 -42.73 -27.95 45.75
N GLY N 41 -42.27 -28.84 44.89
CA GLY N 41 -43.09 -29.38 43.82
C GLY N 41 -43.01 -28.60 42.52
N LYS N 42 -42.74 -27.30 42.62
CA LYS N 42 -42.67 -26.44 41.43
C LYS N 42 -41.25 -26.31 40.90
N SER N 43 -41.13 -25.80 39.67
CA SER N 43 -39.82 -25.60 39.05
C SER N 43 -39.23 -24.27 39.52
N PRO N 44 -37.89 -24.23 39.70
CA PRO N 44 -37.19 -23.05 40.19
C PRO N 44 -37.45 -21.77 39.40
N GLN N 45 -37.20 -20.62 40.03
CA GLN N 45 -37.41 -19.32 39.41
C GLN N 45 -36.20 -18.42 39.64
N LEU N 46 -35.85 -17.64 38.62
CA LEU N 46 -34.70 -16.75 38.68
C LEU N 46 -34.99 -15.55 39.58
N LEU N 47 -34.09 -15.31 40.53
CA LEU N 47 -34.22 -14.16 41.41
C LEU N 47 -33.20 -13.09 41.04
N VAL N 48 -31.93 -13.44 41.17
CA VAL N 48 -30.83 -12.51 40.93
C VAL N 48 -29.83 -13.15 39.97
N TYR N 49 -29.31 -12.34 39.05
CA TYR N 49 -28.26 -12.81 38.16
C TYR N 49 -27.12 -11.81 38.17
N ASN N 50 -25.93 -12.28 37.77
CA ASN N 50 -24.74 -11.44 37.74
C ASN N 50 -24.41 -10.93 39.15
N ALA N 51 -24.83 -11.72 40.14
CA ALA N 51 -24.55 -11.50 41.57
C ALA N 51 -25.37 -10.38 42.22
N LYS N 52 -25.75 -9.36 41.45
CA LYS N 52 -26.48 -8.23 42.03
C LYS N 52 -27.80 -7.92 41.35
N THR N 53 -27.83 -7.98 40.03
CA THR N 53 -29.02 -7.61 39.27
C THR N 53 -30.23 -8.50 39.54
N LEU N 54 -31.34 -7.87 39.92
CA LEU N 54 -32.59 -8.56 40.13
C LEU N 54 -33.29 -8.74 38.79
N THR N 55 -34.03 -9.84 38.62
CA THR N 55 -34.75 -10.07 37.38
C THR N 55 -36.07 -9.27 37.40
N GLU N 56 -36.90 -9.49 36.39
CA GLU N 56 -38.17 -8.77 36.24
C GLU N 56 -39.06 -8.72 37.49
N GLY N 57 -39.77 -9.81 37.75
CA GLY N 57 -40.77 -9.84 38.81
C GLY N 57 -40.32 -9.67 40.25
N VAL N 58 -39.06 -9.97 40.54
CA VAL N 58 -38.53 -9.90 41.90
C VAL N 58 -38.70 -8.54 42.58
N PRO N 59 -39.30 -8.54 43.78
CA PRO N 59 -39.53 -7.34 44.61
C PRO N 59 -38.25 -6.82 45.28
N SER N 60 -38.20 -5.50 45.48
CA SER N 60 -37.05 -4.81 46.05
C SER N 60 -36.48 -5.39 47.34
N ARG N 61 -37.29 -6.17 48.05
CA ARG N 61 -36.85 -6.76 49.32
C ARG N 61 -35.74 -7.80 49.13
N PHE N 62 -35.54 -8.21 47.88
CA PHE N 62 -34.48 -9.16 47.54
C PHE N 62 -33.24 -8.40 47.06
N SER N 63 -32.07 -8.82 47.51
CA SER N 63 -30.84 -8.18 47.08
C SER N 63 -29.67 -9.16 47.13
N GLY N 64 -28.78 -9.05 46.15
CA GLY N 64 -27.61 -9.91 46.09
C GLY N 64 -26.34 -9.09 46.18
N SER N 65 -25.26 -9.75 46.57
CA SER N 65 -23.97 -9.07 46.71
C SER N 65 -22.83 -10.06 46.65
N GLY N 66 -21.60 -9.54 46.63
CA GLY N 66 -20.43 -10.37 46.61
C GLY N 66 -19.72 -10.38 45.26
N SER N 67 -18.56 -11.03 45.23
CA SER N 67 -17.72 -11.13 44.04
C SER N 67 -16.49 -11.97 44.36
N GLY N 68 -16.02 -12.72 43.37
CA GLY N 68 -14.86 -13.57 43.59
C GLY N 68 -15.28 -14.95 44.04
N THR N 69 -15.13 -15.21 45.34
CA THR N 69 -15.48 -16.51 45.89
C THR N 69 -16.52 -16.41 47.00
N GLN N 70 -16.95 -15.19 47.33
CA GLN N 70 -17.89 -15.00 48.42
C GLN N 70 -19.12 -14.22 47.97
N PHE N 71 -20.28 -14.87 48.00
CA PHE N 71 -21.53 -14.23 47.59
C PHE N 71 -22.60 -14.44 48.66
N SER N 72 -23.67 -13.64 48.59
CA SER N 72 -24.74 -13.75 49.57
C SER N 72 -26.05 -13.16 49.07
N LEU N 73 -27.14 -13.85 49.41
CA LEU N 73 -28.49 -13.37 49.12
C LEU N 73 -29.09 -12.82 50.41
N LYS N 74 -29.77 -11.70 50.31
CA LYS N 74 -30.35 -11.07 51.51
C LYS N 74 -31.81 -10.71 51.29
N ILE N 75 -32.68 -11.31 52.10
CA ILE N 75 -34.11 -11.03 52.02
C ILE N 75 -34.54 -10.26 53.26
N ASN N 76 -34.71 -8.95 53.11
CA ASN N 76 -35.14 -8.12 54.23
C ASN N 76 -36.65 -7.99 54.23
N SER N 77 -37.24 -7.90 55.42
CA SER N 77 -38.68 -7.78 55.57
C SER N 77 -39.41 -8.95 54.90
N LEU N 78 -39.20 -10.15 55.43
CA LEU N 78 -39.81 -11.37 54.89
C LEU N 78 -41.33 -11.25 54.71
N GLN N 79 -41.87 -12.17 53.91
CA GLN N 79 -43.30 -12.20 53.62
C GLN N 79 -43.75 -13.66 53.71
N PRO N 80 -45.06 -13.93 53.56
CA PRO N 80 -45.43 -15.35 53.60
C PRO N 80 -44.96 -16.11 52.37
N GLU N 81 -44.96 -15.43 51.23
CA GLU N 81 -44.53 -16.02 49.96
C GLU N 81 -43.05 -16.40 49.93
N ASP N 82 -42.22 -15.61 50.60
CA ASP N 82 -40.77 -15.81 50.59
C ASP N 82 -40.29 -17.09 51.28
N PHE N 83 -41.21 -17.97 51.65
CA PHE N 83 -40.83 -19.21 52.33
C PHE N 83 -40.75 -20.38 51.36
N GLY N 84 -39.61 -21.06 51.36
CA GLY N 84 -39.39 -22.19 50.48
C GLY N 84 -37.92 -22.47 50.23
N GLY N 85 -37.60 -22.96 49.04
CA GLY N 85 -36.25 -23.34 48.68
C GLY N 85 -35.45 -22.23 48.02
N TYR N 86 -34.15 -22.20 48.29
CA TYR N 86 -33.26 -21.20 47.73
C TYR N 86 -31.89 -21.82 47.42
N PHE N 87 -31.44 -21.71 46.19
CA PHE N 87 -30.12 -22.22 45.82
C PHE N 87 -29.39 -21.30 44.85
N CYS N 88 -28.08 -21.49 44.73
CA CYS N 88 -27.26 -20.66 43.85
C CYS N 88 -26.63 -21.49 42.75
N GLN N 89 -26.11 -20.79 41.73
CA GLN N 89 -25.42 -21.44 40.62
C GLN N 89 -24.39 -20.48 40.06
N HIS N 90 -23.20 -20.98 39.76
CA HIS N 90 -22.19 -20.13 39.13
C HIS N 90 -22.41 -20.24 37.63
N HIS N 91 -22.01 -19.21 36.90
CA HIS N 91 -22.20 -19.22 35.46
C HIS N 91 -20.87 -18.99 34.75
N TYR N 92 -19.79 -19.35 35.42
CA TYR N 92 -18.46 -19.21 34.85
C TYR N 92 -17.92 -20.55 34.36
N GLY N 93 -18.28 -20.92 33.14
CA GLY N 93 -17.77 -22.15 32.54
C GLY N 93 -18.74 -23.31 32.56
N THR N 94 -18.22 -24.47 32.17
CA THR N 94 -18.98 -25.70 32.14
C THR N 94 -18.20 -26.80 32.86
N PRO N 95 -18.89 -27.58 33.72
CA PRO N 95 -20.31 -27.50 34.04
C PRO N 95 -20.67 -26.44 35.08
N PRO N 96 -21.79 -25.74 34.89
CA PRO N 96 -22.28 -24.73 35.85
C PRO N 96 -22.93 -25.37 37.07
N THR N 97 -22.11 -25.79 38.03
CA THR N 97 -22.58 -26.48 39.23
C THR N 97 -23.51 -25.64 40.10
N PHE N 98 -24.42 -26.32 40.80
CA PHE N 98 -25.38 -25.67 41.68
C PHE N 98 -24.97 -25.77 43.15
N GLY N 99 -25.59 -24.94 43.99
CA GLY N 99 -25.35 -24.98 45.43
C GLY N 99 -26.20 -26.05 46.08
N GLY N 100 -25.85 -26.41 47.32
CA GLY N 100 -26.58 -27.42 48.05
C GLY N 100 -28.03 -27.08 48.32
N GLY N 101 -28.34 -25.80 48.42
CA GLY N 101 -29.69 -25.35 48.68
C GLY N 101 -29.91 -24.87 50.10
N THR N 102 -31.03 -24.19 50.32
CA THR N 102 -31.37 -23.68 51.64
C THR N 102 -32.89 -23.67 51.85
N LYS N 103 -33.34 -24.34 52.90
CA LYS N 103 -34.77 -24.39 53.22
C LYS N 103 -35.15 -23.28 54.20
N LEU N 104 -35.92 -22.31 53.72
CA LEU N 104 -36.36 -21.20 54.58
C LEU N 104 -37.72 -21.50 55.17
N GLU N 105 -37.72 -21.88 56.44
CA GLU N 105 -38.93 -22.29 57.15
C GLU N 105 -39.38 -21.20 58.14
N VAL N 106 -40.65 -21.22 58.50
CA VAL N 106 -41.19 -20.24 59.43
C VAL N 106 -40.82 -20.56 60.89
N LYS N 107 -40.53 -19.52 61.66
CA LYS N 107 -40.19 -19.67 63.07
C LYS N 107 -41.31 -19.14 63.96
N ARG N 108 -41.66 -19.90 65.00
CA ARG N 108 -42.71 -19.50 65.92
C ARG N 108 -42.40 -19.81 67.40
N ALA N 109 -42.85 -20.95 67.90
CA ALA N 109 -42.61 -21.34 69.28
C ALA N 109 -42.52 -22.86 69.40
N ASP N 110 -41.63 -23.33 70.28
CA ASP N 110 -41.44 -24.75 70.50
C ASP N 110 -42.73 -25.46 70.89
N ALA N 111 -42.79 -26.76 70.61
CA ALA N 111 -43.97 -27.56 70.93
C ALA N 111 -43.58 -29.01 71.19
N ALA N 112 -44.31 -29.68 72.07
CA ALA N 112 -44.02 -31.06 72.39
C ALA N 112 -44.75 -32.01 71.44
N PRO N 113 -44.09 -33.12 71.09
CA PRO N 113 -44.66 -34.12 70.17
C PRO N 113 -45.75 -34.97 70.82
N THR N 114 -46.91 -35.05 70.17
CA THR N 114 -48.01 -35.86 70.67
C THR N 114 -47.83 -37.31 70.21
N VAL N 115 -47.03 -38.05 70.96
CA VAL N 115 -46.70 -39.43 70.62
C VAL N 115 -47.87 -40.40 70.78
N SER N 116 -48.09 -41.24 69.77
CA SER N 116 -49.14 -42.24 69.79
C SER N 116 -48.66 -43.55 69.16
N ILE N 117 -48.43 -44.55 69.99
CA ILE N 117 -47.97 -45.85 69.52
C ILE N 117 -49.14 -46.81 69.29
N PHE N 118 -49.07 -47.59 68.21
CA PHE N 118 -50.12 -48.54 67.89
C PHE N 118 -49.58 -49.95 67.66
N PRO N 119 -50.31 -50.97 68.13
CA PRO N 119 -49.93 -52.37 67.95
C PRO N 119 -50.35 -52.89 66.57
N PRO N 120 -49.70 -53.96 66.09
CA PRO N 120 -50.06 -54.55 64.78
C PRO N 120 -51.53 -54.95 64.71
N SER N 121 -52.19 -54.63 63.60
CA SER N 121 -53.60 -54.97 63.43
C SER N 121 -53.77 -56.48 63.26
N SER N 122 -54.91 -56.99 63.70
CA SER N 122 -55.20 -58.42 63.61
C SER N 122 -55.30 -58.86 62.15
N GLU N 123 -55.74 -57.96 61.29
CA GLU N 123 -55.85 -58.25 59.87
C GLU N 123 -54.47 -58.46 59.27
N GLN N 124 -53.48 -57.75 59.82
CA GLN N 124 -52.10 -57.84 59.36
C GLN N 124 -51.40 -59.07 59.94
N LEU N 125 -51.69 -59.37 61.20
CA LEU N 125 -51.09 -60.52 61.87
C LEU N 125 -51.48 -61.83 61.20
N THR N 126 -52.72 -61.90 60.71
CA THR N 126 -53.18 -63.09 60.00
C THR N 126 -52.53 -63.21 58.63
N SER N 127 -51.95 -62.10 58.15
CA SER N 127 -51.28 -62.09 56.86
C SER N 127 -49.86 -62.66 56.97
N GLY N 128 -49.33 -62.72 58.18
CA GLY N 128 -48.01 -63.26 58.40
C GLY N 128 -46.95 -62.23 58.74
N GLY N 129 -47.36 -60.99 58.97
CA GLY N 129 -46.43 -59.93 59.30
C GLY N 129 -46.91 -59.04 60.43
N ALA N 130 -45.97 -58.34 61.06
CA ALA N 130 -46.31 -57.45 62.16
C ALA N 130 -45.58 -56.11 62.03
N SER N 131 -46.33 -55.02 62.14
CA SER N 131 -45.77 -53.69 62.01
C SER N 131 -46.25 -52.78 63.15
N VAL N 132 -45.30 -52.28 63.94
CA VAL N 132 -45.64 -51.38 65.04
C VAL N 132 -45.42 -49.93 64.60
N VAL N 133 -46.50 -49.15 64.59
CA VAL N 133 -46.45 -47.77 64.14
C VAL N 133 -46.39 -46.83 65.35
N CYS N 134 -45.73 -45.68 65.16
CA CYS N 134 -45.59 -44.69 66.22
C CYS N 134 -45.61 -43.29 65.63
N PHE N 135 -46.64 -42.52 65.96
CA PHE N 135 -46.79 -41.17 65.43
C PHE N 135 -46.22 -40.11 66.38
N LEU N 136 -45.77 -39.00 65.79
CA LEU N 136 -45.25 -37.88 66.56
C LEU N 136 -45.71 -36.59 65.88
N ASN N 137 -46.93 -36.17 66.19
CA ASN N 137 -47.56 -35.05 65.48
C ASN N 137 -47.36 -33.68 66.10
N ASN N 138 -47.57 -32.65 65.27
CA ASN N 138 -47.53 -31.24 65.65
C ASN N 138 -46.48 -30.84 66.68
N PHE N 139 -45.21 -30.81 66.28
CA PHE N 139 -44.15 -30.34 67.16
C PHE N 139 -43.28 -29.29 66.47
N TYR N 140 -42.27 -28.81 67.20
CA TYR N 140 -41.37 -27.77 66.71
C TYR N 140 -40.22 -27.59 67.70
N PRO N 141 -38.98 -27.42 67.19
CA PRO N 141 -38.55 -27.38 65.79
C PRO N 141 -38.61 -28.72 65.06
N LYS N 142 -38.15 -28.72 63.81
CA LYS N 142 -38.18 -29.91 62.97
C LYS N 142 -37.31 -31.04 63.49
N ASP N 143 -36.25 -30.69 64.21
CA ASP N 143 -35.32 -31.68 64.77
C ASP N 143 -36.03 -32.60 65.75
N ILE N 144 -35.69 -33.89 65.70
CA ILE N 144 -36.29 -34.88 66.57
C ILE N 144 -35.58 -36.23 66.42
N ASN N 145 -35.65 -37.06 67.45
CA ASN N 145 -34.99 -38.36 67.44
C ASN N 145 -35.89 -39.46 68.01
N VAL N 146 -36.10 -40.51 67.23
CA VAL N 146 -36.96 -41.62 67.64
C VAL N 146 -36.16 -42.91 67.83
N LYS N 147 -36.41 -43.59 68.94
CA LYS N 147 -35.73 -44.85 69.23
C LYS N 147 -36.75 -45.93 69.59
N TRP N 148 -36.49 -47.16 69.13
CA TRP N 148 -37.36 -48.29 69.43
C TRP N 148 -36.68 -49.27 70.38
N LYS N 149 -37.45 -49.82 71.30
CA LYS N 149 -36.90 -50.79 72.25
C LYS N 149 -37.82 -51.99 72.43
N ILE N 150 -37.36 -53.15 71.96
CA ILE N 150 -38.10 -54.39 72.10
C ILE N 150 -37.63 -55.13 73.35
N ASP N 151 -38.45 -55.07 74.41
CA ASP N 151 -38.13 -55.66 75.71
C ASP N 151 -36.93 -54.95 76.35
N GLY N 152 -36.94 -53.62 76.29
CA GLY N 152 -35.87 -52.83 76.86
C GLY N 152 -34.68 -52.65 75.93
N SER N 153 -34.31 -53.71 75.22
CA SER N 153 -33.16 -53.66 74.31
C SER N 153 -33.47 -52.76 73.11
N GLU N 154 -32.47 -52.03 72.64
CA GLU N 154 -32.64 -51.11 71.53
C GLU N 154 -32.83 -51.84 70.20
N ARG N 155 -33.71 -51.31 69.36
CA ARG N 155 -34.00 -51.89 68.05
C ARG N 155 -33.81 -50.84 66.96
N GLN N 156 -32.92 -51.11 66.02
CA GLN N 156 -32.64 -50.17 64.94
C GLN N 156 -32.92 -50.78 63.57
N ASN N 157 -32.78 -52.09 63.47
CA ASN N 157 -33.00 -52.80 62.22
C ASN N 157 -34.48 -53.08 61.95
N GLY N 158 -34.98 -52.58 60.83
CA GLY N 158 -36.37 -52.79 60.46
C GLY N 158 -37.22 -51.56 60.60
N VAL N 159 -36.63 -50.47 61.10
CA VAL N 159 -37.36 -49.23 61.30
C VAL N 159 -37.32 -48.33 60.07
N LEU N 160 -38.48 -47.76 59.72
CA LEU N 160 -38.59 -46.86 58.58
C LEU N 160 -39.34 -45.58 58.98
N ASN N 161 -38.72 -44.44 58.77
CA ASN N 161 -39.32 -43.16 59.17
C ASN N 161 -39.81 -42.32 57.99
N SER N 162 -40.68 -41.36 58.29
CA SER N 162 -41.23 -40.47 57.28
C SER N 162 -41.72 -39.18 57.92
N TRP N 163 -41.15 -38.06 57.49
CA TRP N 163 -41.51 -36.75 58.04
C TRP N 163 -42.42 -36.00 57.09
N THR N 164 -43.02 -34.91 57.56
CA THR N 164 -43.91 -34.12 56.73
C THR N 164 -43.38 -32.70 56.57
N ASP N 165 -43.99 -31.95 55.66
CA ASP N 165 -43.61 -30.57 55.43
C ASP N 165 -44.27 -29.70 56.49
N GLN N 166 -43.65 -28.57 56.80
CA GLN N 166 -44.19 -27.63 57.78
C GLN N 166 -45.65 -27.30 57.45
N ASP N 167 -46.53 -27.51 58.43
CA ASP N 167 -47.95 -27.28 58.24
C ASP N 167 -48.19 -25.82 57.89
N SER N 168 -49.02 -25.57 56.87
CA SER N 168 -49.27 -24.20 56.42
C SER N 168 -50.24 -23.46 57.35
N LYS N 169 -50.76 -24.16 58.34
CA LYS N 169 -51.70 -23.56 59.29
C LYS N 169 -51.05 -23.25 60.64
N ASP N 170 -50.53 -24.28 61.29
CA ASP N 170 -49.93 -24.13 62.62
C ASP N 170 -48.41 -24.07 62.60
N SER N 171 -47.82 -24.22 61.41
CA SER N 171 -46.37 -24.16 61.23
C SER N 171 -45.60 -25.16 62.09
N THR N 172 -46.20 -26.33 62.30
CA THR N 172 -45.54 -27.39 63.06
C THR N 172 -45.23 -28.59 62.18
N TYR N 173 -44.33 -29.45 62.64
CA TYR N 173 -43.90 -30.61 61.89
C TYR N 173 -44.51 -31.91 62.42
N SER N 174 -44.28 -33.01 61.71
CA SER N 174 -44.77 -34.32 62.12
C SER N 174 -43.97 -35.42 61.46
N MET N 175 -43.89 -36.57 62.12
CA MET N 175 -43.18 -37.72 61.59
C MET N 175 -43.81 -39.02 62.06
N SER N 176 -43.50 -40.11 61.37
CA SER N 176 -44.07 -41.41 61.70
C SER N 176 -43.03 -42.52 61.57
N SER N 177 -42.75 -43.19 62.69
CA SER N 177 -41.78 -44.29 62.70
C SER N 177 -42.52 -45.61 62.66
N THR N 178 -42.02 -46.55 61.87
CA THR N 178 -42.66 -47.85 61.73
C THR N 178 -41.66 -49.00 61.87
N LEU N 179 -41.81 -49.75 62.96
CA LEU N 179 -40.97 -50.93 63.19
C LEU N 179 -41.68 -52.16 62.63
N THR N 180 -41.05 -52.80 61.65
CA THR N 180 -41.64 -53.97 61.01
C THR N 180 -40.89 -55.24 61.36
N LEU N 181 -41.64 -56.25 61.77
CA LEU N 181 -41.06 -57.54 62.15
C LEU N 181 -41.83 -58.66 61.46
N THR N 182 -41.37 -59.89 61.65
CA THR N 182 -42.10 -61.04 61.16
C THR N 182 -43.05 -61.48 62.27
N LYS N 183 -44.22 -61.96 61.88
CA LYS N 183 -45.23 -62.43 62.84
C LYS N 183 -44.60 -63.39 63.86
N ASP N 184 -43.57 -64.10 63.44
CA ASP N 184 -42.89 -65.01 64.35
C ASP N 184 -42.12 -64.22 65.41
N GLU N 185 -41.27 -63.29 64.99
CA GLU N 185 -40.41 -62.55 65.92
C GLU N 185 -41.21 -61.59 66.80
N TYR N 186 -42.34 -61.11 66.29
CA TYR N 186 -43.17 -60.19 67.03
C TYR N 186 -43.77 -60.85 68.27
N GLU N 187 -44.13 -62.12 68.12
CA GLU N 187 -44.75 -62.86 69.22
C GLU N 187 -43.71 -63.48 70.14
N ARG N 188 -42.43 -63.22 69.86
CA ARG N 188 -41.35 -63.75 70.70
C ARG N 188 -40.99 -62.76 71.81
N HIS N 189 -41.67 -61.63 71.84
CA HIS N 189 -41.36 -60.59 72.81
C HIS N 189 -42.61 -60.04 73.49
N ASN N 190 -42.41 -59.26 74.54
CA ASN N 190 -43.50 -58.71 75.34
C ASN N 190 -43.77 -57.23 75.07
N SER N 191 -42.92 -56.36 75.63
CA SER N 191 -43.15 -54.92 75.54
C SER N 191 -42.49 -54.28 74.32
N TYR N 192 -43.23 -53.39 73.68
CA TYR N 192 -42.74 -52.63 72.53
C TYR N 192 -42.88 -51.13 72.78
N THR N 193 -41.77 -50.48 73.13
CA THR N 193 -41.80 -49.05 73.43
C THR N 193 -41.23 -48.16 72.34
N CYS N 194 -41.73 -46.92 72.27
CA CYS N 194 -41.32 -45.95 71.27
C CYS N 194 -40.86 -44.67 71.97
N GLU N 195 -39.56 -44.53 72.15
CA GLU N 195 -38.98 -43.37 72.85
C GLU N 195 -38.65 -42.23 71.90
N ALA N 196 -39.01 -41.02 72.30
CA ALA N 196 -38.78 -39.83 71.47
C ALA N 196 -38.02 -38.74 72.22
N THR N 197 -36.97 -38.21 71.60
CA THR N 197 -36.18 -37.14 72.19
C THR N 197 -36.41 -35.81 71.44
N HIS N 198 -36.63 -34.74 72.19
CA HIS N 198 -36.88 -33.43 71.60
C HIS N 198 -36.26 -32.32 72.46
N LYS N 199 -36.32 -31.09 71.96
CA LYS N 199 -35.78 -29.94 72.68
C LYS N 199 -36.85 -29.37 73.61
N THR N 200 -38.05 -29.93 73.52
CA THR N 200 -39.18 -29.47 74.31
C THR N 200 -39.10 -29.95 75.76
N SER N 201 -38.23 -30.93 76.00
CA SER N 201 -38.02 -31.46 77.34
C SER N 201 -36.71 -32.24 77.42
N THR N 202 -36.20 -32.41 78.64
CA THR N 202 -34.94 -33.11 78.85
C THR N 202 -35.15 -34.62 78.84
N SER N 203 -36.27 -35.08 79.40
CA SER N 203 -36.58 -36.49 79.46
C SER N 203 -37.40 -36.92 78.25
N PRO N 204 -37.00 -38.03 77.60
CA PRO N 204 -37.66 -38.57 76.41
C PRO N 204 -39.13 -38.89 76.63
N ILE N 205 -39.98 -38.42 75.73
CA ILE N 205 -41.41 -38.72 75.81
C ILE N 205 -41.64 -40.13 75.29
N VAL N 206 -41.87 -41.07 76.21
CA VAL N 206 -42.03 -42.47 75.86
C VAL N 206 -43.49 -42.93 75.88
N LYS N 207 -43.84 -43.77 74.92
CA LYS N 207 -45.18 -44.37 74.84
C LYS N 207 -45.04 -45.82 74.40
N SER N 208 -45.62 -46.73 75.18
CA SER N 208 -45.44 -48.15 74.92
C SER N 208 -46.73 -48.96 75.02
N PHE N 209 -46.60 -50.28 74.87
CA PHE N 209 -47.72 -51.19 74.95
C PHE N 209 -47.24 -52.61 75.17
N ASN N 210 -48.11 -53.46 75.70
CA ASN N 210 -47.76 -54.86 75.91
C ASN N 210 -48.52 -55.72 74.90
N ARG N 211 -47.95 -56.88 74.56
CA ARG N 211 -48.54 -57.75 73.55
C ARG N 211 -49.72 -58.58 74.09
N ASN N 212 -50.61 -57.91 74.82
CA ASN N 212 -51.78 -58.54 75.40
C ASN N 212 -52.72 -57.51 75.99
N GLN O 1 -45.13 -15.03 25.12
CA GLN O 1 -44.50 -15.35 26.40
C GLN O 1 -43.65 -16.61 26.29
N VAL O 2 -42.47 -16.58 26.88
CA VAL O 2 -41.58 -17.73 26.85
C VAL O 2 -42.16 -18.89 27.64
N GLN O 3 -42.20 -20.07 27.03
CA GLN O 3 -42.76 -21.24 27.68
C GLN O 3 -42.08 -22.53 27.22
N LEU O 4 -41.63 -23.33 28.17
CA LEU O 4 -41.00 -24.61 27.88
C LEU O 4 -41.89 -25.76 28.34
N GLN O 5 -42.45 -26.48 27.38
CA GLN O 5 -43.37 -27.58 27.67
C GLN O 5 -42.71 -28.93 27.46
N GLN O 6 -42.39 -29.63 28.56
CA GLN O 6 -41.77 -30.94 28.48
C GLN O 6 -42.82 -32.03 28.35
N SER O 7 -42.34 -33.25 28.07
CA SER O 7 -43.23 -34.40 27.95
C SER O 7 -43.75 -34.82 29.32
N GLY O 8 -44.67 -35.78 29.32
CA GLY O 8 -45.24 -36.28 30.56
C GLY O 8 -44.31 -37.20 31.32
N PRO O 9 -44.72 -37.62 32.53
CA PRO O 9 -43.93 -38.52 33.38
C PRO O 9 -43.78 -39.90 32.77
N GLU O 10 -42.68 -40.58 33.08
CA GLU O 10 -42.41 -41.89 32.51
C GLU O 10 -42.05 -42.95 33.57
N LEU O 11 -42.33 -44.20 33.23
CA LEU O 11 -42.03 -45.34 34.09
C LEU O 11 -41.45 -46.49 33.27
N VAL O 12 -40.22 -46.87 33.57
CA VAL O 12 -39.53 -47.91 32.80
C VAL O 12 -38.76 -48.90 33.66
N ARG O 13 -38.40 -50.03 33.07
CA ARG O 13 -37.63 -51.07 33.74
C ARG O 13 -36.13 -50.82 33.55
N PRO O 14 -35.31 -51.22 34.54
CA PRO O 14 -33.85 -51.07 34.48
C PRO O 14 -33.25 -51.65 33.20
N GLY O 15 -32.20 -51.02 32.70
CA GLY O 15 -31.54 -51.47 31.49
C GLY O 15 -32.12 -50.87 30.21
N ALA O 16 -33.36 -50.44 30.27
CA ALA O 16 -34.04 -49.86 29.11
C ALA O 16 -33.53 -48.46 28.79
N SER O 17 -34.26 -47.77 27.92
CA SER O 17 -33.90 -46.41 27.52
C SER O 17 -35.14 -45.52 27.46
N VAL O 18 -34.94 -44.22 27.62
CA VAL O 18 -36.04 -43.27 27.61
C VAL O 18 -35.66 -42.01 26.85
N LYS O 19 -36.64 -41.34 26.26
CA LYS O 19 -36.38 -40.11 25.51
C LYS O 19 -37.48 -39.09 25.78
N MET O 20 -37.15 -38.07 26.56
CA MET O 20 -38.11 -37.03 26.91
C MET O 20 -37.90 -35.80 26.04
N SER O 21 -38.95 -34.99 25.90
CA SER O 21 -38.91 -33.82 25.04
C SER O 21 -39.08 -32.51 25.80
N CYS O 22 -38.97 -31.41 25.06
CA CYS O 22 -39.13 -30.07 25.62
C CYS O 22 -39.42 -29.10 24.48
N LYS O 23 -40.66 -28.65 24.38
CA LYS O 23 -41.05 -27.77 23.29
C LYS O 23 -41.01 -26.31 23.72
N ALA O 24 -40.17 -25.53 23.04
CA ALA O 24 -40.02 -24.13 23.35
C ALA O 24 -40.93 -23.26 22.49
N SER O 25 -41.38 -22.14 23.06
CA SER O 25 -42.26 -21.23 22.34
C SER O 25 -42.20 -19.84 22.98
N GLY O 26 -42.40 -18.81 22.17
CA GLY O 26 -42.38 -17.44 22.65
C GLY O 26 -41.04 -16.76 22.49
N TYR O 27 -40.15 -17.39 21.74
CA TYR O 27 -38.83 -16.84 21.48
C TYR O 27 -38.14 -17.61 20.37
N THR O 28 -37.12 -17.00 19.77
CA THR O 28 -36.36 -17.65 18.71
C THR O 28 -35.57 -18.82 19.28
N PHE O 29 -36.00 -20.03 18.93
CA PHE O 29 -35.41 -21.28 19.42
C PHE O 29 -33.89 -21.33 19.28
N THR O 30 -33.41 -21.07 18.07
CA THR O 30 -31.99 -21.21 17.74
C THR O 30 -31.04 -20.19 18.36
N ASN O 31 -31.55 -19.15 18.99
CA ASN O 31 -30.68 -18.11 19.55
C ASN O 31 -30.38 -18.27 21.04
N TYR O 32 -30.83 -19.37 21.64
CA TYR O 32 -30.57 -19.60 23.05
C TYR O 32 -30.19 -21.05 23.29
N TRP O 33 -29.14 -21.26 24.08
CA TRP O 33 -28.68 -22.61 24.37
C TRP O 33 -29.61 -23.29 25.35
N MET O 34 -29.91 -24.57 25.08
CA MET O 34 -30.82 -25.34 25.92
C MET O 34 -30.04 -26.24 26.86
N HIS O 35 -30.34 -26.14 28.15
CA HIS O 35 -29.65 -26.95 29.14
C HIS O 35 -30.60 -27.98 29.76
N TRP O 36 -30.03 -28.99 30.40
CA TRP O 36 -30.82 -30.03 31.05
C TRP O 36 -30.30 -30.27 32.46
N VAL O 37 -31.21 -30.22 33.44
CA VAL O 37 -30.83 -30.38 34.84
C VAL O 37 -31.55 -31.56 35.49
N LYS O 38 -30.82 -32.31 36.33
CA LYS O 38 -31.38 -33.46 37.02
C LYS O 38 -31.66 -33.11 38.48
N GLN O 39 -32.84 -33.45 38.97
CA GLN O 39 -33.21 -33.12 40.34
C GLN O 39 -33.61 -34.34 41.16
N ARG O 40 -32.74 -34.70 42.11
CA ARG O 40 -33.02 -35.81 43.02
C ARG O 40 -33.25 -35.27 44.43
N PRO O 41 -34.20 -35.87 45.16
CA PRO O 41 -34.47 -35.47 46.54
C PRO O 41 -33.23 -35.63 47.42
N GLY O 42 -32.91 -34.61 48.20
CA GLY O 42 -31.77 -34.67 49.10
C GLY O 42 -30.43 -34.31 48.47
N GLN O 43 -30.33 -34.43 47.15
CA GLN O 43 -29.10 -34.08 46.44
C GLN O 43 -29.21 -32.72 45.79
N ALA O 44 -28.07 -32.17 45.34
CA ALA O 44 -28.07 -30.87 44.69
C ALA O 44 -28.39 -31.04 43.21
N LEU O 45 -28.85 -29.96 42.57
CA LEU O 45 -29.18 -30.01 41.15
C LEU O 45 -27.95 -30.34 40.32
N GLU O 46 -28.08 -31.32 39.44
CA GLU O 46 -26.98 -31.75 38.59
C GLU O 46 -27.16 -31.23 37.17
N TRP O 47 -26.09 -30.69 36.60
CA TRP O 47 -26.11 -30.21 35.24
C TRP O 47 -25.75 -31.36 34.32
N ILE O 48 -26.67 -31.72 33.44
CA ILE O 48 -26.46 -32.85 32.53
C ILE O 48 -25.65 -32.43 31.30
N GLY O 49 -26.10 -31.37 30.65
CA GLY O 49 -25.42 -30.87 29.47
C GLY O 49 -26.18 -29.76 28.80
N MET O 50 -25.67 -29.31 27.66
CA MET O 50 -26.32 -28.26 26.91
C MET O 50 -26.27 -28.56 25.42
N ILE O 51 -27.09 -27.86 24.66
CA ILE O 51 -27.17 -28.06 23.21
C ILE O 51 -27.37 -26.73 22.49
N ASP O 52 -26.64 -26.55 21.39
CA ASP O 52 -26.81 -25.38 20.55
C ASP O 52 -27.80 -25.71 19.44
N PRO O 53 -29.05 -25.23 19.58
CA PRO O 53 -30.14 -25.50 18.63
C PRO O 53 -29.73 -25.30 17.18
N SER O 54 -28.96 -24.25 16.93
CA SER O 54 -28.50 -23.91 15.58
C SER O 54 -27.74 -25.04 14.89
N LYS O 55 -26.61 -25.43 15.47
CA LYS O 55 -25.74 -26.43 14.86
C LYS O 55 -25.77 -27.80 15.54
N SER O 56 -26.66 -27.94 16.52
CA SER O 56 -26.80 -29.18 17.28
C SER O 56 -25.50 -29.61 17.96
N GLU O 57 -24.70 -28.63 18.36
CA GLU O 57 -23.47 -28.93 19.07
C GLU O 57 -23.79 -29.23 20.52
N THR O 58 -23.33 -30.38 21.01
CA THR O 58 -23.63 -30.81 22.36
C THR O 58 -22.41 -30.67 23.26
N THR O 59 -22.64 -30.37 24.53
CA THR O 59 -21.59 -30.32 25.53
C THR O 59 -22.14 -30.94 26.80
N LEU O 60 -21.72 -32.17 27.07
CA LEU O 60 -22.23 -32.92 28.22
C LEU O 60 -21.38 -32.76 29.46
N ASN O 61 -21.92 -33.23 30.58
CA ASN O 61 -21.18 -33.29 31.82
C ASN O 61 -20.46 -34.62 31.82
N GLN O 62 -19.18 -34.61 32.18
CA GLN O 62 -18.37 -35.84 32.22
C GLN O 62 -19.09 -36.96 32.96
N LYS O 63 -19.81 -36.60 34.02
CA LYS O 63 -20.57 -37.55 34.82
C LYS O 63 -21.72 -38.22 34.06
N PHE O 64 -22.13 -37.62 32.94
CA PHE O 64 -23.24 -38.17 32.16
C PHE O 64 -22.82 -38.60 30.76
N ARG O 65 -21.51 -38.65 30.52
CA ARG O 65 -20.94 -38.98 29.22
C ARG O 65 -21.65 -40.11 28.47
N GLY O 66 -21.74 -41.28 29.10
CA GLY O 66 -22.37 -42.43 28.47
C GLY O 66 -23.85 -42.63 28.76
N LYS O 67 -24.42 -41.76 29.60
CA LYS O 67 -25.81 -41.92 30.01
C LYS O 67 -26.78 -41.03 29.23
N ALA O 68 -26.35 -39.82 28.91
CA ALA O 68 -27.25 -38.86 28.27
C ALA O 68 -26.88 -38.53 26.84
N THR O 69 -27.89 -38.21 26.03
CA THR O 69 -27.70 -37.83 24.64
C THR O 69 -28.63 -36.66 24.32
N LEU O 70 -28.09 -35.64 23.64
CA LEU O 70 -28.89 -34.47 23.30
C LEU O 70 -28.99 -34.22 21.81
N ASN O 71 -30.14 -33.70 21.39
CA ASN O 71 -30.39 -33.34 20.00
C ASN O 71 -31.66 -32.50 19.93
N VAL O 72 -31.86 -31.79 18.82
CA VAL O 72 -33.03 -30.94 18.68
C VAL O 72 -33.70 -31.07 17.32
N ASP O 73 -34.86 -30.44 17.20
CA ASP O 73 -35.61 -30.40 15.95
C ASP O 73 -36.03 -28.95 15.72
N LYS O 74 -35.21 -28.22 14.98
CA LYS O 74 -35.43 -26.80 14.73
C LYS O 74 -36.79 -26.53 14.10
N SER O 75 -37.26 -27.45 13.26
CA SER O 75 -38.55 -27.32 12.60
C SER O 75 -39.70 -27.30 13.61
N SER O 76 -39.65 -28.20 14.59
CA SER O 76 -40.71 -28.31 15.59
C SER O 76 -40.43 -27.50 16.85
N ASN O 77 -39.28 -26.84 16.90
CA ASN O 77 -38.87 -26.04 18.05
C ASN O 77 -38.80 -26.83 19.36
N THR O 78 -38.46 -28.11 19.28
CA THR O 78 -38.38 -28.95 20.47
C THR O 78 -36.97 -29.51 20.67
N ALA O 79 -36.60 -29.68 21.93
CA ALA O 79 -35.32 -30.28 22.29
C ALA O 79 -35.57 -31.65 22.90
N TYR O 80 -34.61 -32.56 22.76
CA TYR O 80 -34.77 -33.90 23.28
C TYR O 80 -33.57 -34.34 24.13
N MET O 81 -33.81 -35.29 25.03
CA MET O 81 -32.75 -35.89 25.82
C MET O 81 -33.03 -37.38 25.95
N GLN O 82 -32.00 -38.19 25.71
CA GLN O 82 -32.16 -39.64 25.82
C GLN O 82 -31.25 -40.20 26.90
N LEU O 83 -31.84 -40.99 27.78
CA LEU O 83 -31.08 -41.63 28.85
C LEU O 83 -31.04 -43.13 28.62
N SER O 84 -29.83 -43.69 28.59
CA SER O 84 -29.64 -45.10 28.27
C SER O 84 -29.14 -45.90 29.48
N SER O 85 -29.28 -47.22 29.40
CA SER O 85 -28.84 -48.14 30.45
C SER O 85 -29.41 -47.74 31.81
N LEU O 86 -30.65 -47.24 31.79
CA LEU O 86 -31.35 -46.77 32.98
C LEU O 86 -31.24 -47.68 34.20
N THR O 87 -30.96 -47.07 35.35
CA THR O 87 -30.91 -47.78 36.63
C THR O 87 -31.85 -47.09 37.60
N SER O 88 -31.83 -47.51 38.86
CA SER O 88 -32.72 -46.94 39.87
C SER O 88 -32.28 -45.53 40.22
N GLU O 89 -30.99 -45.27 40.10
CA GLU O 89 -30.44 -43.95 40.40
C GLU O 89 -30.77 -42.92 39.31
N ASP O 90 -31.13 -43.40 38.13
CA ASP O 90 -31.51 -42.50 37.03
C ASP O 90 -32.93 -41.97 37.24
N SER O 91 -33.54 -42.33 38.36
CA SER O 91 -34.88 -41.85 38.70
C SER O 91 -34.78 -40.49 39.36
N ALA O 92 -35.47 -39.51 38.79
CA ALA O 92 -35.42 -38.13 39.27
C ALA O 92 -36.35 -37.23 38.48
N VAL O 93 -36.26 -35.94 38.74
CA VAL O 93 -37.01 -34.95 37.96
C VAL O 93 -36.03 -34.30 37.00
N TYR O 94 -36.41 -34.21 35.73
CA TYR O 94 -35.53 -33.65 34.73
C TYR O 94 -36.13 -32.38 34.13
N TYR O 95 -35.33 -31.31 34.14
CA TYR O 95 -35.76 -30.02 33.63
C TYR O 95 -35.02 -29.65 32.35
N CYS O 96 -35.60 -28.74 31.59
CA CYS O 96 -34.91 -28.14 30.47
C CYS O 96 -34.99 -26.63 30.67
N ALA O 97 -33.87 -25.94 30.55
CA ALA O 97 -33.84 -24.51 30.81
C ALA O 97 -33.20 -23.72 29.69
N ARG O 98 -33.60 -22.46 29.58
CA ARG O 98 -33.05 -21.56 28.59
C ARG O 98 -31.95 -20.73 29.22
N GLU O 99 -30.86 -20.50 28.49
CA GLU O 99 -29.75 -19.72 29.06
C GLU O 99 -29.58 -18.36 28.41
N VAL O 100 -29.35 -17.35 29.25
CA VAL O 100 -29.06 -15.98 28.83
C VAL O 100 -28.13 -15.41 29.89
N TYR O 101 -27.00 -16.09 30.13
CA TYR O 101 -26.06 -15.78 31.21
C TYR O 101 -26.64 -16.29 32.52
N TYR O 102 -27.76 -16.99 32.42
CA TYR O 102 -28.52 -17.50 33.55
C TYR O 102 -29.67 -18.36 33.02
N PHE O 103 -30.29 -19.14 33.89
CA PHE O 103 -31.45 -19.94 33.47
C PHE O 103 -32.73 -19.21 33.84
N ASP O 104 -33.28 -18.45 32.89
CA ASP O 104 -34.45 -17.62 33.16
C ASP O 104 -35.79 -18.32 32.93
N TYR O 105 -35.79 -19.45 32.25
CA TYR O 105 -37.02 -20.18 31.98
C TYR O 105 -36.82 -21.68 32.02
N TRP O 106 -37.53 -22.34 32.93
CA TRP O 106 -37.46 -23.78 33.08
C TRP O 106 -38.75 -24.44 32.61
N GLY O 107 -38.72 -25.75 32.41
CA GLY O 107 -39.91 -26.49 32.05
C GLY O 107 -40.60 -26.90 33.33
N GLN O 108 -41.79 -27.50 33.23
CA GLN O 108 -42.52 -27.91 34.42
C GLN O 108 -41.78 -29.07 35.08
N GLY O 109 -41.13 -29.88 34.27
CA GLY O 109 -40.38 -31.02 34.76
C GLY O 109 -40.91 -32.33 34.22
N THR O 110 -40.02 -33.32 34.12
CA THR O 110 -40.41 -34.64 33.67
C THR O 110 -39.93 -35.66 34.69
N THR O 111 -40.88 -36.36 35.33
CA THR O 111 -40.55 -37.31 36.37
C THR O 111 -40.31 -38.70 35.79
N LEU O 112 -39.10 -39.21 35.98
CA LEU O 112 -38.74 -40.52 35.48
C LEU O 112 -38.60 -41.50 36.65
N THR O 113 -39.23 -42.66 36.52
CA THR O 113 -39.15 -43.68 37.54
C THR O 113 -38.67 -44.99 36.94
N VAL O 114 -37.66 -45.58 37.55
CA VAL O 114 -37.08 -46.82 37.05
C VAL O 114 -37.12 -47.91 38.11
N SER O 115 -37.88 -48.97 37.84
CA SER O 115 -38.00 -50.08 38.77
C SER O 115 -38.54 -51.33 38.07
N SER O 116 -38.19 -52.50 38.62
CA SER O 116 -38.64 -53.77 38.08
C SER O 116 -39.82 -54.34 38.87
N ALA O 117 -40.64 -53.46 39.43
CA ALA O 117 -41.79 -53.89 40.22
C ALA O 117 -43.08 -53.76 39.44
N LYS O 118 -43.93 -54.78 39.50
CA LYS O 118 -45.20 -54.76 38.79
C LYS O 118 -46.27 -54.07 39.62
N THR O 119 -47.35 -53.66 38.97
CA THR O 119 -48.46 -52.99 39.65
C THR O 119 -49.01 -53.87 40.78
N THR O 120 -49.12 -53.27 41.97
CA THR O 120 -49.59 -54.01 43.13
C THR O 120 -50.59 -53.19 43.94
N PRO O 121 -51.70 -53.83 44.35
CA PRO O 121 -52.71 -53.14 45.17
C PRO O 121 -52.24 -52.97 46.62
N PRO O 122 -52.71 -51.90 47.29
CA PRO O 122 -52.32 -51.56 48.66
C PRO O 122 -53.04 -52.37 49.74
N SER O 123 -52.30 -52.77 50.77
CA SER O 123 -52.88 -53.49 51.90
C SER O 123 -53.20 -52.50 53.02
N VAL O 124 -54.48 -52.24 53.23
CA VAL O 124 -54.91 -51.27 54.23
C VAL O 124 -55.16 -51.90 55.59
N TYR O 125 -54.31 -51.57 56.55
CA TYR O 125 -54.43 -52.09 57.91
C TYR O 125 -54.86 -50.98 58.87
N PRO O 126 -55.90 -51.23 59.68
CA PRO O 126 -56.39 -50.25 60.65
C PRO O 126 -55.51 -50.13 61.88
N LEU O 127 -55.47 -48.94 62.48
CA LEU O 127 -54.67 -48.70 63.68
C LEU O 127 -55.54 -48.16 64.79
N ALA O 128 -55.73 -48.97 65.83
CA ALA O 128 -56.58 -48.59 66.96
C ALA O 128 -55.83 -48.75 68.29
N PRO O 129 -56.10 -47.85 69.25
CA PRO O 129 -55.49 -47.87 70.58
C PRO O 129 -55.60 -49.23 71.27
N ASN O 136 -55.68 -37.69 76.74
CA ASN O 136 -56.76 -38.63 76.53
C ASN O 136 -58.03 -37.91 76.07
N SER O 137 -57.98 -36.59 76.06
CA SER O 137 -59.11 -35.76 75.62
C SER O 137 -59.37 -35.94 74.13
N MET O 138 -58.29 -35.93 73.34
CA MET O 138 -58.40 -36.16 71.91
C MET O 138 -57.65 -37.42 71.52
N VAL O 139 -58.38 -38.41 71.00
CA VAL O 139 -57.78 -39.70 70.66
C VAL O 139 -57.28 -39.71 69.22
N THR O 140 -56.10 -40.29 69.02
CA THR O 140 -55.49 -40.37 67.70
C THR O 140 -55.67 -41.75 67.08
N LEU O 141 -56.13 -41.78 65.84
CA LEU O 141 -56.35 -43.01 65.10
C LEU O 141 -55.51 -42.99 63.84
N GLY O 142 -55.59 -44.04 63.03
CA GLY O 142 -54.82 -44.05 61.79
C GLY O 142 -54.94 -45.27 60.90
N CYS O 143 -54.42 -45.13 59.69
CA CYS O 143 -54.41 -46.20 58.69
C CYS O 143 -52.97 -46.51 58.26
N LEU O 144 -52.72 -47.77 57.91
CA LEU O 144 -51.40 -48.17 57.46
C LEU O 144 -51.48 -48.82 56.07
N VAL O 145 -51.00 -48.09 55.06
CA VAL O 145 -51.00 -48.56 53.69
C VAL O 145 -49.63 -49.13 53.30
N LYS O 146 -49.53 -50.44 53.22
CA LYS O 146 -48.25 -51.09 52.94
C LYS O 146 -48.27 -51.95 51.67
N GLY O 147 -47.07 -52.20 51.14
CA GLY O 147 -46.88 -53.07 49.99
C GLY O 147 -47.63 -52.74 48.71
N TYR O 148 -47.61 -51.47 48.30
CA TYR O 148 -48.26 -51.09 47.05
C TYR O 148 -47.27 -50.51 46.05
N PHE O 149 -47.71 -50.40 44.80
CA PHE O 149 -46.89 -49.88 43.70
C PHE O 149 -47.73 -49.79 42.43
N PRO O 150 -47.57 -48.70 41.66
CA PRO O 150 -46.70 -47.57 41.94
C PRO O 150 -47.43 -46.37 42.52
N GLU O 151 -46.70 -45.28 42.75
CA GLU O 151 -47.27 -44.05 43.27
C GLU O 151 -48.26 -43.45 42.27
N PRO O 152 -49.24 -42.68 42.75
CA PRO O 152 -49.50 -42.35 44.16
C PRO O 152 -50.76 -43.03 44.69
N VAL O 153 -51.16 -42.66 45.91
CA VAL O 153 -52.40 -43.14 46.52
C VAL O 153 -53.10 -42.00 47.24
N THR O 154 -54.42 -41.99 47.19
CA THR O 154 -55.22 -40.95 47.83
C THR O 154 -55.85 -41.46 49.13
N VAL O 155 -55.58 -40.79 50.23
CA VAL O 155 -56.11 -41.17 51.53
C VAL O 155 -57.02 -40.09 52.10
N THR O 156 -58.26 -40.45 52.40
CA THR O 156 -59.22 -39.52 52.97
C THR O 156 -59.99 -40.20 54.10
N TRP O 157 -60.53 -39.40 55.01
CA TRP O 157 -61.29 -39.94 56.13
C TRP O 157 -62.77 -39.62 56.00
N ASN O 158 -63.59 -40.66 55.94
CA ASN O 158 -65.04 -40.54 55.77
C ASN O 158 -65.39 -39.89 54.44
N SER O 159 -64.70 -40.34 53.39
CA SER O 159 -64.91 -39.86 52.02
C SER O 159 -64.70 -38.35 51.88
N GLY O 160 -63.73 -37.81 52.62
CA GLY O 160 -63.40 -36.40 52.51
C GLY O 160 -64.05 -35.47 53.52
N SER O 161 -65.18 -35.87 54.07
CA SER O 161 -65.90 -35.07 55.05
C SER O 161 -65.02 -34.71 56.25
N LEU O 162 -64.24 -35.68 56.72
CA LEU O 162 -63.31 -35.43 57.82
C LEU O 162 -61.94 -35.07 57.25
N SER O 163 -61.67 -33.78 57.17
CA SER O 163 -60.43 -33.28 56.58
C SER O 163 -59.45 -32.74 57.63
N SER O 164 -59.89 -31.77 58.41
CA SER O 164 -59.06 -31.15 59.43
C SER O 164 -58.52 -32.14 60.45
N GLY O 165 -57.30 -31.89 60.93
CA GLY O 165 -56.68 -32.74 61.93
C GLY O 165 -56.15 -34.06 61.39
N VAL O 166 -55.74 -34.07 60.13
CA VAL O 166 -55.21 -35.28 59.51
C VAL O 166 -53.78 -35.09 59.02
N HIS O 167 -52.96 -36.12 59.14
CA HIS O 167 -51.57 -36.08 58.70
C HIS O 167 -51.23 -37.30 57.85
N THR O 168 -51.19 -37.13 56.54
CA THR O 168 -50.80 -38.21 55.64
C THR O 168 -49.31 -38.10 55.31
N PHE O 169 -48.54 -39.06 55.83
CA PHE O 169 -47.10 -39.01 55.69
C PHE O 169 -46.62 -39.54 54.34
N PRO O 170 -45.52 -38.97 53.82
CA PRO O 170 -44.90 -39.36 52.55
C PRO O 170 -44.49 -40.82 52.52
N ALA O 171 -44.85 -41.50 51.44
CA ALA O 171 -44.53 -42.92 51.27
C ALA O 171 -43.03 -43.17 51.33
N VAL O 172 -42.65 -44.37 51.76
CA VAL O 172 -41.26 -44.77 51.81
C VAL O 172 -41.09 -46.05 51.00
N LEU O 173 -39.86 -46.40 50.66
CA LEU O 173 -39.61 -47.60 49.86
C LEU O 173 -39.10 -48.75 50.72
N GLN O 174 -39.82 -49.86 50.67
CA GLN O 174 -39.44 -51.05 51.42
C GLN O 174 -39.48 -52.28 50.52
N SER O 175 -38.30 -52.74 50.12
CA SER O 175 -38.15 -53.89 49.22
C SER O 175 -38.96 -53.73 47.94
N ASP O 176 -38.63 -52.69 47.18
CA ASP O 176 -39.28 -52.40 45.89
C ASP O 176 -40.79 -52.23 46.00
N LEU O 177 -41.26 -51.80 47.17
CA LEU O 177 -42.68 -51.54 47.39
C LEU O 177 -42.87 -50.38 48.35
N TYR O 178 -43.86 -49.53 48.06
CA TYR O 178 -44.11 -48.34 48.86
C TYR O 178 -44.97 -48.62 50.10
N THR O 179 -44.76 -47.80 51.13
CA THR O 179 -45.52 -47.91 52.37
C THR O 179 -45.69 -46.53 53.01
N LEU O 180 -46.93 -46.18 53.38
CA LEU O 180 -47.17 -44.90 54.03
C LEU O 180 -48.20 -45.00 55.16
N SER O 181 -48.20 -44.00 56.03
CA SER O 181 -49.12 -43.95 57.15
C SER O 181 -49.98 -42.68 57.08
N SER O 182 -51.12 -42.71 57.75
CA SER O 182 -52.02 -41.56 57.80
C SER O 182 -52.70 -41.49 59.16
N SER O 183 -52.48 -40.39 59.88
CA SER O 183 -53.06 -40.23 61.21
C SER O 183 -54.18 -39.21 61.22
N VAL O 184 -55.08 -39.34 62.19
CA VAL O 184 -56.19 -38.40 62.35
C VAL O 184 -56.53 -38.29 63.83
N THR O 185 -56.78 -37.07 64.30
CA THR O 185 -57.10 -36.85 65.70
C THR O 185 -58.49 -36.24 65.85
N VAL O 186 -59.35 -36.93 66.59
CA VAL O 186 -60.71 -36.48 66.85
C VAL O 186 -60.98 -36.53 68.35
N PRO O 187 -61.93 -35.71 68.83
CA PRO O 187 -62.27 -35.72 70.26
C PRO O 187 -62.68 -37.11 70.75
N SER O 188 -62.16 -37.51 71.90
CA SER O 188 -62.44 -38.82 72.50
C SER O 188 -63.93 -39.09 72.66
N SER O 189 -64.72 -38.03 72.75
CA SER O 189 -66.17 -38.16 72.91
C SER O 189 -66.85 -38.65 71.63
N SER O 190 -66.28 -38.26 70.48
CA SER O 190 -66.86 -38.60 69.19
C SER O 190 -66.46 -39.99 68.69
N TRP O 191 -65.65 -40.71 69.47
CA TRP O 191 -65.22 -42.04 69.08
C TRP O 191 -65.17 -42.98 70.28
N PRO O 192 -65.63 -44.23 70.11
CA PRO O 192 -66.18 -44.85 68.90
C PRO O 192 -67.63 -44.45 68.58
N SER O 193 -68.14 -43.44 69.29
CA SER O 193 -69.50 -42.95 69.08
C SER O 193 -69.78 -42.67 67.59
N GLU O 194 -68.97 -41.81 66.99
CA GLU O 194 -69.11 -41.50 65.58
C GLU O 194 -68.17 -42.39 64.77
N THR O 195 -68.72 -43.10 63.79
CA THR O 195 -67.94 -44.00 62.95
C THR O 195 -66.87 -43.26 62.15
N VAL O 196 -65.65 -43.77 62.19
CA VAL O 196 -64.53 -43.18 61.46
C VAL O 196 -63.88 -44.25 60.56
N THR O 197 -63.77 -43.94 59.27
CA THR O 197 -63.18 -44.88 58.34
C THR O 197 -62.35 -44.17 57.26
N CYS O 198 -61.13 -44.64 57.05
CA CYS O 198 -60.25 -44.08 56.04
C CYS O 198 -60.53 -44.71 54.68
N ASN O 199 -60.34 -43.94 53.62
CA ASN O 199 -60.55 -44.43 52.27
C ASN O 199 -59.28 -44.32 51.44
N VAL O 200 -58.77 -45.46 50.98
CA VAL O 200 -57.53 -45.49 50.21
C VAL O 200 -57.80 -45.78 48.74
N ALA O 201 -57.39 -44.86 47.88
CA ALA O 201 -57.58 -45.01 46.44
C ALA O 201 -56.25 -45.25 45.72
N HIS O 202 -56.19 -46.34 44.97
CA HIS O 202 -55.00 -46.69 44.22
C HIS O 202 -55.32 -46.83 42.74
N PRO O 203 -55.35 -45.70 42.01
CA PRO O 203 -55.70 -45.62 40.60
C PRO O 203 -54.88 -46.55 39.69
N ALA O 204 -53.63 -46.78 40.05
CA ALA O 204 -52.74 -47.65 39.27
C ALA O 204 -53.31 -49.06 39.13
N SER O 205 -54.06 -49.49 40.13
CA SER O 205 -54.68 -50.81 40.10
C SER O 205 -56.20 -50.67 40.18
N SER O 206 -56.67 -49.44 40.12
CA SER O 206 -58.09 -49.11 40.23
C SER O 206 -58.69 -49.69 41.50
N THR O 207 -57.91 -49.67 42.57
CA THR O 207 -58.34 -50.24 43.85
C THR O 207 -58.90 -49.17 44.78
N LYS O 208 -60.05 -49.45 45.37
CA LYS O 208 -60.68 -48.54 46.33
C LYS O 208 -61.10 -49.30 47.58
N VAL O 209 -60.27 -49.21 48.62
CA VAL O 209 -60.52 -49.94 49.87
C VAL O 209 -60.95 -48.99 50.98
N ASP O 210 -61.88 -49.44 51.81
CA ASP O 210 -62.34 -48.68 52.96
C ASP O 210 -62.23 -49.53 54.22
N LYS O 211 -61.46 -49.05 55.20
CA LYS O 211 -61.24 -49.80 56.43
C LYS O 211 -61.68 -48.99 57.65
N LYS O 212 -62.81 -49.38 58.25
CA LYS O 212 -63.30 -48.71 59.44
C LYS O 212 -62.48 -49.15 60.65
N ILE O 213 -61.96 -48.18 61.40
CA ILE O 213 -61.13 -48.50 62.56
C ILE O 213 -61.98 -48.78 63.80
N VAL O 214 -62.18 -50.06 64.06
CA VAL O 214 -62.94 -50.49 65.24
C VAL O 214 -61.99 -50.57 66.42
N PRO O 215 -62.43 -50.07 67.59
CA PRO O 215 -61.62 -50.11 68.81
C PRO O 215 -61.15 -51.53 69.13
N ARG O 216 -60.00 -51.63 69.79
CA ARG O 216 -59.43 -52.93 70.12
C ARG O 216 -60.40 -53.76 70.97
N ASP O 217 -60.39 -55.07 70.75
CA ASP O 217 -61.31 -55.96 71.46
C ASP O 217 -60.67 -56.50 72.74
C1 GOL P . 19.11 -1.51 21.26
O1 GOL P . 18.04 -1.08 22.08
C2 GOL P . 19.18 -3.03 21.25
O2 GOL P . 17.88 -3.56 21.14
C3 GOL P . 19.99 -3.50 20.05
O3 GOL P . 21.26 -2.89 20.07
CL CL Q . 29.37 -31.48 -0.58
CL CL R . 14.81 -29.95 -5.34
CA CA S . 15.18 -9.98 17.24
CL CL T . -5.86 3.53 17.62
K K U . 17.63 -22.77 15.48
O01 C6N V . 41.49 -7.06 4.16
C02 C6N V . 41.73 -5.70 4.41
C03 C6N V . 40.88 -4.86 3.48
O04 C6N V . 40.54 -5.76 2.46
C05 C6N V . 39.68 -4.31 4.26
O06 C6N V . 39.95 -3.28 5.21
C07 C6N V . 40.99 -2.36 4.89
C08 C6N V . 42.16 -2.60 5.84
O09 C6N V . 41.84 -2.29 7.17
C10 C6N V . 43.36 -1.82 5.33
O11 C6N V . 44.11 -2.66 4.49
C12 C6N V . 42.91 -0.60 4.56
O13 C6N V . 43.91 0.40 4.61
C14 C6N V . 41.60 -0.07 5.14
C15 C6N V . 41.25 1.27 4.54
O16 C6N V . 42.25 2.22 4.88
O17 C6N V . 40.56 -1.01 4.97
C18 C6N V . 38.61 -3.85 3.30
O19 C6N V . 37.47 -3.41 3.99
C20 C6N V . 38.26 -5.04 2.43
O21 C6N V . 37.13 -4.75 1.65
C22 C6N V . 39.47 -5.44 1.61
O23 C6N V . 39.14 -6.59 0.87
C24 C6N V . 39.23 -6.64 -0.55
C25 C6N V . 37.92 -6.32 -1.28
C26 C6N V . 37.95 -6.59 -2.77
C27 C6N V . 38.46 -7.95 -3.20
C28 C6N V . 37.26 -8.69 -3.73
C29 C6N V . 37.35 -8.99 -5.20
C30 C6N V . 36.59 -10.28 -5.42
C31 C6N V . 35.32 -10.00 -6.21
C32 C6N V . 34.62 -11.27 -6.63
C33 C6N V . 35.54 -12.20 -7.37
C34 C6N V . 36.80 -12.51 -6.57
C35 C6N V . 37.51 -11.23 -6.16
C36 C6N V . 37.86 -4.81 -1.27
O37 C6N V . 36.64 -4.18 -1.56
C38 C6N V . 36.53 -2.95 -0.85
C39 C6N V . 37.51 -1.89 -1.32
O40 C6N V . 38.84 -2.12 -0.92
C41 C6N V . 37.07 -0.62 -0.64
O42 C6N V . 38.10 0.33 -0.74
C43 C6N V . 35.84 -0.18 -1.38
O44 C6N V . 35.34 1.00 -0.79
C45 C6N V . 35.68 2.06 -1.65
C46 C6N V . 35.98 3.35 -0.90
O47 C6N V . 36.81 3.04 0.21
C48 C6N V . 34.74 4.07 -0.40
O49 C6N V . 34.82 5.42 -0.76
C50 C6N V . 33.44 3.47 -0.92
O51 C6N V . 32.99 2.46 -0.06
C52 C6N V . 33.53 2.93 -2.35
C53 C6N V . 33.37 4.07 -3.34
O54 C6N V . 32.25 4.83 -3.00
O55 C6N V . 34.72 2.23 -2.67
C56 C6N V . 34.78 -1.27 -1.38
C57 C6N V . 34.25 -1.46 -2.78
O58 C6N V . 32.99 -0.85 -2.88
O59 C6N V . 35.17 -2.53 -0.83
C60 C6N V . 36.67 -6.95 -0.66
C61 C6N V . 36.85 -8.15 0.29
C62 C6N V . 36.96 -9.46 -0.44
C63 C6N V . 37.10 -10.64 0.51
C64 C6N V . 36.14 -11.71 0.04
C65 C6N V . 35.76 -12.59 1.21
C66 C6N V . 36.54 -13.88 1.16
C67 C6N V . 36.02 -14.65 -0.03
C68 C6N V . 36.29 -13.89 -1.32
C69 C6N V . 36.76 -12.46 -1.14
C1 GOL W . 23.67 12.75 -8.86
O1 GOL W . 23.50 13.43 -7.63
C2 GOL W . 24.51 11.50 -8.64
O2 GOL W . 24.16 10.92 -7.41
C3 GOL W . 24.24 10.50 -9.76
O3 GOL W . 24.46 11.13 -10.99
CA CA X . 23.92 3.19 -5.30
CL CL Y . 7.71 12.55 11.29
CL CL Z . 29.28 -23.33 -21.10
CL CL AA . 18.90 -26.13 -9.99
K K BA . 30.86 -7.90 -5.77
O01 C6N CA . 24.19 0.15 -34.64
C02 C6N CA . 23.71 1.41 -35.03
C03 C6N CA . 22.21 1.47 -34.79
O04 C6N CA . 21.85 0.10 -34.72
C05 C6N CA . 21.94 2.26 -33.51
O06 C6N CA . 22.14 3.68 -33.57
C07 C6N CA . 21.85 4.32 -34.80
C08 C6N CA . 23.15 4.77 -35.44
O09 C6N CA . 23.80 5.77 -34.70
C10 C6N CA . 22.87 5.21 -36.87
O11 C6N CA . 23.04 4.10 -37.73
C12 C6N CA . 21.44 5.73 -37.00
O13 C6N CA . 21.37 6.65 -38.06
C14 C6N CA . 21.01 6.37 -35.69
C15 C6N CA . 19.69 7.07 -35.87
O16 C6N CA . 19.83 8.12 -36.81
O17 C6N CA . 20.96 5.42 -34.64
C18 C6N CA . 20.54 1.97 -33.01
O19 C6N CA . 20.29 2.62 -31.79
C20 C6N CA . 20.45 0.48 -32.81
O21 C6N CA . 19.25 0.16 -32.16
C22 C6N CA . 20.60 -0.22 -34.15
O23 C6N CA . 20.58 -1.61 -33.93
C24 C6N CA . 19.62 -2.47 -34.55
C25 C6N CA . 18.38 -2.74 -33.70
C26 C6N CA . 17.48 -3.83 -34.27
C27 C6N CA . 18.16 -5.13 -34.64
C28 C6N CA . 17.71 -6.15 -33.63
C29 C6N CA . 16.83 -7.23 -34.22
C30 C6N CA . 17.08 -8.47 -33.39
C31 C6N CA . 15.82 -8.81 -32.61
C32 C6N CA . 15.94 -10.14 -31.90
C33 C6N CA . 16.32 -11.25 -32.86
C34 C6N CA . 17.59 -10.91 -33.62
C35 C6N CA . 17.47 -9.59 -34.33
C36 C6N CA . 17.52 -1.52 -33.94
O37 C6N CA . 16.44 -1.28 -33.07
C38 C6N CA . 16.21 0.11 -32.92
C39 C6N CA . 15.70 0.78 -34.19
O40 C6N CA . 16.67 0.94 -35.18
C41 C6N CA . 15.29 2.15 -33.77
O42 C6N CA . 15.12 2.96 -34.91
C43 C6N CA . 13.99 1.98 -33.02
O44 C6N CA . 13.53 3.22 -32.57
C45 C6N CA . 12.47 3.61 -33.42
C46 C6N CA . 12.41 5.11 -33.62
O47 C6N CA . 13.72 5.59 -33.87
C48 C6N CA . 11.83 5.87 -32.45
O49 C6N CA . 10.85 6.76 -32.92
C50 C6N CA . 11.25 4.98 -31.37
O51 C6N CA . 12.25 4.63 -30.45
C52 C6N CA . 10.58 3.72 -31.91
C53 C6N CA . 9.17 4.05 -32.39
O54 C6N CA . 8.50 4.76 -31.37
O55 C6N CA . 11.25 3.06 -32.97
C56 C6N CA . 14.15 1.00 -31.87
C57 C6N CA . 13.03 -0.02 -31.91
O58 C6N CA . 12.11 0.26 -30.89
O59 C6N CA . 15.42 0.35 -31.76
C60 C6N CA . 18.64 -3.00 -32.22
C61 C6N CA . 20.06 -3.37 -31.78
C62 C6N CA . 20.34 -4.86 -31.92
C63 C6N CA . 21.72 -5.23 -31.46
C64 C6N CA . 21.57 -6.46 -30.58
C65 C6N CA . 22.73 -6.53 -29.60
C66 C6N CA . 23.78 -7.51 -30.10
C67 C6N CA . 23.16 -8.88 -29.99
C68 C6N CA . 21.93 -9.00 -30.86
C69 C6N CA . 21.44 -7.70 -31.46
C1 GOL DA . -3.79 6.99 -27.40
O1 GOL DA . -3.37 8.25 -26.91
C2 GOL DA . -2.56 6.19 -27.85
O2 GOL DA . -1.51 6.40 -26.94
C3 GOL DA . -2.90 4.71 -27.88
O3 GOL DA . -4.05 4.51 -28.69
CA CA EA . 4.23 1.37 -24.42
CL CL FA . 3.91 17.24 -5.11
CL CL GA . 10.15 -28.76 -30.40
CL CL HA . 15.24 -25.42 -16.20
K K IA . 13.08 -7.21 -28.77
K K JA . -11.24 -21.59 -21.74
O01 C6N KA . -14.84 -18.31 -35.43
C02 C6N KA . -16.01 -17.53 -35.37
C03 C6N KA . -16.50 -17.46 -33.94
O04 C6N KA . -15.84 -18.54 -33.33
C05 C6N KA . -16.15 -16.09 -33.35
O06 C6N KA . -16.90 -14.97 -33.83
C07 C6N KA . -18.25 -15.20 -34.16
C08 C6N KA . -18.41 -15.10 -35.68
O09 C6N KA . -18.16 -13.80 -36.16
C10 C6N KA . -19.79 -15.60 -36.06
O11 C6N KA . -19.70 -16.98 -36.33
C12 C6N KA . -20.77 -15.38 -34.93
O13 C6N KA . -22.07 -15.26 -35.44
C14 C6N KA . -20.39 -14.14 -34.15
C15 C6N KA . -21.48 -13.77 -33.15
O16 C6N KA . -22.66 -13.48 -33.84
O17 C6N KA . -19.12 -14.29 -33.50
C18 C6N KA . -16.22 -16.14 -31.85
O19 C6N KA . -15.81 -14.91 -31.28
C20 C6N KA . -15.27 -17.23 -31.40
O21 C6N KA . -15.12 -17.20 -30.01
C22 C6N KA . -15.77 -18.57 -31.92
O23 C6N KA . -14.83 -19.55 -31.55
C24 C6N KA . -15.19 -20.69 -30.78
C25 C6N KA . -14.97 -20.53 -29.27
C26 C6N KA . -15.12 -21.81 -28.48
C27 C6N KA . -14.40 -23.02 -29.01
C28 C6N KA . -13.28 -23.30 -28.03
C29 C6N KA . -13.47 -24.57 -27.25
C30 C6N KA . -12.08 -25.06 -26.91
C31 C6N KA . -11.87 -24.99 -25.41
C32 C6N KA . -10.55 -25.63 -24.99
C33 C6N KA . -10.43 -27.05 -25.51
C34 C6N KA . -10.63 -27.10 -27.01
C35 C6N KA . -11.94 -26.47 -27.42
C36 C6N KA . -16.18 -19.75 -28.81
O37 C6N KA . -16.14 -19.12 -27.55
C38 C6N KA . -16.91 -17.94 -27.55
C39 C6N KA . -18.40 -18.18 -27.71
O40 C6N KA . -18.79 -18.54 -29.02
C41 C6N KA . -19.06 -16.87 -27.42
O42 C6N KA . -20.39 -16.90 -27.86
C43 C6N KA . -18.99 -16.69 -25.92
O44 C6N KA . -19.56 -15.47 -25.56
C45 C6N KA . -20.82 -15.74 -25.00
C46 C6N KA . -21.83 -14.67 -25.33
O47 C6N KA . -21.74 -14.34 -26.69
C48 C6N KA . -21.67 -13.41 -24.49
O49 C6N KA . -22.93 -13.06 -23.96
C50 C6N KA . -20.66 -13.55 -23.37
O51 C6N KA . -19.38 -13.21 -23.84
C52 C6N KA . -20.63 -14.94 -22.74
C53 C6N KA . -21.73 -15.06 -21.72
O54 C6N KA . -21.68 -13.97 -20.83
O55 C6N KA . -20.72 -16.04 -23.63
C56 C6N KA . -17.55 -16.78 -25.44
C57 C6N KA . -17.45 -17.73 -24.26
O58 C6N KA . -17.28 -16.99 -23.08
O59 C6N KA . -16.57 -17.13 -26.42
C60 C6N KA . -13.65 -19.84 -28.87
C61 C6N KA . -12.54 -19.77 -29.92
C62 C6N KA . -11.69 -21.02 -29.96
C63 C6N KA . -10.56 -20.93 -30.96
C64 C6N KA . -9.30 -21.40 -30.25
C65 C6N KA . -8.08 -20.80 -30.93
C66 C6N KA . -7.46 -21.80 -31.88
C67 C6N KA . -6.85 -22.88 -31.00
C68 C6N KA . -7.92 -23.59 -30.19
C69 C6N KA . -9.28 -22.93 -30.22
C1 GOL LA . -25.31 -10.84 -8.67
O1 GOL LA . -25.53 -9.52 -9.10
C2 GOL LA . -24.67 -11.64 -9.79
O2 GOL LA . -23.69 -10.85 -10.43
C3 GOL LA . -23.99 -12.87 -9.21
O3 GOL LA . -24.92 -13.60 -8.45
CA CA MA . -16.69 -12.90 -13.65
CL CL NA . -11.96 11.06 -8.90
CL CL OA . -1.62 -40.20 -15.69
CL CL PA . 8.88 -28.81 -15.41
O01 C6N QA . -21.56 -36.86 2.94
C02 C6N QA . -22.46 -36.30 3.86
C03 C6N QA . -21.68 -35.44 4.84
O04 C6N QA . -20.35 -35.89 4.68
C05 C6N QA . -21.89 -33.96 4.51
O06 C6N QA . -23.16 -33.40 4.78
C07 C6N QA . -23.85 -33.88 5.92
C08 C6N QA . -25.04 -34.70 5.46
O09 C6N QA . -26.01 -33.92 4.81
C10 C6N QA . -25.61 -35.46 6.65
O11 C6N QA . -25.01 -36.71 6.72
C12 C6N QA . -25.35 -34.69 7.94
O13 C6N QA . -26.33 -35.00 8.88
C14 C6N QA . -25.33 -33.20 7.65
C15 C6N QA . -25.28 -32.42 8.96
O16 C6N QA . -26.43 -32.71 9.72
O17 C6N QA . -24.25 -32.84 6.80
C18 C6N QA . -20.81 -33.12 5.17
O19 C6N QA . -20.93 -31.77 4.80
C20 C6N QA . -19.48 -33.67 4.69
O21 C6N QA . -18.44 -32.82 5.10
C22 C6N QA . -19.32 -35.09 5.18
O23 C6N QA . -18.09 -35.60 4.66
C24 C6N QA . -17.06 -36.08 5.50
C25 C6N QA . -15.99 -35.05 5.86
C26 C6N QA . -14.77 -35.63 6.55
C27 C6N QA . -14.15 -36.84 5.90
C28 C6N QA . -12.82 -36.38 5.35
C29 C6N QA . -11.63 -37.00 6.05
C30 C6N QA . -10.53 -37.09 5.02
C31 C6N QA . -9.41 -36.14 5.39
C32 C6N QA . -8.20 -36.31 4.50
C33 C6N QA . -7.73 -37.75 4.47
C34 C6N QA . -8.84 -38.68 4.07
C35 C6N QA . -10.05 -38.53 4.97
C36 C6N QA . -16.61 -34.26 6.98
O37 C6N QA . -16.04 -33.03 7.34
C38 C6N QA . -17.02 -32.14 7.81
C39 C6N QA . -17.63 -32.55 9.15
O40 C6N QA . -18.51 -33.65 9.07
C41 C6N QA . -18.45 -31.38 9.60
O42 C6N QA . -19.31 -31.78 10.64
C43 C6N QA . -17.46 -30.35 10.07
O44 C6N QA . -18.14 -29.20 10.50
C45 C6N QA . -18.12 -29.21 11.91
C46 C6N QA . -19.38 -28.60 12.50
O47 C6N QA . -20.50 -29.11 11.81
C48 C6N QA . -19.42 -27.08 12.43
O49 C6N QA . -19.77 -26.59 13.71
C50 C6N QA . -18.11 -26.46 11.98
O51 C6N QA . -18.09 -26.35 10.58
C52 C6N QA . -16.87 -27.22 12.45
C53 C6N QA . -16.53 -26.80 13.88
O54 C6N QA . -16.54 -25.41 13.98
O55 C6N QA . -16.94 -28.62 12.41
C56 C6N QA . -16.46 -30.01 8.97
C57 C6N QA . -15.06 -30.05 9.54
O58 C6N QA . -14.61 -28.73 9.73
O59 C6N QA . -16.53 -30.80 7.78
C60 C6N QA . -15.54 -34.16 4.69
C61 C6N QA . -15.84 -34.62 3.27
C62 C6N QA . -14.80 -35.57 2.72
C63 C6N QA . -15.08 -36.00 1.30
C64 C6N QA . -13.78 -35.88 0.53
C65 C6N QA . -14.09 -35.66 -0.95
C66 C6N QA . -13.92 -36.96 -1.69
C67 C6N QA . -12.44 -37.26 -1.70
C68 C6N QA . -11.93 -37.46 -0.29
C69 C6N QA . -12.91 -37.09 0.80
C1 GOL RA . -11.19 -16.09 21.38
O1 GOL RA . -12.31 -15.27 21.15
C2 GOL RA . -11.26 -17.34 20.50
O2 GOL RA . -11.74 -16.97 19.23
C3 GOL RA . -9.87 -17.94 20.35
O3 GOL RA . -9.34 -18.20 21.63
CA CA SA . -9.91 -19.93 12.12
CL CL TA . -18.01 2.70 5.18
CL CL UA . 10.32 -41.95 2.68
CL CL VA . 8.57 -31.63 -8.71
K K WA . -8.50 -31.28 5.67
O01 C6N XA . 13.21 -29.93 27.41
C02 C6N XA . 13.20 -29.03 28.49
C03 C6N XA . 13.75 -27.70 28.01
O04 C6N XA . 14.46 -28.05 26.84
C05 C6N XA . 12.60 -26.72 27.78
O06 C6N XA . 11.94 -26.20 28.94
C07 C6N XA . 12.74 -25.99 30.09
C08 C6N XA . 12.36 -27.03 31.15
O09 C6N XA . 11.04 -26.85 31.62
C10 C6N XA . 13.38 -26.98 32.26
O11 C6N XA . 14.39 -27.92 31.98
C12 C6N XA . 13.99 -25.59 32.37
O13 C6N XA . 14.44 -25.38 33.68
C14 C6N XA . 12.96 -24.54 31.97
C15 C6N XA . 13.48 -23.16 32.28
O16 C6N XA . 13.67 -23.01 33.66
O17 C6N XA . 12.59 -24.68 30.61
C18 C6N XA . 13.05 -25.57 26.90
O19 C6N XA . 11.98 -24.70 26.61
C20 C6N XA . 13.58 -26.18 25.63
O21 C6N XA . 13.82 -25.17 24.68
C22 C6N XA . 14.80 -27.03 25.93
O23 C6N XA . 15.22 -27.64 24.73
C24 C6N XA . 16.54 -27.45 24.22
C25 C6N XA . 16.67 -26.32 23.19
C26 C6N XA . 18.00 -26.28 22.48
C27 C6N XA . 18.50 -27.59 21.91
C28 C6N XA . 18.40 -27.45 20.41
C29 C6N XA . 19.75 -27.42 19.73
C30 C6N XA . 19.55 -27.98 18.34
C31 C6N XA . 19.75 -26.89 17.31
C32 C6N XA . 19.72 -27.44 15.90
C33 C6N XA . 20.70 -28.58 15.72
C34 C6N XA . 20.47 -29.66 16.74
C35 C6N XA . 20.51 -29.13 18.15
C36 C6N XA . 16.77 -25.07 24.05
O37 C6N XA . 16.56 -23.83 23.45
C38 C6N XA . 15.98 -22.91 24.36
C39 C6N XA . 16.90 -22.51 25.50
O40 C6N XA . 17.09 -23.52 26.46
C41 C6N XA . 16.22 -21.37 26.19
O42 C6N XA . 16.80 -21.16 27.44
C43 C6N XA . 16.40 -20.19 25.28
O44 C6N XA . 15.77 -19.06 25.84
C45 C6N XA . 16.78 -18.24 26.38
C46 C6N XA . 16.33 -17.51 27.63
O47 C6N XA . 15.66 -18.42 28.47
C48 C6N XA . 15.41 -16.34 27.36
O49 C6N XA . 15.86 -15.22 28.08
C50 C6N XA . 15.29 -15.98 25.89
O51 C6N XA . 14.23 -16.69 25.30
C52 C6N XA . 16.57 -16.20 25.09
C53 C6N XA . 17.50 -15.02 25.26
O54 C6N XA . 16.80 -13.83 25.00
O55 C6N XA . 17.30 -17.38 25.39
C56 C6N XA . 15.87 -20.47 23.89
C57 C6N XA . 16.92 -20.09 22.86
O58 C6N XA . 16.52 -18.90 22.23
O59 C6N XA . 15.42 -21.80 23.65
C60 C6N XA . 15.53 -26.23 22.17
C61 C6N XA . 14.64 -27.46 21.98
C62 C6N XA . 15.24 -28.47 21.01
C63 C6N XA . 14.35 -29.68 20.80
C64 C6N XA . 14.26 -29.90 19.30
C65 C6N XA . 12.97 -30.62 18.97
C66 C6N XA . 13.24 -32.10 18.76
C67 C6N XA . 14.02 -32.22 17.48
C68 C6N XA . 15.37 -31.51 17.61
C69 C6N XA . 15.52 -30.64 18.84
#